data_9QPR
#
_entry.id   9QPR
#
_cell.length_a   1.00
_cell.length_b   1.00
_cell.length_c   1.00
_cell.angle_alpha   90.00
_cell.angle_beta   90.00
_cell.angle_gamma   90.00
#
_symmetry.space_group_name_H-M   'P 1'
#
loop_
_entity.id
_entity.type
_entity.pdbx_description
1 polymer 'Multidrug resistance protein MdtF'
2 non-polymer PHOSPHATIDYLETHANOLAMINE
3 non-polymer DODECANE
#
_entity_poly.entity_id   1
_entity_poly.type   'polypeptide(L)'
_entity_poly.pdbx_seq_one_letter_code
;MANYFIDRPVFAWVLAIIMMLAGGLAIMNLPVAQYPQIAPPTITVSATYPGADAQTVEDSVTQVIEQNMNGLDGLMYMSS
TSDAAGNASITLTFETGTSPDIAQVQVQNKLQLAMPSLPEAVQQQGISVDKSSSNILMVAAFISDNGSLNQYDIADYVAS
NIKDPLSRTAGVGSVQLFGSEYAMRIWLDPQKLNKYNLVPSDVISQIKVQNNQISGGQLGGMPQAADQQLNASIIVQTRL
QTPEEFGKILLKVQQDGSQVLLRDVARVELGAEDYSTVARYNGKPAAGIAIKLAAGANALDTSRAVKEELNRLSAYFPAS
LKTVYPYDTTPFIEISIQEVFKTLVEAIILVFLVMYLFLQNFRATIIPTIAVPVVILGTFAILSAVGFTINTLTMFGMVL
AIGLLVDDAIVVVENVERVIAEDKLPPKEATHKSMGQIQRALVGIAVVLSAVFMPMAFMSGATGEIYRQFSITLISSMLL
SVFVAMSLTPALCATILKAAPEGGHKPNALFARFNTLFEKSTQHYTDSTRSLLRCTGRYMVVYLLICAGMAVLFLRTPTS
FLPEEDQGVFMTTAQLPSGATMVNTTKVLQQVTDYYLTKEKDNVQSVFTVGGFGFSGQGQNNGLAFISLKPWSERVGEEN
SVTAIIQRAMIALSSINKAVVFPFNLPAVAELGTASGFDMELLDNGNLGHEKLTQARNELLSLAAQSPNQVTGVRPNGLE
DTPMFKVNVNAAKAEAMGVALSDINQTISTAFGSSYVNDFLNQGRVKKVYVQAGTPFRMLPDNINQWYVRNASGTMAPLS
AYSSTEWTYGSPRLERYNGIPSMEILGEAAAGKSTGDAMKFMADLVAKLPAGVGYSWTGLSYQEALSSNQAPALYAISLV
VVFLALAALYESWSIPFSVMLVVPLGVVGALLATDLRGLSNDVYFQVGLLTTIGLSAKNAILIVEFAVEMMQKEGKTPIE
AIIEAARMRLRPILMTSLAFILGVLPLVISHGAGSGAQNAVGTGVMGGMFAATVLAIYFVPVFFVVVEHLFARFKKAASG
ENLYFQSLEHHHHHH
;
_entity_poly.pdbx_strand_id   C,A,B
#
loop_
_chem_comp.id
_chem_comp.type
_chem_comp.name
_chem_comp.formula
D12 non-polymer DODECANE 'C12 H26'
PTY non-polymer PHOSPHATIDYLETHANOLAMINE 'C40 H80 N O8 P'
#
# COMPACT_ATOMS: atom_id res chain seq x y z
N ALA A 2 -20.38 23.74 27.73
CA ALA A 2 -20.46 24.21 29.11
C ALA A 2 -21.80 24.88 29.39
N ASN A 3 -21.80 25.84 30.30
CA ASN A 3 -23.01 26.55 30.69
C ASN A 3 -23.22 27.83 29.92
N TYR A 4 -22.37 28.13 28.93
CA TYR A 4 -22.56 29.34 28.14
C TYR A 4 -23.49 29.11 26.95
N PHE A 5 -23.93 27.87 26.73
CA PHE A 5 -24.98 27.63 25.75
C PHE A 5 -26.35 28.04 26.26
N ILE A 6 -26.53 28.10 27.58
CA ILE A 6 -27.81 28.49 28.15
C ILE A 6 -28.17 29.91 27.74
N ASP A 7 -27.19 30.82 27.79
CA ASP A 7 -27.42 32.20 27.41
C ASP A 7 -27.60 32.37 25.90
N ARG A 8 -27.22 31.37 25.10
CA ARG A 8 -27.30 31.44 23.65
C ARG A 8 -28.02 30.20 23.13
N PRO A 9 -29.35 30.17 23.24
CA PRO A 9 -30.10 29.01 22.73
C PRO A 9 -29.92 28.78 21.24
N VAL A 10 -29.72 29.84 20.47
CA VAL A 10 -29.61 29.70 19.01
C VAL A 10 -28.36 28.91 18.65
N PHE A 11 -27.27 29.09 19.41
CA PHE A 11 -26.07 28.29 19.19
C PHE A 11 -26.36 26.81 19.38
N ALA A 12 -27.05 26.46 20.47
CA ALA A 12 -27.37 25.06 20.73
C ALA A 12 -28.27 24.50 19.65
N TRP A 13 -29.27 25.27 19.22
CA TRP A 13 -30.18 24.80 18.18
C TRP A 13 -29.44 24.59 16.87
N VAL A 14 -28.50 25.49 16.54
CA VAL A 14 -27.73 25.34 15.31
C VAL A 14 -26.84 24.10 15.39
N LEU A 15 -26.23 23.85 16.54
CA LEU A 15 -25.44 22.64 16.71
C LEU A 15 -26.31 21.40 16.53
N ALA A 16 -27.51 21.42 17.07
CA ALA A 16 -28.43 20.30 16.91
C ALA A 16 -28.79 20.09 15.44
N ILE A 17 -29.06 21.18 14.72
CA ILE A 17 -29.41 21.07 13.30
C ILE A 17 -28.23 20.51 12.52
N ILE A 18 -27.02 20.94 12.86
CA ILE A 18 -25.82 20.41 12.20
C ILE A 18 -25.69 18.91 12.46
N MET A 19 -25.92 18.49 13.70
CA MET A 19 -25.86 17.07 14.02
C MET A 19 -26.89 16.28 13.22
N MET A 20 -28.12 16.81 13.13
CA MET A 20 -29.15 16.11 12.38
C MET A 20 -28.81 16.01 10.90
N LEU A 21 -28.29 17.10 10.32
CA LEU A 21 -27.92 17.08 8.91
C LEU A 21 -26.80 16.07 8.66
N ALA A 22 -25.77 16.08 9.51
CA ALA A 22 -24.67 15.14 9.36
C ALA A 22 -25.15 13.70 9.51
N GLY A 23 -26.07 13.47 10.45
CA GLY A 23 -26.61 12.14 10.62
C GLY A 23 -27.39 11.65 9.42
N GLY A 24 -28.23 12.52 8.85
CA GLY A 24 -28.95 12.15 7.66
C GLY A 24 -28.03 11.86 6.49
N LEU A 25 -27.02 12.72 6.30
CA LEU A 25 -26.04 12.48 5.24
C LEU A 25 -25.29 11.18 5.46
N ALA A 26 -25.05 10.82 6.72
CA ALA A 26 -24.41 9.54 7.02
C ALA A 26 -25.30 8.37 6.63
N ILE A 27 -26.55 8.39 7.08
CA ILE A 27 -27.40 7.22 6.84
C ILE A 27 -27.78 7.08 5.38
N MET A 28 -27.76 8.19 4.61
CA MET A 28 -28.04 8.07 3.19
C MET A 28 -26.97 7.25 2.48
N ASN A 29 -25.71 7.48 2.79
CA ASN A 29 -24.61 6.75 2.17
C ASN A 29 -23.78 6.08 3.27
N LEU A 30 -24.19 4.86 3.63
CA LEU A 30 -23.45 4.05 4.57
C LEU A 30 -23.67 2.59 4.21
N PRO A 31 -22.62 1.78 4.13
CA PRO A 31 -22.81 0.36 3.81
C PRO A 31 -23.62 -0.35 4.88
N VAL A 32 -24.42 -1.31 4.42
CA VAL A 32 -25.18 -2.17 5.32
C VAL A 32 -24.81 -3.62 5.01
N ALA A 33 -24.67 -4.42 6.06
CA ALA A 33 -24.29 -5.81 5.88
C ALA A 33 -24.77 -6.60 7.09
N GLN A 34 -24.86 -7.92 6.91
CA GLN A 34 -25.21 -8.78 8.03
C GLN A 34 -24.16 -8.72 9.12
N TYR A 35 -22.89 -8.92 8.74
CA TYR A 35 -21.77 -8.81 9.64
C TYR A 35 -20.59 -8.19 8.91
N PRO A 36 -19.70 -7.53 9.63
CA PRO A 36 -18.49 -6.99 8.98
C PRO A 36 -17.48 -8.09 8.68
N GLN A 37 -16.29 -7.72 8.21
CA GLN A 37 -15.22 -8.68 8.01
C GLN A 37 -14.68 -9.08 9.38
N ILE A 38 -14.80 -10.37 9.71
CA ILE A 38 -14.42 -10.89 11.02
C ILE A 38 -13.33 -11.94 10.91
N ALA A 39 -13.46 -12.86 9.96
CA ALA A 39 -12.47 -13.91 9.81
C ALA A 39 -11.14 -13.32 9.33
N PRO A 40 -10.02 -13.87 9.76
CA PRO A 40 -8.72 -13.39 9.29
C PRO A 40 -8.59 -13.61 7.79
N PRO A 41 -7.95 -12.69 7.08
CA PRO A 41 -7.86 -12.82 5.62
C PRO A 41 -7.16 -14.10 5.21
N THR A 42 -7.69 -14.74 4.17
CA THR A 42 -7.10 -15.95 3.63
C THR A 42 -6.85 -15.77 2.14
N ILE A 43 -5.85 -16.47 1.64
CA ILE A 43 -5.52 -16.49 0.22
C ILE A 43 -5.56 -17.94 -0.24
N THR A 44 -6.26 -18.21 -1.33
CA THR A 44 -6.46 -19.58 -1.80
C THR A 44 -5.79 -19.76 -3.15
N VAL A 45 -4.93 -20.77 -3.25
CA VAL A 45 -4.22 -21.09 -4.49
C VAL A 45 -4.81 -22.39 -5.02
N SER A 46 -5.33 -22.35 -6.23
CA SER A 46 -5.97 -23.51 -6.85
C SER A 46 -5.25 -23.89 -8.12
N ALA A 47 -4.92 -25.18 -8.25
CA ALA A 47 -4.27 -25.70 -9.43
C ALA A 47 -4.98 -26.97 -9.87
N THR A 48 -5.02 -27.20 -11.18
CA THR A 48 -5.75 -28.32 -11.76
C THR A 48 -4.82 -29.18 -12.59
N TYR A 49 -4.85 -30.49 -12.34
CA TYR A 49 -4.06 -31.47 -13.10
C TYR A 49 -5.02 -32.49 -13.68
N PRO A 50 -5.45 -32.34 -14.93
CA PRO A 50 -6.53 -33.20 -15.47
C PRO A 50 -6.14 -34.67 -15.48
N GLY A 51 -6.87 -35.45 -14.70
CA GLY A 51 -6.70 -36.90 -14.66
C GLY A 51 -5.72 -37.40 -13.62
N ALA A 52 -4.98 -36.53 -12.95
CA ALA A 52 -3.99 -36.98 -11.99
C ALA A 52 -4.66 -37.53 -10.73
N ASP A 53 -3.96 -38.41 -10.05
CA ASP A 53 -4.46 -39.04 -8.84
C ASP A 53 -4.26 -38.10 -7.65
N ALA A 54 -4.50 -38.59 -6.44
CA ALA A 54 -4.17 -37.79 -5.26
C ALA A 54 -2.67 -37.76 -5.03
N GLN A 55 -2.02 -38.92 -5.11
CA GLN A 55 -0.58 -38.99 -4.88
C GLN A 55 0.19 -38.21 -5.93
N THR A 56 -0.22 -38.32 -7.20
CA THR A 56 0.48 -37.60 -8.26
C THR A 56 0.37 -36.09 -8.06
N VAL A 57 -0.81 -35.61 -7.68
CA VAL A 57 -0.97 -34.19 -7.43
C VAL A 57 -0.11 -33.75 -6.26
N GLU A 58 -0.15 -34.49 -5.16
CA GLU A 58 0.65 -34.10 -3.99
C GLU A 58 2.14 -34.11 -4.32
N ASP A 59 2.58 -35.04 -5.15
CA ASP A 59 4.00 -35.14 -5.47
C ASP A 59 4.45 -34.08 -6.46
N SER A 60 3.60 -33.67 -7.38
CA SER A 60 4.00 -32.73 -8.42
C SER A 60 3.61 -31.30 -8.13
N VAL A 61 2.32 -31.04 -7.88
CA VAL A 61 1.83 -29.66 -7.82
C VAL A 61 1.85 -29.14 -6.40
N THR A 62 1.36 -29.93 -5.44
CA THR A 62 1.18 -29.41 -4.09
C THR A 62 2.52 -29.15 -3.41
N GLN A 63 3.44 -30.12 -3.46
CA GLN A 63 4.70 -29.97 -2.73
C GLN A 63 5.55 -28.86 -3.31
N VAL A 64 5.61 -28.74 -4.63
CA VAL A 64 6.44 -27.71 -5.25
C VAL A 64 5.92 -26.32 -4.90
N ILE A 65 4.61 -26.13 -4.95
CA ILE A 65 4.04 -24.84 -4.56
C ILE A 65 4.24 -24.59 -3.08
N GLU A 66 4.13 -25.62 -2.24
CA GLU A 66 4.29 -25.43 -0.81
C GLU A 66 5.72 -25.08 -0.44
N GLN A 67 6.70 -25.61 -1.15
CA GLN A 67 8.10 -25.37 -0.79
C GLN A 67 8.54 -23.94 -1.07
N ASN A 68 7.81 -23.20 -1.91
CA ASN A 68 8.20 -21.84 -2.27
C ASN A 68 7.24 -20.80 -1.71
N MET A 69 6.52 -21.12 -0.64
CA MET A 69 5.71 -20.14 0.09
C MET A 69 6.49 -19.75 1.34
N ASN A 70 7.41 -18.80 1.16
CA ASN A 70 8.20 -18.25 2.25
C ASN A 70 8.34 -16.76 2.04
N GLY A 71 8.67 -16.05 3.11
CA GLY A 71 8.78 -14.61 3.03
C GLY A 71 7.48 -13.87 3.08
N LEU A 72 6.35 -14.57 3.22
CA LEU A 72 5.07 -13.92 3.36
C LEU A 72 4.91 -13.37 4.77
N ASP A 73 4.48 -12.12 4.87
CA ASP A 73 4.36 -11.46 6.17
C ASP A 73 2.97 -11.68 6.76
N GLY A 74 2.94 -11.95 8.06
CA GLY A 74 1.68 -12.20 8.73
C GLY A 74 1.06 -13.55 8.46
N LEU A 75 1.85 -14.52 8.00
CA LEU A 75 1.34 -15.84 7.66
C LEU A 75 1.21 -16.68 8.92
N MET A 76 -0.02 -16.97 9.34
CA MET A 76 -0.23 -17.82 10.51
C MET A 76 0.02 -19.28 10.18
N TYR A 77 -0.76 -19.84 9.27
CA TYR A 77 -0.58 -21.23 8.88
C TYR A 77 -1.01 -21.40 7.43
N MET A 78 -0.75 -22.60 6.91
CA MET A 78 -1.00 -22.92 5.50
C MET A 78 -1.34 -24.40 5.41
N SER A 79 -2.48 -24.71 4.83
CA SER A 79 -2.95 -26.09 4.72
C SER A 79 -3.30 -26.41 3.27
N SER A 80 -2.92 -27.60 2.83
CA SER A 80 -3.08 -28.02 1.45
C SER A 80 -3.89 -29.31 1.36
N THR A 81 -4.76 -29.37 0.35
CA THR A 81 -5.56 -30.56 0.07
C THR A 81 -5.33 -30.95 -1.38
N SER A 82 -5.06 -32.23 -1.63
CA SER A 82 -4.86 -32.75 -2.98
C SER A 82 -5.89 -33.84 -3.24
N ASP A 83 -6.79 -33.58 -4.20
CA ASP A 83 -7.92 -34.45 -4.45
C ASP A 83 -7.57 -35.53 -5.46
N ALA A 84 -8.54 -36.42 -5.73
CA ALA A 84 -8.42 -37.43 -6.75
C ALA A 84 -8.91 -36.97 -8.11
N ALA A 85 -9.48 -35.77 -8.20
CA ALA A 85 -9.88 -35.18 -9.46
C ALA A 85 -8.78 -34.35 -10.09
N GLY A 86 -7.61 -34.27 -9.46
CA GLY A 86 -6.52 -33.47 -9.97
C GLY A 86 -6.44 -32.06 -9.44
N ASN A 87 -7.15 -31.75 -8.36
CA ASN A 87 -7.20 -30.40 -7.81
C ASN A 87 -6.28 -30.30 -6.60
N ALA A 88 -5.40 -29.32 -6.62
CA ALA A 88 -4.59 -28.98 -5.45
C ALA A 88 -5.03 -27.61 -4.95
N SER A 89 -5.35 -27.54 -3.65
CA SER A 89 -5.81 -26.28 -3.05
C SER A 89 -4.97 -25.99 -1.83
N ILE A 90 -4.25 -24.88 -1.86
CA ILE A 90 -3.40 -24.44 -0.77
C ILE A 90 -4.00 -23.16 -0.19
N THR A 91 -4.42 -23.20 1.06
CA THR A 91 -4.98 -22.02 1.71
C THR A 91 -3.96 -21.49 2.71
N LEU A 92 -3.69 -20.20 2.64
CA LEU A 92 -2.80 -19.53 3.58
C LEU A 92 -3.61 -18.53 4.37
N THR A 93 -3.60 -18.66 5.69
CA THR A 93 -4.38 -17.78 6.55
C THR A 93 -3.47 -16.70 7.11
N PHE A 94 -3.79 -15.44 6.82
CA PHE A 94 -2.99 -14.32 7.25
C PHE A 94 -3.58 -13.68 8.50
N GLU A 95 -2.75 -12.92 9.21
CA GLU A 95 -3.14 -12.36 10.48
C GLU A 95 -4.22 -11.29 10.31
N THR A 96 -4.92 -11.02 11.39
CA THR A 96 -5.97 -10.00 11.36
C THR A 96 -5.35 -8.63 11.13
N GLY A 97 -5.92 -7.86 10.22
CA GLY A 97 -5.45 -6.54 9.89
C GLY A 97 -4.57 -6.47 8.67
N THR A 98 -4.02 -7.60 8.23
CA THR A 98 -3.19 -7.61 7.03
C THR A 98 -4.03 -7.26 5.81
N SER A 99 -3.45 -6.48 4.91
CA SER A 99 -4.15 -6.10 3.70
C SER A 99 -4.33 -7.32 2.81
N PRO A 100 -5.56 -7.72 2.47
CA PRO A 100 -5.73 -8.90 1.61
C PRO A 100 -5.11 -8.75 0.23
N ASP A 101 -5.09 -7.54 -0.32
CA ASP A 101 -4.50 -7.35 -1.64
C ASP A 101 -2.99 -7.54 -1.60
N ILE A 102 -2.34 -7.03 -0.56
CA ILE A 102 -0.91 -7.23 -0.41
C ILE A 102 -0.58 -8.71 -0.25
N ALA A 103 -1.36 -9.41 0.58
CA ALA A 103 -1.13 -10.84 0.76
C ALA A 103 -1.32 -11.60 -0.54
N GLN A 104 -2.36 -11.26 -1.30
CA GLN A 104 -2.59 -11.92 -2.58
C GLN A 104 -1.45 -11.68 -3.55
N VAL A 105 -0.95 -10.44 -3.62
CA VAL A 105 0.11 -10.16 -4.58
C VAL A 105 1.40 -10.86 -4.17
N GLN A 106 1.67 -10.95 -2.87
CA GLN A 106 2.87 -11.67 -2.43
C GLN A 106 2.79 -13.15 -2.77
N VAL A 107 1.65 -13.77 -2.50
CA VAL A 107 1.48 -15.18 -2.80
C VAL A 107 1.58 -15.42 -4.30
N GLN A 108 0.95 -14.56 -5.10
CA GLN A 108 0.99 -14.73 -6.54
C GLN A 108 2.39 -14.54 -7.11
N ASN A 109 3.17 -13.62 -6.54
CA ASN A 109 4.53 -13.45 -7.02
C ASN A 109 5.40 -14.65 -6.67
N LYS A 110 5.25 -15.21 -5.46
CA LYS A 110 5.99 -16.42 -5.13
C LYS A 110 5.63 -17.56 -6.08
N LEU A 111 4.33 -17.71 -6.37
CA LEU A 111 3.91 -18.73 -7.32
C LEU A 111 4.42 -18.45 -8.73
N GLN A 112 4.49 -17.18 -9.12
CA GLN A 112 5.02 -16.80 -10.41
C GLN A 112 6.46 -17.25 -10.56
N LEU A 113 7.26 -17.07 -9.51
CA LEU A 113 8.63 -17.56 -9.54
C LEU A 113 8.71 -19.08 -9.44
N ALA A 114 7.74 -19.72 -8.81
CA ALA A 114 7.74 -21.18 -8.65
C ALA A 114 7.20 -21.94 -9.85
N MET A 115 6.54 -21.26 -10.78
CA MET A 115 5.83 -21.95 -11.86
C MET A 115 6.69 -22.87 -12.74
N PRO A 116 7.87 -22.48 -13.22
CA PRO A 116 8.60 -23.35 -14.15
C PRO A 116 8.88 -24.76 -13.63
N SER A 117 8.69 -25.00 -12.33
CA SER A 117 8.92 -26.33 -11.77
C SER A 117 7.71 -27.24 -11.87
N LEU A 118 6.53 -26.72 -12.17
CA LEU A 118 5.33 -27.53 -12.27
C LEU A 118 5.24 -28.19 -13.64
N PRO A 119 4.58 -29.34 -13.74
CA PRO A 119 4.46 -30.01 -15.03
C PRO A 119 3.68 -29.16 -16.03
N GLU A 120 3.98 -29.37 -17.31
CA GLU A 120 3.36 -28.54 -18.34
C GLU A 120 1.84 -28.69 -18.35
N ALA A 121 1.33 -29.85 -17.92
CA ALA A 121 -0.10 -30.09 -17.96
C ALA A 121 -0.88 -29.29 -16.92
N VAL A 122 -0.22 -28.80 -15.87
CA VAL A 122 -0.90 -27.97 -14.89
C VAL A 122 -0.57 -26.51 -15.18
N GLN A 123 0.57 -26.27 -15.84
CA GLN A 123 0.87 -24.92 -16.30
C GLN A 123 -0.14 -24.47 -17.34
N GLN A 124 -0.52 -25.36 -18.26
CA GLN A 124 -1.43 -24.99 -19.34
C GLN A 124 -2.78 -24.54 -18.81
N GLN A 125 -3.30 -25.22 -17.79
CA GLN A 125 -4.58 -24.81 -17.20
C GLN A 125 -4.46 -23.45 -16.54
N GLY A 126 -3.35 -23.19 -15.87
CA GLY A 126 -3.20 -21.96 -15.11
C GLY A 126 -3.56 -22.18 -13.65
N ILE A 127 -2.88 -21.45 -12.78
CA ILE A 127 -3.07 -21.57 -11.34
C ILE A 127 -3.65 -20.26 -10.82
N SER A 128 -4.77 -20.35 -10.12
CA SER A 128 -5.53 -19.17 -9.73
C SER A 128 -5.31 -18.86 -8.25
N VAL A 129 -4.82 -17.67 -7.96
CA VAL A 129 -4.70 -17.16 -6.61
C VAL A 129 -5.86 -16.21 -6.35
N ASP A 130 -6.65 -16.51 -5.33
CA ASP A 130 -7.89 -15.79 -5.08
C ASP A 130 -7.89 -15.24 -3.66
N LYS A 131 -8.24 -13.96 -3.56
CA LYS A 131 -8.41 -13.27 -2.27
C LYS A 131 -9.90 -13.32 -1.97
N SER A 132 -10.32 -14.38 -1.31
CA SER A 132 -11.74 -14.58 -1.05
C SER A 132 -11.90 -15.57 0.08
N SER A 133 -13.11 -15.66 0.60
CA SER A 133 -13.43 -16.49 1.75
C SER A 133 -14.79 -17.13 1.52
N SER A 134 -15.35 -17.70 2.59
CA SER A 134 -16.66 -18.34 2.57
C SER A 134 -17.76 -17.30 2.67
N ASN A 135 -18.98 -17.74 3.04
CA ASN A 135 -20.13 -16.85 3.23
C ASN A 135 -20.61 -16.29 1.90
N ILE A 136 -20.94 -17.19 0.98
CA ILE A 136 -21.60 -16.87 -0.28
C ILE A 136 -22.80 -15.96 -0.04
N LEU A 137 -22.97 -14.94 -0.88
CA LEU A 137 -24.09 -14.01 -0.73
C LEU A 137 -25.35 -14.55 -1.39
N MET A 138 -25.30 -14.82 -2.70
CA MET A 138 -26.43 -15.35 -3.44
C MET A 138 -25.98 -16.52 -4.29
N VAL A 139 -26.91 -17.43 -4.58
CA VAL A 139 -26.63 -18.61 -5.38
C VAL A 139 -27.62 -18.59 -6.54
N ALA A 140 -27.88 -17.39 -7.06
CA ALA A 140 -28.81 -17.21 -8.18
C ALA A 140 -28.57 -18.24 -9.28
N ALA A 141 -29.62 -18.93 -9.69
CA ALA A 141 -29.53 -20.04 -10.63
C ALA A 141 -30.39 -19.78 -11.86
N PHE A 142 -30.01 -20.41 -12.96
CA PHE A 142 -30.67 -20.26 -14.24
C PHE A 142 -31.23 -21.60 -14.67
N ILE A 143 -32.50 -21.63 -15.04
CA ILE A 143 -33.22 -22.87 -15.30
C ILE A 143 -33.86 -22.79 -16.68
N SER A 144 -34.22 -23.96 -17.21
CA SER A 144 -34.89 -24.06 -18.50
C SER A 144 -36.39 -24.24 -18.29
N ASP A 145 -37.19 -23.39 -18.95
CA ASP A 145 -38.63 -23.46 -18.80
C ASP A 145 -39.23 -24.56 -19.65
N ASN A 146 -39.11 -24.43 -20.98
CA ASN A 146 -39.74 -25.38 -21.89
C ASN A 146 -38.93 -26.67 -21.97
N GLY A 147 -37.69 -26.58 -22.41
CA GLY A 147 -36.87 -27.75 -22.63
C GLY A 147 -35.72 -27.41 -23.57
N SER A 148 -35.31 -28.42 -24.34
CA SER A 148 -34.22 -28.29 -25.29
C SER A 148 -32.91 -27.97 -24.58
N LEU A 149 -32.83 -26.79 -23.97
CA LEU A 149 -31.62 -26.39 -23.26
C LEU A 149 -31.31 -27.34 -22.13
N ASN A 150 -30.16 -28.02 -22.22
CA ASN A 150 -29.73 -28.97 -21.21
C ASN A 150 -28.78 -28.28 -20.24
N GLN A 151 -28.15 -29.06 -19.36
CA GLN A 151 -27.27 -28.48 -18.35
C GLN A 151 -26.11 -27.74 -18.98
N TYR A 152 -25.47 -28.37 -19.97
CA TYR A 152 -24.26 -27.80 -20.54
C TYR A 152 -24.55 -26.52 -21.30
N ASP A 153 -25.68 -26.46 -22.02
CA ASP A 153 -26.02 -25.26 -22.76
C ASP A 153 -26.27 -24.08 -21.84
N ILE A 154 -27.03 -24.31 -20.76
CA ILE A 154 -27.31 -23.24 -19.81
C ILE A 154 -26.04 -22.81 -19.10
N ALA A 155 -25.19 -23.78 -18.72
CA ALA A 155 -23.94 -23.44 -18.06
C ALA A 155 -23.04 -22.62 -18.98
N ASP A 156 -22.96 -23.01 -20.26
CA ASP A 156 -22.15 -22.23 -21.19
C ASP A 156 -22.70 -20.83 -21.36
N TYR A 157 -24.03 -20.68 -21.44
CA TYR A 157 -24.58 -19.35 -21.60
C TYR A 157 -24.30 -18.49 -20.38
N VAL A 158 -24.47 -19.05 -19.18
CA VAL A 158 -24.23 -18.27 -17.98
C VAL A 158 -22.74 -18.00 -17.78
N ALA A 159 -21.87 -18.80 -18.40
CA ALA A 159 -20.44 -18.56 -18.31
C ALA A 159 -19.95 -17.55 -19.33
N SER A 160 -20.61 -17.47 -20.49
CA SER A 160 -20.13 -16.63 -21.59
C SER A 160 -20.87 -15.32 -21.75
N ASN A 161 -22.06 -15.16 -21.16
CA ASN A 161 -22.81 -13.93 -21.29
C ASN A 161 -23.43 -13.44 -19.99
N ILE A 162 -23.12 -14.06 -18.87
CA ILE A 162 -23.65 -13.61 -17.58
C ILE A 162 -22.51 -13.36 -16.60
N LYS A 163 -21.61 -14.34 -16.48
CA LYS A 163 -20.55 -14.25 -15.48
C LYS A 163 -19.68 -13.02 -15.69
N ASP A 164 -19.36 -12.70 -16.94
CA ASP A 164 -18.53 -11.53 -17.21
C ASP A 164 -19.33 -10.23 -17.21
N PRO A 165 -20.55 -10.16 -17.78
CA PRO A 165 -21.30 -8.90 -17.68
C PRO A 165 -21.55 -8.44 -16.24
N LEU A 166 -21.84 -9.34 -15.32
CA LEU A 166 -21.80 -9.00 -13.91
C LEU A 166 -20.39 -9.26 -13.39
N SER A 167 -20.22 -9.28 -12.07
CA SER A 167 -18.94 -9.33 -11.38
C SER A 167 -18.20 -8.00 -11.47
N ARG A 168 -18.74 -7.04 -12.22
CA ARG A 168 -18.35 -5.65 -12.09
C ARG A 168 -19.34 -4.85 -11.25
N THR A 169 -20.45 -5.45 -10.85
CA THR A 169 -21.41 -4.77 -10.00
C THR A 169 -20.80 -4.47 -8.64
N ALA A 170 -21.25 -3.37 -8.03
CA ALA A 170 -20.72 -2.95 -6.74
C ALA A 170 -20.98 -4.02 -5.69
N GLY A 171 -19.95 -4.33 -4.91
CA GLY A 171 -20.06 -5.37 -3.90
C GLY A 171 -20.10 -6.77 -4.43
N VAL A 172 -19.58 -7.00 -5.63
CA VAL A 172 -19.55 -8.33 -6.26
C VAL A 172 -18.15 -8.52 -6.83
N GLY A 173 -17.38 -9.43 -6.24
CA GLY A 173 -16.02 -9.61 -6.70
C GLY A 173 -15.45 -11.01 -6.69
N SER A 174 -16.27 -12.02 -6.40
CA SER A 174 -15.77 -13.40 -6.34
C SER A 174 -16.79 -14.39 -6.92
N VAL A 175 -17.32 -14.08 -8.10
CA VAL A 175 -18.35 -14.93 -8.70
C VAL A 175 -17.78 -16.31 -9.01
N GLN A 176 -18.50 -17.35 -8.61
CA GLN A 176 -18.15 -18.73 -8.89
C GLN A 176 -19.26 -19.37 -9.70
N LEU A 177 -18.91 -20.33 -10.56
CA LEU A 177 -19.87 -21.02 -11.40
C LEU A 177 -20.15 -22.43 -10.85
N PHE A 178 -21.32 -22.96 -11.18
CA PHE A 178 -21.68 -24.34 -10.88
C PHE A 178 -21.86 -25.18 -12.13
N GLY A 179 -21.37 -24.70 -13.28
CA GLY A 179 -21.39 -25.44 -14.51
C GLY A 179 -20.02 -25.44 -15.16
N SER A 180 -20.01 -25.63 -16.48
CA SER A 180 -18.78 -25.63 -17.25
C SER A 180 -19.07 -25.13 -18.64
N GLU A 181 -18.30 -24.16 -19.11
CA GLU A 181 -18.52 -23.62 -20.44
C GLU A 181 -18.17 -24.67 -21.50
N TYR A 182 -18.52 -24.36 -22.74
CA TYR A 182 -18.39 -25.34 -23.81
C TYR A 182 -16.92 -25.63 -24.12
N ALA A 183 -16.71 -26.77 -24.75
CA ALA A 183 -15.41 -27.20 -25.24
C ALA A 183 -15.63 -28.10 -26.44
N MET A 184 -14.54 -28.56 -27.04
CA MET A 184 -14.62 -29.27 -28.31
C MET A 184 -14.27 -30.74 -28.07
N ARG A 185 -14.95 -31.35 -27.11
CA ARG A 185 -14.63 -32.70 -26.69
C ARG A 185 -14.55 -33.64 -27.88
N ILE A 186 -13.40 -34.28 -28.05
CA ILE A 186 -13.16 -35.25 -29.09
C ILE A 186 -13.02 -36.62 -28.42
N TRP A 187 -13.93 -37.54 -28.74
CA TRP A 187 -13.96 -38.85 -28.10
C TRP A 187 -13.38 -39.87 -29.07
N LEU A 188 -12.27 -40.48 -28.68
CA LEU A 188 -11.56 -41.42 -29.55
C LEU A 188 -12.20 -42.79 -29.49
N ASP A 189 -12.04 -43.54 -30.58
CA ASP A 189 -12.53 -44.91 -30.69
C ASP A 189 -11.35 -45.84 -30.87
N PRO A 190 -11.09 -46.76 -29.93
CA PRO A 190 -9.88 -47.60 -30.06
C PRO A 190 -9.86 -48.46 -31.32
N GLN A 191 -11.01 -48.99 -31.75
CA GLN A 191 -11.02 -49.86 -32.93
C GLN A 191 -10.79 -49.07 -34.21
N LYS A 192 -11.43 -47.90 -34.33
CA LYS A 192 -11.20 -47.07 -35.50
C LYS A 192 -9.75 -46.61 -35.57
N LEU A 193 -9.16 -46.28 -34.42
CA LEU A 193 -7.74 -45.95 -34.39
C LEU A 193 -6.89 -47.15 -34.79
N ASN A 194 -7.28 -48.34 -34.36
CA ASN A 194 -6.54 -49.55 -34.72
C ASN A 194 -6.59 -49.80 -36.22
N LYS A 195 -7.74 -49.57 -36.84
CA LYS A 195 -7.89 -49.88 -38.26
C LYS A 195 -6.93 -49.05 -39.11
N TYR A 196 -6.79 -47.77 -38.81
CA TYR A 196 -5.96 -46.88 -39.60
C TYR A 196 -4.54 -46.77 -39.07
N ASN A 197 -4.17 -47.59 -38.07
CA ASN A 197 -2.83 -47.60 -37.51
C ASN A 197 -2.46 -46.24 -36.91
N LEU A 198 -3.37 -45.66 -36.14
CA LEU A 198 -3.16 -44.38 -35.50
C LEU A 198 -3.14 -44.51 -33.99
N VAL A 199 -2.63 -43.47 -33.34
CA VAL A 199 -2.58 -43.39 -31.88
C VAL A 199 -3.08 -42.01 -31.47
N PRO A 200 -3.47 -41.84 -30.21
CA PRO A 200 -3.90 -40.51 -29.77
C PRO A 200 -2.85 -39.44 -29.97
N SER A 201 -1.57 -39.80 -29.99
CA SER A 201 -0.53 -38.82 -30.22
C SER A 201 -0.65 -38.18 -31.60
N ASP A 202 -0.96 -38.98 -32.62
CA ASP A 202 -1.14 -38.44 -33.96
C ASP A 202 -2.34 -37.51 -34.03
N VAL A 203 -3.45 -37.90 -33.39
CA VAL A 203 -4.63 -37.04 -33.37
C VAL A 203 -4.30 -35.71 -32.72
N ILE A 204 -3.62 -35.76 -31.58
CA ILE A 204 -3.28 -34.53 -30.86
C ILE A 204 -2.35 -33.67 -31.69
N SER A 205 -1.34 -34.27 -32.32
CA SER A 205 -0.41 -33.49 -33.13
C SER A 205 -1.10 -32.82 -34.30
N GLN A 206 -2.00 -33.54 -34.98
CA GLN A 206 -2.68 -32.94 -36.12
C GLN A 206 -3.65 -31.85 -35.68
N ILE A 207 -4.29 -32.01 -34.52
CA ILE A 207 -5.12 -30.93 -34.00
C ILE A 207 -4.28 -29.70 -33.70
N LYS A 208 -3.09 -29.91 -33.11
CA LYS A 208 -2.21 -28.78 -32.83
C LYS A 208 -1.73 -28.09 -34.09
N VAL A 209 -1.53 -28.84 -35.17
CA VAL A 209 -1.02 -28.28 -36.42
C VAL A 209 -2.10 -27.57 -37.21
N GLN A 210 -3.31 -28.12 -37.24
CA GLN A 210 -4.36 -27.59 -38.12
C GLN A 210 -5.26 -26.59 -37.43
N ASN A 211 -5.43 -26.69 -36.11
CA ASN A 211 -6.15 -25.68 -35.35
C ASN A 211 -5.17 -24.67 -34.77
N ASN A 212 -4.50 -23.96 -35.67
CA ASN A 212 -3.46 -23.02 -35.31
C ASN A 212 -3.77 -21.66 -35.89
N GLN A 213 -3.12 -20.64 -35.34
CA GLN A 213 -3.25 -19.27 -35.81
C GLN A 213 -1.89 -18.84 -36.35
N ILE A 214 -1.79 -18.70 -37.67
CA ILE A 214 -0.54 -18.40 -38.34
C ILE A 214 -0.48 -16.91 -38.67
N SER A 215 0.61 -16.26 -38.28
CA SER A 215 0.83 -14.85 -38.56
C SER A 215 1.31 -14.71 -40.00
N GLY A 216 0.42 -14.26 -40.88
CA GLY A 216 0.78 -14.16 -42.28
C GLY A 216 1.85 -13.12 -42.56
N GLY A 217 1.81 -12.00 -41.87
CA GLY A 217 2.69 -10.90 -42.18
C GLY A 217 2.00 -9.85 -43.01
N GLN A 218 2.80 -9.03 -43.69
CA GLN A 218 2.28 -7.96 -44.52
C GLN A 218 2.89 -8.02 -45.92
N LEU A 219 2.03 -8.01 -46.93
CA LEU A 219 2.45 -7.65 -48.27
C LEU A 219 2.79 -6.17 -48.29
N GLY A 220 3.95 -5.83 -48.83
CA GLY A 220 4.47 -4.50 -48.66
C GLY A 220 5.39 -4.46 -47.45
N GLY A 221 4.87 -4.03 -46.31
CA GLY A 221 5.63 -4.12 -45.08
C GLY A 221 6.81 -3.18 -45.06
N MET A 222 7.57 -3.25 -43.97
CA MET A 222 8.72 -2.40 -43.79
C MET A 222 9.89 -3.26 -43.33
N PRO A 223 11.12 -2.98 -43.80
CA PRO A 223 11.50 -1.87 -44.69
C PRO A 223 11.06 -2.13 -46.11
N GLN A 224 10.65 -1.08 -46.81
CA GLN A 224 10.07 -1.21 -48.14
C GLN A 224 10.90 -0.43 -49.15
N ALA A 225 10.94 -0.95 -50.37
CA ALA A 225 11.60 -0.23 -51.45
C ALA A 225 10.79 0.99 -51.83
N ALA A 226 11.47 1.98 -52.41
CA ALA A 226 10.77 3.13 -52.91
C ALA A 226 9.82 2.72 -54.03
N ASP A 227 8.89 3.61 -54.34
CA ASP A 227 7.82 3.36 -55.29
C ASP A 227 6.92 2.20 -54.86
N GLN A 228 6.78 2.00 -53.55
CA GLN A 228 5.86 0.99 -53.05
C GLN A 228 4.53 1.65 -52.71
N GLN A 229 3.47 1.23 -53.38
CA GLN A 229 2.15 1.85 -53.21
C GLN A 229 1.12 0.92 -52.61
N LEU A 230 1.50 -0.30 -52.24
CA LEU A 230 0.57 -1.29 -51.72
C LEU A 230 1.07 -1.81 -50.39
N ASN A 231 0.16 -1.93 -49.42
CA ASN A 231 0.49 -2.47 -48.11
C ASN A 231 -0.76 -3.12 -47.55
N ALA A 232 -0.77 -4.45 -47.49
CA ALA A 232 -1.93 -5.19 -47.02
C ALA A 232 -1.48 -6.28 -46.05
N SER A 233 -2.41 -6.75 -45.24
CA SER A 233 -2.11 -7.87 -44.37
C SER A 233 -2.21 -9.17 -45.16
N ILE A 234 -1.71 -10.25 -44.55
CA ILE A 234 -1.83 -11.59 -45.12
C ILE A 234 -2.50 -12.49 -44.09
N ILE A 235 -3.51 -13.24 -44.53
CA ILE A 235 -4.16 -14.25 -43.72
C ILE A 235 -3.75 -15.61 -44.25
N VAL A 236 -3.22 -16.45 -43.38
CA VAL A 236 -2.81 -17.80 -43.75
C VAL A 236 -3.71 -18.85 -43.12
N GLN A 237 -4.05 -18.69 -41.84
CA GLN A 237 -4.89 -19.65 -41.15
C GLN A 237 -5.64 -18.94 -40.03
N THR A 238 -6.71 -19.59 -39.58
CA THR A 238 -7.54 -19.05 -38.52
C THR A 238 -8.06 -20.22 -37.69
N ARG A 239 -8.07 -20.06 -36.37
CA ARG A 239 -8.49 -21.13 -35.48
C ARG A 239 -9.90 -21.60 -35.81
N LEU A 240 -10.08 -22.92 -35.85
CA LEU A 240 -11.36 -23.49 -36.24
C LEU A 240 -12.45 -23.13 -35.24
N GLN A 241 -13.68 -23.03 -35.72
CA GLN A 241 -14.80 -22.61 -34.89
C GLN A 241 -15.93 -23.61 -34.84
N THR A 242 -16.27 -24.24 -35.95
CA THR A 242 -17.43 -25.11 -35.77
C THR A 242 -16.98 -26.54 -35.53
N PRO A 243 -17.73 -27.31 -34.73
CA PRO A 243 -17.36 -28.72 -34.51
C PRO A 243 -17.39 -29.54 -35.78
N GLU A 244 -18.16 -29.13 -36.79
CA GLU A 244 -18.10 -29.82 -38.08
C GLU A 244 -16.74 -29.62 -38.75
N GLU A 245 -16.10 -28.47 -38.52
CA GLU A 245 -14.77 -28.24 -39.08
C GLU A 245 -13.72 -29.12 -38.42
N PHE A 246 -13.88 -29.39 -37.12
CA PHE A 246 -12.94 -30.27 -36.43
C PHE A 246 -13.01 -31.69 -36.95
N GLY A 247 -14.13 -32.10 -37.54
CA GLY A 247 -14.24 -33.43 -38.10
C GLY A 247 -13.64 -33.58 -39.48
N LYS A 248 -13.18 -32.48 -40.08
CA LYS A 248 -12.53 -32.51 -41.38
C LYS A 248 -11.03 -32.41 -41.28
N ILE A 249 -10.46 -32.54 -40.09
CA ILE A 249 -9.02 -32.50 -39.91
C ILE A 249 -8.41 -33.74 -40.54
N LEU A 250 -7.47 -33.56 -41.45
CA LEU A 250 -6.91 -34.65 -42.22
C LEU A 250 -5.78 -35.30 -41.43
N LEU A 251 -6.05 -36.46 -40.84
CA LEU A 251 -5.02 -37.14 -40.05
C LEU A 251 -3.96 -37.75 -40.95
N LYS A 252 -4.37 -38.43 -42.01
CA LYS A 252 -3.43 -39.11 -42.88
C LYS A 252 -4.09 -39.34 -44.23
N VAL A 253 -3.25 -39.62 -45.23
CA VAL A 253 -3.69 -39.97 -46.58
C VAL A 253 -3.14 -41.34 -46.90
N GLN A 254 -4.03 -42.28 -47.23
CA GLN A 254 -3.62 -43.65 -47.47
C GLN A 254 -3.13 -43.82 -48.90
N GLN A 255 -2.40 -44.91 -49.13
CA GLN A 255 -1.87 -45.19 -50.46
C GLN A 255 -3.00 -45.38 -51.47
N ASP A 256 -4.10 -45.98 -51.04
CA ASP A 256 -5.27 -46.14 -51.92
C ASP A 256 -5.79 -44.78 -52.38
N GLY A 257 -5.47 -43.72 -51.65
CA GLY A 257 -5.91 -42.38 -51.97
C GLY A 257 -7.03 -41.88 -51.09
N SER A 258 -7.69 -42.76 -50.36
CA SER A 258 -8.75 -42.34 -49.45
C SER A 258 -8.17 -41.48 -48.34
N GLN A 259 -8.93 -40.47 -47.94
CA GLN A 259 -8.51 -39.53 -46.91
C GLN A 259 -9.07 -39.97 -45.57
N VAL A 260 -8.22 -40.01 -44.56
CA VAL A 260 -8.64 -40.32 -43.20
C VAL A 260 -8.84 -39.00 -42.46
N LEU A 261 -10.09 -38.70 -42.12
CA LEU A 261 -10.41 -37.50 -41.37
C LEU A 261 -10.61 -37.85 -39.90
N LEU A 262 -10.57 -36.83 -39.05
CA LEU A 262 -10.77 -37.04 -37.63
C LEU A 262 -12.13 -37.66 -37.34
N ARG A 263 -13.15 -37.24 -38.09
CA ARG A 263 -14.49 -37.77 -37.90
C ARG A 263 -14.56 -39.26 -38.13
N ASP A 264 -13.56 -39.84 -38.80
CA ASP A 264 -13.53 -41.26 -39.08
C ASP A 264 -12.84 -42.08 -37.99
N VAL A 265 -12.26 -41.44 -36.99
CA VAL A 265 -11.63 -42.18 -35.90
C VAL A 265 -12.16 -41.69 -34.56
N ALA A 266 -12.92 -40.61 -34.56
CA ALA A 266 -13.37 -40.01 -33.32
C ALA A 266 -14.70 -39.31 -33.54
N ARG A 267 -15.39 -39.08 -32.43
CA ARG A 267 -16.66 -38.36 -32.41
C ARG A 267 -16.38 -36.98 -31.81
N VAL A 268 -16.52 -35.94 -32.63
CA VAL A 268 -16.30 -34.59 -32.13
C VAL A 268 -17.64 -34.01 -31.67
N GLU A 269 -17.59 -33.20 -30.62
CA GLU A 269 -18.83 -32.75 -30.01
C GLU A 269 -18.55 -31.54 -29.12
N LEU A 270 -19.43 -30.54 -29.22
CA LEU A 270 -19.35 -29.39 -28.33
C LEU A 270 -19.83 -29.79 -26.94
N GLY A 271 -18.92 -30.28 -26.11
CA GLY A 271 -19.26 -30.78 -24.80
C GLY A 271 -18.85 -29.82 -23.70
N ALA A 272 -18.58 -30.33 -22.50
CA ALA A 272 -18.19 -29.49 -21.39
C ALA A 272 -16.73 -29.74 -21.01
N GLU A 273 -16.17 -28.79 -20.28
CA GLU A 273 -14.80 -28.93 -19.80
C GLU A 273 -14.75 -29.78 -18.53
N ASP A 274 -15.39 -29.31 -17.47
CA ASP A 274 -15.47 -30.02 -16.20
C ASP A 274 -16.79 -30.78 -16.20
N TYR A 275 -16.71 -32.10 -16.29
CA TYR A 275 -17.91 -32.92 -16.37
C TYR A 275 -18.39 -33.41 -15.02
N SER A 276 -17.66 -33.13 -13.94
CA SER A 276 -18.01 -33.67 -12.62
C SER A 276 -18.74 -32.62 -11.77
N THR A 277 -19.91 -32.19 -12.24
CA THR A 277 -20.80 -31.35 -11.44
C THR A 277 -22.17 -31.36 -12.10
N VAL A 278 -23.19 -31.78 -11.35
CA VAL A 278 -24.55 -31.87 -11.88
C VAL A 278 -25.44 -31.00 -10.99
N ALA A 279 -25.96 -29.92 -11.54
CA ALA A 279 -26.81 -29.00 -10.79
C ALA A 279 -28.25 -29.13 -11.22
N ARG A 280 -29.16 -29.20 -10.25
CA ARG A 280 -30.58 -29.38 -10.51
C ARG A 280 -31.38 -28.46 -9.61
N TYR A 281 -32.33 -27.72 -10.21
CA TYR A 281 -33.19 -26.82 -9.48
C TYR A 281 -34.58 -27.45 -9.39
N ASN A 282 -35.02 -27.75 -8.15
CA ASN A 282 -36.33 -28.35 -7.92
C ASN A 282 -36.51 -29.63 -8.74
N GLY A 283 -35.42 -30.38 -8.91
CA GLY A 283 -35.39 -31.54 -9.75
C GLY A 283 -35.04 -31.27 -11.20
N LYS A 284 -35.43 -30.10 -11.72
CA LYS A 284 -35.14 -29.78 -13.11
C LYS A 284 -33.66 -29.45 -13.27
N PRO A 285 -33.03 -29.85 -14.39
CA PRO A 285 -31.62 -29.53 -14.58
C PRO A 285 -31.41 -28.05 -14.82
N ALA A 286 -30.30 -27.53 -14.30
CA ALA A 286 -30.02 -26.10 -14.35
C ALA A 286 -28.56 -25.88 -13.99
N ALA A 287 -28.12 -24.63 -14.14
CA ALA A 287 -26.77 -24.22 -13.77
C ALA A 287 -26.80 -22.82 -13.20
N GLY A 288 -26.07 -22.60 -12.10
CA GLY A 288 -26.16 -21.36 -11.37
C GLY A 288 -24.79 -20.79 -11.03
N ILE A 289 -24.82 -19.63 -10.39
CA ILE A 289 -23.62 -18.92 -9.97
C ILE A 289 -23.76 -18.55 -8.51
N ALA A 290 -22.62 -18.38 -7.85
CA ALA A 290 -22.54 -17.99 -6.45
C ALA A 290 -21.80 -16.67 -6.35
N ILE A 291 -22.46 -15.66 -5.80
CA ILE A 291 -21.93 -14.31 -5.73
C ILE A 291 -21.37 -14.12 -4.33
N LYS A 292 -20.05 -14.25 -4.20
CA LYS A 292 -19.42 -14.23 -2.89
C LYS A 292 -19.21 -12.82 -2.32
N LEU A 293 -19.84 -11.80 -2.91
CA LEU A 293 -19.78 -10.43 -2.40
C LEU A 293 -18.34 -9.89 -2.41
N ALA A 294 -18.16 -8.67 -1.91
CA ALA A 294 -16.86 -8.03 -1.83
C ALA A 294 -16.59 -7.61 -0.40
N ALA A 295 -15.34 -7.18 -0.13
CA ALA A 295 -14.96 -6.77 1.21
C ALA A 295 -15.78 -5.55 1.65
N GLY A 296 -15.63 -4.44 0.95
CA GLY A 296 -16.47 -3.28 1.18
C GLY A 296 -17.68 -3.29 0.28
N ALA A 297 -18.84 -3.64 0.83
CA ALA A 297 -20.03 -3.86 0.03
C ALA A 297 -21.26 -3.34 0.76
N ASN A 298 -22.33 -3.14 -0.01
CA ASN A 298 -23.65 -2.82 0.51
C ASN A 298 -24.54 -4.03 0.25
N ALA A 299 -24.91 -4.74 1.31
CA ALA A 299 -25.57 -6.03 1.16
C ALA A 299 -26.97 -5.93 0.56
N LEU A 300 -27.53 -4.72 0.49
CA LEU A 300 -28.90 -4.56 0.00
C LEU A 300 -28.93 -4.00 -1.42
N ASP A 301 -28.30 -2.85 -1.63
CA ASP A 301 -28.33 -2.22 -2.95
C ASP A 301 -27.61 -3.06 -3.99
N THR A 302 -26.57 -3.80 -3.57
CA THR A 302 -25.93 -4.73 -4.50
C THR A 302 -26.92 -5.79 -4.96
N SER A 303 -27.73 -6.32 -4.04
CA SER A 303 -28.75 -7.30 -4.42
C SER A 303 -29.75 -6.70 -5.39
N ARG A 304 -30.22 -5.47 -5.11
CA ARG A 304 -31.16 -4.85 -6.05
C ARG A 304 -30.52 -4.63 -7.42
N ALA A 305 -29.26 -4.18 -7.44
CA ALA A 305 -28.59 -3.91 -8.72
C ALA A 305 -28.37 -5.19 -9.51
N VAL A 306 -28.02 -6.28 -8.84
CA VAL A 306 -27.84 -7.56 -9.53
C VAL A 306 -29.17 -8.07 -10.08
N LYS A 307 -30.24 -7.97 -9.28
CA LYS A 307 -31.55 -8.37 -9.78
C LYS A 307 -31.95 -7.53 -10.99
N GLU A 308 -31.68 -6.23 -10.94
CA GLU A 308 -32.01 -5.36 -12.06
C GLU A 308 -31.17 -5.70 -13.28
N GLU A 309 -29.90 -6.06 -13.09
CA GLU A 309 -29.06 -6.49 -14.20
C GLU A 309 -29.62 -7.74 -14.85
N LEU A 310 -30.07 -8.70 -14.04
CA LEU A 310 -30.63 -9.92 -14.61
C LEU A 310 -31.93 -9.65 -15.35
N ASN A 311 -32.78 -8.77 -14.80
CA ASN A 311 -33.97 -8.37 -15.56
C ASN A 311 -33.60 -7.66 -16.86
N ARG A 312 -32.55 -6.83 -16.82
CA ARG A 312 -32.15 -6.09 -18.02
C ARG A 312 -31.63 -7.02 -19.10
N LEU A 313 -30.64 -7.85 -18.76
CA LEU A 313 -30.19 -8.87 -19.70
C LEU A 313 -30.95 -10.17 -19.51
N SER A 314 -32.27 -10.13 -19.35
CA SER A 314 -33.09 -11.30 -19.57
C SER A 314 -33.77 -11.30 -20.93
N ALA A 315 -33.79 -10.15 -21.62
CA ALA A 315 -34.30 -10.14 -22.99
C ALA A 315 -33.29 -10.75 -23.94
N TYR A 316 -32.01 -10.70 -23.60
CA TYR A 316 -30.97 -11.35 -24.40
C TYR A 316 -30.99 -12.87 -24.26
N PHE A 317 -31.75 -13.39 -23.31
CA PHE A 317 -31.84 -14.84 -23.13
C PHE A 317 -32.38 -15.51 -24.38
N PRO A 318 -31.79 -16.62 -24.81
CA PRO A 318 -32.22 -17.24 -26.08
C PRO A 318 -33.67 -17.63 -26.10
N ALA A 319 -34.06 -18.51 -25.18
CA ALA A 319 -35.42 -18.99 -25.09
C ALA A 319 -35.59 -19.86 -23.84
N SER A 320 -36.74 -19.74 -23.17
CA SER A 320 -37.11 -20.61 -22.05
C SER A 320 -36.00 -20.68 -21.00
N LEU A 321 -35.42 -19.54 -20.67
CA LEU A 321 -34.38 -19.47 -19.64
C LEU A 321 -34.82 -18.51 -18.55
N LYS A 322 -35.02 -19.05 -17.35
CA LYS A 322 -35.46 -18.30 -16.19
C LYS A 322 -34.31 -18.10 -15.22
N THR A 323 -34.48 -17.12 -14.32
CA THR A 323 -33.41 -16.55 -13.53
C THR A 323 -33.71 -16.62 -12.04
N VAL A 324 -34.02 -17.82 -11.55
CA VAL A 324 -34.48 -17.95 -10.16
C VAL A 324 -33.35 -17.59 -9.20
N TYR A 325 -33.74 -17.33 -7.95
CA TYR A 325 -32.79 -16.97 -6.89
C TYR A 325 -32.98 -17.87 -5.69
N PRO A 326 -32.32 -19.02 -5.64
CA PRO A 326 -32.21 -19.74 -4.38
C PRO A 326 -31.29 -18.98 -3.43
N TYR A 327 -31.15 -19.46 -2.20
CA TYR A 327 -30.34 -18.78 -1.20
C TYR A 327 -30.80 -17.33 -1.01
N ASP A 328 -29.97 -16.38 -1.41
CA ASP A 328 -30.34 -14.96 -1.39
C ASP A 328 -30.68 -14.47 0.01
N THR A 329 -29.69 -14.39 0.89
CA THR A 329 -29.92 -13.95 2.28
C THR A 329 -29.80 -12.43 2.39
N THR A 330 -30.46 -11.75 1.46
CA THR A 330 -30.67 -10.30 1.52
C THR A 330 -31.86 -9.92 2.41
N PRO A 331 -33.03 -10.57 2.26
CA PRO A 331 -34.16 -10.21 3.11
C PRO A 331 -33.89 -10.34 4.60
N PHE A 332 -33.00 -11.24 5.00
CA PHE A 332 -32.68 -11.32 6.42
C PHE A 332 -32.01 -10.06 6.91
N ILE A 333 -31.05 -9.53 6.15
CA ILE A 333 -30.41 -8.26 6.54
C ILE A 333 -31.42 -7.14 6.55
N GLU A 334 -32.28 -7.07 5.52
CA GLU A 334 -33.25 -5.99 5.46
C GLU A 334 -34.21 -6.05 6.66
N ILE A 335 -34.66 -7.27 7.00
CA ILE A 335 -35.60 -7.43 8.10
C ILE A 335 -34.93 -7.11 9.44
N SER A 336 -33.68 -7.53 9.61
CA SER A 336 -32.98 -7.25 10.86
C SER A 336 -32.81 -5.75 11.07
N ILE A 337 -32.40 -5.03 10.02
CA ILE A 337 -32.21 -3.60 10.16
C ILE A 337 -33.55 -2.91 10.42
N GLN A 338 -34.60 -3.32 9.71
CA GLN A 338 -35.92 -2.74 9.94
C GLN A 338 -36.38 -2.97 11.38
N GLU A 339 -36.15 -4.17 11.91
CA GLU A 339 -36.57 -4.46 13.28
C GLU A 339 -35.79 -3.64 14.29
N VAL A 340 -34.49 -3.47 14.09
CA VAL A 340 -33.72 -2.67 15.04
C VAL A 340 -34.16 -1.21 14.98
N PHE A 341 -34.47 -0.71 13.78
CA PHE A 341 -34.98 0.65 13.69
C PHE A 341 -36.33 0.79 14.41
N LYS A 342 -37.19 -0.22 14.28
CA LYS A 342 -38.45 -0.21 15.01
C LYS A 342 -38.21 -0.17 16.51
N THR A 343 -37.26 -0.97 16.99
CA THR A 343 -36.94 -0.96 18.42
C THR A 343 -36.43 0.41 18.87
N LEU A 344 -35.59 1.03 18.04
CA LEU A 344 -35.04 2.34 18.40
C LEU A 344 -36.14 3.39 18.50
N VAL A 345 -37.09 3.38 17.57
CA VAL A 345 -38.17 4.36 17.63
C VAL A 345 -39.12 4.06 18.79
N GLU A 346 -39.43 2.79 19.02
CA GLU A 346 -40.31 2.45 20.13
C GLU A 346 -39.69 2.82 21.46
N ALA A 347 -38.36 2.81 21.57
CA ALA A 347 -37.70 3.24 22.79
C ALA A 347 -37.98 4.72 23.06
N ILE A 348 -37.89 5.56 22.02
CA ILE A 348 -38.19 6.98 22.19
C ILE A 348 -39.64 7.18 22.59
N ILE A 349 -40.55 6.45 21.93
CA ILE A 349 -41.96 6.59 22.27
C ILE A 349 -42.21 6.21 23.73
N LEU A 350 -41.63 5.11 24.18
CA LEU A 350 -41.79 4.68 25.56
C LEU A 350 -41.19 5.69 26.52
N VAL A 351 -40.06 6.30 26.15
CA VAL A 351 -39.42 7.27 27.03
C VAL A 351 -40.31 8.50 27.18
N PHE A 352 -40.89 8.97 26.08
CA PHE A 352 -41.83 10.08 26.18
C PHE A 352 -43.01 9.72 27.06
N LEU A 353 -43.55 8.51 26.91
CA LEU A 353 -44.68 8.09 27.73
C LEU A 353 -44.30 8.08 29.21
N VAL A 354 -43.12 7.57 29.53
CA VAL A 354 -42.68 7.48 30.92
C VAL A 354 -42.49 8.87 31.52
N MET A 355 -41.88 9.78 30.75
CA MET A 355 -41.70 11.14 31.24
C MET A 355 -43.04 11.82 31.46
N TYR A 356 -44.00 11.61 30.56
CA TYR A 356 -45.32 12.17 30.81
C TYR A 356 -45.95 11.59 32.06
N LEU A 357 -45.79 10.29 32.29
CA LEU A 357 -46.44 9.68 33.45
C LEU A 357 -45.78 10.09 34.76
N PHE A 358 -44.48 10.43 34.73
CA PHE A 358 -43.79 10.81 35.96
C PHE A 358 -43.80 12.32 36.20
N LEU A 359 -43.24 13.09 35.25
CA LEU A 359 -43.11 14.53 35.45
C LEU A 359 -44.45 15.25 35.32
N GLN A 360 -45.33 14.75 34.45
CA GLN A 360 -46.65 15.33 34.22
C GLN A 360 -46.56 16.78 33.77
N ASN A 361 -45.84 16.98 32.66
CA ASN A 361 -45.69 18.32 32.09
C ASN A 361 -45.23 18.15 30.64
N PHE A 362 -46.06 18.57 29.69
CA PHE A 362 -45.70 18.41 28.28
C PHE A 362 -44.41 19.16 27.95
N ARG A 363 -44.27 20.38 28.49
CA ARG A 363 -43.03 21.11 28.29
C ARG A 363 -41.84 20.33 28.81
N ALA A 364 -41.97 19.72 29.99
CA ALA A 364 -40.87 18.94 30.54
C ALA A 364 -40.53 17.75 29.66
N THR A 365 -41.55 17.07 29.12
CA THR A 365 -41.30 15.87 28.35
C THR A 365 -40.85 16.16 26.92
N ILE A 366 -41.03 17.38 26.43
CA ILE A 366 -40.67 17.66 25.04
C ILE A 366 -39.15 17.67 24.88
N ILE A 367 -38.40 17.90 25.97
CA ILE A 367 -36.95 18.04 25.84
C ILE A 367 -36.26 16.74 25.44
N PRO A 368 -36.38 15.63 26.18
CA PRO A 368 -35.70 14.40 25.74
C PRO A 368 -36.20 13.89 24.40
N THR A 369 -37.49 14.09 24.09
CA THR A 369 -38.05 13.58 22.85
C THR A 369 -37.36 14.19 21.64
N ILE A 370 -36.87 15.42 21.75
CA ILE A 370 -36.09 16.01 20.65
C ILE A 370 -34.59 15.84 20.85
N ALA A 371 -34.12 15.75 22.10
CA ALA A 371 -32.68 15.65 22.33
C ALA A 371 -32.14 14.28 21.92
N VAL A 372 -32.92 13.22 22.12
CA VAL A 372 -32.44 11.87 21.80
C VAL A 372 -32.17 11.67 20.30
N PRO A 373 -33.09 12.00 19.39
CA PRO A 373 -32.79 11.81 17.97
C PRO A 373 -31.58 12.58 17.50
N VAL A 374 -31.32 13.75 18.10
CA VAL A 374 -30.11 14.50 17.78
C VAL A 374 -28.87 13.64 18.04
N VAL A 375 -28.84 13.00 19.21
CA VAL A 375 -27.68 12.18 19.56
C VAL A 375 -27.60 10.96 18.64
N ILE A 376 -28.74 10.36 18.31
CA ILE A 376 -28.72 9.18 17.45
C ILE A 376 -28.15 9.53 16.08
N LEU A 377 -28.61 10.66 15.51
CA LEU A 377 -28.10 11.08 14.21
C LEU A 377 -26.62 11.44 14.29
N GLY A 378 -26.21 12.14 15.35
CA GLY A 378 -24.80 12.46 15.49
C GLY A 378 -23.93 11.23 15.60
N THR A 379 -24.40 10.22 16.31
CA THR A 379 -23.65 8.96 16.39
C THR A 379 -23.57 8.28 15.03
N PHE A 380 -24.64 8.34 14.25
CA PHE A 380 -24.57 7.82 12.90
C PHE A 380 -23.51 8.54 12.08
N ALA A 381 -23.46 9.87 12.21
CA ALA A 381 -22.46 10.65 11.51
C ALA A 381 -21.05 10.27 11.96
N ILE A 382 -20.85 10.07 13.26
CA ILE A 382 -19.54 9.68 13.77
C ILE A 382 -19.14 8.31 13.24
N LEU A 383 -20.07 7.36 13.24
CA LEU A 383 -19.77 6.02 12.72
C LEU A 383 -19.42 6.07 11.25
N SER A 384 -20.04 6.97 10.49
CA SER A 384 -19.64 7.14 9.10
C SER A 384 -18.29 7.85 8.96
N ALA A 385 -17.97 8.76 9.88
CA ALA A 385 -16.73 9.51 9.81
C ALA A 385 -15.53 8.66 10.19
N VAL A 386 -15.71 7.64 11.03
CA VAL A 386 -14.63 6.70 11.33
C VAL A 386 -14.61 5.53 10.36
N GLY A 387 -15.64 5.37 9.53
CA GLY A 387 -15.66 4.30 8.56
C GLY A 387 -16.20 3.00 9.12
N PHE A 388 -17.41 3.04 9.65
CA PHE A 388 -18.06 1.88 10.24
C PHE A 388 -19.37 1.61 9.52
N THR A 389 -19.54 0.37 9.07
CA THR A 389 -20.76 0.00 8.36
C THR A 389 -21.89 -0.26 9.33
N ILE A 390 -23.12 0.01 8.86
CA ILE A 390 -24.32 -0.23 9.67
C ILE A 390 -24.65 -1.71 9.57
N ASN A 391 -24.28 -2.48 10.58
CA ASN A 391 -24.57 -3.91 10.58
C ASN A 391 -25.31 -4.29 11.86
N THR A 392 -25.50 -5.59 12.08
CA THR A 392 -26.23 -6.03 13.26
C THR A 392 -25.51 -5.63 14.54
N LEU A 393 -24.18 -5.75 14.57
CA LEU A 393 -23.43 -5.46 15.77
C LEU A 393 -23.55 -3.99 16.17
N THR A 394 -23.35 -3.09 15.20
CA THR A 394 -23.41 -1.66 15.50
C THR A 394 -24.82 -1.23 15.91
N MET A 395 -25.83 -1.75 15.22
CA MET A 395 -27.21 -1.39 15.55
C MET A 395 -27.60 -1.92 16.93
N PHE A 396 -27.20 -3.14 17.25
CA PHE A 396 -27.52 -3.68 18.57
C PHE A 396 -26.73 -2.99 19.66
N GLY A 397 -25.54 -2.48 19.35
CA GLY A 397 -24.85 -1.62 20.30
C GLY A 397 -25.58 -0.31 20.51
N MET A 398 -26.11 0.26 19.43
CA MET A 398 -26.94 1.46 19.56
C MET A 398 -28.21 1.19 20.34
N VAL A 399 -28.66 -0.08 20.39
CA VAL A 399 -29.84 -0.43 21.16
C VAL A 399 -29.58 -0.25 22.66
N LEU A 400 -28.36 -0.52 23.13
CA LEU A 400 -28.02 -0.16 24.50
C LEU A 400 -27.71 1.31 24.61
N ALA A 401 -27.13 1.88 23.56
CA ALA A 401 -26.82 3.30 23.56
C ALA A 401 -28.06 4.13 23.79
N ILE A 402 -29.22 3.69 23.31
CA ILE A 402 -30.44 4.50 23.45
C ILE A 402 -30.78 4.67 24.92
N GLY A 403 -30.68 3.60 25.70
CA GLY A 403 -30.88 3.71 27.13
C GLY A 403 -29.82 4.57 27.79
N LEU A 404 -28.57 4.45 27.34
CA LEU A 404 -27.52 5.28 27.92
C LEU A 404 -27.78 6.77 27.70
N LEU A 405 -28.20 7.15 26.49
CA LEU A 405 -28.54 8.56 26.22
C LEU A 405 -29.78 8.99 27.00
N VAL A 406 -30.78 8.10 27.08
CA VAL A 406 -32.00 8.44 27.78
C VAL A 406 -31.71 8.75 29.23
N ASP A 407 -30.81 7.99 29.85
CA ASP A 407 -30.51 8.23 31.26
C ASP A 407 -29.98 9.65 31.48
N ASP A 408 -29.08 10.10 30.61
CA ASP A 408 -28.55 11.47 30.73
C ASP A 408 -29.64 12.51 30.50
N ALA A 409 -30.47 12.29 29.47
CA ALA A 409 -31.55 13.23 29.21
C ALA A 409 -32.48 13.35 30.40
N ILE A 410 -32.85 12.20 30.97
CA ILE A 410 -33.76 12.17 32.11
C ILE A 410 -33.13 12.87 33.32
N VAL A 411 -31.86 12.61 33.60
CA VAL A 411 -31.28 13.22 34.80
C VAL A 411 -31.23 14.73 34.65
N VAL A 412 -30.84 15.23 33.47
CA VAL A 412 -30.77 16.68 33.29
C VAL A 412 -32.16 17.30 33.43
N VAL A 413 -33.14 16.75 32.72
CA VAL A 413 -34.48 17.34 32.74
C VAL A 413 -35.09 17.23 34.12
N GLU A 414 -34.87 16.11 34.81
CA GLU A 414 -35.42 15.93 36.15
C GLU A 414 -34.83 16.94 37.12
N ASN A 415 -33.51 17.16 37.06
CA ASN A 415 -32.93 18.14 37.97
C ASN A 415 -33.46 19.54 37.68
N VAL A 416 -33.57 19.92 36.41
CA VAL A 416 -34.11 21.24 36.09
C VAL A 416 -35.55 21.36 36.58
N GLU A 417 -36.36 20.32 36.37
CA GLU A 417 -37.75 20.35 36.80
C GLU A 417 -37.87 20.44 38.32
N ARG A 418 -37.03 19.70 39.04
CA ARG A 418 -37.04 19.77 40.49
C ARG A 418 -36.68 21.16 40.97
N VAL A 419 -35.66 21.78 40.36
CA VAL A 419 -35.23 23.08 40.83
C VAL A 419 -36.22 24.19 40.45
N ILE A 420 -36.98 24.04 39.35
CA ILE A 420 -38.04 25.02 39.14
C ILE A 420 -39.23 24.71 40.05
N ALA A 421 -39.41 23.46 40.45
CA ALA A 421 -40.51 23.11 41.34
C ALA A 421 -40.32 23.74 42.71
N GLU A 422 -39.24 23.38 43.39
CA GLU A 422 -38.97 23.99 44.69
C GLU A 422 -38.08 25.22 44.51
N ASP A 423 -37.94 25.99 45.60
CA ASP A 423 -37.07 27.16 45.67
C ASP A 423 -37.57 28.31 44.79
N LYS A 424 -38.62 28.08 44.01
CA LYS A 424 -39.25 29.11 43.18
C LYS A 424 -38.25 29.85 42.31
N LEU A 425 -37.38 29.08 41.64
CA LEU A 425 -36.38 29.68 40.76
C LEU A 425 -36.87 29.70 39.33
N PRO A 426 -36.78 30.85 38.65
CA PRO A 426 -37.18 30.92 37.23
C PRO A 426 -36.41 29.91 36.40
N PRO A 427 -36.91 29.58 35.19
CA PRO A 427 -36.29 28.49 34.42
C PRO A 427 -34.81 28.69 34.14
N LYS A 428 -34.37 29.91 33.82
CA LYS A 428 -32.97 30.14 33.48
C LYS A 428 -32.07 30.01 34.71
N GLU A 429 -32.46 30.66 35.81
CA GLU A 429 -31.68 30.57 37.03
C GLU A 429 -31.64 29.12 37.52
N ALA A 430 -32.77 28.43 37.44
CA ALA A 430 -32.82 27.03 37.85
C ALA A 430 -31.94 26.16 36.98
N THR A 431 -31.93 26.41 35.66
CA THR A 431 -31.07 25.65 34.78
C THR A 431 -29.61 25.87 35.14
N HIS A 432 -29.22 27.12 35.39
CA HIS A 432 -27.85 27.39 35.79
C HIS A 432 -27.50 26.66 37.09
N LYS A 433 -28.41 26.71 38.06
CA LYS A 433 -28.17 26.05 39.35
C LYS A 433 -27.99 24.54 39.18
N SER A 434 -28.94 23.89 38.52
CA SER A 434 -28.89 22.44 38.37
C SER A 434 -27.68 22.01 37.56
N MET A 435 -27.35 22.76 36.51
CA MET A 435 -26.16 22.40 35.74
C MET A 435 -24.87 22.64 36.50
N GLY A 436 -24.81 23.66 37.35
CA GLY A 436 -23.66 23.80 38.23
C GLY A 436 -23.56 22.61 39.15
N GLN A 437 -24.71 22.10 39.57
CA GLN A 437 -24.72 20.93 40.46
C GLN A 437 -24.18 19.69 39.77
N ILE A 438 -24.58 19.45 38.52
CA ILE A 438 -24.29 18.16 37.89
C ILE A 438 -23.18 18.23 36.84
N GLN A 439 -22.54 19.39 36.65
CA GLN A 439 -21.57 19.55 35.57
C GLN A 439 -20.40 18.59 35.71
N ARG A 440 -19.59 18.77 36.75
CA ARG A 440 -18.39 17.95 36.88
C ARG A 440 -18.73 16.48 37.10
N ALA A 441 -19.88 16.21 37.71
CA ALA A 441 -20.34 14.83 37.84
C ALA A 441 -20.55 14.20 36.48
N LEU A 442 -21.11 14.96 35.53
CA LEU A 442 -21.33 14.42 34.19
C LEU A 442 -20.01 14.06 33.51
N VAL A 443 -18.99 14.91 33.65
CA VAL A 443 -17.70 14.63 33.02
C VAL A 443 -17.03 13.43 33.68
N GLY A 444 -17.09 13.35 35.00
CA GLY A 444 -16.56 12.17 35.68
C GLY A 444 -17.26 10.90 35.22
N ILE A 445 -18.58 10.98 35.04
CA ILE A 445 -19.35 9.84 34.53
C ILE A 445 -18.87 9.47 33.13
N ALA A 446 -18.63 10.47 32.28
CA ALA A 446 -18.12 10.19 30.94
C ALA A 446 -16.79 9.45 31.01
N VAL A 447 -15.89 9.89 31.87
CA VAL A 447 -14.59 9.22 32.00
C VAL A 447 -14.78 7.79 32.49
N VAL A 448 -15.66 7.60 33.48
CA VAL A 448 -15.87 6.26 34.03
C VAL A 448 -16.43 5.32 32.97
N LEU A 449 -17.42 5.79 32.21
CA LEU A 449 -18.02 4.95 31.18
C LEU A 449 -17.03 4.64 30.07
N SER A 450 -16.21 5.62 29.69
CA SER A 450 -15.19 5.36 28.67
C SER A 450 -14.18 4.33 29.17
N ALA A 451 -13.79 4.41 30.44
CA ALA A 451 -12.87 3.43 30.99
C ALA A 451 -13.51 2.05 31.05
N VAL A 452 -14.82 2.00 31.26
CA VAL A 452 -15.51 0.71 31.24
C VAL A 452 -15.53 0.14 29.82
N PHE A 453 -15.71 0.99 28.82
CA PHE A 453 -15.94 0.50 27.46
C PHE A 453 -14.66 0.20 26.69
N MET A 454 -13.56 0.90 26.97
CA MET A 454 -12.33 0.69 26.20
C MET A 454 -11.80 -0.74 26.26
N PRO A 455 -11.76 -1.43 27.40
CA PRO A 455 -11.25 -2.82 27.39
C PRO A 455 -11.86 -3.69 26.33
N MET A 456 -13.19 -3.65 26.17
CA MET A 456 -13.82 -4.42 25.10
C MET A 456 -13.34 -3.94 23.73
N ALA A 457 -13.01 -2.66 23.61
CA ALA A 457 -12.50 -2.17 22.33
C ALA A 457 -11.13 -2.77 22.02
N PHE A 458 -10.31 -3.03 23.03
CA PHE A 458 -8.95 -3.52 22.79
C PHE A 458 -8.85 -5.04 22.97
N MET A 459 -9.59 -5.78 22.14
CA MET A 459 -9.34 -7.21 21.96
C MET A 459 -8.79 -7.50 20.57
N SER A 460 -8.40 -8.75 20.38
CA SER A 460 -7.72 -9.19 19.17
C SER A 460 -8.33 -10.49 18.65
N GLY A 461 -8.16 -10.73 17.36
CA GLY A 461 -8.68 -11.93 16.74
C GLY A 461 -10.09 -11.75 16.21
N ALA A 462 -10.77 -12.89 16.06
CA ALA A 462 -12.17 -12.86 15.64
C ALA A 462 -13.06 -12.17 16.67
N THR A 463 -12.86 -12.48 17.95
CA THR A 463 -13.61 -11.80 19.00
C THR A 463 -13.35 -10.31 18.98
N GLY A 464 -12.11 -9.92 18.64
CA GLY A 464 -11.72 -8.54 18.74
C GLY A 464 -12.53 -7.63 17.84
N GLU A 465 -12.90 -8.11 16.65
CA GLU A 465 -13.61 -7.25 15.71
C GLU A 465 -15.05 -6.99 16.16
N ILE A 466 -15.75 -8.03 16.64
CA ILE A 466 -17.10 -7.84 17.16
C ILE A 466 -17.07 -6.93 18.38
N TYR A 467 -16.13 -7.19 19.29
CA TYR A 467 -16.00 -6.35 20.48
C TYR A 467 -15.68 -4.91 20.10
N ARG A 468 -14.86 -4.73 19.06
CA ARG A 468 -14.51 -3.39 18.59
C ARG A 468 -15.73 -2.67 18.04
N GLN A 469 -16.54 -3.36 17.24
CA GLN A 469 -17.77 -2.75 16.75
C GLN A 469 -18.64 -2.28 17.90
N PHE A 470 -18.87 -3.17 18.86
CA PHE A 470 -19.75 -2.82 19.99
C PHE A 470 -19.21 -1.64 20.77
N SER A 471 -17.92 -1.69 21.14
CA SER A 471 -17.37 -0.65 22.00
C SER A 471 -17.21 0.67 21.26
N ILE A 472 -16.90 0.64 19.97
CA ILE A 472 -16.85 1.88 19.21
C ILE A 472 -18.22 2.54 19.18
N THR A 473 -19.27 1.75 18.93
CA THR A 473 -20.61 2.32 18.91
C THR A 473 -20.98 2.91 20.26
N LEU A 474 -20.76 2.14 21.34
CA LEU A 474 -21.12 2.63 22.67
C LEU A 474 -20.32 3.87 23.05
N ILE A 475 -19.02 3.88 22.75
CA ILE A 475 -18.17 5.02 23.11
C ILE A 475 -18.62 6.27 22.35
N SER A 476 -18.88 6.13 21.06
CA SER A 476 -19.35 7.27 20.29
C SER A 476 -20.65 7.82 20.86
N SER A 477 -21.62 6.94 21.11
CA SER A 477 -22.92 7.39 21.61
C SER A 477 -22.79 8.04 22.98
N MET A 478 -22.02 7.42 23.89
CA MET A 478 -21.86 7.97 25.23
C MET A 478 -21.20 9.33 25.22
N LEU A 479 -20.07 9.44 24.49
CA LEU A 479 -19.34 10.69 24.49
C LEU A 479 -20.12 11.80 23.80
N LEU A 480 -20.90 11.47 22.77
CA LEU A 480 -21.77 12.48 22.17
C LEU A 480 -22.88 12.88 23.11
N SER A 481 -23.44 11.92 23.86
CA SER A 481 -24.54 12.23 24.76
C SER A 481 -24.10 13.16 25.87
N VAL A 482 -22.89 12.98 26.38
CA VAL A 482 -22.41 13.88 27.44
C VAL A 482 -22.36 15.32 26.93
N PHE A 483 -21.76 15.52 25.76
CA PHE A 483 -21.65 16.86 25.20
C PHE A 483 -23.01 17.45 24.88
N VAL A 484 -23.91 16.64 24.34
CA VAL A 484 -25.23 17.17 23.99
C VAL A 484 -26.01 17.52 25.24
N ALA A 485 -25.89 16.72 26.31
CA ALA A 485 -26.54 17.05 27.57
C ALA A 485 -25.97 18.30 28.19
N MET A 486 -24.68 18.57 27.98
CA MET A 486 -24.08 19.79 28.48
C MET A 486 -24.39 21.02 27.65
N SER A 487 -24.72 20.85 26.36
CA SER A 487 -24.92 22.00 25.48
C SER A 487 -26.36 22.19 25.01
N LEU A 488 -26.94 21.20 24.32
CA LEU A 488 -28.26 21.36 23.74
C LEU A 488 -29.34 21.39 24.81
N THR A 489 -29.30 20.42 25.73
CA THR A 489 -30.36 20.30 26.72
C THR A 489 -30.51 21.54 27.61
N PRO A 490 -29.45 22.13 28.17
CA PRO A 490 -29.66 23.29 29.06
C PRO A 490 -30.38 24.44 28.38
N ALA A 491 -30.08 24.72 27.11
CA ALA A 491 -30.81 25.78 26.41
C ALA A 491 -32.28 25.44 26.28
N LEU A 492 -32.58 24.18 25.95
CA LEU A 492 -33.98 23.76 25.82
C LEU A 492 -34.71 23.92 27.15
N CYS A 493 -34.10 23.48 28.25
CA CYS A 493 -34.73 23.69 29.55
C CYS A 493 -34.84 25.16 29.89
N ALA A 494 -33.92 25.98 29.38
CA ALA A 494 -34.02 27.41 29.61
C ALA A 494 -35.23 28.01 28.93
N THR A 495 -35.54 27.56 27.72
CA THR A 495 -36.55 28.23 26.90
C THR A 495 -37.90 27.52 26.83
N ILE A 496 -38.06 26.36 27.49
CA ILE A 496 -39.26 25.54 27.31
C ILE A 496 -40.15 25.56 28.55
N LEU A 497 -39.63 25.10 29.69
CA LEU A 497 -40.47 24.98 30.87
C LEU A 497 -40.78 26.36 31.45
N LYS A 498 -41.89 26.42 32.18
CA LYS A 498 -42.42 27.64 32.76
C LYS A 498 -42.46 27.52 34.28
N ALA A 499 -43.14 28.47 34.91
CA ALA A 499 -43.33 28.43 36.36
C ALA A 499 -44.18 27.24 36.77
N ARG A 513 -53.50 10.48 42.68
CA ARG A 513 -53.19 9.45 41.69
C ARG A 513 -51.79 8.88 41.90
N PHE A 514 -50.98 8.95 40.84
CA PHE A 514 -49.64 8.40 40.89
C PHE A 514 -48.68 9.29 41.67
N ASN A 515 -48.91 10.60 41.68
CA ASN A 515 -48.03 11.50 42.42
C ASN A 515 -48.05 11.21 43.92
N THR A 516 -49.25 11.03 44.47
CA THR A 516 -49.38 10.72 45.90
C THR A 516 -48.79 9.35 46.20
N LEU A 517 -48.99 8.38 45.33
CA LEU A 517 -48.38 7.07 45.51
C LEU A 517 -46.87 7.17 45.54
N PHE A 518 -46.29 7.97 44.63
CA PHE A 518 -44.85 8.12 44.60
C PHE A 518 -44.34 8.81 45.86
N GLU A 519 -45.06 9.83 46.35
CA GLU A 519 -44.63 10.49 47.57
C GLU A 519 -44.69 9.54 48.77
N LYS A 520 -45.75 8.74 48.86
CA LYS A 520 -45.86 7.75 49.92
C LYS A 520 -44.73 6.72 49.83
N SER A 521 -44.42 6.27 48.61
CA SER A 521 -43.35 5.31 48.42
C SER A 521 -42.00 5.89 48.80
N THR A 522 -41.75 7.16 48.46
CA THR A 522 -40.49 7.79 48.84
C THR A 522 -40.39 7.95 50.35
N GLN A 523 -41.50 8.29 51.00
CA GLN A 523 -41.47 8.39 52.47
C GLN A 523 -41.19 7.04 53.09
N HIS A 524 -41.81 5.98 52.57
CA HIS A 524 -41.52 4.63 53.06
C HIS A 524 -40.07 4.26 52.84
N TYR A 525 -39.52 4.62 51.67
CA TYR A 525 -38.12 4.31 51.39
C TYR A 525 -37.19 5.02 52.35
N THR A 526 -37.46 6.30 52.62
CA THR A 526 -36.62 7.03 53.57
C THR A 526 -36.72 6.44 54.97
N ASP A 527 -37.94 6.06 55.38
CA ASP A 527 -38.12 5.48 56.70
C ASP A 527 -37.37 4.15 56.82
N SER A 528 -37.39 3.35 55.75
CA SER A 528 -36.67 2.07 55.78
C SER A 528 -35.15 2.28 55.72
N THR A 529 -34.70 3.26 54.94
CA THR A 529 -33.28 3.54 54.79
C THR A 529 -32.68 4.17 56.04
N ARG A 530 -33.50 4.81 56.87
CA ARG A 530 -33.01 5.37 58.12
C ARG A 530 -32.45 4.30 59.05
N SER A 531 -32.80 3.04 58.83
CA SER A 531 -32.37 1.92 59.68
C SER A 531 -30.90 1.55 59.50
N LEU A 532 -30.09 2.38 58.83
CA LEU A 532 -28.66 2.13 58.79
C LEU A 532 -28.02 2.14 60.17
N LEU A 533 -28.65 2.79 61.14
CA LEU A 533 -28.14 2.85 62.51
C LEU A 533 -28.53 1.63 63.32
N ARG A 534 -29.02 0.57 62.69
CA ARG A 534 -29.51 -0.60 63.40
C ARG A 534 -28.67 -1.85 63.15
N CYS A 535 -28.54 -2.27 61.89
CA CYS A 535 -27.82 -3.49 61.55
C CYS A 535 -27.00 -3.32 60.28
N THR A 536 -26.26 -2.21 60.18
CA THR A 536 -25.52 -1.92 58.95
C THR A 536 -24.52 -3.02 58.61
N GLY A 537 -23.75 -3.47 59.61
CA GLY A 537 -22.72 -4.45 59.34
C GLY A 537 -23.27 -5.72 58.74
N ARG A 538 -24.34 -6.26 59.35
CA ARG A 538 -24.98 -7.45 58.80
C ARG A 538 -25.36 -7.24 57.34
N TYR A 539 -25.86 -6.03 57.00
CA TYR A 539 -26.18 -5.73 55.62
C TYR A 539 -25.00 -6.05 54.71
N MET A 540 -23.82 -5.54 55.07
CA MET A 540 -22.64 -5.76 54.24
C MET A 540 -22.39 -7.25 54.06
N VAL A 541 -22.54 -8.03 55.14
CA VAL A 541 -22.35 -9.48 55.05
C VAL A 541 -23.24 -10.06 53.97
N VAL A 542 -24.52 -9.67 53.97
CA VAL A 542 -25.45 -10.17 52.96
C VAL A 542 -24.92 -9.85 51.58
N TYR A 543 -24.45 -8.60 51.39
CA TYR A 543 -23.90 -8.21 50.10
C TYR A 543 -22.84 -9.21 49.64
N LEU A 544 -21.91 -9.54 50.54
CA LEU A 544 -20.83 -10.47 50.19
C LEU A 544 -21.41 -11.76 49.62
N LEU A 545 -22.43 -12.30 50.29
CA LEU A 545 -23.04 -13.53 49.82
C LEU A 545 -23.52 -13.39 48.39
N ILE A 546 -24.24 -12.30 48.09
CA ILE A 546 -24.71 -12.07 46.73
C ILE A 546 -23.53 -12.06 45.78
N CYS A 547 -22.46 -11.35 46.15
CA CYS A 547 -21.26 -11.34 45.33
C CYS A 547 -20.78 -12.76 45.07
N ALA A 548 -20.67 -13.56 46.13
CA ALA A 548 -20.26 -14.95 45.96
C ALA A 548 -21.20 -15.68 45.01
N GLY A 549 -22.51 -15.48 45.18
CA GLY A 549 -23.45 -16.11 44.28
C GLY A 549 -23.19 -15.72 42.83
N MET A 550 -22.88 -14.44 42.61
CA MET A 550 -22.54 -14.01 41.25
C MET A 550 -21.42 -14.87 40.68
N ALA A 551 -20.35 -15.05 41.47
CA ALA A 551 -19.25 -15.88 40.99
C ALA A 551 -19.73 -17.29 40.67
N VAL A 552 -20.59 -17.84 41.53
CA VAL A 552 -21.13 -19.18 41.27
C VAL A 552 -21.86 -19.18 39.93
N LEU A 553 -22.68 -18.16 39.69
CA LEU A 553 -23.35 -18.06 38.40
C LEU A 553 -22.33 -17.92 37.28
N PHE A 554 -21.28 -17.12 37.51
CA PHE A 554 -20.26 -16.95 36.49
C PHE A 554 -19.51 -18.25 36.23
N LEU A 555 -19.62 -19.23 37.11
CA LEU A 555 -18.98 -20.52 36.92
C LEU A 555 -19.97 -21.57 36.40
N ARG A 556 -21.19 -21.17 36.05
CA ARG A 556 -22.20 -22.11 35.56
C ARG A 556 -22.77 -21.76 34.19
N THR A 557 -22.72 -20.50 33.78
CA THR A 557 -23.29 -20.12 32.50
C THR A 557 -22.42 -20.61 31.36
N PRO A 558 -22.96 -21.37 30.41
CA PRO A 558 -22.16 -21.84 29.29
C PRO A 558 -21.78 -20.70 28.35
N THR A 559 -20.77 -20.97 27.51
CA THR A 559 -20.20 -19.96 26.63
C THR A 559 -20.61 -20.25 25.19
N SER A 560 -20.89 -19.19 24.44
CA SER A 560 -21.22 -19.28 23.03
C SER A 560 -20.74 -18.01 22.35
N PHE A 561 -20.65 -18.05 21.02
CA PHE A 561 -20.14 -16.91 20.26
C PHE A 561 -21.26 -15.98 19.82
N LEU A 562 -22.16 -16.46 18.98
CA LEU A 562 -23.37 -15.75 18.59
C LEU A 562 -24.50 -16.75 18.48
N PRO A 563 -25.75 -16.31 18.70
CA PRO A 563 -26.88 -17.23 18.56
C PRO A 563 -27.19 -17.49 17.09
N GLU A 564 -27.58 -18.74 16.81
CA GLU A 564 -28.01 -19.09 15.47
C GLU A 564 -29.33 -18.42 15.14
N GLU A 565 -29.45 -17.91 13.92
CA GLU A 565 -30.61 -17.13 13.51
C GLU A 565 -31.44 -17.88 12.49
N ASP A 566 -32.59 -17.30 12.15
CA ASP A 566 -33.46 -17.83 11.11
C ASP A 566 -33.19 -17.09 9.79
N GLN A 567 -32.04 -17.43 9.19
CA GLN A 567 -31.63 -16.76 7.97
C GLN A 567 -32.56 -17.05 6.80
N GLY A 568 -33.40 -18.08 6.91
CA GLY A 568 -34.34 -18.42 5.87
C GLY A 568 -33.92 -19.53 4.95
N VAL A 569 -32.64 -19.90 4.96
CA VAL A 569 -32.13 -20.99 4.13
C VAL A 569 -31.24 -21.87 4.99
N PHE A 570 -31.08 -23.12 4.57
CA PHE A 570 -30.14 -24.03 5.23
C PHE A 570 -29.56 -24.95 4.17
N MET A 571 -28.65 -25.82 4.58
CA MET A 571 -27.96 -26.67 3.62
C MET A 571 -27.95 -28.11 4.11
N THR A 572 -28.16 -29.04 3.20
CA THR A 572 -27.99 -30.46 3.52
C THR A 572 -26.83 -31.00 2.69
N THR A 573 -26.05 -31.90 3.28
CA THR A 573 -24.92 -32.51 2.59
C THR A 573 -25.18 -34.01 2.52
N ALA A 574 -25.25 -34.53 1.30
CA ALA A 574 -25.39 -35.96 1.10
C ALA A 574 -24.06 -36.56 0.69
N GLN A 575 -23.60 -37.54 1.47
CA GLN A 575 -22.29 -38.15 1.23
C GLN A 575 -22.46 -39.65 1.12
N LEU A 576 -22.12 -40.18 -0.05
CA LEU A 576 -22.11 -41.62 -0.30
C LEU A 576 -20.85 -42.24 0.28
N PRO A 577 -20.86 -43.54 0.59
CA PRO A 577 -19.78 -44.11 1.42
C PRO A 577 -18.38 -43.97 0.83
N SER A 578 -18.13 -44.57 -0.32
CA SER A 578 -16.81 -44.54 -0.94
C SER A 578 -16.90 -45.22 -2.30
N GLY A 579 -16.18 -44.67 -3.28
CA GLY A 579 -16.17 -45.25 -4.61
C GLY A 579 -17.54 -45.34 -5.23
N ALA A 580 -18.38 -44.35 -5.01
CA ALA A 580 -19.76 -44.35 -5.50
C ALA A 580 -19.87 -43.40 -6.69
N THR A 581 -20.46 -43.88 -7.77
CA THR A 581 -20.52 -43.12 -9.00
C THR A 581 -21.57 -42.01 -8.90
N MET A 582 -21.59 -41.16 -9.93
CA MET A 582 -22.52 -40.03 -9.97
C MET A 582 -23.97 -40.48 -10.06
N VAL A 583 -24.22 -41.68 -10.57
CA VAL A 583 -25.60 -42.15 -10.68
C VAL A 583 -26.23 -42.26 -9.30
N ASN A 584 -25.54 -42.91 -8.36
CA ASN A 584 -26.06 -43.05 -7.01
C ASN A 584 -26.14 -41.73 -6.27
N THR A 585 -25.17 -40.83 -6.47
CA THR A 585 -25.24 -39.53 -5.82
C THR A 585 -26.42 -38.71 -6.35
N THR A 586 -26.65 -38.75 -7.65
CA THR A 586 -27.82 -38.06 -8.21
C THR A 586 -29.11 -38.69 -7.70
N LYS A 587 -29.15 -40.01 -7.56
CA LYS A 587 -30.33 -40.65 -7.01
C LYS A 587 -30.58 -40.20 -5.57
N VAL A 588 -29.53 -40.17 -4.75
CA VAL A 588 -29.69 -39.78 -3.35
C VAL A 588 -30.15 -38.34 -3.24
N LEU A 589 -29.56 -37.45 -4.04
CA LEU A 589 -30.00 -36.06 -3.99
C LEU A 589 -31.42 -35.90 -4.53
N GLN A 590 -31.83 -36.75 -5.47
CA GLN A 590 -33.22 -36.73 -5.89
C GLN A 590 -34.15 -37.15 -4.76
N GLN A 591 -33.75 -38.17 -3.99
CA GLN A 591 -34.55 -38.54 -2.82
C GLN A 591 -34.64 -37.39 -1.83
N VAL A 592 -33.53 -36.69 -1.60
CA VAL A 592 -33.51 -35.58 -0.65
C VAL A 592 -34.45 -34.47 -1.10
N THR A 593 -34.35 -34.07 -2.37
CA THR A 593 -35.20 -32.98 -2.83
C THR A 593 -36.66 -33.42 -2.92
N ASP A 594 -36.92 -34.69 -3.24
CA ASP A 594 -38.29 -35.19 -3.24
C ASP A 594 -38.90 -35.12 -1.85
N TYR A 595 -38.14 -35.54 -0.83
CA TYR A 595 -38.65 -35.42 0.53
C TYR A 595 -38.93 -33.97 0.88
N TYR A 596 -37.94 -33.09 0.67
CA TYR A 596 -38.10 -31.71 1.08
C TYR A 596 -39.23 -31.01 0.34
N LEU A 597 -39.59 -31.47 -0.86
CA LEU A 597 -40.59 -30.78 -1.65
C LEU A 597 -41.93 -31.51 -1.71
N THR A 598 -42.05 -32.69 -1.09
CA THR A 598 -43.33 -33.37 -1.02
C THR A 598 -43.84 -33.58 0.41
N LYS A 599 -42.97 -33.56 1.41
CA LYS A 599 -43.41 -33.73 2.79
C LYS A 599 -43.19 -32.47 3.63
N GLU A 600 -42.76 -31.37 3.01
CA GLU A 600 -42.62 -30.09 3.68
C GLU A 600 -43.03 -28.95 2.77
N LYS A 601 -44.02 -29.18 1.90
CA LYS A 601 -44.34 -28.21 0.86
C LYS A 601 -44.84 -26.88 1.41
N ASP A 602 -45.38 -26.88 2.63
CA ASP A 602 -45.87 -25.65 3.21
C ASP A 602 -44.74 -24.66 3.47
N ASN A 603 -43.61 -25.13 3.97
CA ASN A 603 -42.49 -24.28 4.37
C ASN A 603 -41.42 -24.16 3.30
N VAL A 604 -40.95 -25.29 2.78
CA VAL A 604 -39.87 -25.30 1.79
C VAL A 604 -40.38 -24.79 0.46
N GLN A 605 -39.64 -23.85 -0.14
CA GLN A 605 -39.97 -23.29 -1.44
C GLN A 605 -39.14 -23.93 -2.55
N SER A 606 -37.81 -23.89 -2.42
CA SER A 606 -36.93 -24.33 -3.49
C SER A 606 -35.80 -25.18 -2.93
N VAL A 607 -35.39 -26.18 -3.73
CA VAL A 607 -34.23 -27.01 -3.41
C VAL A 607 -33.29 -26.99 -4.60
N PHE A 608 -32.10 -26.44 -4.41
CA PHE A 608 -31.08 -26.35 -5.45
C PHE A 608 -29.98 -27.34 -5.08
N THR A 609 -29.95 -28.47 -5.76
CA THR A 609 -29.03 -29.56 -5.43
C THR A 609 -27.89 -29.60 -6.42
N VAL A 610 -26.66 -29.46 -5.92
CA VAL A 610 -25.46 -29.54 -6.74
C VAL A 610 -24.73 -30.81 -6.31
N GLY A 611 -24.68 -31.79 -7.18
CA GLY A 611 -23.92 -32.98 -6.94
C GLY A 611 -22.53 -32.87 -7.53
N GLY A 612 -21.58 -33.52 -6.86
CA GLY A 612 -20.18 -33.39 -7.22
C GLY A 612 -19.46 -32.37 -6.35
N PHE A 613 -20.13 -31.26 -6.06
CA PHE A 613 -19.52 -30.19 -5.26
C PHE A 613 -19.85 -30.45 -3.80
N GLY A 614 -18.93 -31.09 -3.09
CA GLY A 614 -19.02 -31.23 -1.66
C GLY A 614 -18.08 -30.26 -0.96
N PHE A 615 -18.46 -29.84 0.24
CA PHE A 615 -17.59 -28.97 1.02
C PHE A 615 -16.32 -29.68 1.46
N SER A 616 -16.36 -31.01 1.61
CA SER A 616 -15.16 -31.79 1.91
C SER A 616 -14.30 -32.03 0.69
N GLY A 617 -14.76 -31.64 -0.50
CA GLY A 617 -13.96 -31.77 -1.69
C GLY A 617 -14.73 -32.33 -2.87
N GLN A 618 -14.29 -32.00 -4.08
CA GLN A 618 -14.94 -32.50 -5.28
C GLN A 618 -14.83 -34.01 -5.36
N GLY A 619 -15.87 -34.64 -5.88
CA GLY A 619 -15.88 -36.08 -6.03
C GLY A 619 -17.22 -36.55 -6.53
N GLN A 620 -17.27 -37.82 -6.87
CA GLN A 620 -18.51 -38.45 -7.31
C GLN A 620 -19.30 -39.08 -6.16
N ASN A 621 -18.78 -39.00 -4.94
CA ASN A 621 -19.49 -39.48 -3.77
C ASN A 621 -19.88 -38.35 -2.82
N ASN A 622 -20.14 -37.16 -3.37
CA ASN A 622 -20.49 -36.01 -2.57
C ASN A 622 -21.61 -35.24 -3.26
N GLY A 623 -22.38 -34.51 -2.45
CA GLY A 623 -23.36 -33.59 -2.99
C GLY A 623 -23.88 -32.66 -1.93
N LEU A 624 -24.31 -31.47 -2.33
CA LEU A 624 -24.79 -30.49 -1.37
C LEU A 624 -26.02 -29.80 -1.94
N ALA A 625 -27.06 -29.66 -1.13
CA ALA A 625 -28.30 -29.04 -1.56
C ALA A 625 -28.58 -27.81 -0.71
N PHE A 626 -28.66 -26.65 -1.36
CA PHE A 626 -29.19 -25.44 -0.74
C PHE A 626 -30.71 -25.58 -0.67
N ILE A 627 -31.29 -25.28 0.49
CA ILE A 627 -32.72 -25.41 0.69
C ILE A 627 -33.25 -24.07 1.16
N SER A 628 -34.12 -23.47 0.37
CA SER A 628 -34.75 -22.21 0.72
C SER A 628 -36.09 -22.47 1.41
N LEU A 629 -36.63 -21.41 2.02
CA LEU A 629 -37.85 -21.54 2.80
C LEU A 629 -38.80 -20.40 2.45
N LYS A 630 -40.09 -20.64 2.67
CA LYS A 630 -41.09 -19.62 2.45
C LYS A 630 -40.85 -18.45 3.42
N PRO A 631 -41.19 -17.23 3.00
CA PRO A 631 -40.88 -16.05 3.84
C PRO A 631 -41.45 -16.14 5.24
N TRP A 632 -40.90 -15.34 6.16
CA TRP A 632 -41.32 -15.41 7.56
C TRP A 632 -42.81 -15.12 7.73
N SER A 633 -43.39 -14.35 6.82
CA SER A 633 -44.81 -14.04 6.91
C SER A 633 -45.70 -15.24 6.59
N GLU A 634 -45.13 -16.34 6.10
CA GLU A 634 -45.90 -17.53 5.78
C GLU A 634 -45.62 -18.69 6.73
N ARG A 635 -44.58 -18.62 7.55
CA ARG A 635 -44.31 -19.62 8.58
C ARG A 635 -44.24 -18.91 9.93
N VAL A 636 -45.07 -19.36 10.87
CA VAL A 636 -45.16 -18.76 12.19
C VAL A 636 -45.11 -19.85 13.24
N GLY A 637 -44.71 -19.46 14.45
CA GLY A 637 -44.62 -20.39 15.55
C GLY A 637 -43.27 -21.07 15.63
N GLU A 638 -43.25 -22.20 16.35
CA GLU A 638 -42.03 -22.99 16.49
C GLU A 638 -42.02 -24.21 15.59
N GLU A 639 -43.19 -24.74 15.22
CA GLU A 639 -43.23 -25.90 14.34
C GLU A 639 -42.73 -25.56 12.95
N ASN A 640 -42.85 -24.31 12.54
CA ASN A 640 -42.46 -23.86 11.21
C ASN A 640 -41.29 -22.89 11.25
N SER A 641 -40.28 -23.18 12.06
CA SER A 641 -39.03 -22.44 12.07
C SER A 641 -37.93 -23.31 11.47
N VAL A 642 -36.76 -22.70 11.26
CA VAL A 642 -35.64 -23.43 10.68
C VAL A 642 -35.21 -24.58 11.59
N THR A 643 -35.10 -24.31 12.89
CA THR A 643 -34.61 -25.33 13.82
C THR A 643 -35.51 -26.56 13.81
N ALA A 644 -36.81 -26.35 13.96
CA ALA A 644 -37.74 -27.48 13.92
C ALA A 644 -37.75 -28.17 12.57
N ILE A 645 -37.62 -27.42 11.47
CA ILE A 645 -37.61 -28.05 10.15
C ILE A 645 -36.42 -28.98 10.01
N ILE A 646 -35.22 -28.53 10.41
CA ILE A 646 -34.05 -29.37 10.25
C ILE A 646 -34.09 -30.55 11.22
N GLN A 647 -34.61 -30.36 12.43
CA GLN A 647 -34.67 -31.48 13.36
C GLN A 647 -35.75 -32.47 12.98
N ARG A 648 -36.77 -32.04 12.23
CA ARG A 648 -37.74 -32.98 11.67
C ARG A 648 -37.17 -33.70 10.47
N ALA A 649 -36.37 -33.01 9.65
CA ALA A 649 -35.80 -33.62 8.45
C ALA A 649 -34.67 -34.58 8.77
N MET A 650 -33.95 -34.37 9.87
CA MET A 650 -32.84 -35.25 10.21
C MET A 650 -33.32 -36.68 10.42
N ILE A 651 -34.44 -36.84 11.13
CA ILE A 651 -34.97 -38.18 11.37
C ILE A 651 -35.55 -38.76 10.08
N ALA A 652 -36.19 -37.92 9.27
CA ALA A 652 -36.79 -38.41 8.03
C ALA A 652 -35.73 -38.90 7.06
N LEU A 653 -34.58 -38.23 7.00
CA LEU A 653 -33.54 -38.56 6.05
C LEU A 653 -32.56 -39.62 6.55
N SER A 654 -32.80 -40.20 7.73
CA SER A 654 -32.00 -41.34 8.15
C SER A 654 -32.32 -42.59 7.35
N SER A 655 -33.40 -42.57 6.57
CA SER A 655 -33.79 -43.70 5.72
C SER A 655 -33.48 -43.44 4.24
N ILE A 656 -32.34 -42.79 3.95
CA ILE A 656 -31.97 -42.47 2.58
C ILE A 656 -31.29 -43.65 1.89
N ASN A 657 -31.11 -44.78 2.58
CA ASN A 657 -30.69 -46.00 1.92
C ASN A 657 -29.32 -45.90 1.26
N LYS A 658 -28.26 -45.95 2.08
CA LYS A 658 -26.86 -45.83 1.69
C LYS A 658 -26.45 -44.39 1.35
N ALA A 659 -26.66 -43.48 2.30
CA ALA A 659 -26.05 -42.17 2.28
C ALA A 659 -25.95 -41.67 3.72
N VAL A 660 -25.16 -40.61 3.91
CA VAL A 660 -24.96 -40.05 5.25
C VAL A 660 -25.47 -38.62 5.26
N VAL A 661 -26.58 -38.38 4.54
CA VAL A 661 -27.14 -37.05 4.42
C VAL A 661 -27.36 -36.42 5.80
N PHE A 662 -26.97 -35.15 5.93
CA PHE A 662 -26.93 -34.48 7.23
C PHE A 662 -27.27 -33.01 7.04
N PRO A 663 -28.52 -32.60 7.31
CA PRO A 663 -28.88 -31.19 7.16
C PRO A 663 -28.35 -30.35 8.31
N PHE A 664 -28.21 -29.06 8.05
CA PHE A 664 -27.73 -28.13 9.07
C PHE A 664 -28.02 -26.69 8.66
N ASN A 665 -28.15 -25.84 9.67
CA ASN A 665 -28.43 -24.42 9.52
C ASN A 665 -27.16 -23.66 9.15
N LEU A 666 -27.34 -22.42 8.75
CA LEU A 666 -26.21 -21.57 8.39
C LEU A 666 -25.41 -21.22 9.64
N PRO A 667 -24.10 -21.47 9.66
CA PRO A 667 -23.28 -21.01 10.79
C PRO A 667 -23.38 -19.50 10.94
N ALA A 668 -23.13 -19.03 12.16
CA ALA A 668 -23.30 -17.61 12.49
C ALA A 668 -22.46 -16.74 11.56
N VAL A 669 -21.14 -16.83 11.69
CA VAL A 669 -20.23 -16.08 10.83
C VAL A 669 -19.21 -17.10 10.33
N ALA A 670 -19.51 -18.39 10.57
CA ALA A 670 -18.59 -19.49 10.33
C ALA A 670 -17.31 -19.32 11.15
N GLU A 671 -17.49 -19.38 12.46
CA GLU A 671 -16.40 -19.19 13.42
C GLU A 671 -16.02 -20.49 14.11
N LEU A 672 -16.98 -21.14 14.78
CA LEU A 672 -16.72 -22.36 15.53
C LEU A 672 -18.05 -22.93 16.00
N GLY A 673 -18.02 -24.20 16.39
CA GLY A 673 -19.20 -24.86 16.91
C GLY A 673 -19.34 -24.68 18.41
N THR A 674 -19.67 -23.45 18.84
CA THR A 674 -19.85 -23.10 20.25
C THR A 674 -18.52 -23.29 20.98
N ALA A 675 -18.48 -22.96 22.28
CA ALA A 675 -17.24 -23.09 23.02
C ALA A 675 -17.04 -24.53 23.46
N SER A 676 -17.14 -25.47 22.53
CA SER A 676 -16.87 -26.87 22.79
C SER A 676 -16.04 -27.47 21.66
N GLY A 677 -16.10 -26.83 20.49
CA GLY A 677 -15.45 -27.40 19.32
C GLY A 677 -13.97 -27.07 19.27
N PHE A 678 -13.17 -28.05 18.89
CA PHE A 678 -11.75 -27.87 18.66
C PHE A 678 -11.36 -28.57 17.36
N ASP A 679 -10.26 -28.12 16.77
CA ASP A 679 -9.77 -28.68 15.51
C ASP A 679 -8.27 -28.87 15.62
N MET A 680 -7.85 -30.12 15.84
CA MET A 680 -6.43 -30.47 15.93
C MET A 680 -6.04 -31.19 14.65
N GLU A 681 -4.77 -31.10 14.29
CA GLU A 681 -4.24 -31.87 13.19
C GLU A 681 -3.01 -32.64 13.65
N LEU A 682 -2.94 -33.89 13.24
CA LEU A 682 -1.96 -34.86 13.70
C LEU A 682 -0.86 -34.94 12.64
N LEU A 683 0.09 -34.01 12.73
CA LEU A 683 1.20 -34.00 11.79
C LEU A 683 2.08 -35.21 12.01
N ASP A 684 2.55 -35.82 10.93
CA ASP A 684 3.34 -37.03 11.10
C ASP A 684 4.74 -36.71 11.61
N ASN A 685 5.38 -35.68 11.06
CA ASN A 685 6.76 -35.33 11.40
C ASN A 685 7.68 -36.52 11.22
N GLY A 686 8.92 -36.42 11.72
CA GLY A 686 9.85 -37.54 11.61
C GLY A 686 10.03 -37.97 10.17
N ASN A 687 9.84 -39.26 9.92
CA ASN A 687 9.90 -39.80 8.57
C ASN A 687 8.81 -40.82 8.27
N LEU A 688 7.91 -41.12 9.21
CA LEU A 688 6.90 -42.14 8.99
C LEU A 688 5.98 -41.75 7.84
N GLY A 689 5.54 -42.76 7.09
CA GLY A 689 4.76 -42.55 5.90
C GLY A 689 3.29 -42.32 6.17
N HIS A 690 2.48 -42.52 5.13
CA HIS A 690 1.04 -42.30 5.26
C HIS A 690 0.37 -43.45 6.00
N GLU A 691 0.86 -44.68 5.80
CA GLU A 691 0.26 -45.83 6.47
C GLU A 691 0.51 -45.78 7.97
N LYS A 692 1.74 -45.48 8.37
CA LYS A 692 2.04 -45.35 9.80
C LYS A 692 1.39 -44.11 10.42
N LEU A 693 0.92 -43.17 9.61
CA LEU A 693 0.18 -42.04 10.14
C LEU A 693 -1.30 -42.37 10.30
N THR A 694 -1.87 -43.12 9.36
CA THR A 694 -3.25 -43.55 9.53
C THR A 694 -3.35 -44.56 10.66
N GLN A 695 -2.28 -45.32 10.94
CA GLN A 695 -2.28 -46.17 12.12
C GLN A 695 -2.33 -45.36 13.42
N ALA A 696 -1.60 -44.25 13.48
CA ALA A 696 -1.71 -43.35 14.63
C ALA A 696 -3.09 -42.72 14.74
N ARG A 697 -3.67 -42.31 13.61
CA ARG A 697 -5.02 -41.76 13.62
C ARG A 697 -6.05 -42.81 14.03
N ASN A 698 -5.76 -44.10 13.83
CA ASN A 698 -6.63 -45.16 14.31
C ASN A 698 -6.38 -45.49 15.78
N GLU A 699 -5.16 -45.28 16.29
CA GLU A 699 -4.93 -45.36 17.72
C GLU A 699 -5.73 -44.28 18.45
N LEU A 700 -5.59 -43.04 18.01
CA LEU A 700 -6.59 -42.03 18.34
C LEU A 700 -7.91 -42.41 17.68
N LEU A 701 -8.95 -41.61 17.96
CA LEU A 701 -10.31 -41.89 17.50
C LEU A 701 -10.85 -43.12 18.20
N SER A 702 -9.98 -43.82 18.93
CA SER A 702 -10.31 -44.95 19.78
C SER A 702 -9.87 -44.71 21.21
N LEU A 703 -8.63 -44.24 21.42
CA LEU A 703 -8.22 -43.82 22.75
C LEU A 703 -9.09 -42.68 23.25
N ALA A 704 -9.40 -41.72 22.37
CA ALA A 704 -10.28 -40.62 22.76
C ALA A 704 -11.70 -41.11 23.03
N ALA A 705 -12.19 -42.03 22.21
CA ALA A 705 -13.52 -42.60 22.42
C ALA A 705 -13.59 -43.46 23.67
N GLN A 706 -12.44 -43.91 24.19
CA GLN A 706 -12.42 -44.64 25.45
C GLN A 706 -12.70 -43.76 26.65
N SER A 707 -12.65 -42.44 26.50
CA SER A 707 -12.89 -41.49 27.59
C SER A 707 -13.90 -40.45 27.12
N PRO A 708 -15.19 -40.81 27.10
CA PRO A 708 -16.22 -39.87 26.62
C PRO A 708 -16.62 -38.80 27.62
N ASN A 709 -15.88 -38.62 28.71
CA ASN A 709 -16.22 -37.60 29.69
C ASN A 709 -15.72 -36.22 29.30
N GLN A 710 -14.86 -36.12 28.29
CA GLN A 710 -14.27 -34.83 27.94
C GLN A 710 -14.44 -34.51 26.46
N VAL A 711 -14.34 -35.51 25.59
CA VAL A 711 -14.44 -35.32 24.15
C VAL A 711 -15.43 -36.34 23.58
N THR A 712 -16.34 -35.87 22.72
CA THR A 712 -17.39 -36.72 22.18
C THR A 712 -17.27 -36.92 20.68
N GLY A 713 -17.28 -35.83 19.90
CA GLY A 713 -17.32 -35.94 18.45
C GLY A 713 -15.96 -35.86 17.77
N VAL A 714 -15.12 -36.86 18.00
CA VAL A 714 -13.71 -36.81 17.61
C VAL A 714 -13.52 -37.06 16.12
N ARG A 715 -14.62 -37.11 15.35
CA ARG A 715 -14.69 -37.56 13.96
C ARG A 715 -13.48 -37.19 13.12
N PRO A 716 -12.97 -38.12 12.31
CA PRO A 716 -11.81 -37.83 11.46
C PRO A 716 -12.14 -37.14 10.16
N ASN A 717 -12.20 -35.80 10.15
CA ASN A 717 -12.42 -35.07 8.91
C ASN A 717 -11.42 -35.50 7.84
N GLY A 718 -11.92 -35.75 6.64
CA GLY A 718 -11.10 -36.28 5.57
C GLY A 718 -11.62 -37.62 5.07
N LEU A 719 -11.17 -38.04 3.89
CA LEU A 719 -11.66 -39.27 3.29
C LEU A 719 -10.72 -40.43 3.59
N GLU A 720 -11.19 -41.64 3.33
CA GLU A 720 -10.49 -42.86 3.70
C GLU A 720 -10.09 -43.65 2.46
N ASP A 721 -9.28 -44.67 2.68
CA ASP A 721 -8.65 -45.41 1.59
C ASP A 721 -9.69 -46.09 0.70
N THR A 722 -9.43 -46.09 -0.60
CA THR A 722 -10.27 -46.71 -1.62
C THR A 722 -9.42 -47.57 -2.54
N PRO A 723 -10.02 -48.55 -3.21
CA PRO A 723 -9.28 -49.31 -4.21
C PRO A 723 -8.87 -48.43 -5.39
N MET A 724 -7.76 -48.80 -6.02
CA MET A 724 -7.19 -48.07 -7.13
C MET A 724 -6.59 -49.07 -8.11
N PHE A 725 -6.98 -48.94 -9.37
CA PHE A 725 -6.41 -49.76 -10.43
C PHE A 725 -4.96 -49.38 -10.66
N LYS A 726 -4.12 -50.38 -10.87
CA LYS A 726 -2.69 -50.18 -11.08
C LYS A 726 -2.29 -50.91 -12.35
N VAL A 727 -1.68 -50.18 -13.28
CA VAL A 727 -1.22 -50.75 -14.54
C VAL A 727 0.30 -50.86 -14.49
N ASN A 728 0.80 -52.08 -14.53
CA ASN A 728 2.25 -52.35 -14.51
C ASN A 728 2.70 -52.55 -15.95
N VAL A 729 3.28 -51.53 -16.54
CA VAL A 729 3.84 -51.63 -17.87
C VAL A 729 5.20 -52.32 -17.79
N ASN A 730 5.53 -53.09 -18.82
CA ASN A 730 6.80 -53.80 -18.89
C ASN A 730 7.68 -53.08 -19.91
N ALA A 731 8.61 -52.26 -19.42
CA ALA A 731 9.48 -51.52 -20.32
C ALA A 731 10.37 -52.45 -21.13
N ALA A 732 10.89 -53.51 -20.50
CA ALA A 732 11.86 -54.37 -21.18
C ALA A 732 11.25 -55.04 -22.40
N LYS A 733 10.11 -55.71 -22.24
CA LYS A 733 9.47 -56.39 -23.35
C LYS A 733 9.06 -55.40 -24.44
N ALA A 734 8.47 -54.28 -24.04
CA ALA A 734 7.98 -53.31 -25.02
C ALA A 734 9.12 -52.74 -25.84
N GLU A 735 10.24 -52.38 -25.20
CA GLU A 735 11.36 -51.85 -25.95
C GLU A 735 12.03 -52.94 -26.79
N ALA A 736 12.05 -54.18 -26.28
CA ALA A 736 12.62 -55.27 -27.06
C ALA A 736 11.84 -55.53 -28.34
N MET A 737 10.51 -55.44 -28.29
CA MET A 737 9.66 -55.70 -29.45
C MET A 737 9.22 -54.42 -30.16
N GLY A 738 9.77 -53.27 -29.78
CA GLY A 738 9.75 -52.09 -30.61
C GLY A 738 9.00 -50.88 -30.06
N VAL A 739 8.12 -51.08 -29.09
CA VAL A 739 7.26 -50.01 -28.61
C VAL A 739 7.94 -49.31 -27.44
N ALA A 740 8.13 -48.00 -27.56
CA ALA A 740 8.74 -47.23 -26.49
C ALA A 740 7.78 -47.02 -25.33
N LEU A 741 8.34 -46.91 -24.13
CA LEU A 741 7.53 -46.69 -22.93
C LEU A 741 6.79 -45.36 -22.99
N SER A 742 7.35 -44.36 -23.68
CA SER A 742 6.69 -43.07 -23.79
C SER A 742 5.34 -43.21 -24.48
N ASP A 743 5.28 -43.99 -25.55
CA ASP A 743 4.04 -44.13 -26.30
C ASP A 743 2.96 -44.83 -25.48
N ILE A 744 3.31 -45.88 -24.75
CA ILE A 744 2.34 -46.56 -23.91
C ILE A 744 1.84 -45.64 -22.81
N ASN A 745 2.77 -44.99 -22.10
CA ASN A 745 2.40 -44.09 -21.02
C ASN A 745 1.58 -42.90 -21.51
N GLN A 746 1.76 -42.49 -22.76
CA GLN A 746 0.99 -41.39 -23.33
C GLN A 746 -0.38 -41.83 -23.81
N THR A 747 -0.50 -42.98 -24.48
CA THR A 747 -1.82 -43.42 -24.93
C THR A 747 -2.72 -43.76 -23.76
N ILE A 748 -2.21 -44.45 -22.74
CA ILE A 748 -3.07 -44.73 -21.59
C ILE A 748 -3.56 -43.43 -20.95
N SER A 749 -2.66 -42.48 -20.74
CA SER A 749 -3.02 -41.23 -20.07
C SER A 749 -4.01 -40.42 -20.90
N THR A 750 -3.73 -40.25 -22.19
CA THR A 750 -4.63 -39.49 -23.05
C THR A 750 -5.99 -40.14 -23.15
N ALA A 751 -6.03 -41.46 -23.31
CA ALA A 751 -7.31 -42.15 -23.45
C ALA A 751 -8.14 -42.06 -22.18
N PHE A 752 -7.57 -42.43 -21.04
CA PHE A 752 -8.38 -42.57 -19.84
C PHE A 752 -8.50 -41.29 -19.02
N GLY A 753 -7.67 -40.28 -19.27
CA GLY A 753 -7.64 -39.16 -18.36
C GLY A 753 -7.56 -37.78 -18.99
N SER A 754 -8.08 -37.64 -20.22
CA SER A 754 -8.22 -36.35 -20.87
C SER A 754 -6.87 -35.76 -21.27
N SER A 755 -6.86 -34.88 -22.27
CA SER A 755 -5.61 -34.28 -22.73
C SER A 755 -5.93 -32.96 -23.40
N TYR A 756 -5.74 -31.86 -22.67
CA TYR A 756 -5.92 -30.52 -23.22
C TYR A 756 -4.94 -30.31 -24.37
N VAL A 757 -5.44 -29.79 -25.49
CA VAL A 757 -4.63 -29.67 -26.69
C VAL A 757 -4.29 -28.21 -26.97
N ASN A 758 -5.29 -27.39 -27.27
CA ASN A 758 -5.11 -25.98 -27.53
C ASN A 758 -6.46 -25.28 -27.38
N ASP A 759 -6.54 -24.05 -27.85
CA ASP A 759 -7.76 -23.26 -27.77
C ASP A 759 -8.41 -23.17 -29.14
N PHE A 760 -9.65 -22.67 -29.16
CA PHE A 760 -10.37 -22.45 -30.39
C PHE A 760 -11.42 -21.36 -30.14
N LEU A 761 -11.97 -20.83 -31.22
CA LEU A 761 -12.88 -19.70 -31.15
C LEU A 761 -14.32 -20.19 -31.34
N ASN A 762 -15.18 -19.88 -30.37
CA ASN A 762 -16.59 -20.23 -30.42
C ASN A 762 -17.40 -19.00 -30.07
N GLN A 763 -18.22 -18.53 -31.01
CA GLN A 763 -19.07 -17.37 -30.79
C GLN A 763 -18.27 -16.19 -30.27
N GLY A 764 -17.09 -15.96 -30.83
CA GLY A 764 -16.23 -14.89 -30.38
C GLY A 764 -15.73 -15.06 -28.96
N ARG A 765 -15.35 -16.28 -28.58
CA ARG A 765 -14.85 -16.53 -27.24
C ARG A 765 -13.89 -17.70 -27.30
N VAL A 766 -12.83 -17.64 -26.49
CA VAL A 766 -11.78 -18.66 -26.53
C VAL A 766 -12.16 -19.80 -25.59
N LYS A 767 -12.21 -21.02 -26.13
CA LYS A 767 -12.60 -22.20 -25.39
C LYS A 767 -11.58 -23.31 -25.61
N LYS A 768 -11.46 -24.21 -24.65
CA LYS A 768 -10.46 -25.26 -24.68
C LYS A 768 -10.86 -26.37 -25.66
N VAL A 769 -9.88 -27.17 -26.07
CA VAL A 769 -10.10 -28.36 -26.88
C VAL A 769 -9.47 -29.54 -26.16
N TYR A 770 -10.27 -30.58 -25.92
CA TYR A 770 -9.83 -31.75 -25.19
C TYR A 770 -9.92 -33.00 -26.05
N VAL A 771 -9.10 -34.00 -25.71
CA VAL A 771 -9.12 -35.30 -26.39
C VAL A 771 -9.18 -36.38 -25.32
N GLN A 772 -10.16 -37.26 -25.42
CA GLN A 772 -10.33 -38.36 -24.48
C GLN A 772 -10.89 -39.58 -25.21
N ALA A 773 -10.91 -40.71 -24.52
CA ALA A 773 -11.47 -41.92 -25.08
C ALA A 773 -13.00 -41.88 -25.04
N GLY A 774 -13.61 -42.72 -25.86
CA GLY A 774 -15.05 -42.78 -25.91
C GLY A 774 -15.64 -43.27 -24.60
N THR A 775 -16.89 -42.89 -24.37
CA THR A 775 -17.56 -43.24 -23.12
C THR A 775 -17.59 -44.74 -22.83
N PRO A 776 -17.98 -45.61 -23.78
CA PRO A 776 -18.01 -47.04 -23.45
C PRO A 776 -16.64 -47.69 -23.36
N PHE A 777 -15.57 -47.01 -23.76
CA PHE A 777 -14.24 -47.62 -23.82
C PHE A 777 -13.36 -47.30 -22.62
N ARG A 778 -13.90 -46.66 -21.58
CA ARG A 778 -13.11 -46.37 -20.39
C ARG A 778 -13.94 -46.58 -19.13
N MET A 779 -14.69 -47.68 -19.04
CA MET A 779 -15.53 -47.91 -17.88
C MET A 779 -15.31 -49.26 -17.21
N LEU A 780 -14.37 -50.07 -17.66
CA LEU A 780 -14.17 -51.38 -17.07
C LEU A 780 -12.69 -51.73 -17.08
N PRO A 781 -12.25 -52.56 -16.14
CA PRO A 781 -10.86 -53.04 -16.19
C PRO A 781 -10.56 -53.84 -17.45
N ASP A 782 -11.56 -54.48 -18.04
CA ASP A 782 -11.39 -55.23 -19.27
C ASP A 782 -11.39 -54.34 -20.51
N ASN A 783 -11.35 -53.02 -20.33
CA ASN A 783 -11.24 -52.11 -21.46
C ASN A 783 -9.79 -51.79 -21.82
N ILE A 784 -8.89 -51.88 -20.85
CA ILE A 784 -7.48 -51.59 -21.12
C ILE A 784 -6.93 -52.51 -22.19
N ASN A 785 -7.33 -53.78 -22.17
CA ASN A 785 -6.93 -54.67 -23.25
C ASN A 785 -7.84 -54.44 -24.45
N GLN A 786 -7.97 -53.17 -24.85
CA GLN A 786 -8.70 -52.80 -26.05
C GLN A 786 -7.97 -51.73 -26.85
N TRP A 787 -6.80 -51.28 -26.41
CA TRP A 787 -6.05 -50.21 -27.04
C TRP A 787 -4.76 -50.77 -27.64
N TYR A 788 -4.28 -50.13 -28.71
CA TYR A 788 -3.13 -50.62 -29.44
C TYR A 788 -2.10 -49.52 -29.59
N VAL A 789 -0.83 -49.92 -29.63
CA VAL A 789 0.28 -48.97 -29.75
C VAL A 789 1.17 -49.41 -30.90
N ARG A 790 1.85 -48.44 -31.50
CA ARG A 790 2.57 -48.64 -32.74
C ARG A 790 4.04 -48.89 -32.47
N ASN A 791 4.61 -49.88 -33.16
CA ASN A 791 6.05 -50.13 -33.08
C ASN A 791 6.80 -49.06 -33.87
N ALA A 792 8.11 -49.25 -34.02
CA ALA A 792 8.90 -48.36 -34.86
C ALA A 792 8.71 -48.63 -36.33
N SER A 793 8.16 -49.78 -36.70
CA SER A 793 8.00 -50.18 -38.09
C SER A 793 6.58 -49.96 -38.61
N GLY A 794 5.72 -49.32 -37.84
CA GLY A 794 4.37 -49.01 -38.27
C GLY A 794 3.31 -50.02 -37.89
N THR A 795 3.71 -51.22 -37.44
CA THR A 795 2.73 -52.21 -37.03
C THR A 795 2.10 -51.81 -35.71
N MET A 796 0.93 -52.39 -35.42
CA MET A 796 0.21 -52.11 -34.19
C MET A 796 0.13 -53.37 -33.34
N ALA A 797 0.37 -53.22 -32.05
CA ALA A 797 0.37 -54.33 -31.11
C ALA A 797 -0.51 -54.00 -29.92
N PRO A 798 -1.15 -55.00 -29.32
CA PRO A 798 -2.11 -54.73 -28.25
C PRO A 798 -1.44 -54.20 -27.00
N LEU A 799 -2.23 -53.50 -26.19
CA LEU A 799 -1.75 -52.98 -24.92
C LEU A 799 -1.60 -54.07 -23.87
N SER A 800 -2.27 -55.21 -24.05
CA SER A 800 -2.22 -56.28 -23.08
C SER A 800 -0.95 -57.11 -23.16
N ALA A 801 -0.22 -57.03 -24.27
CA ALA A 801 1.01 -57.80 -24.43
C ALA A 801 2.14 -57.28 -23.55
N TYR A 802 1.98 -56.11 -22.95
CA TYR A 802 3.01 -55.50 -22.11
C TYR A 802 2.58 -55.35 -20.67
N SER A 803 1.37 -54.85 -20.44
CA SER A 803 0.95 -54.37 -19.14
C SER A 803 0.16 -55.43 -18.39
N SER A 804 0.27 -55.37 -17.06
CA SER A 804 -0.50 -56.20 -16.14
C SER A 804 -1.35 -55.30 -15.26
N THR A 805 -2.30 -55.90 -14.54
CA THR A 805 -3.26 -55.14 -13.75
C THR A 805 -3.26 -55.61 -12.31
N GLU A 806 -3.41 -54.64 -11.39
CA GLU A 806 -3.53 -54.89 -9.96
C GLU A 806 -4.62 -53.98 -9.40
N TRP A 807 -5.02 -54.26 -8.16
CA TRP A 807 -6.16 -53.60 -7.52
C TRP A 807 -5.73 -53.02 -6.18
N THR A 808 -4.67 -52.21 -6.20
CA THR A 808 -4.00 -51.75 -5.00
C THR A 808 -4.94 -50.84 -4.19
N TYR A 809 -4.53 -50.45 -2.99
CA TYR A 809 -5.29 -49.52 -2.16
C TYR A 809 -4.57 -48.19 -2.11
N GLY A 810 -5.33 -47.09 -2.11
CA GLY A 810 -4.72 -45.77 -2.09
C GLY A 810 -5.67 -44.74 -1.54
N SER A 811 -5.15 -43.53 -1.36
CA SER A 811 -5.97 -42.48 -0.75
C SER A 811 -6.56 -41.56 -1.82
N PRO A 812 -7.82 -41.15 -1.64
CA PRO A 812 -8.46 -40.27 -2.62
C PRO A 812 -8.36 -38.78 -2.31
N ARG A 813 -7.85 -38.41 -1.14
CA ARG A 813 -7.69 -37.00 -0.79
C ARG A 813 -6.59 -36.90 0.25
N LEU A 814 -5.41 -36.48 -0.19
CA LEU A 814 -4.28 -36.27 0.71
C LEU A 814 -4.35 -34.86 1.29
N GLU A 815 -3.75 -34.68 2.46
CA GLU A 815 -3.79 -33.38 3.13
C GLU A 815 -2.49 -33.15 3.87
N ARG A 816 -2.00 -31.91 3.81
CA ARG A 816 -0.77 -31.51 4.48
C ARG A 816 -1.01 -30.20 5.22
N TYR A 817 -0.23 -29.98 6.28
CA TYR A 817 -0.37 -28.79 7.09
C TYR A 817 1.02 -28.25 7.41
N ASN A 818 1.28 -27.01 6.99
CA ASN A 818 2.57 -26.35 7.18
C ASN A 818 3.71 -27.15 6.55
N GLY A 819 3.43 -27.83 5.45
CA GLY A 819 4.42 -28.65 4.79
C GLY A 819 4.60 -30.04 5.39
N ILE A 820 3.75 -30.44 6.32
CA ILE A 820 3.86 -31.73 7.00
C ILE A 820 2.55 -32.48 6.79
N PRO A 821 2.59 -33.77 6.45
CA PRO A 821 1.34 -34.52 6.25
C PRO A 821 0.52 -34.61 7.52
N SER A 822 -0.70 -34.11 7.45
CA SER A 822 -1.59 -34.00 8.61
C SER A 822 -2.80 -34.92 8.42
N MET A 823 -3.72 -34.84 9.38
CA MET A 823 -4.92 -35.67 9.37
C MET A 823 -6.22 -34.94 9.69
N GLU A 824 -6.17 -33.79 10.37
CA GLU A 824 -7.35 -32.96 10.62
C GLU A 824 -8.42 -33.72 11.41
N ILE A 825 -8.09 -34.00 12.67
CA ILE A 825 -9.03 -34.59 13.61
C ILE A 825 -9.75 -33.44 14.31
N LEU A 826 -11.06 -33.35 14.13
CA LEU A 826 -11.84 -32.30 14.76
C LEU A 826 -12.83 -32.90 15.75
N GLY A 827 -12.97 -32.25 16.91
CA GLY A 827 -13.75 -32.81 17.99
C GLY A 827 -14.55 -31.74 18.72
N GLU A 828 -15.31 -32.19 19.72
CA GLU A 828 -16.14 -31.32 20.55
C GLU A 828 -15.96 -31.69 22.01
N ALA A 829 -16.17 -30.71 22.88
CA ALA A 829 -16.05 -30.92 24.32
C ALA A 829 -17.35 -31.52 24.88
N ALA A 830 -17.21 -32.27 25.98
CA ALA A 830 -18.30 -33.04 26.56
C ALA A 830 -18.92 -32.26 27.71
N ALA A 831 -20.22 -31.97 27.58
CA ALA A 831 -21.00 -31.29 28.61
C ALA A 831 -20.33 -29.99 29.05
N GLY A 832 -20.32 -29.74 30.36
CA GLY A 832 -19.67 -28.57 30.90
C GLY A 832 -18.20 -28.81 31.21
N LYS A 833 -17.40 -28.96 30.16
CA LYS A 833 -15.97 -29.17 30.30
C LYS A 833 -15.14 -28.13 29.56
N SER A 834 -15.78 -27.17 28.88
CA SER A 834 -15.09 -26.07 28.22
C SER A 834 -14.14 -26.54 27.11
N THR A 835 -13.61 -25.60 26.34
CA THR A 835 -12.65 -25.96 25.30
C THR A 835 -11.28 -26.28 25.89
N GLY A 836 -10.86 -25.53 26.91
CA GLY A 836 -9.51 -25.65 27.41
C GLY A 836 -9.18 -27.05 27.88
N ASP A 837 -10.10 -27.68 28.61
CA ASP A 837 -9.86 -29.06 29.02
C ASP A 837 -9.84 -30.02 27.84
N ALA A 838 -10.60 -29.72 26.78
CA ALA A 838 -10.55 -30.57 25.59
C ALA A 838 -9.19 -30.50 24.93
N MET A 839 -8.65 -29.29 24.73
CA MET A 839 -7.36 -29.16 24.07
C MET A 839 -6.20 -29.40 25.02
N LYS A 840 -6.48 -29.58 26.31
CA LYS A 840 -5.48 -30.11 27.23
C LYS A 840 -5.50 -31.63 27.31
N PHE A 841 -6.65 -32.28 27.16
CA PHE A 841 -6.71 -33.74 27.13
C PHE A 841 -6.25 -34.32 25.79
N MET A 842 -6.50 -33.62 24.68
CA MET A 842 -6.00 -34.10 23.39
C MET A 842 -4.47 -34.10 23.36
N ALA A 843 -3.86 -33.07 23.93
CA ALA A 843 -2.45 -33.16 24.28
C ALA A 843 -2.28 -34.09 25.47
N ASP A 844 -1.10 -34.71 25.56
CA ASP A 844 -0.79 -35.72 26.56
C ASP A 844 -1.53 -37.02 26.26
N LEU A 845 -2.44 -36.96 25.28
CA LEU A 845 -2.98 -38.14 24.61
C LEU A 845 -2.32 -38.38 23.27
N VAL A 846 -2.01 -37.29 22.55
CA VAL A 846 -1.14 -37.39 21.38
C VAL A 846 0.23 -37.91 21.80
N ALA A 847 0.68 -37.56 23.01
CA ALA A 847 1.99 -37.99 23.48
C ALA A 847 2.06 -39.50 23.66
N LYS A 848 0.93 -40.17 23.83
CA LYS A 848 0.92 -41.62 23.98
C LYS A 848 0.90 -42.35 22.64
N LEU A 849 0.86 -41.63 21.53
CA LEU A 849 0.90 -42.22 20.20
C LEU A 849 2.32 -42.62 19.84
N PRO A 850 2.50 -43.45 18.81
CA PRO A 850 3.85 -43.86 18.39
C PRO A 850 4.82 -42.68 18.22
N ALA A 851 6.11 -42.96 18.37
CA ALA A 851 7.10 -41.88 18.36
C ALA A 851 7.21 -41.27 16.97
N GLY A 852 7.13 -39.94 16.91
CA GLY A 852 7.28 -39.19 15.67
C GLY A 852 6.17 -38.18 15.43
N VAL A 853 4.94 -38.51 15.80
CA VAL A 853 3.78 -37.70 15.43
C VAL A 853 3.63 -36.55 16.42
N GLY A 854 3.23 -35.39 15.90
CA GLY A 854 2.92 -34.23 16.71
C GLY A 854 1.53 -33.69 16.40
N TYR A 855 1.15 -32.66 17.15
CA TYR A 855 -0.18 -32.09 17.04
C TYR A 855 -0.08 -30.59 16.81
N SER A 856 -1.12 -30.03 16.20
CA SER A 856 -1.18 -28.59 16.02
C SER A 856 -2.63 -28.13 15.94
N TRP A 857 -2.95 -27.04 16.64
CA TRP A 857 -4.29 -26.47 16.62
C TRP A 857 -4.42 -25.47 15.50
N THR A 858 -5.56 -25.49 14.81
CA THR A 858 -5.76 -24.66 13.64
C THR A 858 -7.17 -24.09 13.61
N GLY A 859 -7.30 -22.92 12.99
CA GLY A 859 -8.59 -22.37 12.64
C GLY A 859 -9.39 -21.83 13.81
N LEU A 860 -9.88 -22.73 14.64
CA LEU A 860 -10.75 -22.38 15.76
C LEU A 860 -10.01 -22.27 17.08
N SER A 861 -9.09 -23.19 17.34
CA SER A 861 -8.35 -23.23 18.59
C SER A 861 -7.06 -22.41 18.54
N TYR A 862 -6.61 -22.01 17.35
CA TYR A 862 -5.36 -21.27 17.24
C TYR A 862 -5.42 -19.97 18.03
N GLN A 863 -6.52 -19.21 17.88
CA GLN A 863 -6.64 -17.96 18.59
C GLN A 863 -6.61 -18.17 20.11
N GLU A 864 -6.92 -19.39 20.56
CA GLU A 864 -6.95 -19.71 21.97
C GLU A 864 -5.70 -20.45 22.43
N ALA A 865 -4.67 -20.51 21.58
CA ALA A 865 -3.43 -21.17 21.92
C ALA A 865 -2.23 -20.22 21.93
N LEU A 866 -2.44 -18.92 21.74
CA LEU A 866 -1.35 -17.95 21.71
C LEU A 866 -1.54 -16.76 22.63
N SER A 867 -2.77 -16.35 22.94
CA SER A 867 -3.00 -15.19 23.79
C SER A 867 -4.36 -15.37 24.47
N SER A 868 -4.33 -15.81 25.72
CA SER A 868 -5.55 -16.07 26.49
C SER A 868 -5.75 -15.12 27.65
N ASN A 869 -4.68 -14.59 28.23
CA ASN A 869 -4.79 -13.62 29.31
C ASN A 869 -5.06 -12.21 28.79
N GLN A 870 -5.53 -12.08 27.55
CA GLN A 870 -5.83 -10.78 26.98
C GLN A 870 -7.20 -10.28 27.41
N ALA A 871 -7.98 -11.09 28.12
CA ALA A 871 -9.28 -10.64 28.60
C ALA A 871 -9.21 -9.84 29.90
N PRO A 872 -8.61 -10.37 30.99
CA PRO A 872 -8.79 -9.71 32.29
C PRO A 872 -7.82 -8.59 32.60
N ALA A 873 -6.68 -8.50 31.89
CA ALA A 873 -5.73 -7.44 32.19
C ALA A 873 -6.35 -6.07 31.99
N LEU A 874 -7.04 -5.86 30.87
CA LEU A 874 -7.68 -4.58 30.64
C LEU A 874 -8.92 -4.37 31.51
N TYR A 875 -9.57 -5.43 31.97
CA TYR A 875 -10.69 -5.23 32.89
C TYR A 875 -10.22 -4.97 34.31
N ALA A 876 -8.95 -5.21 34.61
CA ALA A 876 -8.36 -4.69 35.84
C ALA A 876 -7.86 -3.26 35.65
N ILE A 877 -7.29 -2.99 34.47
CA ILE A 877 -6.87 -1.62 34.15
C ILE A 877 -8.06 -0.67 34.17
N SER A 878 -9.22 -1.15 33.72
CA SER A 878 -10.43 -0.34 33.77
C SER A 878 -10.80 0.02 35.21
N LEU A 879 -10.67 -0.95 36.12
CA LEU A 879 -10.93 -0.66 37.53
C LEU A 879 -9.97 0.39 38.06
N VAL A 880 -8.68 0.26 37.73
CA VAL A 880 -7.71 1.25 38.22
C VAL A 880 -8.04 2.63 37.68
N VAL A 881 -8.35 2.71 36.38
CA VAL A 881 -8.63 4.01 35.76
C VAL A 881 -9.90 4.63 36.35
N VAL A 882 -10.93 3.81 36.56
CA VAL A 882 -12.19 4.35 37.09
C VAL A 882 -11.99 4.81 38.53
N PHE A 883 -11.20 4.06 39.31
CA PHE A 883 -10.86 4.51 40.65
C PHE A 883 -10.18 5.86 40.63
N LEU A 884 -9.22 6.04 39.72
CA LEU A 884 -8.52 7.32 39.64
C LEU A 884 -9.47 8.44 39.24
N ALA A 885 -10.36 8.18 38.27
CA ALA A 885 -11.30 9.20 37.84
C ALA A 885 -12.23 9.60 38.97
N LEU A 886 -12.73 8.61 39.73
CA LEU A 886 -13.61 8.90 40.85
C LEU A 886 -12.87 9.66 41.95
N ALA A 887 -11.62 9.30 42.21
CA ALA A 887 -10.85 10.04 43.21
C ALA A 887 -10.66 11.48 42.79
N ALA A 888 -10.44 11.71 41.49
CA ALA A 888 -10.34 13.08 41.00
C ALA A 888 -11.67 13.82 41.14
N LEU A 889 -12.79 13.12 40.89
CA LEU A 889 -14.09 13.76 40.98
C LEU A 889 -14.43 14.14 42.42
N TYR A 890 -14.26 13.22 43.36
CA TYR A 890 -14.66 13.46 44.74
C TYR A 890 -13.55 14.09 45.57
N GLU A 891 -12.35 14.24 45.03
CA GLU A 891 -11.22 14.84 45.75
C GLU A 891 -10.96 14.14 47.08
N SER A 892 -11.06 12.81 47.07
CA SER A 892 -10.69 12.01 48.21
C SER A 892 -10.39 10.59 47.74
N TRP A 893 -9.66 9.85 48.58
CA TRP A 893 -9.20 8.52 48.20
C TRP A 893 -10.11 7.39 48.64
N SER A 894 -10.94 7.61 49.67
CA SER A 894 -11.79 6.56 50.19
C SER A 894 -13.17 6.53 49.56
N ILE A 895 -13.66 7.68 49.08
CA ILE A 895 -15.00 7.74 48.51
C ILE A 895 -15.22 6.76 47.35
N PRO A 896 -14.30 6.62 46.39
CA PRO A 896 -14.61 5.76 45.23
C PRO A 896 -14.90 4.30 45.57
N PHE A 897 -14.49 3.82 46.74
CA PHE A 897 -14.81 2.44 47.11
C PHE A 897 -16.32 2.23 47.18
N SER A 898 -17.06 3.20 47.70
CA SER A 898 -18.51 3.10 47.65
C SER A 898 -19.06 3.71 46.37
N VAL A 899 -18.41 3.43 45.25
CA VAL A 899 -19.01 3.52 43.93
C VAL A 899 -18.60 2.24 43.21
N MET A 900 -17.46 1.67 43.61
CA MET A 900 -17.06 0.37 43.10
C MET A 900 -17.84 -0.78 43.69
N LEU A 901 -18.26 -0.67 44.95
CA LEU A 901 -18.94 -1.82 45.55
C LEU A 901 -20.34 -2.06 44.98
N VAL A 902 -20.76 -1.35 43.93
CA VAL A 902 -22.11 -1.47 43.38
C VAL A 902 -22.18 -2.31 42.11
N VAL A 903 -21.05 -2.53 41.43
CA VAL A 903 -21.06 -3.27 40.17
C VAL A 903 -21.53 -4.72 40.34
N PRO A 904 -21.14 -5.47 41.38
CA PRO A 904 -21.64 -6.85 41.49
C PRO A 904 -23.14 -6.92 41.65
N LEU A 905 -23.76 -5.85 42.16
CA LEU A 905 -25.20 -5.82 42.31
C LEU A 905 -25.90 -5.96 40.97
N GLY A 906 -25.38 -5.29 39.94
CA GLY A 906 -25.90 -5.48 38.60
C GLY A 906 -25.42 -6.76 37.94
N VAL A 907 -24.19 -7.17 38.24
CA VAL A 907 -23.66 -8.39 37.62
C VAL A 907 -24.53 -9.58 37.99
N VAL A 908 -24.84 -9.74 39.28
CA VAL A 908 -25.57 -10.91 39.74
C VAL A 908 -26.99 -10.90 39.17
N GLY A 909 -27.60 -9.72 39.07
CA GLY A 909 -28.93 -9.65 38.52
C GLY A 909 -28.99 -10.01 37.04
N ALA A 910 -28.04 -9.50 36.26
CA ALA A 910 -27.97 -9.89 34.86
C ALA A 910 -27.72 -11.40 34.73
N LEU A 911 -26.83 -11.94 35.56
CA LEU A 911 -26.53 -13.36 35.51
C LEU A 911 -27.76 -14.18 35.80
N LEU A 912 -28.55 -13.81 36.81
CA LEU A 912 -29.77 -14.55 37.12
C LEU A 912 -30.77 -14.44 35.99
N ALA A 913 -31.03 -13.23 35.50
CA ALA A 913 -32.04 -13.02 34.47
C ALA A 913 -31.68 -13.77 33.20
N THR A 914 -30.38 -13.97 32.93
CA THR A 914 -30.00 -14.75 31.76
C THR A 914 -30.05 -16.25 32.02
N ASP A 915 -29.43 -16.69 33.12
CA ASP A 915 -29.27 -18.12 33.36
C ASP A 915 -30.62 -18.80 33.59
N LEU A 916 -31.55 -18.12 34.25
CA LEU A 916 -32.85 -18.73 34.55
C LEU A 916 -33.88 -18.51 33.45
N ARG A 917 -33.43 -18.31 32.20
CA ARG A 917 -34.33 -18.17 31.07
C ARG A 917 -33.93 -18.98 29.85
N GLY A 918 -32.66 -19.36 29.70
CA GLY A 918 -32.27 -20.21 28.60
C GLY A 918 -31.23 -19.64 27.65
N LEU A 919 -30.34 -18.78 28.16
CA LEU A 919 -29.27 -18.19 27.36
C LEU A 919 -27.91 -18.57 27.94
N SER A 920 -26.87 -17.93 27.42
CA SER A 920 -25.49 -18.30 27.68
C SER A 920 -24.66 -17.03 27.71
N ASN A 921 -23.33 -17.18 27.55
CA ASN A 921 -22.38 -16.07 27.69
C ASN A 921 -22.03 -15.45 26.35
N ASP A 922 -23.01 -15.33 25.45
CA ASP A 922 -22.83 -14.71 24.14
C ASP A 922 -22.23 -13.31 24.24
N VAL A 923 -21.74 -12.79 23.10
CA VAL A 923 -21.16 -11.47 23.08
C VAL A 923 -22.19 -10.41 23.46
N TYR A 924 -23.43 -10.58 22.99
CA TYR A 924 -24.48 -9.65 23.36
C TYR A 924 -24.69 -9.60 24.87
N PHE A 925 -24.57 -10.74 25.54
CA PHE A 925 -24.64 -10.74 26.99
C PHE A 925 -23.53 -9.91 27.59
N GLN A 926 -22.31 -10.01 27.05
CA GLN A 926 -21.20 -9.24 27.59
C GLN A 926 -21.43 -7.74 27.43
N VAL A 927 -21.89 -7.32 26.25
CA VAL A 927 -22.09 -5.88 26.04
C VAL A 927 -23.25 -5.37 26.89
N GLY A 928 -24.32 -6.16 27.04
CA GLY A 928 -25.40 -5.76 27.92
C GLY A 928 -24.95 -5.68 29.37
N LEU A 929 -24.09 -6.61 29.79
CA LEU A 929 -23.56 -6.57 31.14
C LEU A 929 -22.75 -5.31 31.37
N LEU A 930 -21.91 -4.93 30.41
CA LEU A 930 -21.14 -3.71 30.58
C LEU A 930 -22.03 -2.47 30.59
N THR A 931 -23.10 -2.48 29.79
CA THR A 931 -24.03 -1.35 29.83
C THR A 931 -24.70 -1.24 31.19
N THR A 932 -25.14 -2.36 31.76
CA THR A 932 -25.75 -2.32 33.08
C THR A 932 -24.74 -1.90 34.15
N ILE A 933 -23.49 -2.34 34.01
CA ILE A 933 -22.44 -1.91 34.93
C ILE A 933 -22.28 -0.40 34.87
N GLY A 934 -22.24 0.14 33.66
CA GLY A 934 -22.11 1.58 33.51
C GLY A 934 -23.26 2.34 34.12
N LEU A 935 -24.48 1.85 33.93
CA LEU A 935 -25.64 2.53 34.48
C LEU A 935 -25.65 2.49 36.01
N SER A 936 -25.31 1.33 36.59
CA SER A 936 -25.25 1.24 38.05
C SER A 936 -24.17 2.16 38.60
N ALA A 937 -23.02 2.21 37.94
CA ALA A 937 -21.96 3.11 38.37
C ALA A 937 -22.41 4.56 38.29
N LYS A 938 -23.13 4.92 37.23
CA LYS A 938 -23.62 6.29 37.09
C LYS A 938 -24.60 6.63 38.21
N ASN A 939 -25.52 5.73 38.52
CA ASN A 939 -26.48 6.00 39.59
C ASN A 939 -25.78 6.18 40.93
N ALA A 940 -24.84 5.29 41.25
CA ALA A 940 -24.09 5.43 42.50
C ALA A 940 -23.29 6.73 42.52
N ILE A 941 -22.66 7.08 41.39
CA ILE A 941 -21.88 8.30 41.30
C ILE A 941 -22.77 9.50 41.59
N LEU A 942 -23.97 9.52 41.02
CA LEU A 942 -24.82 10.69 41.16
C LEU A 942 -25.42 10.79 42.56
N ILE A 943 -25.66 9.67 43.24
CA ILE A 943 -26.06 9.76 44.64
C ILE A 943 -24.92 10.31 45.48
N VAL A 944 -23.72 9.73 45.33
CA VAL A 944 -22.60 10.12 46.16
C VAL A 944 -22.16 11.54 45.88
N GLU A 945 -22.38 12.05 44.67
CA GLU A 945 -22.01 13.42 44.35
C GLU A 945 -22.80 14.41 45.21
N PHE A 946 -24.12 14.23 45.27
CA PHE A 946 -24.94 15.07 46.13
C PHE A 946 -24.57 14.89 47.59
N ALA A 947 -24.30 13.65 48.00
CA ALA A 947 -23.93 13.42 49.39
C ALA A 947 -22.64 14.17 49.75
N VAL A 948 -21.64 14.10 48.89
CA VAL A 948 -20.35 14.74 49.16
C VAL A 948 -20.48 16.26 49.09
N GLU A 949 -21.28 16.77 48.15
CA GLU A 949 -21.52 18.20 48.10
C GLU A 949 -22.16 18.69 49.38
N MET A 950 -23.12 17.94 49.91
CA MET A 950 -23.72 18.31 51.19
C MET A 950 -22.68 18.27 52.31
N MET A 951 -21.87 17.22 52.34
CA MET A 951 -20.83 17.14 53.37
C MET A 951 -19.84 18.29 53.33
N GLN A 952 -19.44 18.73 52.13
CA GLN A 952 -18.35 19.69 51.99
C GLN A 952 -18.82 21.13 51.84
N LYS A 953 -20.11 21.37 51.65
CA LYS A 953 -20.59 22.73 51.44
C LYS A 953 -21.53 23.19 52.55
N GLU A 954 -22.58 22.44 52.85
CA GLU A 954 -23.54 22.78 53.91
C GLU A 954 -23.34 21.73 55.00
N GLY A 955 -22.62 22.10 56.06
CA GLY A 955 -22.18 21.20 57.10
C GLY A 955 -23.22 20.20 57.58
N LYS A 956 -22.89 18.92 57.51
CA LYS A 956 -23.82 17.85 57.88
C LYS A 956 -23.01 16.65 58.37
N THR A 957 -23.72 15.57 58.68
CA THR A 957 -23.14 14.34 59.16
C THR A 957 -23.21 13.27 58.07
N PRO A 958 -22.34 12.25 58.09
CA PRO A 958 -22.28 11.29 56.97
C PRO A 958 -23.57 10.52 56.70
N ILE A 959 -24.51 10.53 57.63
CA ILE A 959 -25.77 9.83 57.47
C ILE A 959 -26.88 10.78 57.02
N GLU A 960 -26.99 11.94 57.66
CA GLU A 960 -28.04 12.89 57.33
C GLU A 960 -27.88 13.40 55.90
N ALA A 961 -26.64 13.50 55.41
CA ALA A 961 -26.43 13.92 54.03
C ALA A 961 -26.78 12.81 53.05
N ILE A 962 -26.38 11.57 53.33
CA ILE A 962 -26.59 10.49 52.38
C ILE A 962 -28.07 10.17 52.25
N ILE A 963 -28.83 10.23 53.35
CA ILE A 963 -30.26 9.95 53.24
C ILE A 963 -30.94 11.00 52.37
N GLU A 964 -30.59 12.27 52.55
CA GLU A 964 -31.17 13.33 51.75
C GLU A 964 -30.78 13.17 50.27
N ALA A 965 -29.53 12.79 50.02
CA ALA A 965 -29.11 12.57 48.64
C ALA A 965 -29.90 11.44 47.99
N ALA A 966 -30.11 10.35 48.72
CA ALA A 966 -30.90 9.24 48.18
C ALA A 966 -32.33 9.67 47.91
N ARG A 967 -32.92 10.44 48.82
CA ARG A 967 -34.29 10.90 48.61
C ARG A 967 -34.37 11.78 47.37
N MET A 968 -33.38 12.67 47.18
CA MET A 968 -33.37 13.53 46.01
C MET A 968 -33.22 12.73 44.73
N ARG A 969 -32.39 11.68 44.75
CA ARG A 969 -32.08 10.93 43.54
C ARG A 969 -33.00 9.74 43.31
N LEU A 970 -33.98 9.52 44.19
CA LEU A 970 -34.94 8.42 43.98
C LEU A 970 -35.63 8.52 42.63
N ARG A 971 -36.21 9.68 42.31
CA ARG A 971 -37.01 9.80 41.10
C ARG A 971 -36.21 9.57 39.82
N PRO A 972 -35.04 10.20 39.61
CA PRO A 972 -34.32 9.96 38.34
C PRO A 972 -33.96 8.51 38.12
N ILE A 973 -33.53 7.79 39.17
CA ILE A 973 -33.21 6.38 39.01
C ILE A 973 -34.45 5.58 38.63
N LEU A 974 -35.56 5.80 39.33
CA LEU A 974 -36.78 5.07 39.03
C LEU A 974 -37.35 5.44 37.67
N MET A 975 -36.97 6.58 37.11
CA MET A 975 -37.43 6.95 35.79
C MET A 975 -36.56 6.34 34.70
N THR A 976 -35.24 6.53 34.78
CA THR A 976 -34.34 5.96 33.77
C THR A 976 -34.40 4.45 33.76
N SER A 977 -34.38 3.81 34.94
CA SER A 977 -34.38 2.36 34.98
C SER A 977 -35.66 1.79 34.41
N LEU A 978 -36.81 2.39 34.76
CA LEU A 978 -38.08 1.91 34.24
C LEU A 978 -38.15 2.09 32.72
N ALA A 979 -37.68 3.24 32.23
CA ALA A 979 -37.69 3.48 30.79
C ALA A 979 -36.81 2.49 30.05
N PHE A 980 -35.60 2.23 30.57
CA PHE A 980 -34.71 1.29 29.93
C PHE A 980 -35.26 -0.13 29.96
N ILE A 981 -35.87 -0.53 31.08
CA ILE A 981 -36.44 -1.86 31.17
C ILE A 981 -37.58 -2.02 30.18
N LEU A 982 -38.46 -1.01 30.08
CA LEU A 982 -39.57 -1.12 29.14
C LEU A 982 -39.09 -1.08 27.69
N GLY A 983 -38.01 -0.35 27.41
CA GLY A 983 -37.53 -0.25 26.03
C GLY A 983 -37.08 -1.58 25.47
N VAL A 984 -36.32 -2.36 26.27
CA VAL A 984 -35.84 -3.66 25.82
C VAL A 984 -36.84 -4.77 26.07
N LEU A 985 -38.03 -4.45 26.58
CA LEU A 985 -39.02 -5.49 26.87
C LEU A 985 -39.48 -6.24 25.62
N PRO A 986 -39.85 -5.59 24.51
CA PRO A 986 -40.26 -6.36 23.33
C PRO A 986 -39.15 -7.21 22.74
N LEU A 987 -37.89 -6.88 23.01
CA LEU A 987 -36.79 -7.71 22.51
C LEU A 987 -36.85 -9.10 23.12
N VAL A 988 -37.17 -9.19 24.41
CA VAL A 988 -37.22 -10.48 25.08
C VAL A 988 -38.35 -11.35 24.52
N ILE A 989 -39.48 -10.72 24.17
CA ILE A 989 -40.64 -11.47 23.73
C ILE A 989 -40.63 -11.79 22.23
N SER A 990 -39.74 -11.19 21.46
CA SER A 990 -39.71 -11.42 20.02
C SER A 990 -39.28 -12.85 19.70
N HIS A 991 -39.86 -13.40 18.64
CA HIS A 991 -39.48 -14.75 18.21
C HIS A 991 -39.37 -14.88 16.69
N GLY A 992 -39.40 -13.79 15.94
CA GLY A 992 -39.33 -13.81 14.49
C GLY A 992 -37.91 -13.90 13.98
N ALA A 993 -37.68 -13.28 12.82
CA ALA A 993 -36.34 -13.24 12.25
C ALA A 993 -35.42 -12.40 13.11
N GLY A 994 -34.20 -12.87 13.30
CA GLY A 994 -33.27 -12.22 14.19
C GLY A 994 -33.67 -12.26 15.65
N SER A 995 -34.30 -13.36 16.07
CA SER A 995 -34.80 -13.44 17.45
C SER A 995 -33.67 -13.68 18.44
N GLY A 996 -32.65 -14.44 18.05
CA GLY A 996 -31.59 -14.79 18.99
C GLY A 996 -30.85 -13.58 19.50
N ALA A 997 -30.44 -12.69 18.58
CA ALA A 997 -29.75 -11.48 18.99
C ALA A 997 -30.64 -10.59 19.83
N GLN A 998 -31.93 -10.50 19.47
CA GLN A 998 -32.87 -9.69 20.25
C GLN A 998 -32.97 -10.22 21.67
N ASN A 999 -33.18 -11.53 21.83
CA ASN A 999 -33.27 -12.10 23.17
C ASN A 999 -31.97 -11.92 23.94
N ALA A 1000 -30.84 -12.01 23.27
CA ALA A 1000 -29.55 -11.85 23.95
C ALA A 1000 -29.37 -10.43 24.46
N VAL A 1001 -29.67 -9.42 23.63
CA VAL A 1001 -29.58 -8.03 24.08
C VAL A 1001 -30.78 -7.62 24.91
N GLY A 1002 -31.74 -8.52 25.12
CA GLY A 1002 -32.92 -8.33 25.93
C GLY A 1002 -32.72 -8.93 27.30
N THR A 1003 -33.09 -10.20 27.46
CA THR A 1003 -33.18 -10.88 28.75
C THR A 1003 -32.06 -10.52 29.74
N GLY A 1004 -30.85 -10.30 29.25
CA GLY A 1004 -29.77 -9.88 30.12
C GLY A 1004 -30.02 -8.53 30.77
N VAL A 1005 -30.08 -7.48 29.95
CA VAL A 1005 -30.27 -6.13 30.46
C VAL A 1005 -31.60 -6.01 31.18
N MET A 1006 -32.64 -6.62 30.63
CA MET A 1006 -33.92 -6.66 31.32
C MET A 1006 -33.81 -7.62 32.50
N GLY A 1007 -33.42 -7.08 33.65
CA GLY A 1007 -33.15 -7.86 34.83
C GLY A 1007 -31.83 -7.46 35.46
N GLY A 1008 -30.80 -7.23 34.63
CA GLY A 1008 -29.62 -6.56 35.14
C GLY A 1008 -29.94 -5.16 35.61
N MET A 1009 -30.74 -4.43 34.82
CA MET A 1009 -31.17 -3.10 35.21
C MET A 1009 -32.01 -3.13 36.47
N PHE A 1010 -32.92 -4.10 36.59
CA PHE A 1010 -33.81 -4.14 37.75
C PHE A 1010 -33.02 -4.42 39.03
N ALA A 1011 -32.18 -5.45 39.01
CA ALA A 1011 -31.36 -5.73 40.19
C ALA A 1011 -30.44 -4.56 40.49
N ALA A 1012 -29.85 -3.95 39.47
CA ALA A 1012 -28.96 -2.82 39.68
C ALA A 1012 -29.68 -1.68 40.38
N THR A 1013 -30.85 -1.28 39.88
CA THR A 1013 -31.54 -0.13 40.48
C THR A 1013 -31.99 -0.43 41.89
N VAL A 1014 -32.64 -1.58 42.12
CA VAL A 1014 -33.16 -1.85 43.45
C VAL A 1014 -32.03 -1.95 44.46
N LEU A 1015 -31.02 -2.78 44.14
CA LEU A 1015 -29.93 -2.99 45.10
C LEU A 1015 -29.08 -1.75 45.26
N ALA A 1016 -28.93 -0.93 44.22
CA ALA A 1016 -28.15 0.30 44.35
C ALA A 1016 -28.85 1.28 45.28
N ILE A 1017 -30.13 1.55 45.04
CA ILE A 1017 -30.84 2.50 45.90
C ILE A 1017 -30.99 1.96 47.32
N TYR A 1018 -30.88 0.65 47.52
CA TYR A 1018 -30.97 0.13 48.88
C TYR A 1018 -29.61 -0.15 49.53
N PHE A 1019 -28.51 -0.06 48.80
CA PHE A 1019 -27.20 -0.40 49.34
C PHE A 1019 -26.21 0.75 49.35
N VAL A 1020 -26.35 1.75 48.48
CA VAL A 1020 -25.37 2.84 48.42
C VAL A 1020 -25.20 3.53 49.76
N PRO A 1021 -26.26 3.85 50.51
CA PRO A 1021 -26.03 4.44 51.86
C PRO A 1021 -25.19 3.55 52.77
N VAL A 1022 -25.37 2.23 52.69
CA VAL A 1022 -24.61 1.34 53.57
C VAL A 1022 -23.12 1.41 53.25
N PHE A 1023 -22.78 1.32 51.96
CA PHE A 1023 -21.39 1.41 51.55
C PHE A 1023 -20.80 2.76 51.90
N PHE A 1024 -21.57 3.83 51.68
CA PHE A 1024 -21.09 5.17 52.01
C PHE A 1024 -20.76 5.27 53.50
N VAL A 1025 -21.68 4.82 54.36
CA VAL A 1025 -21.48 4.94 55.79
C VAL A 1025 -20.30 4.10 56.24
N VAL A 1026 -20.21 2.85 55.75
CA VAL A 1026 -19.12 1.98 56.14
C VAL A 1026 -17.78 2.55 55.72
N VAL A 1027 -17.69 3.02 54.48
CA VAL A 1027 -16.42 3.55 53.97
C VAL A 1027 -16.02 4.80 54.74
N GLU A 1028 -16.96 5.72 54.96
CA GLU A 1028 -16.63 6.96 55.65
C GLU A 1028 -16.22 6.69 57.10
N HIS A 1029 -16.92 5.79 57.78
CA HIS A 1029 -16.60 5.51 59.17
C HIS A 1029 -15.33 4.68 59.33
N LEU A 1030 -15.00 3.86 58.35
CA LEU A 1030 -13.83 3.00 58.45
C LEU A 1030 -12.54 3.81 58.37
N ALA B 2 -7.62 39.74 22.19
CA ALA B 2 -7.78 40.94 21.38
C ALA B 2 -7.26 42.17 22.10
N ASN B 3 -7.83 42.45 23.27
CA ASN B 3 -7.32 43.53 24.11
C ASN B 3 -5.99 43.17 24.74
N TYR B 4 -5.67 41.88 24.84
CA TYR B 4 -4.38 41.44 25.36
C TYR B 4 -3.23 41.96 24.50
N PHE B 5 -3.37 41.87 23.18
CA PHE B 5 -2.28 42.20 22.28
C PHE B 5 -2.08 43.69 22.09
N ILE B 6 -3.10 44.52 22.31
CA ILE B 6 -2.91 45.96 22.13
C ILE B 6 -2.13 46.58 23.28
N ASP B 7 -1.93 45.84 24.37
CA ASP B 7 -1.08 46.27 25.48
C ASP B 7 0.35 45.76 25.35
N ARG B 8 0.58 44.72 24.55
CA ARG B 8 1.90 44.12 24.38
C ARG B 8 2.24 44.10 22.89
N PRO B 9 2.82 45.17 22.36
CA PRO B 9 3.11 45.24 20.93
C PRO B 9 4.23 44.34 20.46
N VAL B 10 4.92 43.63 21.36
CA VAL B 10 6.04 42.80 20.94
C VAL B 10 5.60 41.36 20.71
N PHE B 11 4.64 40.85 21.48
CA PHE B 11 4.11 39.52 21.23
C PHE B 11 3.45 39.43 19.86
N ALA B 12 2.67 40.46 19.50
CA ALA B 12 2.03 40.45 18.18
C ALA B 12 3.06 40.48 17.07
N TRP B 13 4.08 41.32 17.21
CA TRP B 13 5.13 41.38 16.21
C TRP B 13 5.88 40.05 16.11
N VAL B 14 6.11 39.39 17.24
CA VAL B 14 6.78 38.09 17.24
C VAL B 14 5.95 37.07 16.47
N LEU B 15 4.64 37.06 16.72
CA LEU B 15 3.77 36.14 15.98
C LEU B 15 3.79 36.44 14.49
N ALA B 16 3.76 37.71 14.11
CA ALA B 16 3.79 38.07 12.70
C ALA B 16 5.10 37.66 12.04
N ILE B 17 6.23 37.89 12.72
CA ILE B 17 7.52 37.52 12.16
C ILE B 17 7.66 36.01 12.06
N ILE B 18 7.12 35.27 13.03
CA ILE B 18 7.15 33.82 12.95
C ILE B 18 6.34 33.35 11.74
N MET B 19 5.17 33.96 11.51
CA MET B 19 4.39 33.62 10.34
C MET B 19 5.16 33.91 9.05
N MET B 20 5.81 35.06 8.98
CA MET B 20 6.57 35.42 7.79
C MET B 20 7.73 34.45 7.55
N LEU B 21 8.43 34.05 8.62
CA LEU B 21 9.52 33.10 8.48
C LEU B 21 9.01 31.74 8.02
N ALA B 22 7.88 31.28 8.58
CA ALA B 22 7.32 30.02 8.13
C ALA B 22 6.94 30.07 6.66
N GLY B 23 6.35 31.18 6.22
CA GLY B 23 6.03 31.33 4.82
C GLY B 23 7.25 31.38 3.92
N GLY B 24 8.29 32.09 4.36
CA GLY B 24 9.51 32.16 3.56
C GLY B 24 10.18 30.81 3.43
N LEU B 25 10.20 30.03 4.51
CA LEU B 25 10.74 28.68 4.43
C LEU B 25 9.88 27.79 3.53
N ALA B 26 8.55 27.95 3.60
CA ALA B 26 7.68 27.06 2.85
C ALA B 26 7.66 27.38 1.35
N ILE B 27 7.84 28.64 0.99
CA ILE B 27 7.78 29.01 -0.42
C ILE B 27 8.96 28.46 -1.21
N MET B 28 10.01 28.02 -0.53
CA MET B 28 11.16 27.43 -1.20
C MET B 28 10.98 25.93 -1.43
N ASN B 29 10.55 25.21 -0.40
CA ASN B 29 10.36 23.76 -0.50
C ASN B 29 8.94 23.41 -0.91
N LEU B 30 8.47 23.95 -2.04
CA LEU B 30 7.12 23.69 -2.50
C LEU B 30 7.14 23.43 -4.00
N PRO B 31 6.49 22.36 -4.46
CA PRO B 31 6.42 22.10 -5.90
C PRO B 31 5.65 23.19 -6.63
N VAL B 32 6.00 23.39 -7.89
CA VAL B 32 5.48 24.51 -8.67
C VAL B 32 4.67 23.97 -9.84
N ALA B 33 3.97 22.85 -9.63
CA ALA B 33 3.14 22.27 -10.67
C ALA B 33 2.03 23.23 -11.07
N GLN B 34 1.60 23.14 -12.34
CA GLN B 34 0.56 24.03 -12.83
C GLN B 34 -0.81 23.66 -12.28
N TYR B 35 -1.23 22.42 -12.48
CA TYR B 35 -2.51 21.93 -12.00
C TYR B 35 -2.29 20.83 -10.98
N PRO B 36 -3.23 20.64 -10.06
CA PRO B 36 -3.15 19.49 -9.16
C PRO B 36 -3.50 18.20 -9.89
N GLN B 37 -3.58 17.09 -9.17
CA GLN B 37 -3.85 15.79 -9.78
C GLN B 37 -5.30 15.75 -10.29
N ILE B 38 -5.49 16.36 -11.46
CA ILE B 38 -6.80 16.36 -12.10
C ILE B 38 -7.08 15.01 -12.76
N ALA B 39 -6.10 14.48 -13.49
CA ALA B 39 -6.34 13.29 -14.30
C ALA B 39 -6.48 12.05 -13.44
N PRO B 40 -7.45 11.19 -13.71
CA PRO B 40 -7.61 9.96 -12.93
C PRO B 40 -6.47 8.99 -13.20
N PRO B 41 -6.18 8.10 -12.25
CA PRO B 41 -5.13 7.09 -12.48
C PRO B 41 -5.57 6.08 -13.53
N THR B 42 -4.68 5.77 -14.47
CA THR B 42 -4.95 4.79 -15.51
C THR B 42 -3.83 3.77 -15.55
N ILE B 43 -4.18 2.53 -15.87
CA ILE B 43 -3.22 1.43 -15.98
C ILE B 43 -3.33 0.87 -17.40
N THR B 44 -2.19 0.79 -18.08
CA THR B 44 -2.15 0.36 -19.47
C THR B 44 -1.46 -0.99 -19.58
N VAL B 45 -2.18 -1.99 -20.08
CA VAL B 45 -1.64 -3.31 -20.38
C VAL B 45 -1.38 -3.39 -21.86
N SER B 46 -0.12 -3.64 -22.23
CA SER B 46 0.30 -3.63 -23.63
C SER B 46 0.93 -4.97 -23.98
N ALA B 47 0.66 -5.44 -25.19
CA ALA B 47 1.22 -6.69 -25.68
C ALA B 47 1.42 -6.59 -27.18
N THR B 48 2.28 -7.45 -27.71
CA THR B 48 2.58 -7.42 -29.14
C THR B 48 2.58 -8.84 -29.70
N TYR B 49 2.49 -8.92 -31.03
CA TYR B 49 2.40 -10.19 -31.74
C TYR B 49 2.93 -9.96 -33.15
N PRO B 50 4.22 -10.19 -33.37
CA PRO B 50 4.84 -9.79 -34.64
C PRO B 50 4.20 -10.47 -35.84
N GLY B 51 3.80 -9.65 -36.81
CA GLY B 51 3.24 -10.13 -38.05
C GLY B 51 1.76 -10.48 -38.02
N ALA B 52 1.10 -10.35 -36.87
CA ALA B 52 -0.28 -10.75 -36.75
C ALA B 52 -1.20 -9.71 -37.37
N ASP B 53 -2.47 -10.09 -37.51
CA ASP B 53 -3.50 -9.24 -38.10
C ASP B 53 -4.35 -8.61 -36.99
N ALA B 54 -5.24 -7.70 -37.40
CA ALA B 54 -6.04 -6.97 -36.43
C ALA B 54 -7.03 -7.88 -35.73
N GLN B 55 -7.78 -8.67 -36.51
CA GLN B 55 -8.71 -9.63 -35.90
C GLN B 55 -7.96 -10.73 -35.17
N THR B 56 -6.84 -11.18 -35.74
CA THR B 56 -6.02 -12.20 -35.06
C THR B 56 -5.64 -11.73 -33.66
N VAL B 57 -5.09 -10.53 -33.54
CA VAL B 57 -4.73 -10.02 -32.22
C VAL B 57 -5.98 -9.83 -31.37
N GLU B 58 -6.99 -9.14 -31.91
CA GLU B 58 -8.15 -8.78 -31.11
C GLU B 58 -8.89 -10.00 -30.57
N ASP B 59 -8.66 -11.16 -31.18
CA ASP B 59 -9.29 -12.38 -30.69
C ASP B 59 -8.35 -13.25 -29.85
N SER B 60 -7.09 -13.36 -30.26
CA SER B 60 -6.18 -14.30 -29.62
C SER B 60 -5.41 -13.71 -28.45
N VAL B 61 -5.36 -12.37 -28.32
CA VAL B 61 -4.59 -11.74 -27.27
C VAL B 61 -5.47 -10.77 -26.50
N THR B 62 -6.12 -9.85 -27.23
CA THR B 62 -6.95 -8.85 -26.57
C THR B 62 -8.14 -9.50 -25.86
N GLN B 63 -8.79 -10.45 -26.50
CA GLN B 63 -9.89 -11.16 -25.85
C GLN B 63 -9.42 -11.87 -24.60
N VAL B 64 -8.28 -12.55 -24.69
CA VAL B 64 -7.78 -13.33 -23.56
C VAL B 64 -7.50 -12.41 -22.38
N ILE B 65 -6.77 -11.32 -22.61
CA ILE B 65 -6.44 -10.40 -21.53
C ILE B 65 -7.70 -9.71 -21.01
N GLU B 66 -8.65 -9.42 -21.91
CA GLU B 66 -9.85 -8.70 -21.54
C GLU B 66 -10.83 -9.57 -20.74
N GLN B 67 -10.73 -10.88 -20.86
CA GLN B 67 -11.70 -11.78 -20.25
C GLN B 67 -11.78 -11.68 -18.72
N ASN B 68 -10.86 -10.97 -18.09
CA ASN B 68 -10.69 -11.05 -16.65
C ASN B 68 -10.85 -9.74 -15.89
N MET B 69 -10.45 -8.62 -16.48
CA MET B 69 -10.57 -7.32 -15.81
C MET B 69 -11.99 -6.82 -15.99
N ASN B 70 -12.82 -6.97 -14.95
CA ASN B 70 -14.19 -6.51 -14.97
C ASN B 70 -14.42 -5.33 -14.03
N GLY B 71 -14.11 -5.51 -12.75
CA GLY B 71 -14.10 -4.40 -11.80
C GLY B 71 -13.23 -4.75 -10.61
N LEU B 72 -12.27 -3.89 -10.29
CA LEU B 72 -11.34 -4.20 -9.20
C LEU B 72 -11.45 -3.22 -8.04
N ASP B 73 -11.17 -1.94 -8.26
CA ASP B 73 -11.32 -0.96 -7.19
C ASP B 73 -12.26 0.17 -7.56
N GLY B 74 -11.98 0.90 -8.63
CA GLY B 74 -12.67 2.14 -8.95
C GLY B 74 -12.87 2.35 -10.43
N LEU B 75 -13.08 1.28 -11.20
CA LEU B 75 -12.87 1.33 -12.65
C LEU B 75 -13.87 2.28 -13.28
N MET B 76 -13.45 3.53 -13.47
CA MET B 76 -14.30 4.53 -14.08
C MET B 76 -14.69 4.12 -15.49
N TYR B 77 -13.72 3.70 -16.30
CA TYR B 77 -14.04 3.14 -17.61
C TYR B 77 -12.83 2.44 -18.20
N MET B 78 -13.09 1.60 -19.18
CA MET B 78 -12.05 0.77 -19.79
C MET B 78 -12.09 0.91 -21.29
N SER B 79 -10.90 0.99 -21.91
CA SER B 79 -10.75 1.01 -23.35
C SER B 79 -9.81 -0.11 -23.76
N SER B 80 -9.87 -0.48 -25.04
CA SER B 80 -9.03 -1.57 -25.52
C SER B 80 -8.92 -1.49 -27.04
N THR B 81 -7.72 -1.31 -27.55
CA THR B 81 -7.49 -1.26 -28.98
C THR B 81 -6.58 -2.41 -29.40
N SER B 82 -6.78 -2.89 -30.62
CA SER B 82 -6.00 -3.99 -31.19
C SER B 82 -5.69 -3.65 -32.64
N ASP B 83 -4.41 -3.44 -32.94
CA ASP B 83 -3.99 -2.97 -34.25
C ASP B 83 -3.70 -4.13 -35.19
N ALA B 84 -3.37 -3.78 -36.43
CA ALA B 84 -2.96 -4.75 -37.44
C ALA B 84 -1.45 -4.91 -37.50
N ALA B 85 -0.71 -4.26 -36.62
CA ALA B 85 0.73 -4.46 -36.50
C ALA B 85 1.09 -5.35 -35.31
N GLY B 86 0.12 -6.07 -34.77
CA GLY B 86 0.35 -6.87 -33.57
C GLY B 86 0.53 -6.02 -32.34
N ASN B 87 -0.56 -5.40 -31.87
CA ASN B 87 -0.46 -4.50 -30.72
C ASN B 87 -1.80 -4.47 -30.01
N ALA B 88 -1.83 -4.91 -28.76
CA ALA B 88 -3.03 -4.88 -27.92
C ALA B 88 -2.78 -3.94 -26.75
N SER B 89 -3.72 -3.03 -26.50
CA SER B 89 -3.44 -1.85 -25.67
C SER B 89 -4.55 -1.55 -24.67
N ILE B 90 -4.91 -2.53 -23.83
CA ILE B 90 -5.96 -2.29 -22.83
C ILE B 90 -5.56 -1.14 -21.92
N THR B 91 -6.52 -0.27 -21.58
CA THR B 91 -6.21 1.04 -20.99
C THR B 91 -7.14 1.36 -19.82
N LEU B 92 -7.18 0.49 -18.81
CA LEU B 92 -8.14 0.66 -17.72
C LEU B 92 -7.97 2.02 -17.05
N THR B 93 -9.08 2.60 -16.58
CA THR B 93 -9.07 3.91 -15.94
C THR B 93 -9.90 3.84 -14.68
N PHE B 94 -9.26 4.05 -13.53
CA PHE B 94 -9.87 3.98 -12.21
C PHE B 94 -10.38 5.35 -11.78
N GLU B 95 -10.98 5.41 -10.60
CA GLU B 95 -11.59 6.63 -10.09
C GLU B 95 -10.57 7.46 -9.34
N THR B 96 -10.78 8.78 -9.35
CA THR B 96 -9.88 9.70 -8.67
C THR B 96 -9.75 9.34 -7.20
N GLY B 97 -8.52 9.35 -6.70
CA GLY B 97 -8.22 8.98 -5.34
C GLY B 97 -7.72 7.57 -5.18
N THR B 98 -7.86 6.73 -6.19
CA THR B 98 -7.33 5.37 -6.13
C THR B 98 -5.81 5.41 -6.10
N SER B 99 -5.22 4.49 -5.35
CA SER B 99 -3.78 4.39 -5.31
C SER B 99 -3.28 3.71 -6.57
N PRO B 100 -2.45 4.37 -7.38
CA PRO B 100 -1.95 3.72 -8.60
C PRO B 100 -1.17 2.45 -8.35
N ASP B 101 -0.46 2.36 -7.22
CA ASP B 101 0.23 1.13 -6.88
C ASP B 101 -0.75 0.00 -6.60
N ILE B 102 -1.78 0.27 -5.80
CA ILE B 102 -2.80 -0.74 -5.55
C ILE B 102 -3.51 -1.13 -6.83
N ALA B 103 -3.78 -0.14 -7.70
CA ALA B 103 -4.44 -0.43 -8.97
C ALA B 103 -3.59 -1.34 -9.84
N GLN B 104 -2.28 -1.07 -9.92
CA GLN B 104 -1.40 -1.93 -10.70
C GLN B 104 -1.32 -3.32 -10.09
N VAL B 105 -1.34 -3.40 -8.75
CA VAL B 105 -1.31 -4.70 -8.08
C VAL B 105 -2.54 -5.51 -8.47
N GLN B 106 -3.71 -4.88 -8.42
CA GLN B 106 -4.94 -5.58 -8.77
C GLN B 106 -4.96 -5.99 -10.23
N VAL B 107 -4.51 -5.09 -11.12
CA VAL B 107 -4.51 -5.42 -12.54
C VAL B 107 -3.58 -6.58 -12.82
N GLN B 108 -2.40 -6.60 -12.20
CA GLN B 108 -1.49 -7.72 -12.45
C GLN B 108 -1.91 -9.00 -11.76
N ASN B 109 -2.65 -8.93 -10.65
CA ASN B 109 -3.12 -10.15 -10.01
C ASN B 109 -4.36 -10.71 -10.68
N LYS B 110 -5.03 -9.92 -11.52
CA LYS B 110 -6.07 -10.43 -12.39
C LYS B 110 -5.61 -10.72 -13.81
N LEU B 111 -4.43 -10.26 -14.21
CA LEU B 111 -3.93 -10.56 -15.56
C LEU B 111 -3.44 -11.99 -15.66
N GLN B 112 -2.84 -12.52 -14.60
CA GLN B 112 -2.36 -13.89 -14.69
C GLN B 112 -3.47 -14.92 -14.57
N LEU B 113 -4.68 -14.50 -14.21
CA LEU B 113 -5.87 -15.33 -14.39
C LEU B 113 -6.23 -15.47 -15.86
N ALA B 114 -5.68 -14.62 -16.73
CA ALA B 114 -5.83 -14.73 -18.18
C ALA B 114 -4.58 -15.20 -18.89
N MET B 115 -3.41 -15.09 -18.24
CA MET B 115 -2.15 -15.47 -18.86
C MET B 115 -2.17 -16.86 -19.48
N PRO B 116 -2.72 -17.90 -18.84
CA PRO B 116 -2.67 -19.24 -19.47
C PRO B 116 -3.38 -19.32 -20.82
N SER B 117 -4.30 -18.41 -21.11
CA SER B 117 -5.02 -18.44 -22.38
C SER B 117 -4.30 -17.69 -23.50
N LEU B 118 -3.17 -17.02 -23.20
CA LEU B 118 -2.43 -16.31 -24.23
C LEU B 118 -1.57 -17.29 -25.04
N PRO B 119 -1.36 -17.01 -26.33
CA PRO B 119 -0.50 -17.88 -27.14
C PRO B 119 0.98 -17.59 -26.94
N GLU B 120 1.82 -18.27 -27.71
CA GLU B 120 3.24 -18.03 -27.71
C GLU B 120 3.56 -16.90 -28.69
N ALA B 121 4.82 -16.45 -28.69
CA ALA B 121 5.35 -15.35 -29.47
C ALA B 121 4.76 -14.02 -29.04
N VAL B 122 3.76 -14.02 -28.14
CA VAL B 122 3.41 -12.87 -27.34
C VAL B 122 4.20 -12.84 -26.05
N GLN B 123 4.77 -13.97 -25.63
CA GLN B 123 5.56 -14.09 -24.42
C GLN B 123 7.02 -13.72 -24.61
N GLN B 124 7.67 -14.26 -25.63
CA GLN B 124 9.08 -13.95 -25.82
C GLN B 124 9.33 -12.51 -26.28
N GLN B 125 8.27 -11.70 -26.26
CA GLN B 125 8.34 -10.25 -26.39
C GLN B 125 8.00 -9.53 -25.10
N GLY B 126 6.99 -9.99 -24.36
CA GLY B 126 6.69 -9.48 -23.04
C GLY B 126 5.47 -8.60 -22.93
N ILE B 127 4.67 -8.84 -21.89
CA ILE B 127 3.57 -7.93 -21.54
C ILE B 127 4.15 -6.74 -20.79
N SER B 128 3.56 -5.56 -20.98
CA SER B 128 4.16 -4.32 -20.51
C SER B 128 3.23 -3.49 -19.63
N VAL B 129 2.67 -4.10 -18.58
CA VAL B 129 1.80 -3.36 -17.67
C VAL B 129 2.51 -2.09 -17.19
N ASP B 130 1.79 -0.97 -17.23
CA ASP B 130 2.34 0.33 -16.87
C ASP B 130 1.31 1.10 -16.06
N LYS B 131 1.78 1.89 -15.10
CA LYS B 131 0.92 2.79 -14.35
C LYS B 131 1.24 4.25 -14.62
N SER B 132 1.93 4.54 -15.71
CA SER B 132 2.32 5.90 -16.04
C SER B 132 1.17 6.65 -16.72
N SER B 133 1.40 7.93 -16.96
CA SER B 133 0.42 8.74 -17.66
C SER B 133 0.36 8.33 -19.13
N SER B 134 -0.71 8.74 -19.79
CA SER B 134 -0.95 8.38 -21.18
C SER B 134 -0.63 9.50 -22.15
N ASN B 135 -0.24 10.68 -21.66
CA ASN B 135 0.00 11.84 -22.50
C ASN B 135 1.46 12.25 -22.41
N ILE B 136 2.07 12.51 -23.57
CA ILE B 136 3.48 12.84 -23.63
C ILE B 136 3.75 14.11 -22.85
N LEU B 137 4.78 14.09 -22.00
CA LEU B 137 5.20 15.28 -21.29
C LEU B 137 6.29 16.05 -22.02
N MET B 138 7.25 15.34 -22.60
CA MET B 138 8.37 15.98 -23.27
C MET B 138 8.90 15.03 -24.33
N VAL B 139 9.21 15.57 -25.51
CA VAL B 139 9.86 14.81 -26.56
C VAL B 139 11.27 15.38 -26.72
N ALA B 140 12.26 14.49 -26.69
CA ALA B 140 13.65 14.86 -26.91
C ALA B 140 14.13 14.16 -28.17
N ALA B 141 14.45 14.93 -29.20
CA ALA B 141 14.93 14.36 -30.45
C ALA B 141 16.44 14.50 -30.53
N PHE B 142 17.07 13.63 -31.30
CA PHE B 142 18.51 13.63 -31.46
C PHE B 142 18.83 13.63 -32.95
N ILE B 143 19.63 14.59 -33.40
CA ILE B 143 19.94 14.74 -34.82
C ILE B 143 21.45 14.68 -35.00
N SER B 144 21.85 14.55 -36.25
CA SER B 144 23.25 14.57 -36.64
C SER B 144 23.57 15.93 -37.24
N ASP B 145 24.61 16.57 -36.70
CA ASP B 145 24.92 17.95 -37.09
C ASP B 145 25.28 18.04 -38.57
N ASN B 146 26.38 17.40 -38.97
CA ASN B 146 26.82 17.47 -40.36
C ASN B 146 26.00 16.54 -41.24
N GLY B 147 25.58 15.39 -40.71
CA GLY B 147 24.83 14.43 -41.50
C GLY B 147 25.57 13.13 -41.70
N SER B 148 26.39 12.74 -40.72
CA SER B 148 27.14 11.50 -40.83
C SER B 148 26.26 10.29 -40.53
N LEU B 149 25.74 10.22 -39.31
CA LEU B 149 24.89 9.10 -38.92
C LEU B 149 23.53 9.20 -39.61
N ASN B 150 23.03 8.06 -40.09
CA ASN B 150 21.69 8.02 -40.67
C ASN B 150 20.66 7.92 -39.55
N GLN B 151 19.42 7.63 -39.89
CA GLN B 151 18.39 7.48 -38.86
C GLN B 151 18.68 6.27 -37.99
N TYR B 152 19.18 5.19 -38.57
CA TYR B 152 19.31 3.93 -37.84
C TYR B 152 20.44 4.00 -36.82
N ASP B 153 21.57 4.61 -37.17
CA ASP B 153 22.65 4.74 -36.19
C ASP B 153 22.23 5.60 -35.02
N ILE B 154 21.52 6.70 -35.29
CA ILE B 154 21.04 7.57 -34.23
C ILE B 154 20.07 6.82 -33.33
N ALA B 155 19.13 6.09 -33.93
CA ALA B 155 18.16 5.33 -33.16
C ALA B 155 18.85 4.26 -32.31
N ASP B 156 19.83 3.57 -32.87
CA ASP B 156 20.54 2.54 -32.12
C ASP B 156 21.29 3.15 -30.94
N TYR B 157 21.99 4.25 -31.16
CA TYR B 157 22.72 4.85 -30.05
C TYR B 157 21.76 5.30 -28.96
N VAL B 158 20.65 5.93 -29.34
CA VAL B 158 19.69 6.37 -28.34
C VAL B 158 19.17 5.18 -27.55
N ALA B 159 18.71 4.15 -28.25
CA ALA B 159 18.14 2.99 -27.58
C ALA B 159 19.14 2.31 -26.66
N SER B 160 20.40 2.23 -27.08
CA SER B 160 21.38 1.51 -26.28
C SER B 160 21.81 2.31 -25.06
N ASN B 161 22.02 3.62 -25.21
CA ASN B 161 22.73 4.37 -24.19
C ASN B 161 21.92 5.42 -23.45
N ILE B 162 20.85 5.96 -24.03
CA ILE B 162 20.13 7.07 -23.44
C ILE B 162 18.76 6.65 -22.92
N LYS B 163 18.10 5.74 -23.63
CA LYS B 163 16.77 5.31 -23.19
C LYS B 163 16.81 4.63 -21.83
N ASP B 164 17.83 3.81 -21.59
CA ASP B 164 17.91 3.08 -20.33
C ASP B 164 18.11 3.99 -19.12
N PRO B 165 19.04 4.94 -19.11
CA PRO B 165 19.13 5.82 -17.93
C PRO B 165 18.00 6.80 -17.81
N LEU B 166 17.33 7.17 -18.92
CA LEU B 166 16.19 8.06 -18.82
C LEU B 166 14.98 7.38 -18.20
N SER B 167 14.80 6.10 -18.48
CA SER B 167 13.69 5.37 -17.88
C SER B 167 13.91 5.12 -16.40
N ARG B 168 15.14 5.21 -15.91
CA ARG B 168 15.45 5.09 -14.50
C ARG B 168 15.53 6.44 -13.80
N THR B 169 15.40 7.54 -14.53
CA THR B 169 15.44 8.86 -13.93
C THR B 169 14.22 9.06 -13.04
N ALA B 170 14.42 9.75 -11.92
CA ALA B 170 13.34 9.95 -10.96
C ALA B 170 12.22 10.77 -11.58
N GLY B 171 11.01 10.25 -11.50
CA GLY B 171 9.85 10.94 -12.05
C GLY B 171 9.38 10.34 -13.36
N VAL B 172 10.32 9.92 -14.22
CA VAL B 172 9.96 9.35 -15.50
C VAL B 172 9.21 8.05 -15.30
N GLY B 173 8.02 7.96 -15.88
CA GLY B 173 7.19 6.80 -15.69
C GLY B 173 7.24 5.85 -16.85
N SER B 174 7.38 6.38 -18.06
CA SER B 174 7.55 5.53 -19.22
C SER B 174 8.29 6.32 -20.29
N VAL B 175 8.93 5.59 -21.21
CA VAL B 175 9.66 6.21 -22.30
C VAL B 175 9.30 5.48 -23.59
N GLN B 176 8.84 6.22 -24.58
CA GLN B 176 8.51 5.68 -25.88
C GLN B 176 9.58 6.08 -26.88
N LEU B 177 10.08 5.11 -27.63
CA LEU B 177 11.14 5.35 -28.61
C LEU B 177 10.55 5.55 -29.99
N PHE B 178 11.02 6.57 -30.69
CA PHE B 178 10.62 6.84 -32.07
C PHE B 178 11.64 6.33 -33.07
N GLY B 179 12.58 5.52 -32.63
CA GLY B 179 13.49 4.80 -33.51
C GLY B 179 13.37 3.31 -33.25
N SER B 180 14.52 2.65 -33.20
CA SER B 180 14.56 1.23 -32.92
C SER B 180 16.00 0.79 -32.74
N GLU B 181 16.22 -0.11 -31.78
CA GLU B 181 17.54 -0.63 -31.53
C GLU B 181 18.05 -1.43 -32.73
N TYR B 182 19.34 -1.73 -32.73
CA TYR B 182 19.87 -2.56 -33.79
C TYR B 182 19.41 -4.00 -33.61
N ALA B 183 19.55 -4.78 -34.68
CA ALA B 183 19.22 -6.19 -34.67
C ALA B 183 19.88 -6.84 -35.86
N MET B 184 20.37 -8.05 -35.68
CA MET B 184 20.99 -8.76 -36.79
C MET B 184 19.90 -9.21 -37.73
N ARG B 185 19.71 -8.47 -38.82
CA ARG B 185 18.69 -8.79 -39.79
C ARG B 185 19.26 -9.73 -40.84
N ILE B 186 18.67 -10.90 -40.96
CA ILE B 186 19.05 -11.88 -41.99
C ILE B 186 17.97 -11.83 -43.05
N TRP B 187 18.32 -11.33 -44.23
CA TRP B 187 17.38 -11.21 -45.34
C TRP B 187 17.55 -12.42 -46.26
N LEU B 188 16.48 -13.21 -46.41
CA LEU B 188 16.54 -14.45 -47.17
C LEU B 188 16.33 -14.18 -48.65
N ASP B 189 16.58 -15.21 -49.46
CA ASP B 189 16.45 -15.11 -50.91
C ASP B 189 15.82 -16.41 -51.42
N PRO B 190 14.63 -16.36 -52.01
CA PRO B 190 13.98 -17.60 -52.46
C PRO B 190 14.78 -18.39 -53.48
N GLN B 191 15.43 -17.70 -54.42
CA GLN B 191 16.18 -18.41 -55.45
C GLN B 191 17.38 -19.15 -54.87
N LYS B 192 18.15 -18.46 -54.03
CA LYS B 192 19.32 -19.09 -53.42
C LYS B 192 18.91 -20.20 -52.47
N LEU B 193 17.81 -20.03 -51.74
CA LEU B 193 17.32 -21.10 -50.88
C LEU B 193 16.89 -22.31 -51.71
N ASN B 194 16.23 -22.09 -52.84
CA ASN B 194 15.80 -23.19 -53.70
C ASN B 194 16.98 -23.90 -54.34
N LYS B 195 18.04 -23.17 -54.68
CA LYS B 195 19.18 -23.80 -55.35
C LYS B 195 19.84 -24.83 -54.46
N TYR B 196 19.89 -24.57 -53.15
CA TYR B 196 20.52 -25.48 -52.19
C TYR B 196 19.52 -26.36 -51.47
N ASN B 197 18.24 -26.35 -51.89
CA ASN B 197 17.20 -27.19 -51.30
C ASN B 197 17.05 -26.92 -49.80
N LEU B 198 16.83 -25.66 -49.45
CA LEU B 198 16.71 -25.26 -48.06
C LEU B 198 15.40 -24.53 -47.84
N VAL B 199 14.96 -24.51 -46.58
CA VAL B 199 13.78 -23.76 -46.17
C VAL B 199 14.17 -22.91 -44.98
N PRO B 200 13.42 -21.82 -44.72
CA PRO B 200 13.77 -20.95 -43.59
C PRO B 200 13.81 -21.66 -42.24
N SER B 201 13.09 -22.77 -42.08
CA SER B 201 13.18 -23.53 -40.85
C SER B 201 14.58 -24.03 -40.61
N ASP B 202 15.26 -24.50 -41.66
CA ASP B 202 16.62 -24.99 -41.52
C ASP B 202 17.57 -23.87 -41.13
N VAL B 203 17.41 -22.70 -41.73
CA VAL B 203 18.24 -21.55 -41.39
C VAL B 203 18.02 -21.16 -39.94
N ILE B 204 16.77 -21.14 -39.49
CA ILE B 204 16.47 -20.76 -38.12
C ILE B 204 17.08 -21.76 -37.14
N SER B 205 16.96 -23.05 -37.44
CA SER B 205 17.53 -24.06 -36.55
C SER B 205 19.05 -23.97 -36.49
N GLN B 206 19.69 -23.73 -37.64
CA GLN B 206 21.15 -23.58 -37.64
C GLN B 206 21.59 -22.36 -36.84
N ILE B 207 20.86 -21.25 -36.97
CA ILE B 207 21.20 -20.07 -36.18
C ILE B 207 21.01 -20.35 -34.69
N LYS B 208 19.95 -21.09 -34.34
CA LYS B 208 19.72 -21.41 -32.93
C LYS B 208 20.77 -22.35 -32.38
N VAL B 209 21.39 -23.17 -33.23
CA VAL B 209 22.41 -24.09 -32.73
C VAL B 209 23.82 -23.49 -32.77
N GLN B 210 24.08 -22.51 -33.62
CA GLN B 210 25.42 -21.97 -33.77
C GLN B 210 25.59 -20.58 -33.21
N ASN B 211 24.52 -19.91 -32.80
CA ASN B 211 24.59 -18.67 -32.03
C ASN B 211 23.92 -18.97 -30.70
N ASN B 212 24.70 -19.52 -29.77
CA ASN B 212 24.12 -20.03 -28.54
C ASN B 212 25.21 -20.17 -27.48
N GLN B 213 25.00 -19.55 -26.33
CA GLN B 213 25.92 -19.73 -25.22
C GLN B 213 25.80 -21.15 -24.67
N ILE B 214 26.93 -21.68 -24.22
CA ILE B 214 26.99 -23.04 -23.68
C ILE B 214 27.69 -22.99 -22.34
N SER B 215 27.07 -23.57 -21.32
CA SER B 215 27.65 -23.65 -19.99
C SER B 215 28.65 -24.79 -19.98
N GLY B 216 29.94 -24.46 -20.08
CA GLY B 216 30.95 -25.49 -20.17
C GLY B 216 31.37 -26.11 -18.86
N GLY B 217 30.99 -25.50 -17.74
CA GLY B 217 31.34 -26.06 -16.45
C GLY B 217 32.76 -25.72 -16.02
N GLN B 218 33.23 -26.46 -15.02
CA GLN B 218 34.52 -26.21 -14.40
C GLN B 218 35.41 -27.43 -14.52
N LEU B 219 36.71 -27.18 -14.67
CA LEU B 219 37.72 -28.22 -14.83
C LEU B 219 38.21 -28.79 -13.51
N GLY B 220 37.79 -28.23 -12.39
CA GLY B 220 38.13 -28.79 -11.10
C GLY B 220 36.98 -28.69 -10.13
N GLY B 221 35.77 -28.65 -10.66
CA GLY B 221 34.61 -28.35 -9.83
C GLY B 221 34.34 -29.40 -8.79
N MET B 222 33.68 -28.97 -7.72
CA MET B 222 33.39 -29.86 -6.62
C MET B 222 32.37 -30.92 -7.04
N PRO B 223 32.48 -32.14 -6.50
CA PRO B 223 33.46 -32.63 -5.54
C PRO B 223 34.80 -32.90 -6.19
N GLN B 224 35.91 -32.68 -5.49
CA GLN B 224 37.23 -32.87 -6.06
C GLN B 224 37.91 -34.08 -5.46
N ALA B 225 38.97 -34.53 -6.14
CA ALA B 225 39.86 -35.51 -5.55
C ALA B 225 40.65 -34.88 -4.41
N ALA B 226 41.21 -35.74 -3.56
CA ALA B 226 41.92 -35.24 -2.39
C ALA B 226 43.21 -34.50 -2.76
N ASP B 227 43.65 -34.57 -4.00
CA ASP B 227 44.90 -33.97 -4.43
C ASP B 227 44.72 -32.80 -5.40
N GLN B 228 43.50 -32.50 -5.80
CA GLN B 228 43.27 -31.53 -6.87
C GLN B 228 43.82 -30.15 -6.50
N GLN B 229 44.57 -29.56 -7.44
CA GLN B 229 45.15 -28.23 -7.25
C GLN B 229 44.83 -27.28 -8.40
N LEU B 230 43.94 -27.67 -9.31
CA LEU B 230 43.59 -26.85 -10.46
C LEU B 230 42.08 -26.60 -10.47
N ASN B 231 41.69 -25.36 -10.78
CA ASN B 231 40.29 -24.98 -10.83
C ASN B 231 40.14 -23.91 -11.91
N ALA B 232 39.73 -24.32 -13.11
CA ALA B 232 39.53 -23.41 -14.21
C ALA B 232 38.11 -23.54 -14.73
N SER B 233 37.75 -22.68 -15.67
CA SER B 233 36.44 -22.68 -16.28
C SER B 233 36.56 -23.08 -17.74
N ILE B 234 35.67 -23.96 -18.19
CA ILE B 234 35.64 -24.35 -19.59
C ILE B 234 34.86 -23.29 -20.37
N ILE B 235 35.39 -22.89 -21.51
CA ILE B 235 34.71 -21.96 -22.41
C ILE B 235 34.51 -22.69 -23.73
N VAL B 236 33.25 -22.94 -24.08
CA VAL B 236 32.96 -23.74 -25.27
C VAL B 236 32.44 -22.87 -26.40
N GLN B 237 31.31 -22.21 -26.18
CA GLN B 237 30.68 -21.41 -27.22
C GLN B 237 30.20 -20.09 -26.63
N THR B 238 30.17 -19.08 -27.48
CA THR B 238 29.71 -17.75 -27.11
C THR B 238 28.84 -17.19 -28.23
N ARG B 239 27.95 -16.28 -27.85
CA ARG B 239 27.06 -15.68 -28.85
C ARG B 239 27.86 -14.85 -29.85
N LEU B 240 27.47 -14.95 -31.11
CA LEU B 240 28.14 -14.21 -32.16
C LEU B 240 27.85 -12.72 -32.02
N GLN B 241 28.74 -11.89 -32.55
CA GLN B 241 28.63 -10.46 -32.39
C GLN B 241 28.59 -9.67 -33.69
N THR B 242 29.34 -10.07 -34.71
CA THR B 242 29.43 -9.25 -35.90
C THR B 242 28.65 -9.89 -37.05
N PRO B 243 28.15 -9.08 -37.99
CA PRO B 243 27.46 -9.66 -39.16
C PRO B 243 28.32 -10.62 -39.95
N GLU B 244 29.64 -10.38 -40.01
CA GLU B 244 30.52 -11.31 -40.72
C GLU B 244 30.51 -12.68 -40.06
N GLU B 245 30.53 -12.72 -38.72
CA GLU B 245 30.47 -14.00 -38.03
C GLU B 245 29.15 -14.71 -38.31
N PHE B 246 28.05 -13.98 -38.34
CA PHE B 246 26.77 -14.57 -38.69
C PHE B 246 26.74 -15.07 -40.12
N GLY B 247 27.53 -14.45 -41.00
CA GLY B 247 27.58 -14.89 -42.38
C GLY B 247 28.33 -16.17 -42.63
N LYS B 248 29.05 -16.67 -41.62
CA LYS B 248 29.83 -17.89 -41.75
C LYS B 248 29.20 -19.05 -41.00
N ILE B 249 27.89 -19.00 -40.80
CA ILE B 249 27.15 -20.08 -40.17
C ILE B 249 26.96 -21.18 -41.20
N LEU B 250 27.34 -22.41 -40.84
CA LEU B 250 27.37 -23.52 -41.79
C LEU B 250 26.00 -24.18 -41.84
N LEU B 251 25.24 -23.92 -42.90
CA LEU B 251 23.89 -24.49 -43.01
C LEU B 251 23.95 -25.97 -43.33
N LYS B 252 24.80 -26.36 -44.28
CA LYS B 252 24.89 -27.76 -44.68
C LYS B 252 26.17 -27.96 -45.48
N VAL B 253 26.57 -29.22 -45.61
CA VAL B 253 27.71 -29.62 -46.42
C VAL B 253 27.20 -30.46 -47.59
N GLN B 254 27.48 -30.01 -48.81
CA GLN B 254 27.02 -30.71 -49.99
C GLN B 254 27.88 -31.96 -50.24
N GLN B 255 27.39 -32.82 -51.14
CA GLN B 255 28.07 -34.08 -51.41
C GLN B 255 29.46 -33.85 -51.98
N ASP B 256 29.68 -32.71 -52.65
CA ASP B 256 31.01 -32.37 -53.14
C ASP B 256 31.98 -32.11 -51.98
N GLY B 257 31.46 -31.78 -50.81
CA GLY B 257 32.27 -31.34 -49.69
C GLY B 257 32.37 -29.84 -49.57
N SER B 258 31.74 -29.08 -50.47
CA SER B 258 31.76 -27.63 -50.41
C SER B 258 30.94 -27.13 -49.23
N GLN B 259 31.24 -25.91 -48.78
CA GLN B 259 30.57 -25.30 -47.67
C GLN B 259 29.40 -24.47 -48.18
N VAL B 260 28.23 -24.65 -47.56
CA VAL B 260 27.09 -23.78 -47.78
C VAL B 260 26.89 -22.97 -46.51
N LEU B 261 27.11 -21.68 -46.60
CA LEU B 261 27.03 -20.78 -45.45
C LEU B 261 25.79 -19.92 -45.54
N LEU B 262 25.50 -19.23 -44.44
CA LEU B 262 24.36 -18.31 -44.45
C LEU B 262 24.57 -17.21 -45.48
N ARG B 263 25.80 -16.72 -45.60
CA ARG B 263 26.10 -15.66 -46.57
C ARG B 263 25.78 -16.07 -47.99
N ASP B 264 25.75 -17.37 -48.29
CA ASP B 264 25.43 -17.84 -49.63
C ASP B 264 23.93 -17.89 -49.91
N VAL B 265 23.09 -17.79 -48.88
CA VAL B 265 21.64 -17.82 -49.08
C VAL B 265 20.93 -16.63 -48.45
N ALA B 266 21.66 -15.67 -47.90
CA ALA B 266 21.04 -14.55 -47.22
C ALA B 266 21.92 -13.32 -47.40
N ARG B 267 21.50 -12.22 -46.78
CA ARG B 267 22.18 -10.94 -46.86
C ARG B 267 22.30 -10.31 -45.48
N VAL B 268 22.85 -11.07 -44.54
CA VAL B 268 22.90 -10.63 -43.14
C VAL B 268 23.47 -9.23 -43.03
N GLU B 269 22.93 -8.44 -42.10
CA GLU B 269 23.32 -7.06 -41.91
C GLU B 269 22.85 -6.62 -40.53
N LEU B 270 23.22 -5.39 -40.16
CA LEU B 270 22.84 -4.82 -38.87
C LEU B 270 21.70 -3.83 -39.12
N GLY B 271 20.47 -4.34 -39.08
CA GLY B 271 19.29 -3.53 -39.31
C GLY B 271 18.63 -3.12 -38.02
N ALA B 272 17.34 -2.82 -38.10
CA ALA B 272 16.58 -2.35 -36.96
C ALA B 272 15.55 -3.38 -36.52
N GLU B 273 15.22 -3.36 -35.22
CA GLU B 273 14.20 -4.25 -34.70
C GLU B 273 12.83 -3.91 -35.27
N ASP B 274 12.44 -2.64 -35.19
CA ASP B 274 11.14 -2.16 -35.64
C ASP B 274 11.37 -1.12 -36.73
N TYR B 275 10.90 -1.42 -37.93
CA TYR B 275 11.05 -0.51 -39.05
C TYR B 275 9.86 0.41 -39.23
N SER B 276 8.88 0.35 -38.33
CA SER B 276 7.62 1.06 -38.55
C SER B 276 7.79 2.57 -38.43
N THR B 277 8.18 3.04 -37.25
CA THR B 277 8.22 4.48 -37.01
C THR B 277 9.41 5.11 -37.72
N VAL B 278 9.16 6.26 -38.38
CA VAL B 278 10.19 7.01 -39.09
C VAL B 278 10.09 8.46 -38.65
N ALA B 279 11.07 8.95 -37.91
CA ALA B 279 11.02 10.27 -37.31
C ALA B 279 11.96 11.22 -38.02
N ARG B 280 11.53 12.48 -38.14
CA ARG B 280 12.32 13.54 -38.76
C ARG B 280 12.14 14.81 -37.94
N TYR B 281 13.18 15.63 -37.87
CA TYR B 281 13.18 16.79 -36.99
C TYR B 281 12.82 18.08 -37.70
N ASN B 282 13.53 18.41 -38.78
CA ASN B 282 13.21 19.61 -39.54
C ASN B 282 13.35 19.33 -41.03
N GLY B 283 13.07 18.10 -41.44
CA GLY B 283 13.51 17.59 -42.72
C GLY B 283 14.81 16.80 -42.66
N LYS B 284 15.38 16.64 -41.45
CA LYS B 284 16.61 15.92 -41.19
C LYS B 284 16.34 14.71 -40.31
N PRO B 285 16.91 13.55 -40.64
CA PRO B 285 16.60 12.33 -39.90
C PRO B 285 16.95 12.45 -38.42
N ALA B 286 16.11 11.86 -37.57
CA ALA B 286 16.29 11.97 -36.13
C ALA B 286 15.58 10.81 -35.45
N ALA B 287 15.93 10.62 -34.18
CA ALA B 287 15.27 9.64 -33.32
C ALA B 287 14.86 10.33 -32.03
N GLY B 288 13.68 9.98 -31.53
CA GLY B 288 13.06 10.73 -30.45
C GLY B 288 12.77 9.87 -29.23
N ILE B 289 12.86 10.50 -28.07
CA ILE B 289 12.48 9.90 -26.80
C ILE B 289 11.27 10.67 -26.27
N ALA B 290 10.14 9.99 -26.14
CA ALA B 290 8.93 10.60 -25.62
C ALA B 290 8.76 10.18 -24.17
N ILE B 291 8.99 11.11 -23.25
CA ILE B 291 8.88 10.85 -21.83
C ILE B 291 7.44 11.04 -21.41
N LYS B 292 6.91 10.07 -20.66
CA LYS B 292 5.56 10.15 -20.10
C LYS B 292 5.68 10.04 -18.59
N LEU B 293 5.01 10.96 -17.89
CA LEU B 293 5.17 11.07 -16.44
C LEU B 293 4.68 9.83 -15.72
N ALA B 294 5.23 9.62 -14.52
CA ALA B 294 4.79 8.54 -13.66
C ALA B 294 3.48 8.94 -13.00
N ALA B 295 3.02 8.14 -12.04
CA ALA B 295 1.79 8.42 -11.32
C ALA B 295 2.14 9.17 -10.04
N GLY B 296 1.85 10.47 -10.03
CA GLY B 296 2.08 11.29 -8.85
C GLY B 296 3.35 12.09 -8.84
N ALA B 297 4.09 12.12 -9.94
CA ALA B 297 5.35 12.84 -10.00
C ALA B 297 5.12 14.26 -10.49
N ASN B 298 5.88 15.19 -9.92
CA ASN B 298 5.77 16.59 -10.33
C ASN B 298 6.31 16.74 -11.75
N ALA B 299 5.63 17.56 -12.56
CA ALA B 299 5.95 17.67 -13.97
C ALA B 299 7.06 18.67 -14.27
N LEU B 300 7.51 19.44 -13.29
CA LEU B 300 8.59 20.39 -13.51
C LEU B 300 9.94 19.82 -13.12
N ASP B 301 10.05 19.28 -11.91
CA ASP B 301 11.32 18.69 -11.49
C ASP B 301 11.64 17.43 -12.29
N THR B 302 10.62 16.72 -12.78
CA THR B 302 10.88 15.61 -13.68
C THR B 302 11.54 16.08 -14.97
N SER B 303 11.05 17.18 -15.54
CA SER B 303 11.67 17.75 -16.72
C SER B 303 13.09 18.22 -16.43
N ARG B 304 13.30 18.83 -15.27
CA ARG B 304 14.64 19.27 -14.89
C ARG B 304 15.58 18.08 -14.76
N ALA B 305 15.11 16.99 -14.16
CA ALA B 305 15.94 15.79 -14.03
C ALA B 305 16.28 15.20 -15.39
N VAL B 306 15.29 15.18 -16.30
CA VAL B 306 15.54 14.65 -17.64
C VAL B 306 16.58 15.49 -18.37
N LYS B 307 16.46 16.82 -18.29
CA LYS B 307 17.43 17.67 -18.95
C LYS B 307 18.82 17.51 -18.34
N GLU B 308 18.90 17.40 -17.02
CA GLU B 308 20.19 17.17 -16.38
C GLU B 308 20.80 15.85 -16.81
N GLU B 309 20.00 14.79 -16.90
CA GLU B 309 20.52 13.49 -17.31
C GLU B 309 21.01 13.53 -18.75
N LEU B 310 20.27 14.20 -19.63
CA LEU B 310 20.73 14.34 -21.01
C LEU B 310 22.02 15.13 -21.08
N ASN B 311 22.14 16.20 -20.29
CA ASN B 311 23.38 16.97 -20.25
C ASN B 311 24.54 16.13 -19.74
N ARG B 312 24.30 15.30 -18.73
CA ARG B 312 25.34 14.43 -18.20
C ARG B 312 25.77 13.40 -19.23
N LEU B 313 24.81 12.82 -19.96
CA LEU B 313 25.14 11.83 -20.97
C LEU B 313 25.74 12.44 -22.21
N SER B 314 25.61 13.76 -22.39
CA SER B 314 26.12 14.39 -23.60
C SER B 314 27.63 14.28 -23.75
N ALA B 315 28.36 14.01 -22.66
CA ALA B 315 29.81 13.97 -22.75
C ALA B 315 30.28 12.83 -23.64
N TYR B 316 29.65 11.67 -23.54
CA TYR B 316 30.07 10.47 -24.25
C TYR B 316 29.35 10.27 -25.57
N PHE B 317 28.79 11.33 -26.15
CA PHE B 317 28.06 11.21 -27.41
C PHE B 317 29.02 10.95 -28.55
N PRO B 318 28.53 10.40 -29.66
CA PRO B 318 29.37 10.33 -30.87
C PRO B 318 29.72 11.71 -31.39
N ALA B 319 30.45 11.75 -32.51
CA ALA B 319 30.98 13.03 -32.99
C ALA B 319 29.87 14.00 -33.35
N SER B 320 28.86 13.54 -34.08
CA SER B 320 27.90 14.44 -34.68
C SER B 320 26.59 14.56 -33.91
N LEU B 321 26.30 13.65 -32.99
CA LEU B 321 24.99 13.63 -32.35
C LEU B 321 24.80 14.87 -31.47
N LYS B 322 23.69 15.56 -31.67
CA LYS B 322 23.29 16.67 -30.82
C LYS B 322 21.82 16.54 -30.48
N THR B 323 21.47 16.94 -29.27
CA THR B 323 20.11 16.78 -28.76
C THR B 323 19.34 18.09 -28.87
N VAL B 324 18.07 17.98 -29.23
CA VAL B 324 17.17 19.11 -29.34
C VAL B 324 15.85 18.73 -28.68
N TYR B 325 15.08 19.75 -28.30
CA TYR B 325 13.79 19.58 -27.65
C TYR B 325 12.72 20.20 -28.54
N PRO B 326 12.02 19.40 -29.35
CA PRO B 326 10.99 19.94 -30.24
C PRO B 326 9.58 19.92 -29.65
N TYR B 327 9.43 19.61 -28.38
CA TYR B 327 8.11 19.60 -27.74
C TYR B 327 8.32 19.58 -26.23
N ASP B 328 7.71 20.53 -25.54
CA ASP B 328 7.86 20.63 -24.09
C ASP B 328 6.70 21.43 -23.53
N THR B 329 6.08 20.91 -22.47
CA THR B 329 4.93 21.56 -21.86
C THR B 329 5.25 22.24 -20.53
N THR B 330 6.50 22.19 -20.08
CA THR B 330 6.92 22.80 -18.82
C THR B 330 7.17 24.31 -18.88
N PRO B 331 7.72 24.87 -19.97
CA PRO B 331 7.87 26.34 -20.02
C PRO B 331 6.54 27.07 -19.85
N PHE B 332 5.45 26.48 -20.32
CA PHE B 332 4.14 27.08 -20.05
C PHE B 332 3.86 27.11 -18.56
N ILE B 333 4.20 26.04 -17.84
CA ILE B 333 3.98 26.02 -16.40
C ILE B 333 4.78 27.13 -15.72
N GLU B 334 6.05 27.26 -16.10
CA GLU B 334 6.90 28.29 -15.49
C GLU B 334 6.35 29.68 -15.77
N ILE B 335 5.98 29.95 -17.02
CA ILE B 335 5.50 31.28 -17.39
C ILE B 335 4.16 31.57 -16.72
N SER B 336 3.29 30.56 -16.60
CA SER B 336 2.01 30.74 -15.94
C SER B 336 2.20 31.12 -14.48
N ILE B 337 3.05 30.39 -13.77
CA ILE B 337 3.27 30.69 -12.35
C ILE B 337 3.86 32.09 -12.19
N GLN B 338 4.83 32.43 -13.04
CA GLN B 338 5.42 33.77 -12.96
C GLN B 338 4.39 34.86 -13.19
N GLU B 339 3.50 34.65 -14.17
CA GLU B 339 2.47 35.65 -14.46
C GLU B 339 1.51 35.81 -13.30
N VAL B 340 1.12 34.71 -12.65
CA VAL B 340 0.21 34.86 -11.52
C VAL B 340 0.88 35.57 -10.36
N PHE B 341 2.18 35.33 -10.16
CA PHE B 341 2.88 36.10 -9.12
C PHE B 341 2.95 37.59 -9.48
N LYS B 342 3.15 37.90 -10.76
CA LYS B 342 3.10 39.29 -11.19
C LYS B 342 1.75 39.92 -10.90
N THR B 343 0.67 39.18 -11.16
CA THR B 343 -0.66 39.67 -10.85
C THR B 343 -0.82 39.90 -9.35
N LEU B 344 -0.26 39.02 -8.52
CA LEU B 344 -0.33 39.21 -7.08
C LEU B 344 0.33 40.51 -6.66
N VAL B 345 1.51 40.80 -7.21
CA VAL B 345 2.19 42.05 -6.86
C VAL B 345 1.38 43.26 -7.33
N GLU B 346 0.82 43.17 -8.54
CA GLU B 346 -0.03 44.26 -9.02
C GLU B 346 -1.21 44.49 -8.09
N ALA B 347 -1.84 43.41 -7.61
CA ALA B 347 -2.98 43.55 -6.73
C ALA B 347 -2.59 44.20 -5.41
N ILE B 348 -1.44 43.82 -4.85
CA ILE B 348 -0.99 44.44 -3.61
C ILE B 348 -0.78 45.94 -3.81
N ILE B 349 -0.14 46.31 -4.91
CA ILE B 349 0.11 47.73 -5.18
C ILE B 349 -1.21 48.48 -5.32
N LEU B 350 -2.16 47.92 -6.05
CA LEU B 350 -3.42 48.60 -6.28
C LEU B 350 -4.22 48.77 -5.00
N VAL B 351 -4.28 47.74 -4.15
CA VAL B 351 -5.03 47.88 -2.91
C VAL B 351 -4.36 48.90 -2.01
N PHE B 352 -3.02 48.92 -1.97
CA PHE B 352 -2.34 49.95 -1.18
C PHE B 352 -2.66 51.35 -1.68
N LEU B 353 -2.70 51.52 -3.01
CA LEU B 353 -3.06 52.82 -3.57
C LEU B 353 -4.46 53.23 -3.16
N VAL B 354 -5.39 52.27 -3.16
CA VAL B 354 -6.75 52.57 -2.72
C VAL B 354 -6.76 53.01 -1.27
N MET B 355 -6.00 52.33 -0.41
CA MET B 355 -6.00 52.71 1.00
C MET B 355 -5.43 54.11 1.19
N TYR B 356 -4.36 54.45 0.47
CA TYR B 356 -3.85 55.80 0.58
C TYR B 356 -4.85 56.82 0.07
N LEU B 357 -5.58 56.48 -1.00
CA LEU B 357 -6.58 57.40 -1.52
C LEU B 357 -7.67 57.67 -0.49
N PHE B 358 -8.08 56.63 0.23
CA PHE B 358 -9.21 56.80 1.14
C PHE B 358 -8.80 57.36 2.49
N LEU B 359 -7.85 56.70 3.18
CA LEU B 359 -7.47 57.13 4.52
C LEU B 359 -6.72 58.47 4.49
N GLN B 360 -6.01 58.75 3.39
CA GLN B 360 -5.34 60.01 3.10
C GLN B 360 -4.09 60.25 3.96
N ASN B 361 -3.70 59.31 4.82
CA ASN B 361 -2.47 59.46 5.59
C ASN B 361 -1.67 58.17 5.54
N PHE B 362 -0.34 58.32 5.59
CA PHE B 362 0.58 57.21 5.41
C PHE B 362 0.61 56.30 6.66
N ARG B 363 0.63 56.91 7.85
CA ARG B 363 0.75 56.14 9.08
C ARG B 363 -0.42 55.17 9.23
N ALA B 364 -1.63 55.64 8.97
CA ALA B 364 -2.80 54.77 9.02
C ALA B 364 -2.88 53.85 7.82
N THR B 365 -2.07 54.07 6.78
CA THR B 365 -2.13 53.26 5.57
C THR B 365 -1.22 52.05 5.65
N ILE B 366 -0.05 52.16 6.27
CA ILE B 366 0.88 51.03 6.24
C ILE B 366 0.39 49.83 7.05
N ILE B 367 -0.52 50.03 8.01
CA ILE B 367 -0.92 48.92 8.87
C ILE B 367 -1.52 47.76 8.07
N PRO B 368 -2.49 47.97 7.20
CA PRO B 368 -2.90 46.88 6.30
C PRO B 368 -1.82 46.44 5.32
N THR B 369 -0.97 47.38 4.90
CA THR B 369 0.15 47.03 4.03
C THR B 369 1.14 46.12 4.74
N ILE B 370 1.19 46.16 6.07
CA ILE B 370 1.97 45.19 6.82
C ILE B 370 1.17 43.91 7.06
N ALA B 371 -0.15 44.04 7.23
CA ALA B 371 -0.98 42.86 7.46
C ALA B 371 -0.95 41.90 6.28
N VAL B 372 -0.98 42.43 5.05
CA VAL B 372 -1.13 41.56 3.88
C VAL B 372 0.01 40.56 3.73
N PRO B 373 1.29 40.95 3.76
CA PRO B 373 2.35 39.92 3.64
C PRO B 373 2.28 38.87 4.73
N VAL B 374 1.90 39.26 5.95
CA VAL B 374 1.78 38.29 7.03
C VAL B 374 0.81 37.19 6.65
N VAL B 375 -0.38 37.57 6.18
CA VAL B 375 -1.40 36.58 5.86
C VAL B 375 -1.01 35.76 4.65
N ILE B 376 -0.39 36.39 3.65
CA ILE B 376 -0.01 35.64 2.44
C ILE B 376 1.03 34.58 2.77
N LEU B 377 2.06 34.96 3.54
CA LEU B 377 3.10 34.00 3.87
C LEU B 377 2.58 32.94 4.85
N GLY B 378 1.69 33.31 5.76
CA GLY B 378 1.07 32.31 6.61
C GLY B 378 0.26 31.31 5.81
N THR B 379 -0.43 31.79 4.78
CA THR B 379 -1.17 30.87 3.90
C THR B 379 -0.22 29.93 3.18
N PHE B 380 0.92 30.44 2.72
CA PHE B 380 1.91 29.56 2.10
C PHE B 380 2.41 28.51 3.09
N ALA B 381 2.65 28.92 4.34
CA ALA B 381 3.11 27.98 5.35
C ALA B 381 2.09 26.89 5.61
N ILE B 382 0.81 27.27 5.72
CA ILE B 382 -0.24 26.28 5.94
C ILE B 382 -0.37 25.37 4.73
N LEU B 383 -0.19 25.92 3.53
CA LEU B 383 -0.18 25.12 2.32
C LEU B 383 0.88 24.03 2.39
N SER B 384 2.10 24.41 2.75
CA SER B 384 3.17 23.41 2.85
C SER B 384 2.87 22.40 3.95
N ALA B 385 2.37 22.85 5.09
CA ALA B 385 2.13 21.96 6.21
C ALA B 385 1.06 20.92 5.89
N VAL B 386 -0.02 21.34 5.22
CA VAL B 386 -1.12 20.43 4.94
C VAL B 386 -0.86 19.54 3.73
N GLY B 387 0.17 19.83 2.94
CA GLY B 387 0.54 18.97 1.84
C GLY B 387 -0.09 19.32 0.51
N PHE B 388 0.06 20.57 0.08
CA PHE B 388 -0.37 21.01 -1.24
C PHE B 388 0.81 21.62 -1.99
N THR B 389 0.56 22.06 -3.21
CA THR B 389 1.56 22.64 -4.08
C THR B 389 1.33 24.13 -4.26
N ILE B 390 2.32 24.80 -4.85
CA ILE B 390 2.16 26.23 -5.14
C ILE B 390 1.04 26.43 -6.15
N ASN B 391 1.00 25.61 -7.20
CA ASN B 391 -0.17 25.49 -8.06
C ASN B 391 -0.51 26.77 -8.80
N THR B 392 -1.55 26.72 -9.64
CA THR B 392 -2.11 27.92 -10.24
C THR B 392 -3.42 28.32 -9.58
N LEU B 393 -4.27 27.33 -9.28
CA LEU B 393 -5.51 27.60 -8.56
C LEU B 393 -5.22 28.18 -7.18
N THR B 394 -4.19 27.68 -6.51
CA THR B 394 -3.80 28.25 -5.22
C THR B 394 -3.40 29.71 -5.34
N MET B 395 -2.60 30.05 -6.34
CA MET B 395 -2.20 31.44 -6.53
C MET B 395 -3.38 32.33 -6.88
N PHE B 396 -4.34 31.82 -7.66
CA PHE B 396 -5.58 32.56 -7.86
C PHE B 396 -6.31 32.77 -6.54
N GLY B 397 -6.32 31.76 -5.67
CA GLY B 397 -6.92 31.94 -4.37
C GLY B 397 -6.28 33.05 -3.57
N MET B 398 -4.95 33.13 -3.61
CA MET B 398 -4.26 34.20 -2.89
C MET B 398 -4.59 35.57 -3.50
N VAL B 399 -4.61 35.66 -4.83
CA VAL B 399 -4.96 36.92 -5.48
C VAL B 399 -6.36 37.35 -5.07
N LEU B 400 -7.29 36.41 -5.00
CA LEU B 400 -8.64 36.70 -4.54
C LEU B 400 -8.65 37.15 -3.08
N ALA B 401 -7.86 36.49 -2.23
CA ALA B 401 -7.93 36.73 -0.80
C ALA B 401 -7.28 38.03 -0.38
N ILE B 402 -6.42 38.60 -1.23
CA ILE B 402 -5.78 39.88 -0.93
C ILE B 402 -6.83 40.92 -0.54
N GLY B 403 -7.88 41.01 -1.34
CA GLY B 403 -8.92 41.97 -1.07
C GLY B 403 -9.54 41.78 0.30
N LEU B 404 -9.81 40.53 0.68
CA LEU B 404 -10.48 40.25 1.95
C LEU B 404 -9.59 40.61 3.14
N LEU B 405 -8.30 40.30 3.06
CA LEU B 405 -7.38 40.71 4.12
C LEU B 405 -7.42 42.22 4.29
N VAL B 406 -7.30 42.95 3.18
CA VAL B 406 -7.32 44.40 3.32
C VAL B 406 -8.68 44.85 3.84
N ASP B 407 -9.76 44.13 3.55
CA ASP B 407 -11.07 44.53 4.06
C ASP B 407 -11.12 44.50 5.58
N ASP B 408 -10.64 43.40 6.17
CA ASP B 408 -10.64 43.31 7.64
C ASP B 408 -9.77 44.43 8.24
N ALA B 409 -8.59 44.63 7.66
CA ALA B 409 -7.71 45.68 8.16
C ALA B 409 -8.34 47.06 8.01
N ILE B 410 -9.05 47.29 6.90
CA ILE B 410 -9.82 48.52 6.72
C ILE B 410 -10.79 48.72 7.85
N VAL B 411 -11.57 47.67 8.17
CA VAL B 411 -12.60 47.85 9.20
C VAL B 411 -11.95 48.33 10.50
N VAL B 412 -10.91 47.63 10.93
CA VAL B 412 -10.29 47.98 12.21
C VAL B 412 -9.71 49.39 12.17
N VAL B 413 -8.89 49.67 11.15
CA VAL B 413 -8.14 50.92 11.14
C VAL B 413 -9.07 52.11 10.95
N GLU B 414 -10.06 51.99 10.06
CA GLU B 414 -10.99 53.07 9.82
C GLU B 414 -11.82 53.37 11.07
N ASN B 415 -12.29 52.33 11.77
CA ASN B 415 -13.03 52.61 13.01
C ASN B 415 -12.15 53.33 14.02
N VAL B 416 -10.90 52.89 14.17
CA VAL B 416 -10.01 53.55 15.13
C VAL B 416 -9.80 55.01 14.73
N GLU B 417 -9.57 55.27 13.45
CA GLU B 417 -9.33 56.64 13.00
C GLU B 417 -10.55 57.53 13.20
N ARG B 418 -11.74 57.00 12.92
CA ARG B 418 -12.96 57.78 13.14
C ARG B 418 -13.16 58.09 14.61
N VAL B 419 -12.88 57.12 15.49
CA VAL B 419 -12.99 57.37 16.92
C VAL B 419 -11.99 58.44 17.34
N ILE B 420 -10.78 58.38 16.78
CA ILE B 420 -9.76 59.38 17.11
C ILE B 420 -10.21 60.78 16.70
N ALA B 421 -10.74 60.90 15.48
CA ALA B 421 -11.04 62.20 14.91
C ALA B 421 -12.45 62.71 15.21
N GLU B 422 -13.25 61.93 15.92
CA GLU B 422 -14.60 62.36 16.27
C GLU B 422 -14.85 62.43 17.76
N ASP B 423 -14.10 61.70 18.57
CA ASP B 423 -14.29 61.70 20.02
C ASP B 423 -13.15 62.34 20.79
N LYS B 424 -12.05 62.69 20.14
CA LYS B 424 -10.91 63.37 20.76
C LYS B 424 -10.34 62.54 21.91
N LEU B 425 -9.81 61.37 21.55
CA LEU B 425 -9.19 60.45 22.47
C LEU B 425 -7.75 60.15 22.04
N PRO B 426 -6.87 59.81 22.98
CA PRO B 426 -5.55 59.31 22.62
C PRO B 426 -5.66 57.95 21.94
N PRO B 427 -4.66 57.58 21.13
CA PRO B 427 -4.79 56.34 20.35
C PRO B 427 -5.02 55.09 21.18
N LYS B 428 -4.47 55.01 22.40
CA LYS B 428 -4.63 53.81 23.20
C LYS B 428 -6.09 53.61 23.61
N GLU B 429 -6.71 54.65 24.18
CA GLU B 429 -8.11 54.55 24.56
C GLU B 429 -9.02 54.47 23.33
N ALA B 430 -8.62 55.13 22.24
CA ALA B 430 -9.38 55.01 21.00
C ALA B 430 -9.42 53.57 20.52
N THR B 431 -8.28 52.88 20.55
CA THR B 431 -8.26 51.46 20.22
C THR B 431 -9.08 50.65 21.21
N HIS B 432 -8.96 50.99 22.50
CA HIS B 432 -9.72 50.27 23.52
C HIS B 432 -11.22 50.31 23.22
N LYS B 433 -11.73 51.47 22.81
CA LYS B 433 -13.14 51.57 22.45
C LYS B 433 -13.45 50.89 21.12
N SER B 434 -12.62 51.15 20.11
CA SER B 434 -12.93 50.70 18.76
C SER B 434 -12.92 49.18 18.65
N MET B 435 -11.96 48.53 19.29
CA MET B 435 -11.92 47.07 19.22
C MET B 435 -13.13 46.43 19.89
N GLY B 436 -13.80 47.14 20.78
CA GLY B 436 -15.04 46.65 21.34
C GLY B 436 -16.24 46.99 20.49
N GLN B 437 -16.16 48.11 19.77
CA GLN B 437 -17.27 48.50 18.90
C GLN B 437 -17.44 47.55 17.73
N ILE B 438 -16.35 47.12 17.11
CA ILE B 438 -16.41 46.31 15.90
C ILE B 438 -16.02 44.86 16.17
N GLN B 439 -16.10 44.41 17.42
CA GLN B 439 -15.73 43.03 17.73
C GLN B 439 -16.63 42.02 17.05
N ARG B 440 -17.80 42.43 16.56
CA ARG B 440 -18.71 41.50 15.91
C ARG B 440 -18.60 41.51 14.39
N ALA B 441 -18.29 42.65 13.78
CA ALA B 441 -18.19 42.71 12.32
C ALA B 441 -17.03 41.87 11.81
N LEU B 442 -15.88 41.92 12.49
CA LEU B 442 -14.72 41.15 12.04
C LEU B 442 -15.02 39.65 12.09
N VAL B 443 -15.59 39.19 13.20
CA VAL B 443 -15.91 37.78 13.32
C VAL B 443 -16.98 37.39 12.31
N GLY B 444 -17.97 38.26 12.08
CA GLY B 444 -18.98 37.95 11.09
C GLY B 444 -18.38 37.78 9.70
N ILE B 445 -17.50 38.70 9.31
CA ILE B 445 -16.84 38.60 8.02
C ILE B 445 -16.06 37.31 7.91
N ALA B 446 -15.25 37.00 8.93
CA ALA B 446 -14.40 35.83 8.88
C ALA B 446 -15.23 34.55 8.78
N VAL B 447 -16.22 34.39 9.66
CA VAL B 447 -16.99 33.15 9.67
C VAL B 447 -17.83 33.02 8.40
N VAL B 448 -18.34 34.13 7.85
CA VAL B 448 -19.16 34.01 6.65
C VAL B 448 -18.31 33.65 5.45
N LEU B 449 -17.20 34.35 5.25
CA LEU B 449 -16.35 34.03 4.11
C LEU B 449 -15.57 32.74 4.30
N SER B 450 -15.59 32.14 5.49
CA SER B 450 -15.08 30.79 5.65
C SER B 450 -16.15 29.73 5.42
N ALA B 451 -17.35 29.94 5.96
CA ALA B 451 -18.43 28.97 5.83
C ALA B 451 -18.93 28.87 4.40
N VAL B 452 -18.82 29.94 3.61
CA VAL B 452 -19.22 29.85 2.20
C VAL B 452 -18.35 28.83 1.48
N PHE B 453 -17.03 28.87 1.74
CA PHE B 453 -16.08 27.97 1.08
C PHE B 453 -15.96 26.63 1.78
N MET B 454 -16.49 26.49 2.99
CA MET B 454 -16.37 25.22 3.71
C MET B 454 -16.91 24.02 2.93
N PRO B 455 -18.11 24.07 2.33
CA PRO B 455 -18.62 22.85 1.69
C PRO B 455 -17.92 22.47 0.40
N MET B 456 -17.40 23.44 -0.36
CA MET B 456 -16.86 23.09 -1.67
C MET B 456 -15.67 22.16 -1.58
N ALA B 457 -14.95 22.17 -0.45
CA ALA B 457 -13.79 21.29 -0.31
C ALA B 457 -14.19 19.90 0.15
N PHE B 458 -15.21 19.33 -0.49
CA PHE B 458 -15.60 17.95 -0.24
C PHE B 458 -16.07 17.20 -1.48
N MET B 459 -16.13 17.86 -2.64
CA MET B 459 -16.71 17.22 -3.82
C MET B 459 -15.82 16.09 -4.30
N SER B 460 -16.44 15.15 -5.01
CA SER B 460 -15.77 13.96 -5.50
C SER B 460 -15.43 14.12 -6.97
N GLY B 461 -14.17 13.92 -7.32
CA GLY B 461 -13.72 14.03 -8.70
C GLY B 461 -12.64 15.08 -8.85
N ALA B 462 -12.33 15.38 -10.11
CA ALA B 462 -11.34 16.41 -10.41
C ALA B 462 -11.82 17.77 -9.92
N THR B 463 -13.10 18.06 -10.08
CA THR B 463 -13.65 19.31 -9.58
C THR B 463 -13.50 19.41 -8.07
N GLY B 464 -13.54 18.28 -7.37
CA GLY B 464 -13.27 18.31 -5.94
C GLY B 464 -11.86 18.79 -5.64
N GLU B 465 -10.89 18.31 -6.43
CA GLU B 465 -9.51 18.77 -6.26
C GLU B 465 -9.40 20.26 -6.54
N ILE B 466 -10.02 20.73 -7.62
CA ILE B 466 -9.98 22.15 -7.96
C ILE B 466 -10.57 22.98 -6.83
N TYR B 467 -11.72 22.54 -6.30
CA TYR B 467 -12.38 23.27 -5.23
C TYR B 467 -11.55 23.26 -3.96
N ARG B 468 -10.92 22.13 -3.62
CA ARG B 468 -10.07 22.09 -2.44
C ARG B 468 -8.89 23.06 -2.58
N GLN B 469 -8.29 23.12 -3.78
CA GLN B 469 -7.23 24.09 -4.01
C GLN B 469 -7.72 25.52 -3.84
N PHE B 470 -8.91 25.82 -4.38
CA PHE B 470 -9.44 27.18 -4.26
C PHE B 470 -9.98 27.48 -2.87
N SER B 471 -10.17 26.45 -2.04
CA SER B 471 -10.87 26.60 -0.77
C SER B 471 -9.93 26.66 0.43
N ILE B 472 -8.89 25.81 0.46
CA ILE B 472 -7.98 25.83 1.60
C ILE B 472 -7.27 27.17 1.68
N THR B 473 -6.78 27.67 0.55
CA THR B 473 -6.06 28.93 0.51
C THR B 473 -6.94 30.13 0.77
N LEU B 474 -8.26 29.96 0.78
CA LEU B 474 -9.16 31.04 1.14
C LEU B 474 -9.65 30.97 2.58
N ILE B 475 -9.98 29.77 3.08
CA ILE B 475 -10.33 29.65 4.50
C ILE B 475 -9.14 30.00 5.38
N SER B 476 -7.96 29.46 5.06
CA SER B 476 -6.78 29.77 5.87
C SER B 476 -6.47 31.26 5.78
N SER B 477 -6.61 31.84 4.60
CA SER B 477 -6.34 33.27 4.44
C SER B 477 -7.30 34.10 5.28
N MET B 478 -8.59 33.74 5.28
CA MET B 478 -9.57 34.50 6.07
C MET B 478 -9.28 34.39 7.56
N LEU B 479 -9.00 33.17 8.04
CA LEU B 479 -8.76 32.99 9.46
C LEU B 479 -7.49 33.73 9.91
N LEU B 480 -6.42 33.63 9.13
CA LEU B 480 -5.22 34.38 9.47
C LEU B 480 -5.45 35.88 9.38
N SER B 481 -6.32 36.32 8.45
CA SER B 481 -6.62 37.74 8.35
C SER B 481 -7.33 38.25 9.60
N VAL B 482 -8.30 37.48 10.10
CA VAL B 482 -8.99 37.91 11.31
C VAL B 482 -8.04 37.88 12.51
N PHE B 483 -7.13 36.89 12.54
CA PHE B 483 -6.13 36.83 13.59
C PHE B 483 -5.25 38.08 13.56
N VAL B 484 -4.80 38.47 12.36
CA VAL B 484 -3.95 39.65 12.23
C VAL B 484 -4.72 40.90 12.64
N ALA B 485 -5.95 41.04 12.15
CA ALA B 485 -6.75 42.21 12.46
C ALA B 485 -7.09 42.31 13.95
N MET B 486 -7.05 41.20 14.69
CA MET B 486 -7.29 41.26 16.12
C MET B 486 -6.02 41.30 16.95
N SER B 487 -4.86 40.98 16.38
CA SER B 487 -3.62 40.91 17.15
C SER B 487 -2.62 41.99 16.75
N LEU B 488 -2.25 42.08 15.48
CA LEU B 488 -1.18 42.97 15.06
C LEU B 488 -1.69 44.36 14.70
N THR B 489 -2.74 44.42 13.90
CA THR B 489 -3.32 45.72 13.54
C THR B 489 -3.74 46.54 14.76
N PRO B 490 -4.41 45.99 15.77
CA PRO B 490 -4.72 46.83 16.94
C PRO B 490 -3.49 47.37 17.64
N ALA B 491 -2.43 46.57 17.74
CA ALA B 491 -1.21 47.06 18.38
C ALA B 491 -0.58 48.19 17.59
N LEU B 492 -0.52 48.05 16.26
CA LEU B 492 0.03 49.11 15.42
C LEU B 492 -0.81 50.37 15.52
N CYS B 493 -2.14 50.22 15.54
CA CYS B 493 -3.01 51.38 15.69
C CYS B 493 -2.81 52.05 17.04
N ALA B 494 -2.53 51.27 18.08
CA ALA B 494 -2.24 51.84 19.39
C ALA B 494 -0.92 52.59 19.39
N THR B 495 0.08 52.08 18.67
CA THR B 495 1.42 52.64 18.70
C THR B 495 1.70 53.60 17.55
N ILE B 496 1.50 53.15 16.30
CA ILE B 496 1.92 53.95 15.15
C ILE B 496 1.02 55.17 14.98
N LEU B 497 -0.29 55.01 15.18
CA LEU B 497 -1.23 56.09 14.91
C LEU B 497 -0.96 57.28 15.82
N LYS B 498 -1.13 58.48 15.27
CA LYS B 498 -0.91 59.71 16.01
C LYS B 498 -2.10 60.64 15.79
N ALA B 499 -2.41 61.42 16.81
CA ALA B 499 -3.54 62.34 16.74
C ALA B 499 -3.30 63.39 15.66
N ALA B 500 -4.33 63.63 14.84
CA ALA B 500 -4.22 64.58 13.74
C ALA B 500 -4.14 66.01 14.25
N PHE B 511 -5.97 67.02 -3.00
CA PHE B 511 -7.00 66.28 -3.72
C PHE B 511 -8.31 66.27 -2.95
N ALA B 512 -8.77 67.45 -2.53
CA ALA B 512 -10.02 67.58 -1.81
C ALA B 512 -11.24 67.35 -2.69
N ARG B 513 -11.07 67.26 -4.02
CA ARG B 513 -12.19 66.96 -4.89
C ARG B 513 -12.77 65.58 -4.58
N PHE B 514 -11.91 64.62 -4.28
CA PHE B 514 -12.40 63.29 -3.89
C PHE B 514 -13.21 63.36 -2.60
N ASN B 515 -12.74 64.13 -1.62
CA ASN B 515 -13.48 64.27 -0.38
C ASN B 515 -14.83 64.92 -0.62
N THR B 516 -14.86 65.94 -1.48
CA THR B 516 -16.13 66.59 -1.82
C THR B 516 -17.08 65.61 -2.49
N LEU B 517 -16.57 64.80 -3.43
CA LEU B 517 -17.40 63.81 -4.09
C LEU B 517 -17.95 62.81 -3.07
N PHE B 518 -17.11 62.35 -2.15
CA PHE B 518 -17.56 61.36 -1.18
C PHE B 518 -18.61 61.94 -0.23
N GLU B 519 -18.41 63.17 0.24
CA GLU B 519 -19.39 63.74 1.17
C GLU B 519 -20.70 64.04 0.45
N LYS B 520 -20.64 64.52 -0.80
CA LYS B 520 -21.87 64.71 -1.56
C LYS B 520 -22.60 63.40 -1.79
N SER B 521 -21.85 62.35 -2.14
CA SER B 521 -22.46 61.04 -2.38
C SER B 521 -23.08 60.48 -1.11
N THR B 522 -22.40 60.63 0.03
CA THR B 522 -22.95 60.07 1.27
C THR B 522 -24.14 60.87 1.76
N GLN B 523 -24.15 62.20 1.54
CA GLN B 523 -25.35 62.98 1.84
C GLN B 523 -26.52 62.57 0.96
N HIS B 524 -26.27 62.38 -0.34
CA HIS B 524 -27.32 61.91 -1.23
C HIS B 524 -27.82 60.54 -0.82
N TYR B 525 -26.91 59.65 -0.41
CA TYR B 525 -27.31 58.32 0.02
C TYR B 525 -28.17 58.38 1.27
N THR B 526 -27.78 59.23 2.23
CA THR B 526 -28.58 59.38 3.45
C THR B 526 -29.96 59.93 3.13
N ASP B 527 -30.03 60.91 2.23
CA ASP B 527 -31.32 61.49 1.88
C ASP B 527 -32.18 60.55 1.05
N SER B 528 -31.58 59.64 0.29
CA SER B 528 -32.33 58.74 -0.56
C SER B 528 -32.74 57.46 0.14
N THR B 529 -31.96 57.00 1.13
CA THR B 529 -32.34 55.82 1.89
C THR B 529 -33.46 56.09 2.88
N ARG B 530 -33.80 57.36 3.11
CA ARG B 530 -34.99 57.70 3.88
C ARG B 530 -36.26 57.57 3.06
N SER B 531 -36.15 57.42 1.73
CA SER B 531 -37.33 57.24 0.88
C SER B 531 -37.88 55.83 0.94
N LEU B 532 -37.33 54.96 1.78
CA LEU B 532 -37.94 53.66 2.02
C LEU B 532 -39.22 53.75 2.85
N LEU B 533 -39.54 54.94 3.37
CA LEU B 533 -40.76 55.12 4.15
C LEU B 533 -41.98 54.67 3.35
N ARG B 534 -42.03 55.03 2.09
CA ARG B 534 -42.95 54.44 1.13
C ARG B 534 -42.16 53.59 0.15
N CYS B 535 -42.87 53.00 -0.81
CA CYS B 535 -42.30 52.17 -1.87
C CYS B 535 -41.58 50.94 -1.33
N THR B 536 -41.67 50.67 -0.03
CA THR B 536 -41.08 49.46 0.53
C THR B 536 -41.85 48.21 0.13
N GLY B 537 -43.04 48.36 -0.43
CA GLY B 537 -43.77 47.24 -0.99
C GLY B 537 -43.49 47.05 -2.46
N ARG B 538 -42.89 48.06 -3.10
CA ARG B 538 -42.52 47.96 -4.50
C ARG B 538 -41.05 47.61 -4.71
N TYR B 539 -40.17 47.97 -3.78
CA TYR B 539 -38.81 47.46 -3.88
C TYR B 539 -38.75 45.96 -3.61
N MET B 540 -39.70 45.42 -2.86
CA MET B 540 -39.79 43.99 -2.67
C MET B 540 -40.32 43.27 -3.91
N VAL B 541 -40.82 44.00 -4.92
CA VAL B 541 -41.20 43.36 -6.18
C VAL B 541 -40.11 43.64 -7.20
N VAL B 542 -39.40 44.75 -7.04
CA VAL B 542 -38.21 44.98 -7.87
C VAL B 542 -37.15 43.94 -7.56
N TYR B 543 -37.00 43.59 -6.28
CA TYR B 543 -36.09 42.51 -5.91
C TYR B 543 -36.53 41.18 -6.51
N LEU B 544 -37.84 40.92 -6.53
CA LEU B 544 -38.33 39.70 -7.15
C LEU B 544 -38.06 39.70 -8.64
N LEU B 545 -38.21 40.85 -9.30
CA LEU B 545 -37.89 40.94 -10.72
C LEU B 545 -36.40 40.68 -10.96
N ILE B 546 -35.54 41.22 -10.10
CA ILE B 546 -34.11 40.98 -10.25
C ILE B 546 -33.78 39.51 -10.04
N CYS B 547 -34.43 38.87 -9.06
CA CYS B 547 -34.21 37.45 -8.84
C CYS B 547 -34.68 36.63 -10.03
N ALA B 548 -35.81 36.99 -10.63
CA ALA B 548 -36.28 36.29 -11.82
C ALA B 548 -35.32 36.48 -12.99
N GLY B 549 -34.81 37.70 -13.16
CA GLY B 549 -33.81 37.93 -14.19
C GLY B 549 -32.56 37.11 -13.98
N MET B 550 -32.10 37.00 -12.73
CA MET B 550 -30.95 36.17 -12.43
C MET B 550 -31.23 34.71 -12.76
N ALA B 551 -32.41 34.22 -12.38
CA ALA B 551 -32.74 32.83 -12.65
C ALA B 551 -32.85 32.55 -14.13
N VAL B 552 -33.28 33.53 -14.92
CA VAL B 552 -33.29 33.38 -16.37
C VAL B 552 -31.87 33.37 -16.92
N LEU B 553 -31.03 34.30 -16.45
CA LEU B 553 -29.67 34.41 -16.97
C LEU B 553 -28.85 33.18 -16.64
N PHE B 554 -29.10 32.55 -15.50
CA PHE B 554 -28.34 31.35 -15.14
C PHE B 554 -28.62 30.20 -16.09
N LEU B 555 -29.71 30.26 -16.86
CA LEU B 555 -30.01 29.25 -17.85
C LEU B 555 -29.58 29.63 -19.25
N ARG B 556 -29.35 30.91 -19.51
CA ARG B 556 -28.94 31.38 -20.83
C ARG B 556 -27.43 31.32 -21.04
N THR B 557 -26.65 31.03 -20.00
CA THR B 557 -25.20 30.99 -20.15
C THR B 557 -24.75 29.62 -20.64
N PRO B 558 -23.78 29.57 -21.54
CA PRO B 558 -23.24 28.28 -21.98
C PRO B 558 -22.38 27.66 -20.88
N THR B 559 -22.13 26.36 -21.03
CA THR B 559 -21.38 25.60 -20.05
C THR B 559 -20.01 25.24 -20.62
N SER B 560 -19.02 25.15 -19.73
CA SER B 560 -17.68 24.72 -20.10
C SER B 560 -17.00 24.14 -18.86
N PHE B 561 -15.78 23.67 -19.04
CA PHE B 561 -15.01 23.11 -17.93
C PHE B 561 -13.78 23.94 -17.59
N LEU B 562 -12.86 24.13 -18.55
CA LEU B 562 -11.66 24.93 -18.33
C LEU B 562 -11.27 25.55 -19.66
N PRO B 563 -10.93 26.84 -19.67
CA PRO B 563 -10.65 27.52 -20.93
C PRO B 563 -9.39 27.01 -21.60
N GLU B 564 -9.37 27.12 -22.93
CA GLU B 564 -8.19 26.78 -23.70
C GLU B 564 -7.05 27.77 -23.40
N GLU B 565 -5.82 27.27 -23.48
CA GLU B 565 -4.65 28.08 -23.19
C GLU B 565 -3.65 27.99 -24.33
N ASP B 566 -2.79 28.99 -24.42
CA ASP B 566 -1.69 29.02 -25.38
C ASP B 566 -0.47 28.40 -24.71
N GLN B 567 -0.27 27.10 -24.93
CA GLN B 567 0.82 26.39 -24.29
C GLN B 567 2.12 26.46 -25.06
N GLY B 568 2.14 27.18 -26.18
CA GLY B 568 3.35 27.34 -26.97
C GLY B 568 3.64 26.20 -27.91
N VAL B 569 2.89 25.10 -27.83
CA VAL B 569 3.06 23.96 -28.71
C VAL B 569 1.68 23.51 -29.18
N PHE B 570 1.66 22.80 -30.29
CA PHE B 570 0.42 22.14 -30.74
C PHE B 570 0.80 20.98 -31.65
N MET B 571 -0.22 20.30 -32.19
CA MET B 571 0.05 19.10 -32.96
C MET B 571 -0.78 19.11 -34.22
N THR B 572 -0.31 18.36 -35.22
CA THR B 572 -1.11 18.14 -36.42
C THR B 572 -1.05 16.67 -36.78
N THR B 573 -2.20 16.08 -37.06
CA THR B 573 -2.27 14.70 -37.51
C THR B 573 -2.42 14.65 -39.01
N ALA B 574 -1.80 13.65 -39.62
CA ALA B 574 -1.85 13.46 -41.08
C ALA B 574 -2.21 12.00 -41.33
N GLN B 575 -3.44 11.75 -41.74
CA GLN B 575 -3.96 10.42 -41.94
C GLN B 575 -4.25 10.20 -43.42
N LEU B 576 -3.66 9.18 -43.99
CA LEU B 576 -3.76 8.91 -45.42
C LEU B 576 -4.86 7.90 -45.68
N PRO B 577 -5.30 7.76 -46.94
CA PRO B 577 -6.30 6.73 -47.26
C PRO B 577 -5.78 5.35 -46.92
N SER B 578 -6.69 4.49 -46.45
CA SER B 578 -6.32 3.14 -46.04
C SER B 578 -5.74 2.38 -47.22
N GLY B 579 -4.61 1.72 -46.99
CA GLY B 579 -3.88 1.04 -48.04
C GLY B 579 -2.69 1.80 -48.58
N ALA B 580 -2.42 3.01 -48.11
CA ALA B 580 -1.25 3.75 -48.52
C ALA B 580 -0.02 3.25 -47.76
N THR B 581 1.15 3.65 -48.22
CA THR B 581 2.41 3.18 -47.70
C THR B 581 3.15 4.30 -46.99
N MET B 582 4.33 3.95 -46.46
CA MET B 582 5.13 4.93 -45.73
C MET B 582 5.72 5.98 -46.64
N VAL B 583 5.87 5.67 -47.93
CA VAL B 583 6.41 6.66 -48.87
C VAL B 583 5.48 7.86 -48.96
N ASN B 584 4.18 7.59 -49.13
CA ASN B 584 3.22 8.69 -49.27
C ASN B 584 3.07 9.45 -47.97
N THR B 585 3.08 8.76 -46.83
CA THR B 585 2.99 9.45 -45.55
C THR B 585 4.21 10.33 -45.31
N THR B 586 5.40 9.86 -45.69
CA THR B 586 6.60 10.68 -45.55
C THR B 586 6.51 11.90 -46.44
N LYS B 587 6.01 11.76 -47.66
CA LYS B 587 5.84 12.92 -48.52
C LYS B 587 4.85 13.92 -47.92
N VAL B 588 3.74 13.42 -47.36
CA VAL B 588 2.74 14.30 -46.76
C VAL B 588 3.33 15.05 -45.58
N LEU B 589 4.05 14.35 -44.71
CA LEU B 589 4.65 15.01 -43.55
C LEU B 589 5.74 15.99 -43.97
N GLN B 590 6.46 15.70 -45.05
CA GLN B 590 7.42 16.68 -45.55
C GLN B 590 6.72 17.94 -46.04
N GLN B 591 5.57 17.78 -46.70
CA GLN B 591 4.81 18.96 -47.11
C GLN B 591 4.35 19.77 -45.90
N VAL B 592 3.89 19.08 -44.86
CA VAL B 592 3.46 19.78 -43.65
C VAL B 592 4.62 20.54 -43.01
N THR B 593 5.78 19.89 -42.92
CA THR B 593 6.95 20.54 -42.35
C THR B 593 7.37 21.74 -43.18
N ASP B 594 7.33 21.62 -44.51
CA ASP B 594 7.70 22.74 -45.36
C ASP B 594 6.75 23.91 -45.16
N TYR B 595 5.44 23.64 -45.11
CA TYR B 595 4.49 24.72 -44.88
C TYR B 595 4.76 25.42 -43.57
N TYR B 596 4.91 24.66 -42.49
CA TYR B 596 5.13 25.29 -41.19
C TYR B 596 6.43 26.07 -41.14
N LEU B 597 7.48 25.54 -41.76
CA LEU B 597 8.79 26.16 -41.65
C LEU B 597 8.98 27.32 -42.63
N THR B 598 8.12 27.47 -43.64
CA THR B 598 8.20 28.62 -44.52
C THR B 598 7.13 29.67 -44.23
N LYS B 599 5.86 29.27 -44.24
CA LYS B 599 4.77 30.24 -44.10
C LYS B 599 4.55 30.69 -42.66
N GLU B 600 5.24 30.10 -41.70
CA GLU B 600 5.11 30.47 -40.29
C GLU B 600 6.48 30.63 -39.65
N LYS B 601 7.45 31.13 -40.42
CA LYS B 601 8.80 31.26 -39.89
C LYS B 601 8.88 32.31 -38.78
N ASP B 602 7.89 33.18 -38.66
CA ASP B 602 7.88 34.17 -37.59
C ASP B 602 7.38 33.63 -36.27
N ASN B 603 6.72 32.48 -36.26
CA ASN B 603 6.16 31.94 -35.02
C ASN B 603 6.69 30.57 -34.65
N VAL B 604 6.67 29.60 -35.57
CA VAL B 604 7.10 28.25 -35.22
C VAL B 604 8.62 28.20 -35.16
N GLN B 605 9.12 27.36 -34.27
CA GLN B 605 10.55 27.17 -34.07
C GLN B 605 11.02 25.79 -34.47
N SER B 606 10.23 24.75 -34.19
CA SER B 606 10.60 23.39 -34.58
C SER B 606 9.34 22.62 -34.93
N VAL B 607 9.47 21.72 -35.90
CA VAL B 607 8.35 20.86 -36.28
C VAL B 607 8.83 19.43 -36.45
N PHE B 608 8.65 18.62 -35.40
CA PHE B 608 9.14 17.25 -35.34
C PHE B 608 8.04 16.31 -35.83
N THR B 609 8.27 15.63 -36.94
CA THR B 609 7.25 14.80 -37.58
C THR B 609 7.61 13.33 -37.44
N VAL B 610 6.66 12.54 -36.96
CA VAL B 610 6.82 11.09 -36.82
C VAL B 610 5.82 10.44 -37.75
N GLY B 611 6.32 9.70 -38.75
CA GLY B 611 5.48 8.97 -39.67
C GLY B 611 5.38 7.51 -39.25
N GLY B 612 4.17 6.97 -39.32
CA GLY B 612 3.90 5.61 -38.92
C GLY B 612 3.31 5.47 -37.54
N PHE B 613 3.41 6.50 -36.71
CA PHE B 613 2.82 6.48 -35.38
C PHE B 613 1.90 7.68 -35.24
N GLY B 614 0.69 7.43 -34.76
CA GLY B 614 -0.25 8.50 -34.53
C GLY B 614 -1.18 8.16 -33.39
N PHE B 615 -1.84 9.18 -32.86
CA PHE B 615 -2.82 8.94 -31.81
C PHE B 615 -3.97 8.09 -32.31
N SER B 616 -4.26 8.16 -33.61
CA SER B 616 -5.29 7.33 -34.22
C SER B 616 -4.92 5.86 -34.24
N GLY B 617 -3.67 5.52 -33.94
CA GLY B 617 -3.23 4.14 -33.92
C GLY B 617 -2.03 3.93 -34.82
N GLN B 618 -1.11 3.08 -34.40
CA GLN B 618 0.06 2.80 -35.22
C GLN B 618 -0.36 2.18 -36.54
N GLY B 619 0.32 2.57 -37.60
CA GLY B 619 0.05 2.05 -38.92
C GLY B 619 1.12 2.51 -39.89
N GLN B 620 0.84 2.43 -41.18
CA GLN B 620 1.75 2.92 -42.19
C GLN B 620 1.22 4.14 -42.91
N ASN B 621 -0.05 4.50 -42.69
CA ASN B 621 -0.66 5.67 -43.29
C ASN B 621 -0.93 6.78 -42.26
N ASN B 622 -0.42 6.63 -41.05
CA ASN B 622 -0.60 7.62 -40.00
C ASN B 622 0.63 8.49 -39.85
N GLY B 623 0.43 9.70 -39.38
CA GLY B 623 1.55 10.56 -39.05
C GLY B 623 1.17 11.62 -38.04
N LEU B 624 2.13 11.98 -37.19
CA LEU B 624 1.96 13.02 -36.19
C LEU B 624 3.02 14.09 -36.41
N ALA B 625 2.72 15.30 -35.97
CA ALA B 625 3.70 16.38 -36.06
C ALA B 625 3.56 17.25 -34.81
N PHE B 626 4.59 17.28 -33.99
CA PHE B 626 4.65 18.18 -32.83
C PHE B 626 5.29 19.48 -33.27
N ILE B 627 4.59 20.60 -33.09
CA ILE B 627 5.10 21.91 -33.46
C ILE B 627 5.34 22.70 -32.19
N SER B 628 6.55 23.22 -32.04
CA SER B 628 6.94 24.07 -30.94
C SER B 628 7.24 25.46 -31.47
N LEU B 629 6.62 26.47 -30.87
CA LEU B 629 6.64 27.84 -31.36
C LEU B 629 7.66 28.68 -30.60
N LYS B 630 7.93 29.87 -31.14
CA LYS B 630 8.83 30.80 -30.50
C LYS B 630 8.22 31.29 -29.19
N PRO B 631 9.05 31.78 -28.26
CA PRO B 631 8.54 32.14 -26.94
C PRO B 631 7.45 33.20 -27.01
N TRP B 632 6.68 33.28 -25.93
CA TRP B 632 5.55 34.21 -25.88
C TRP B 632 5.98 35.64 -26.11
N SER B 633 7.16 36.02 -25.57
CA SER B 633 7.64 37.39 -25.72
C SER B 633 7.84 37.77 -27.18
N GLU B 634 8.11 36.80 -28.05
CA GLU B 634 8.26 37.06 -29.47
C GLU B 634 6.98 36.88 -30.25
N ARG B 635 6.06 36.06 -29.76
CA ARG B 635 4.75 35.88 -30.39
C ARG B 635 3.80 36.96 -29.88
N VAL B 636 4.02 38.17 -30.40
CA VAL B 636 3.29 39.33 -29.91
C VAL B 636 1.95 39.46 -30.64
N GLY B 637 1.00 40.10 -29.97
CA GLY B 637 -0.29 40.34 -30.56
C GLY B 637 -1.21 39.13 -30.46
N GLU B 638 -2.33 39.24 -31.16
CA GLU B 638 -3.32 38.16 -31.24
C GLU B 638 -3.18 37.33 -32.51
N GLU B 639 -2.72 37.93 -33.61
CA GLU B 639 -2.54 37.17 -34.84
C GLU B 639 -1.52 36.06 -34.64
N ASN B 640 -0.49 36.30 -33.85
CA ASN B 640 0.54 35.30 -33.59
C ASN B 640 0.27 34.51 -32.32
N SER B 641 -0.92 33.94 -32.22
CA SER B 641 -1.29 33.09 -31.10
C SER B 641 -1.54 31.68 -31.60
N VAL B 642 -1.62 30.72 -30.66
CA VAL B 642 -1.79 29.32 -31.05
C VAL B 642 -3.10 29.13 -31.79
N THR B 643 -4.18 29.72 -31.28
CA THR B 643 -5.48 29.59 -31.94
C THR B 643 -5.46 30.25 -33.32
N ALA B 644 -4.87 31.45 -33.41
CA ALA B 644 -4.78 32.14 -34.68
C ALA B 644 -3.77 31.50 -35.62
N ILE B 645 -3.00 30.53 -35.14
CA ILE B 645 -2.11 29.76 -36.01
C ILE B 645 -2.78 28.50 -36.49
N ILE B 646 -3.49 27.77 -35.62
CA ILE B 646 -4.17 26.57 -36.07
C ILE B 646 -5.34 26.93 -36.98
N GLN B 647 -6.00 28.07 -36.75
CA GLN B 647 -7.09 28.47 -37.61
C GLN B 647 -6.61 28.74 -39.04
N ARG B 648 -5.43 29.33 -39.18
CA ARG B 648 -4.86 29.57 -40.50
C ARG B 648 -4.30 28.29 -41.11
N ALA B 649 -3.71 27.43 -40.28
CA ALA B 649 -3.16 26.17 -40.78
C ALA B 649 -4.26 25.21 -41.23
N MET B 650 -5.45 25.31 -40.64
CA MET B 650 -6.56 24.49 -41.11
C MET B 650 -6.89 24.81 -42.56
N ILE B 651 -6.92 26.10 -42.90
CA ILE B 651 -7.20 26.50 -44.27
C ILE B 651 -6.03 26.15 -45.19
N ALA B 652 -4.81 26.44 -44.76
CA ALA B 652 -3.65 26.22 -45.63
C ALA B 652 -3.44 24.73 -45.91
N LEU B 653 -3.47 23.91 -44.86
CA LEU B 653 -3.27 22.47 -44.97
C LEU B 653 -4.58 21.75 -45.25
N SER B 654 -5.30 22.23 -46.25
CA SER B 654 -6.48 21.54 -46.75
C SER B 654 -6.35 21.19 -48.23
N SER B 655 -5.55 21.92 -48.98
CA SER B 655 -5.24 21.60 -50.37
C SER B 655 -3.99 20.74 -50.47
N ILE B 656 -3.97 19.65 -49.72
CA ILE B 656 -2.83 18.74 -49.69
C ILE B 656 -3.13 17.44 -50.42
N ASN B 657 -4.27 17.36 -51.12
CA ASN B 657 -4.64 16.22 -51.96
C ASN B 657 -4.91 14.96 -51.15
N LYS B 658 -4.12 13.92 -51.38
CA LYS B 658 -4.39 12.58 -50.84
C LYS B 658 -3.90 12.48 -49.39
N ALA B 659 -4.56 13.24 -48.52
CA ALA B 659 -4.25 13.22 -47.10
C ALA B 659 -5.31 14.01 -46.34
N VAL B 660 -5.53 13.60 -45.10
CA VAL B 660 -6.38 14.31 -44.16
C VAL B 660 -5.45 14.91 -43.11
N VAL B 661 -5.20 16.21 -43.20
CA VAL B 661 -4.27 16.90 -42.28
C VAL B 661 -5.09 17.82 -41.40
N PHE B 662 -5.03 17.59 -40.10
CA PHE B 662 -5.80 18.36 -39.13
C PHE B 662 -4.88 18.95 -38.07
N PRO B 663 -4.78 20.27 -37.95
CA PRO B 663 -4.07 20.87 -36.82
C PRO B 663 -4.99 21.03 -35.62
N PHE B 664 -4.43 20.88 -34.43
CA PHE B 664 -5.21 21.08 -33.21
C PHE B 664 -4.30 21.43 -32.06
N ASN B 665 -4.92 21.91 -30.99
CA ASN B 665 -4.26 22.38 -29.78
C ASN B 665 -4.55 21.43 -28.65
N LEU B 666 -3.52 21.09 -27.89
CA LEU B 666 -3.68 20.16 -26.78
C LEU B 666 -4.60 20.77 -25.71
N PRO B 667 -5.33 19.93 -24.96
CA PRO B 667 -6.36 20.47 -24.07
C PRO B 667 -5.82 21.30 -22.93
N ALA B 668 -6.73 21.87 -22.12
CA ALA B 668 -6.29 22.69 -21.00
C ALA B 668 -5.51 21.88 -19.98
N VAL B 669 -5.99 20.68 -19.67
CA VAL B 669 -5.28 19.76 -18.79
C VAL B 669 -4.58 18.75 -19.70
N ALA B 670 -3.32 19.02 -20.00
CA ALA B 670 -2.59 18.20 -20.96
C ALA B 670 -2.49 16.74 -20.54
N GLU B 671 -2.62 16.46 -19.25
CA GLU B 671 -2.52 15.10 -18.74
C GLU B 671 -3.86 14.36 -18.72
N LEU B 672 -4.95 15.02 -19.09
CA LEU B 672 -6.28 14.43 -19.03
C LEU B 672 -6.76 13.89 -20.37
N GLY B 673 -6.67 14.68 -21.43
CA GLY B 673 -7.17 14.25 -22.71
C GLY B 673 -6.16 14.31 -23.83
N THR B 674 -6.43 13.61 -24.93
CA THR B 674 -5.53 13.65 -26.08
C THR B 674 -5.68 14.94 -26.88
N ALA B 675 -6.91 15.43 -27.05
CA ALA B 675 -7.17 16.60 -27.86
C ALA B 675 -8.32 17.39 -27.25
N SER B 676 -8.33 18.69 -27.52
CA SER B 676 -9.33 19.57 -26.94
C SER B 676 -10.61 19.57 -27.77
N GLY B 677 -11.73 19.84 -27.11
CA GLY B 677 -13.02 19.82 -27.76
C GLY B 677 -13.72 18.48 -27.63
N PHE B 678 -13.84 18.01 -26.40
CA PHE B 678 -14.54 16.78 -26.03
C PHE B 678 -13.98 15.54 -26.72
N ASP B 679 -14.39 14.37 -26.23
CA ASP B 679 -13.84 13.08 -26.65
C ASP B 679 -14.98 12.07 -26.56
N MET B 680 -15.70 11.90 -27.65
CA MET B 680 -16.92 11.12 -27.63
C MET B 680 -16.62 9.67 -27.96
N GLU B 681 -17.48 8.77 -27.51
CA GLU B 681 -17.34 7.35 -27.81
C GLU B 681 -18.65 6.85 -28.40
N LEU B 682 -18.63 6.50 -29.67
CA LEU B 682 -19.77 5.90 -30.34
C LEU B 682 -19.76 4.40 -30.05
N LEU B 683 -20.64 3.96 -29.18
CA LEU B 683 -20.70 2.59 -28.69
C LEU B 683 -21.63 1.75 -29.56
N ASP B 684 -21.41 0.43 -29.53
CA ASP B 684 -22.28 -0.53 -30.20
C ASP B 684 -22.94 -1.38 -29.12
N ASN B 685 -24.19 -1.08 -28.79
CA ASN B 685 -24.92 -1.81 -27.76
C ASN B 685 -26.03 -2.70 -28.31
N GLY B 686 -26.42 -2.54 -29.57
CA GLY B 686 -27.50 -3.33 -30.12
C GLY B 686 -27.01 -4.62 -30.73
N ASN B 687 -25.79 -5.02 -30.37
CA ASN B 687 -25.14 -6.21 -30.93
C ASN B 687 -25.00 -6.11 -32.46
N LEU B 688 -24.98 -4.88 -32.96
CA LEU B 688 -24.80 -4.63 -34.38
C LEU B 688 -23.38 -4.97 -34.80
N GLY B 689 -23.21 -5.27 -36.08
CA GLY B 689 -21.90 -5.63 -36.58
C GLY B 689 -20.97 -4.44 -36.71
N HIS B 690 -19.71 -4.75 -36.97
CA HIS B 690 -18.71 -3.69 -37.14
C HIS B 690 -18.96 -2.89 -38.41
N GLU B 691 -19.36 -3.54 -39.49
CA GLU B 691 -19.59 -2.83 -40.75
C GLU B 691 -20.73 -1.83 -40.61
N LYS B 692 -21.84 -2.23 -40.00
CA LYS B 692 -22.93 -1.30 -39.77
C LYS B 692 -22.57 -0.23 -38.75
N LEU B 693 -21.66 -0.52 -37.81
CA LEU B 693 -21.16 0.53 -36.93
C LEU B 693 -20.36 1.57 -37.70
N THR B 694 -19.55 1.12 -38.68
CA THR B 694 -18.86 2.07 -39.53
C THR B 694 -19.83 2.90 -40.34
N GLN B 695 -20.90 2.27 -40.84
CA GLN B 695 -21.93 3.04 -41.56
C GLN B 695 -22.58 4.08 -40.65
N ALA B 696 -22.88 3.71 -39.41
CA ALA B 696 -23.47 4.65 -38.47
C ALA B 696 -22.51 5.80 -38.17
N ARG B 697 -21.22 5.50 -38.01
CA ARG B 697 -20.23 6.54 -37.76
C ARG B 697 -20.11 7.47 -38.96
N ASN B 698 -20.15 6.93 -40.18
CA ASN B 698 -20.13 7.77 -41.36
C ASN B 698 -21.36 8.68 -41.40
N GLU B 699 -22.53 8.14 -41.05
CA GLU B 699 -23.73 8.96 -41.01
C GLU B 699 -23.61 10.07 -39.98
N LEU B 700 -23.09 9.76 -38.80
CA LEU B 700 -22.91 10.78 -37.77
C LEU B 700 -21.92 11.86 -38.23
N LEU B 701 -20.84 11.46 -38.88
CA LEU B 701 -19.86 12.42 -39.37
C LEU B 701 -20.49 13.34 -40.41
N SER B 702 -21.28 12.76 -41.32
CA SER B 702 -21.98 13.57 -42.32
C SER B 702 -22.98 14.52 -41.66
N LEU B 703 -23.70 14.04 -40.64
CA LEU B 703 -24.67 14.87 -39.95
C LEU B 703 -24.01 16.06 -39.28
N ALA B 704 -22.91 15.82 -38.56
CA ALA B 704 -22.23 16.92 -37.90
C ALA B 704 -21.48 17.81 -38.88
N ALA B 705 -21.21 17.31 -40.09
CA ALA B 705 -20.50 18.10 -41.08
C ALA B 705 -21.38 19.17 -41.72
N GLN B 706 -22.70 18.98 -41.75
CA GLN B 706 -23.61 19.91 -42.40
C GLN B 706 -24.13 20.97 -41.44
N SER B 707 -23.65 21.02 -40.21
CA SER B 707 -24.07 21.99 -39.21
C SER B 707 -22.83 22.69 -38.65
N PRO B 708 -22.17 23.53 -39.45
CA PRO B 708 -20.91 24.12 -39.02
C PRO B 708 -21.07 25.20 -37.96
N ASN B 709 -22.29 25.69 -37.71
CA ASN B 709 -22.48 26.75 -36.74
C ASN B 709 -22.44 26.27 -35.30
N GLN B 710 -22.45 24.96 -35.07
CA GLN B 710 -22.37 24.41 -33.73
C GLN B 710 -21.11 23.60 -33.49
N VAL B 711 -20.83 22.61 -34.34
CA VAL B 711 -19.68 21.73 -34.17
C VAL B 711 -18.81 21.84 -35.41
N THR B 712 -17.51 22.02 -35.20
CA THR B 712 -16.57 22.26 -36.29
C THR B 712 -15.45 21.23 -36.23
N GLY B 713 -15.15 20.63 -37.38
CA GLY B 713 -14.03 19.70 -37.48
C GLY B 713 -14.21 18.41 -36.72
N VAL B 714 -15.37 17.79 -36.83
CA VAL B 714 -15.60 16.49 -36.22
C VAL B 714 -14.94 15.42 -37.08
N ARG B 715 -14.11 14.59 -36.45
CA ARG B 715 -13.34 13.57 -37.14
C ARG B 715 -13.27 12.33 -36.27
N PRO B 716 -13.12 11.15 -36.88
CA PRO B 716 -12.98 9.92 -36.08
C PRO B 716 -11.55 9.63 -35.70
N ASN B 717 -11.37 9.10 -34.50
CA ASN B 717 -10.06 8.72 -33.98
C ASN B 717 -9.81 7.22 -34.20
N GLY B 718 -9.85 6.81 -35.46
CA GLY B 718 -9.69 5.42 -35.78
C GLY B 718 -9.19 5.23 -37.19
N LEU B 719 -9.18 3.97 -37.62
CA LEU B 719 -8.68 3.58 -38.93
C LEU B 719 -9.76 2.80 -39.69
N GLU B 720 -9.75 2.95 -41.02
CA GLU B 720 -10.79 2.44 -41.88
C GLU B 720 -10.37 1.13 -42.54
N ASP B 721 -11.38 0.38 -42.99
CA ASP B 721 -11.15 -0.95 -43.55
C ASP B 721 -10.25 -0.90 -44.77
N THR B 722 -9.41 -1.92 -44.91
CA THR B 722 -8.42 -2.01 -45.97
C THR B 722 -8.55 -3.35 -46.69
N PRO B 723 -8.11 -3.42 -47.94
CA PRO B 723 -7.98 -4.72 -48.60
C PRO B 723 -6.91 -5.55 -47.93
N MET B 724 -7.09 -6.88 -47.98
CA MET B 724 -6.22 -7.80 -47.27
C MET B 724 -6.02 -9.05 -48.10
N PHE B 725 -4.76 -9.45 -48.26
CA PHE B 725 -4.43 -10.67 -48.98
C PHE B 725 -4.85 -11.89 -48.18
N LYS B 726 -5.35 -12.92 -48.87
CA LYS B 726 -5.73 -14.17 -48.23
C LYS B 726 -5.11 -15.31 -49.01
N VAL B 727 -4.52 -16.27 -48.29
CA VAL B 727 -3.87 -17.44 -48.86
C VAL B 727 -4.57 -18.68 -48.34
N ASN B 728 -4.98 -19.55 -49.26
CA ASN B 728 -5.59 -20.83 -48.92
C ASN B 728 -4.65 -21.94 -49.33
N VAL B 729 -4.24 -22.76 -48.36
CA VAL B 729 -3.35 -23.89 -48.61
C VAL B 729 -4.18 -25.16 -48.62
N ASN B 730 -3.99 -25.99 -49.64
CA ASN B 730 -4.71 -27.25 -49.76
C ASN B 730 -4.00 -28.28 -48.90
N ALA B 731 -4.60 -28.61 -47.76
CA ALA B 731 -4.00 -29.60 -46.87
C ALA B 731 -3.96 -30.98 -47.53
N ALA B 732 -5.04 -31.36 -48.21
CA ALA B 732 -5.07 -32.67 -48.85
C ALA B 732 -4.08 -32.75 -50.00
N LYS B 733 -4.06 -31.74 -50.86
CA LYS B 733 -3.14 -31.74 -52.00
C LYS B 733 -1.70 -31.72 -51.54
N ALA B 734 -1.40 -30.96 -50.48
CA ALA B 734 -0.04 -30.92 -49.95
C ALA B 734 0.35 -32.27 -49.35
N GLU B 735 -0.50 -32.83 -48.49
CA GLU B 735 -0.18 -34.09 -47.84
C GLU B 735 -0.09 -35.23 -48.85
N ALA B 736 -0.75 -35.10 -50.00
CA ALA B 736 -0.64 -36.11 -51.03
C ALA B 736 0.78 -36.17 -51.59
N MET B 737 1.41 -35.02 -51.79
CA MET B 737 2.76 -34.98 -52.36
C MET B 737 3.85 -35.00 -51.31
N GLY B 738 3.51 -35.04 -50.02
CA GLY B 738 4.48 -35.21 -48.97
C GLY B 738 4.85 -33.95 -48.22
N VAL B 739 4.56 -32.78 -48.76
CA VAL B 739 4.88 -31.53 -48.08
C VAL B 739 3.87 -31.31 -46.95
N ALA B 740 4.39 -31.08 -45.74
CA ALA B 740 3.55 -30.92 -44.57
C ALA B 740 2.91 -29.53 -44.55
N LEU B 741 1.71 -29.46 -43.98
CA LEU B 741 1.06 -28.16 -43.80
C LEU B 741 1.84 -27.28 -42.84
N SER B 742 2.41 -27.87 -41.80
CA SER B 742 3.19 -27.11 -40.84
C SER B 742 4.38 -26.42 -41.51
N ASP B 743 5.08 -27.13 -42.38
CA ASP B 743 6.25 -26.56 -43.03
C ASP B 743 5.85 -25.41 -43.96
N ILE B 744 4.76 -25.57 -44.70
CA ILE B 744 4.28 -24.50 -45.58
C ILE B 744 3.93 -23.27 -44.77
N ASN B 745 3.18 -23.46 -43.67
CA ASN B 745 2.80 -22.33 -42.85
C ASN B 745 4.01 -21.63 -42.26
N GLN B 746 4.99 -22.40 -41.80
CA GLN B 746 6.19 -21.80 -41.22
C GLN B 746 6.98 -21.02 -42.27
N THR B 747 7.12 -21.58 -43.47
CA THR B 747 7.88 -20.86 -44.51
C THR B 747 7.19 -19.56 -44.89
N ILE B 748 5.86 -19.59 -45.06
CA ILE B 748 5.16 -18.35 -45.42
C ILE B 748 5.28 -17.32 -44.30
N SER B 749 5.07 -17.77 -43.05
CA SER B 749 5.09 -16.84 -41.93
C SER B 749 6.47 -16.21 -41.75
N THR B 750 7.53 -17.02 -41.86
CA THR B 750 8.87 -16.48 -41.73
C THR B 750 9.21 -15.55 -42.90
N ALA B 751 8.82 -15.92 -44.10
CA ALA B 751 9.16 -15.10 -45.27
C ALA B 751 8.49 -13.74 -45.20
N PHE B 752 7.19 -13.70 -44.97
CA PHE B 752 6.48 -12.43 -45.06
C PHE B 752 6.36 -11.71 -43.72
N GLY B 753 6.31 -12.45 -42.62
CA GLY B 753 6.31 -11.82 -41.31
C GLY B 753 7.74 -11.62 -40.85
N SER B 754 8.11 -12.28 -39.76
CA SER B 754 9.49 -12.34 -39.32
C SER B 754 9.61 -13.48 -38.33
N SER B 755 10.81 -13.69 -37.81
CA SER B 755 11.03 -14.76 -36.84
C SER B 755 12.12 -14.33 -35.88
N TYR B 756 11.74 -14.01 -34.65
CA TYR B 756 12.72 -13.74 -33.61
C TYR B 756 13.39 -15.05 -33.23
N VAL B 757 14.67 -15.19 -33.56
CA VAL B 757 15.37 -16.46 -33.40
C VAL B 757 16.08 -16.51 -32.05
N ASN B 758 17.03 -15.61 -31.84
CA ASN B 758 17.94 -15.69 -30.71
C ASN B 758 18.34 -14.29 -30.28
N ASP B 759 19.16 -14.22 -29.24
CA ASP B 759 19.82 -13.00 -28.84
C ASP B 759 21.29 -13.06 -29.24
N PHE B 760 21.93 -11.89 -29.25
CA PHE B 760 23.34 -11.81 -29.58
C PHE B 760 23.91 -10.57 -28.92
N LEU B 761 25.23 -10.41 -29.00
CA LEU B 761 25.93 -9.32 -28.34
C LEU B 761 26.40 -8.32 -29.37
N ASN B 762 26.11 -7.04 -29.12
CA ASN B 762 26.58 -5.94 -29.95
C ASN B 762 27.02 -4.81 -29.04
N GLN B 763 28.29 -4.46 -29.10
CA GLN B 763 28.84 -3.38 -28.28
C GLN B 763 28.52 -3.58 -26.81
N GLY B 764 28.50 -4.82 -26.36
CA GLY B 764 28.25 -5.13 -24.97
C GLY B 764 26.80 -5.17 -24.56
N ARG B 765 25.87 -5.05 -25.50
CA ARG B 765 24.45 -5.09 -25.19
C ARG B 765 23.79 -6.24 -25.95
N VAL B 766 22.83 -6.89 -25.31
CA VAL B 766 22.13 -8.00 -25.96
C VAL B 766 21.02 -7.45 -26.83
N LYS B 767 21.03 -7.83 -28.11
CA LYS B 767 20.01 -7.46 -29.06
C LYS B 767 19.45 -8.72 -29.71
N LYS B 768 18.42 -8.55 -30.52
CA LYS B 768 17.68 -9.68 -31.07
C LYS B 768 18.13 -9.99 -32.50
N VAL B 769 17.89 -11.23 -32.91
CA VAL B 769 18.18 -11.68 -34.27
C VAL B 769 16.86 -12.02 -34.94
N TYR B 770 16.65 -11.48 -36.14
CA TYR B 770 15.40 -11.63 -36.86
C TYR B 770 15.67 -12.20 -38.25
N VAL B 771 14.83 -13.12 -38.69
CA VAL B 771 14.92 -13.72 -40.02
C VAL B 771 13.71 -13.30 -40.82
N GLN B 772 13.95 -12.83 -42.05
CA GLN B 772 12.87 -12.34 -42.89
C GLN B 772 13.30 -12.45 -44.35
N ALA B 773 12.33 -12.46 -45.24
CA ALA B 773 12.64 -12.44 -46.67
C ALA B 773 13.15 -11.06 -47.07
N GLY B 774 13.95 -11.04 -48.12
CA GLY B 774 14.52 -9.79 -48.58
C GLY B 774 13.45 -8.82 -49.03
N THR B 775 13.87 -7.57 -49.18
CA THR B 775 12.91 -6.54 -49.58
C THR B 775 12.29 -6.81 -50.94
N PRO B 776 13.02 -7.17 -51.99
CA PRO B 776 12.36 -7.39 -53.29
C PRO B 776 11.43 -8.60 -53.33
N PHE B 777 11.54 -9.53 -52.37
CA PHE B 777 10.77 -10.76 -52.40
C PHE B 777 9.60 -10.74 -51.43
N ARG B 778 9.10 -9.56 -51.08
CA ARG B 778 8.08 -9.46 -50.03
C ARG B 778 7.05 -8.39 -50.37
N MET B 779 6.93 -8.01 -51.64
CA MET B 779 6.19 -6.80 -52.00
C MET B 779 4.94 -7.04 -52.82
N LEU B 780 4.83 -8.16 -53.52
CA LEU B 780 3.79 -8.28 -54.52
C LEU B 780 2.99 -9.55 -54.29
N PRO B 781 1.72 -9.57 -54.71
CA PRO B 781 0.94 -10.81 -54.59
C PRO B 781 1.49 -11.96 -55.41
N ASP B 782 2.30 -11.69 -56.44
CA ASP B 782 2.94 -12.76 -57.19
C ASP B 782 4.23 -13.24 -56.56
N ASN B 783 4.77 -12.51 -55.58
CA ASN B 783 5.99 -12.95 -54.92
C ASN B 783 5.80 -14.28 -54.19
N ILE B 784 4.59 -14.57 -53.74
CA ILE B 784 4.30 -15.87 -53.14
C ILE B 784 4.58 -17.01 -54.09
N ASN B 785 4.77 -16.73 -55.37
CA ASN B 785 5.09 -17.75 -56.36
C ASN B 785 6.55 -18.15 -56.37
N GLN B 786 7.42 -17.40 -55.70
CA GLN B 786 8.85 -17.66 -55.75
C GLN B 786 9.35 -18.56 -54.63
N TRP B 787 8.49 -18.89 -53.66
CA TRP B 787 8.93 -19.63 -52.49
C TRP B 787 8.72 -21.11 -52.68
N TYR B 788 9.73 -21.90 -52.34
CA TYR B 788 9.70 -23.35 -52.54
C TYR B 788 9.76 -24.05 -51.20
N VAL B 789 8.99 -25.12 -51.07
CA VAL B 789 8.88 -25.90 -49.85
C VAL B 789 9.46 -27.28 -50.10
N ARG B 790 10.24 -27.79 -49.14
CA ARG B 790 10.90 -29.07 -49.29
C ARG B 790 9.92 -30.22 -49.07
N ASN B 791 10.00 -31.21 -49.96
CA ASN B 791 9.16 -32.40 -49.88
C ASN B 791 9.68 -33.31 -48.76
N ALA B 792 8.91 -34.35 -48.43
CA ALA B 792 9.37 -35.31 -47.44
C ALA B 792 10.52 -36.15 -47.94
N SER B 793 10.81 -36.14 -49.23
CA SER B 793 11.90 -36.91 -49.82
C SER B 793 13.08 -36.06 -50.25
N GLY B 794 13.09 -34.77 -49.92
CA GLY B 794 14.20 -33.89 -50.22
C GLY B 794 14.01 -33.01 -51.43
N THR B 795 13.07 -33.35 -52.32
CA THR B 795 12.81 -32.53 -53.49
C THR B 795 12.05 -31.28 -53.07
N MET B 796 12.19 -30.20 -53.85
CA MET B 796 11.55 -28.94 -53.54
C MET B 796 10.42 -28.68 -54.53
N ALA B 797 9.24 -28.37 -54.00
CA ALA B 797 8.07 -28.05 -54.81
C ALA B 797 7.66 -26.60 -54.60
N PRO B 798 7.28 -25.90 -55.66
CA PRO B 798 6.90 -24.50 -55.50
C PRO B 798 5.65 -24.35 -54.64
N LEU B 799 5.57 -23.24 -53.92
CA LEU B 799 4.44 -22.97 -53.06
C LEU B 799 3.19 -22.61 -53.86
N SER B 800 3.35 -22.11 -55.09
CA SER B 800 2.18 -21.73 -55.88
C SER B 800 1.38 -22.95 -56.33
N ALA B 801 1.96 -24.14 -56.24
CA ALA B 801 1.26 -25.34 -56.68
C ALA B 801 0.01 -25.59 -55.84
N TYR B 802 0.19 -25.85 -54.54
CA TYR B 802 -0.92 -26.13 -53.64
C TYR B 802 -1.30 -24.90 -52.83
N SER B 803 -1.78 -23.87 -53.53
CA SER B 803 -2.21 -22.65 -52.86
C SER B 803 -3.11 -21.86 -53.80
N SER B 804 -3.95 -21.03 -53.19
CA SER B 804 -4.85 -20.15 -53.92
C SER B 804 -4.92 -18.81 -53.20
N THR B 805 -4.68 -17.73 -53.94
CA THR B 805 -4.63 -16.40 -53.35
C THR B 805 -5.82 -15.58 -53.80
N GLU B 806 -6.40 -14.84 -52.85
CA GLU B 806 -7.53 -13.96 -53.14
C GLU B 806 -7.40 -12.70 -52.31
N TRP B 807 -8.31 -11.77 -52.55
CA TRP B 807 -8.36 -10.51 -51.81
C TRP B 807 -9.66 -10.43 -51.03
N THR B 808 -9.61 -9.87 -49.83
CA THR B 808 -10.79 -9.66 -49.02
C THR B 808 -10.68 -8.29 -48.38
N TYR B 809 -11.58 -7.98 -47.44
CA TYR B 809 -11.55 -6.71 -46.72
C TYR B 809 -11.47 -7.00 -45.23
N GLY B 810 -10.76 -6.13 -44.52
CA GLY B 810 -10.64 -6.29 -43.09
C GLY B 810 -10.33 -4.96 -42.41
N SER B 811 -10.72 -4.86 -41.16
CA SER B 811 -10.41 -3.67 -40.39
C SER B 811 -8.99 -3.75 -39.85
N PRO B 812 -8.22 -2.67 -39.95
CA PRO B 812 -6.84 -2.72 -39.44
C PRO B 812 -6.70 -2.31 -37.98
N ARG B 813 -7.78 -1.90 -37.32
CA ARG B 813 -7.72 -1.55 -35.90
C ARG B 813 -9.11 -1.71 -35.30
N LEU B 814 -9.22 -2.57 -34.30
CA LEU B 814 -10.50 -2.81 -33.63
C LEU B 814 -10.47 -2.22 -32.23
N GLU B 815 -11.51 -1.47 -31.89
CA GLU B 815 -11.60 -0.76 -30.63
C GLU B 815 -12.77 -1.30 -29.80
N ARG B 816 -12.64 -1.15 -28.49
CA ARG B 816 -13.68 -1.52 -27.55
C ARG B 816 -13.67 -0.50 -26.41
N TYR B 817 -14.85 -0.10 -25.96
CA TYR B 817 -15.01 0.82 -24.84
C TYR B 817 -15.99 0.21 -23.86
N ASN B 818 -15.56 0.07 -22.60
CA ASN B 818 -16.32 -0.55 -21.54
C ASN B 818 -16.62 -2.02 -21.81
N GLY B 819 -16.06 -2.58 -22.87
CA GLY B 819 -16.29 -3.97 -23.24
C GLY B 819 -17.02 -4.18 -24.54
N ILE B 820 -17.48 -3.12 -25.21
CA ILE B 820 -18.25 -3.24 -26.44
C ILE B 820 -17.56 -2.43 -27.54
N PRO B 821 -17.73 -2.79 -28.81
CA PRO B 821 -17.04 -2.06 -29.88
C PRO B 821 -17.44 -0.59 -29.93
N SER B 822 -16.51 0.24 -30.41
CA SER B 822 -16.69 1.68 -30.36
C SER B 822 -15.91 2.34 -31.49
N MET B 823 -16.26 3.59 -31.76
CA MET B 823 -15.70 4.36 -32.86
C MET B 823 -15.35 5.78 -32.42
N GLU B 824 -14.56 5.90 -31.34
CA GLU B 824 -14.22 7.17 -30.69
C GLU B 824 -14.08 8.34 -31.66
N ILE B 825 -14.72 9.45 -31.33
CA ILE B 825 -14.89 10.59 -32.22
C ILE B 825 -14.35 11.85 -31.56
N LEU B 826 -13.64 12.67 -32.33
CA LEU B 826 -13.11 13.95 -31.89
C LEU B 826 -13.71 15.07 -32.72
N GLY B 827 -13.83 16.26 -32.11
CA GLY B 827 -14.29 17.41 -32.83
C GLY B 827 -14.54 18.63 -31.95
N GLU B 828 -14.11 19.80 -32.38
CA GLU B 828 -14.21 20.99 -31.56
C GLU B 828 -15.56 21.68 -31.75
N ALA B 829 -15.80 22.68 -30.89
CA ALA B 829 -17.02 23.47 -30.97
C ALA B 829 -16.80 24.70 -31.85
N ALA B 830 -17.86 25.10 -32.55
CA ALA B 830 -17.77 26.22 -33.47
C ALA B 830 -17.65 27.53 -32.70
N ALA B 831 -17.20 28.57 -33.41
CA ALA B 831 -17.01 29.87 -32.79
C ALA B 831 -18.33 30.40 -32.25
N GLY B 832 -18.26 31.03 -31.08
CA GLY B 832 -19.44 31.53 -30.39
C GLY B 832 -20.03 30.53 -29.43
N LYS B 833 -20.00 29.25 -29.78
CA LYS B 833 -20.50 28.21 -28.91
C LYS B 833 -19.45 27.85 -27.86
N SER B 834 -19.88 27.10 -26.85
CA SER B 834 -18.99 26.55 -25.85
C SER B 834 -19.05 25.03 -25.89
N THR B 835 -18.13 24.40 -25.17
CA THR B 835 -18.05 22.94 -25.22
C THR B 835 -19.32 22.28 -24.71
N GLY B 836 -20.02 22.91 -23.77
CA GLY B 836 -21.27 22.35 -23.32
C GLY B 836 -22.34 22.37 -24.40
N ASP B 837 -22.42 23.46 -25.17
CA ASP B 837 -23.38 23.54 -26.26
C ASP B 837 -23.11 22.48 -27.32
N ALA B 838 -21.85 22.30 -27.72
CA ALA B 838 -21.51 21.28 -28.70
C ALA B 838 -21.75 19.89 -28.14
N MET B 839 -21.46 19.69 -26.86
CA MET B 839 -21.71 18.40 -26.22
C MET B 839 -23.18 18.03 -26.28
N LYS B 840 -24.04 18.99 -25.91
CA LYS B 840 -25.48 18.74 -25.96
C LYS B 840 -25.95 18.55 -27.39
N PHE B 841 -25.40 19.31 -28.33
CA PHE B 841 -25.78 19.17 -29.73
C PHE B 841 -25.44 17.78 -30.26
N MET B 842 -24.28 17.24 -29.89
CA MET B 842 -23.92 15.92 -30.38
C MET B 842 -24.73 14.83 -29.68
N ALA B 843 -25.04 15.03 -28.40
CA ALA B 843 -25.93 14.09 -27.72
C ALA B 843 -27.30 14.06 -28.38
N ASP B 844 -27.77 15.21 -28.85
CA ASP B 844 -29.01 15.26 -29.62
C ASP B 844 -28.84 14.60 -30.98
N LEU B 845 -27.70 14.81 -31.63
CA LEU B 845 -27.46 14.25 -32.94
C LEU B 845 -27.48 12.72 -32.92
N VAL B 846 -27.01 12.13 -31.81
CA VAL B 846 -26.97 10.68 -31.72
C VAL B 846 -28.38 10.10 -31.72
N ALA B 847 -29.34 10.79 -31.13
CA ALA B 847 -30.71 10.27 -31.08
C ALA B 847 -31.29 10.04 -32.46
N LYS B 848 -30.77 10.72 -33.48
CA LYS B 848 -31.22 10.55 -34.86
C LYS B 848 -30.29 9.61 -35.63
N LEU B 849 -30.16 8.39 -35.11
CA LEU B 849 -29.23 7.42 -35.67
C LEU B 849 -29.90 6.05 -35.63
N PRO B 850 -29.46 5.06 -36.42
CA PRO B 850 -30.08 3.74 -36.36
C PRO B 850 -30.01 3.14 -34.96
N ALA B 851 -31.06 2.41 -34.61
CA ALA B 851 -31.17 1.80 -33.28
C ALA B 851 -30.10 0.72 -33.16
N GLY B 852 -29.35 0.77 -32.07
CA GLY B 852 -28.26 -0.16 -31.86
C GLY B 852 -26.92 0.54 -31.71
N VAL B 853 -26.95 1.86 -31.61
CA VAL B 853 -25.76 2.66 -31.38
C VAL B 853 -25.99 3.53 -30.14
N GLY B 854 -24.92 3.73 -29.37
CA GLY B 854 -24.97 4.54 -28.18
C GLY B 854 -23.86 5.56 -28.14
N TYR B 855 -23.89 6.38 -27.10
CA TYR B 855 -22.93 7.45 -26.92
C TYR B 855 -22.43 7.47 -25.49
N SER B 856 -21.12 7.69 -25.32
CA SER B 856 -20.51 7.80 -24.01
C SER B 856 -19.46 8.88 -24.04
N TRP B 857 -19.62 9.91 -23.21
CA TRP B 857 -18.58 10.91 -23.07
C TRP B 857 -17.45 10.34 -22.23
N THR B 858 -16.21 10.69 -22.58
CA THR B 858 -15.06 10.16 -21.87
C THR B 858 -13.91 11.14 -21.97
N GLY B 859 -12.95 10.99 -21.06
CA GLY B 859 -11.82 11.90 -20.99
C GLY B 859 -12.16 13.20 -20.29
N LEU B 860 -11.91 14.33 -20.96
CA LEU B 860 -12.27 15.62 -20.40
C LEU B 860 -13.78 15.79 -20.32
N SER B 861 -14.51 15.15 -21.24
CA SER B 861 -15.96 15.28 -21.27
C SER B 861 -16.61 14.69 -20.03
N TYR B 862 -16.09 13.57 -19.53
CA TYR B 862 -16.59 12.99 -18.28
C TYR B 862 -16.59 14.03 -17.17
N GLN B 863 -15.43 14.67 -16.96
CA GLN B 863 -15.30 15.62 -15.87
C GLN B 863 -16.15 16.86 -16.11
N GLU B 864 -16.24 17.32 -17.35
CA GLU B 864 -17.08 18.50 -17.62
C GLU B 864 -18.55 18.22 -17.32
N ALA B 865 -19.04 17.06 -17.76
CA ALA B 865 -20.41 16.67 -17.48
C ALA B 865 -20.65 16.53 -15.99
N LEU B 866 -19.68 15.96 -15.27
CA LEU B 866 -19.84 15.83 -13.82
C LEU B 866 -19.92 17.20 -13.14
N SER B 867 -19.06 18.14 -13.55
CA SER B 867 -19.07 19.46 -12.95
C SER B 867 -20.39 20.18 -13.20
N SER B 868 -20.93 20.06 -14.42
CA SER B 868 -22.17 20.75 -14.75
C SER B 868 -23.31 20.32 -13.85
N ASN B 869 -23.38 19.03 -13.51
CA ASN B 869 -24.40 18.58 -12.58
C ASN B 869 -24.05 18.93 -11.14
N GLN B 870 -22.76 18.93 -10.80
CA GLN B 870 -22.36 19.18 -9.42
C GLN B 870 -22.75 20.57 -8.95
N ALA B 871 -22.55 21.59 -9.79
CA ALA B 871 -22.55 22.96 -9.31
C ALA B 871 -23.79 23.39 -8.53
N PRO B 872 -25.03 23.20 -9.04
CA PRO B 872 -26.19 23.77 -8.30
C PRO B 872 -26.35 23.22 -6.90
N ALA B 873 -26.10 21.92 -6.70
CA ALA B 873 -26.15 21.37 -5.37
C ALA B 873 -25.16 22.07 -4.46
N LEU B 874 -23.93 22.26 -4.94
CA LEU B 874 -22.91 22.93 -4.15
C LEU B 874 -23.36 24.32 -3.73
N TYR B 875 -24.01 25.05 -4.64
CA TYR B 875 -24.60 26.32 -4.25
C TYR B 875 -25.58 26.14 -3.10
N ALA B 876 -26.41 25.09 -3.17
CA ALA B 876 -27.43 24.87 -2.15
C ALA B 876 -26.82 24.62 -0.77
N ILE B 877 -25.86 23.69 -0.68
CA ILE B 877 -25.25 23.44 0.63
C ILE B 877 -24.48 24.65 1.12
N SER B 878 -23.82 25.39 0.22
CA SER B 878 -23.10 26.58 0.67
C SER B 878 -24.05 27.61 1.26
N LEU B 879 -25.20 27.82 0.61
CA LEU B 879 -26.17 28.77 1.14
C LEU B 879 -26.69 28.33 2.49
N VAL B 880 -27.03 27.04 2.63
CA VAL B 880 -27.55 26.59 3.92
C VAL B 880 -26.48 26.69 5.01
N VAL B 881 -25.21 26.43 4.67
CA VAL B 881 -24.16 26.47 5.66
C VAL B 881 -23.90 27.90 6.13
N VAL B 882 -23.88 28.85 5.19
CA VAL B 882 -23.66 30.24 5.60
C VAL B 882 -24.85 30.75 6.42
N PHE B 883 -26.07 30.31 6.08
CA PHE B 883 -27.24 30.65 6.90
C PHE B 883 -27.05 30.16 8.33
N LEU B 884 -26.70 28.88 8.50
CA LEU B 884 -26.56 28.33 9.84
C LEU B 884 -25.42 29.00 10.59
N ALA B 885 -24.33 29.31 9.89
CA ALA B 885 -23.20 29.97 10.55
C ALA B 885 -23.59 31.35 11.06
N LEU B 886 -24.33 32.12 10.25
CA LEU B 886 -24.78 33.42 10.71
C LEU B 886 -25.72 33.28 11.90
N ALA B 887 -26.64 32.31 11.84
CA ALA B 887 -27.57 32.12 12.94
C ALA B 887 -26.86 31.75 14.23
N ALA B 888 -25.81 30.93 14.13
CA ALA B 888 -25.08 30.54 15.32
C ALA B 888 -24.23 31.68 15.86
N LEU B 889 -23.56 32.43 14.99
CA LEU B 889 -22.67 33.49 15.44
C LEU B 889 -23.45 34.64 16.06
N TYR B 890 -24.56 35.03 15.43
CA TYR B 890 -25.42 36.08 15.95
C TYR B 890 -26.66 35.44 16.53
N GLU B 891 -26.92 35.68 17.82
CA GLU B 891 -28.01 35.01 18.51
C GLU B 891 -29.36 35.55 18.06
N SER B 892 -29.79 35.19 16.85
CA SER B 892 -31.05 35.64 16.29
C SER B 892 -31.29 34.89 14.99
N TRP B 893 -32.55 34.84 14.57
CA TRP B 893 -32.93 34.34 13.26
C TRP B 893 -33.33 35.45 12.29
N SER B 894 -33.10 36.71 12.65
CA SER B 894 -33.45 37.82 11.77
C SER B 894 -32.32 38.15 10.80
N ILE B 895 -31.09 38.24 11.31
CA ILE B 895 -29.93 38.51 10.48
C ILE B 895 -29.77 37.41 9.44
N PRO B 896 -29.93 36.12 9.79
CA PRO B 896 -29.88 35.08 8.75
C PRO B 896 -30.82 35.30 7.58
N PHE B 897 -31.87 36.11 7.70
CA PHE B 897 -32.75 36.40 6.58
C PHE B 897 -32.41 37.73 5.91
N SER B 898 -32.16 38.77 6.72
CA SER B 898 -31.81 40.07 6.16
C SER B 898 -30.52 40.00 5.35
N VAL B 899 -29.64 39.06 5.70
CA VAL B 899 -28.40 38.93 4.95
C VAL B 899 -28.58 37.98 3.77
N MET B 900 -29.23 36.84 3.97
CA MET B 900 -29.43 35.88 2.90
C MET B 900 -30.35 36.40 1.80
N LEU B 901 -31.07 37.48 2.03
CA LEU B 901 -31.84 38.08 0.93
C LEU B 901 -31.01 38.97 0.03
N VAL B 902 -29.69 38.96 0.14
CA VAL B 902 -28.84 39.82 -0.67
C VAL B 902 -28.03 39.06 -1.72
N VAL B 903 -27.88 37.74 -1.58
CA VAL B 903 -27.05 36.99 -2.54
C VAL B 903 -27.55 37.07 -3.97
N PRO B 904 -28.86 37.18 -4.26
CA PRO B 904 -29.24 37.39 -5.67
C PRO B 904 -28.68 38.67 -6.25
N LEU B 905 -28.52 39.72 -5.44
CA LEU B 905 -28.01 40.98 -5.94
C LEU B 905 -26.61 40.84 -6.49
N GLY B 906 -25.75 40.05 -5.82
CA GLY B 906 -24.42 39.81 -6.34
C GLY B 906 -24.39 38.78 -7.44
N VAL B 907 -25.23 37.75 -7.36
CA VAL B 907 -25.21 36.69 -8.37
C VAL B 907 -25.64 37.25 -9.72
N VAL B 908 -26.65 38.11 -9.75
CA VAL B 908 -27.10 38.67 -11.01
C VAL B 908 -26.01 39.53 -11.65
N GLY B 909 -25.25 40.24 -10.83
CA GLY B 909 -24.15 41.01 -11.37
C GLY B 909 -23.02 40.15 -11.91
N ALA B 910 -22.73 39.04 -11.22
CA ALA B 910 -21.74 38.11 -11.75
C ALA B 910 -22.17 37.55 -13.11
N LEU B 911 -23.44 37.16 -13.23
CA LEU B 911 -23.94 36.66 -14.50
C LEU B 911 -23.89 37.74 -15.58
N LEU B 912 -24.24 38.98 -15.23
CA LEU B 912 -24.20 40.05 -16.22
C LEU B 912 -22.79 40.29 -16.71
N ALA B 913 -21.80 40.31 -15.80
CA ALA B 913 -20.43 40.51 -16.21
C ALA B 913 -19.94 39.36 -17.09
N THR B 914 -20.29 38.13 -16.72
CA THR B 914 -19.89 36.98 -17.53
C THR B 914 -20.47 37.06 -18.93
N ASP B 915 -21.74 37.44 -19.05
CA ASP B 915 -22.35 37.56 -20.38
C ASP B 915 -21.73 38.71 -21.16
N LEU B 916 -21.43 39.82 -20.50
CA LEU B 916 -20.84 40.96 -21.19
C LEU B 916 -19.46 40.60 -21.75
N ARG B 917 -18.67 39.85 -20.99
CA ARG B 917 -17.36 39.41 -21.47
C ARG B 917 -17.44 38.17 -22.35
N GLY B 918 -18.63 37.60 -22.52
CA GLY B 918 -18.80 36.44 -23.37
C GLY B 918 -18.09 35.18 -22.89
N LEU B 919 -18.00 34.99 -21.58
CA LEU B 919 -17.38 33.81 -21.01
C LEU B 919 -18.44 32.73 -20.80
N SER B 920 -18.10 31.67 -20.08
CA SER B 920 -18.98 30.53 -19.91
C SER B 920 -19.09 30.18 -18.43
N ASN B 921 -19.86 29.14 -18.16
CA ASN B 921 -20.09 28.65 -16.79
C ASN B 921 -19.04 27.62 -16.40
N ASP B 922 -17.77 27.97 -16.56
CA ASP B 922 -16.68 27.05 -16.26
C ASP B 922 -16.47 26.96 -14.74
N VAL B 923 -15.50 26.13 -14.35
CA VAL B 923 -15.24 25.91 -12.93
C VAL B 923 -14.83 27.20 -12.26
N TYR B 924 -14.06 28.04 -12.97
CA TYR B 924 -13.65 29.33 -12.41
C TYR B 924 -14.87 30.20 -12.12
N PHE B 925 -15.87 30.19 -12.99
CA PHE B 925 -17.09 30.92 -12.70
C PHE B 925 -17.82 30.34 -11.50
N GLN B 926 -17.75 29.02 -11.32
CA GLN B 926 -18.43 28.40 -10.18
C GLN B 926 -17.76 28.80 -8.87
N VAL B 927 -16.44 28.94 -8.86
CA VAL B 927 -15.77 29.46 -7.67
C VAL B 927 -16.08 30.94 -7.48
N GLY B 928 -16.14 31.70 -8.57
CA GLY B 928 -16.53 33.09 -8.46
C GLY B 928 -17.91 33.29 -7.89
N LEU B 929 -18.84 32.39 -8.21
CA LEU B 929 -20.18 32.49 -7.65
C LEU B 929 -20.17 32.33 -6.14
N LEU B 930 -19.43 31.36 -5.63
CA LEU B 930 -19.35 31.21 -4.17
C LEU B 930 -18.66 32.41 -3.55
N THR B 931 -17.61 32.91 -4.18
CA THR B 931 -16.92 34.08 -3.63
C THR B 931 -17.85 35.28 -3.58
N THR B 932 -18.64 35.50 -4.63
CA THR B 932 -19.53 36.66 -4.63
C THR B 932 -20.71 36.47 -3.70
N ILE B 933 -21.14 35.23 -3.47
CA ILE B 933 -22.13 34.97 -2.43
C ILE B 933 -21.58 35.40 -1.07
N GLY B 934 -20.34 34.99 -0.77
CA GLY B 934 -19.72 35.40 0.48
C GLY B 934 -19.56 36.91 0.58
N LEU B 935 -19.19 37.55 -0.52
CA LEU B 935 -18.99 39.00 -0.51
C LEU B 935 -20.30 39.75 -0.30
N SER B 936 -21.37 39.32 -0.96
CA SER B 936 -22.67 39.95 -0.74
C SER B 936 -23.11 39.76 0.70
N ALA B 937 -22.91 38.55 1.24
CA ALA B 937 -23.25 38.32 2.64
C ALA B 937 -22.48 39.28 3.55
N LYS B 938 -21.17 39.41 3.32
CA LYS B 938 -20.37 40.30 4.16
C LYS B 938 -20.86 41.74 4.06
N ASN B 939 -21.16 42.19 2.84
CA ASN B 939 -21.65 43.55 2.64
C ASN B 939 -22.93 43.76 3.42
N ALA B 940 -23.79 42.75 3.47
CA ALA B 940 -25.00 42.85 4.26
C ALA B 940 -24.70 42.91 5.75
N ILE B 941 -23.84 42.02 6.24
CA ILE B 941 -23.56 41.96 7.68
C ILE B 941 -23.04 43.28 8.19
N LEU B 942 -22.15 43.92 7.42
CA LEU B 942 -21.51 45.12 7.94
C LEU B 942 -22.51 46.22 8.32
N ILE B 943 -23.72 46.16 7.80
CA ILE B 943 -24.79 47.07 8.20
C ILE B 943 -25.76 46.41 9.17
N VAL B 944 -26.15 45.16 8.88
CA VAL B 944 -27.22 44.52 9.66
C VAL B 944 -26.78 44.27 11.09
N GLU B 945 -25.53 43.84 11.29
CA GLU B 945 -25.04 43.60 12.65
C GLU B 945 -25.07 44.89 13.46
N PHE B 946 -24.63 46.00 12.86
CA PHE B 946 -24.68 47.28 13.57
C PHE B 946 -26.10 47.70 13.88
N ALA B 947 -27.02 47.47 12.94
CA ALA B 947 -28.41 47.83 13.20
C ALA B 947 -28.98 47.03 14.37
N VAL B 948 -28.71 45.72 14.40
CA VAL B 948 -29.19 44.90 15.50
C VAL B 948 -28.55 45.31 16.82
N GLU B 949 -27.27 45.68 16.79
CA GLU B 949 -26.60 46.14 18.00
C GLU B 949 -27.21 47.44 18.51
N MET B 950 -27.52 48.37 17.61
CA MET B 950 -28.20 49.60 18.02
C MET B 950 -29.58 49.29 18.61
N MET B 951 -30.32 48.39 17.97
CA MET B 951 -31.56 47.92 18.56
C MET B 951 -31.25 47.03 19.77
N GLN B 952 -32.31 46.71 20.53
CA GLN B 952 -32.31 45.71 21.58
C GLN B 952 -31.34 46.05 22.70
N LYS B 953 -30.60 47.14 22.56
CA LYS B 953 -29.70 47.65 23.57
C LYS B 953 -29.93 49.11 23.89
N GLU B 954 -30.22 49.93 22.87
CA GLU B 954 -30.39 51.36 23.03
C GLU B 954 -31.83 51.80 22.84
N GLY B 955 -32.75 50.85 22.70
CA GLY B 955 -34.17 51.17 22.61
C GLY B 955 -34.53 52.06 21.43
N LYS B 956 -34.13 51.65 20.23
CA LYS B 956 -34.40 52.41 19.02
C LYS B 956 -35.23 51.57 18.07
N THR B 957 -36.24 52.21 17.46
CA THR B 957 -37.11 51.53 16.52
C THR B 957 -36.32 51.15 15.25
N PRO B 958 -36.68 50.03 14.60
CA PRO B 958 -35.98 49.57 13.38
C PRO B 958 -36.31 50.40 12.14
N ILE B 959 -36.31 51.72 12.28
CA ILE B 959 -36.39 52.62 11.15
C ILE B 959 -35.21 53.57 11.26
N GLU B 960 -34.76 53.81 12.49
CA GLU B 960 -33.61 54.67 12.74
C GLU B 960 -32.32 53.90 12.91
N ALA B 961 -32.38 52.66 13.40
CA ALA B 961 -31.20 51.83 13.54
C ALA B 961 -30.68 51.32 12.20
N ILE B 962 -31.48 51.39 11.15
CA ILE B 962 -31.00 51.09 9.80
C ILE B 962 -30.56 52.34 9.06
N ILE B 963 -30.96 53.52 9.51
CA ILE B 963 -30.42 54.75 8.94
C ILE B 963 -29.05 55.06 9.54
N GLU B 964 -28.95 54.97 10.87
CA GLU B 964 -27.67 55.23 11.53
C GLU B 964 -26.61 54.22 11.12
N ALA B 965 -26.98 52.94 11.06
CA ALA B 965 -26.01 51.92 10.69
C ALA B 965 -25.48 52.16 9.29
N ALA B 966 -26.37 52.50 8.35
CA ALA B 966 -25.92 52.81 7.01
C ALA B 966 -25.03 54.04 6.98
N ARG B 967 -25.43 55.10 7.68
CA ARG B 967 -24.66 56.34 7.65
C ARG B 967 -23.27 56.15 8.24
N MET B 968 -23.12 55.23 9.20
CA MET B 968 -21.80 55.02 9.80
C MET B 968 -20.97 54.00 9.03
N ARG B 969 -21.59 52.99 8.43
CA ARG B 969 -20.85 51.93 7.79
C ARG B 969 -20.69 52.12 6.28
N LEU B 970 -21.23 53.19 5.70
CA LEU B 970 -21.06 53.40 4.28
C LEU B 970 -19.59 53.53 3.90
N ARG B 971 -18.81 54.28 4.67
CA ARG B 971 -17.41 54.47 4.34
C ARG B 971 -16.61 53.17 4.39
N PRO B 972 -16.66 52.36 5.47
CA PRO B 972 -15.97 51.07 5.41
C PRO B 972 -16.51 50.14 4.33
N ILE B 973 -17.81 50.18 4.07
CA ILE B 973 -18.39 49.32 3.04
C ILE B 973 -17.82 49.66 1.68
N LEU B 974 -17.84 50.94 1.33
CA LEU B 974 -17.31 51.37 0.05
C LEU B 974 -15.81 51.13 -0.04
N MET B 975 -15.09 51.36 1.06
CA MET B 975 -13.64 51.16 1.05
C MET B 975 -13.30 49.70 0.80
N THR B 976 -13.97 48.80 1.52
CA THR B 976 -13.81 47.36 1.32
C THR B 976 -14.14 46.95 -0.11
N SER B 977 -15.30 47.38 -0.62
CA SER B 977 -15.72 46.94 -1.94
C SER B 977 -14.78 47.46 -3.02
N LEU B 978 -14.36 48.71 -2.93
CA LEU B 978 -13.45 49.26 -3.92
C LEU B 978 -12.09 48.57 -3.86
N ALA B 979 -11.61 48.27 -2.65
CA ALA B 979 -10.34 47.57 -2.51
C ALA B 979 -10.41 46.19 -3.15
N PHE B 980 -11.51 45.46 -2.93
CA PHE B 980 -11.64 44.16 -3.57
C PHE B 980 -11.75 44.27 -5.08
N ILE B 981 -12.51 45.25 -5.58
CA ILE B 981 -12.69 45.39 -7.02
C ILE B 981 -11.37 45.70 -7.70
N LEU B 982 -10.59 46.62 -7.13
CA LEU B 982 -9.28 46.89 -7.69
C LEU B 982 -8.26 45.81 -7.37
N GLY B 983 -8.57 44.89 -6.45
CA GLY B 983 -7.66 43.81 -6.16
C GLY B 983 -7.71 42.68 -7.17
N VAL B 984 -8.84 42.51 -7.85
CA VAL B 984 -8.97 41.49 -8.89
C VAL B 984 -8.99 42.10 -10.29
N LEU B 985 -8.86 43.42 -10.41
CA LEU B 985 -8.75 44.03 -11.73
C LEU B 985 -7.59 43.49 -12.55
N PRO B 986 -6.39 43.27 -12.00
CA PRO B 986 -5.33 42.66 -12.83
C PRO B 986 -5.73 41.32 -13.42
N LEU B 987 -6.58 40.56 -12.74
CA LEU B 987 -7.05 39.29 -13.29
C LEU B 987 -7.90 39.49 -14.54
N VAL B 988 -8.51 40.64 -14.72
CA VAL B 988 -9.38 40.88 -15.87
C VAL B 988 -8.59 41.36 -17.08
N ILE B 989 -7.65 42.28 -16.89
CA ILE B 989 -6.91 42.88 -17.98
C ILE B 989 -5.56 42.18 -18.20
N SER B 990 -5.42 40.96 -17.69
CA SER B 990 -4.20 40.19 -17.92
C SER B 990 -4.27 39.46 -19.25
N HIS B 991 -3.28 39.70 -20.10
CA HIS B 991 -3.16 39.01 -21.38
C HIS B 991 -1.77 38.38 -21.47
N GLY B 992 -1.72 37.16 -21.95
CA GLY B 992 -0.46 36.44 -22.03
C GLY B 992 -0.65 34.95 -22.04
N ALA B 993 0.07 34.23 -21.18
CA ALA B 993 -0.05 32.79 -21.05
C ALA B 993 -0.84 32.45 -19.80
N GLY B 994 -1.78 31.52 -19.94
CA GLY B 994 -2.66 31.22 -18.83
C GLY B 994 -3.66 32.31 -18.53
N SER B 995 -3.91 33.19 -19.51
CA SER B 995 -4.75 34.35 -19.26
C SER B 995 -6.24 33.99 -19.25
N GLY B 996 -6.61 32.85 -19.80
CA GLY B 996 -8.03 32.49 -19.83
C GLY B 996 -8.60 32.31 -18.44
N ALA B 997 -7.89 31.57 -17.59
CA ALA B 997 -8.36 31.36 -16.23
C ALA B 997 -8.39 32.66 -15.46
N GLN B 998 -7.37 33.50 -15.64
CA GLN B 998 -7.34 34.79 -14.97
C GLN B 998 -8.54 35.63 -15.36
N ASN B 999 -8.84 35.71 -16.66
CA ASN B 999 -9.99 36.48 -17.11
C ASN B 999 -11.28 35.91 -16.53
N ALA B 1000 -11.43 34.59 -16.51
CA ALA B 1000 -12.64 34.00 -15.98
C ALA B 1000 -12.88 34.40 -14.53
N VAL B 1001 -11.89 34.13 -13.66
CA VAL B 1001 -12.08 34.43 -12.24
C VAL B 1001 -12.26 35.92 -12.02
N GLY B 1002 -11.46 36.74 -12.71
CA GLY B 1002 -11.53 38.17 -12.49
C GLY B 1002 -12.88 38.74 -12.87
N THR B 1003 -13.37 38.42 -14.06
CA THR B 1003 -14.66 38.98 -14.47
C THR B 1003 -15.77 38.51 -13.55
N GLY B 1004 -15.81 37.22 -13.23
CA GLY B 1004 -16.85 36.74 -12.35
C GLY B 1004 -16.89 37.50 -11.03
N VAL B 1005 -15.78 37.50 -10.30
CA VAL B 1005 -15.81 38.08 -8.96
C VAL B 1005 -15.95 39.60 -9.02
N MET B 1006 -15.39 40.26 -10.03
CA MET B 1006 -15.50 41.71 -10.11
C MET B 1006 -16.93 42.14 -10.36
N GLY B 1007 -17.59 41.54 -11.35
CA GLY B 1007 -19.00 41.85 -11.56
C GLY B 1007 -19.84 41.55 -10.33
N GLY B 1008 -19.59 40.41 -9.69
CA GLY B 1008 -20.34 40.07 -8.50
C GLY B 1008 -20.19 41.09 -7.39
N MET B 1009 -18.95 41.49 -7.11
CA MET B 1009 -18.71 42.46 -6.04
C MET B 1009 -19.32 43.82 -6.36
N PHE B 1010 -19.18 44.27 -7.61
CA PHE B 1010 -19.73 45.57 -7.98
C PHE B 1010 -21.25 45.59 -7.78
N ALA B 1011 -21.94 44.58 -8.33
CA ALA B 1011 -23.38 44.53 -8.15
C ALA B 1011 -23.74 44.39 -6.68
N ALA B 1012 -22.98 43.57 -5.94
CA ALA B 1012 -23.26 43.36 -4.53
C ALA B 1012 -23.26 44.67 -3.78
N THR B 1013 -22.19 45.47 -3.90
CA THR B 1013 -22.14 46.71 -3.15
C THR B 1013 -23.22 47.69 -3.61
N VAL B 1014 -23.31 47.92 -4.92
CA VAL B 1014 -24.21 48.97 -5.41
C VAL B 1014 -25.66 48.64 -5.07
N LEU B 1015 -26.08 47.40 -5.27
CA LEU B 1015 -27.45 47.03 -4.95
C LEU B 1015 -27.67 46.86 -3.45
N ALA B 1016 -26.64 46.44 -2.70
CA ALA B 1016 -26.83 46.12 -1.30
C ALA B 1016 -27.02 47.38 -0.47
N ILE B 1017 -26.19 48.41 -0.71
CA ILE B 1017 -26.35 49.62 0.09
C ILE B 1017 -27.73 50.24 -0.06
N TYR B 1018 -28.47 49.87 -1.12
CA TYR B 1018 -29.81 50.40 -1.34
C TYR B 1018 -30.91 49.42 -1.05
N PHE B 1019 -30.62 48.12 -0.93
CA PHE B 1019 -31.65 47.13 -0.68
C PHE B 1019 -31.62 46.53 0.72
N VAL B 1020 -30.48 46.55 1.41
CA VAL B 1020 -30.39 46.05 2.78
C VAL B 1020 -31.29 46.86 3.71
N PRO B 1021 -31.34 48.20 3.62
CA PRO B 1021 -32.26 48.94 4.50
C PRO B 1021 -33.72 48.57 4.31
N VAL B 1022 -34.12 48.05 3.16
CA VAL B 1022 -35.48 47.58 2.97
C VAL B 1022 -35.66 46.18 3.53
N PHE B 1023 -34.69 45.30 3.26
CA PHE B 1023 -34.79 43.92 3.71
C PHE B 1023 -34.83 43.84 5.23
N PHE B 1024 -34.00 44.64 5.91
CA PHE B 1024 -33.98 44.61 7.37
C PHE B 1024 -35.33 45.02 7.93
N VAL B 1025 -35.92 46.09 7.40
CA VAL B 1025 -37.21 46.56 7.89
C VAL B 1025 -38.28 45.50 7.66
N VAL B 1026 -38.31 44.91 6.45
CA VAL B 1026 -39.35 43.93 6.15
C VAL B 1026 -39.21 42.70 7.02
N VAL B 1027 -37.98 42.20 7.18
CA VAL B 1027 -37.77 41.00 7.96
C VAL B 1027 -38.08 41.24 9.43
N GLU B 1028 -37.66 42.38 9.98
CA GLU B 1028 -37.97 42.66 11.38
C GLU B 1028 -39.43 42.99 11.60
N HIS B 1029 -40.15 43.39 10.55
CA HIS B 1029 -41.60 43.54 10.68
C HIS B 1029 -42.30 42.20 10.67
N LEU B 1030 -41.86 41.27 9.81
CA LEU B 1030 -42.47 39.95 9.77
C LEU B 1030 -42.21 39.18 11.06
N PHE B 1031 -41.01 39.32 11.62
CA PHE B 1031 -40.71 38.62 12.86
C PHE B 1031 -41.57 39.13 14.01
N ALA B 1032 -41.83 40.44 14.05
CA ALA B 1032 -42.69 40.98 15.10
C ALA B 1032 -44.12 40.45 14.98
N ARG B 1033 -44.65 40.39 13.75
CA ARG B 1033 -46.00 39.89 13.56
C ARG B 1033 -46.11 38.40 13.83
N PHE B 1034 -45.00 37.66 13.78
CA PHE B 1034 -44.99 36.24 14.08
C PHE B 1034 -44.67 35.95 15.54
N LYS B 1035 -44.43 36.98 16.34
CA LYS B 1035 -44.06 36.78 17.74
C LYS B 1035 -44.89 37.68 18.66
N ALA C 2 -3.13 27.36 36.21
CA ALA C 2 -3.03 26.07 36.89
C ALA C 2 -2.83 26.25 38.38
N ASN C 3 -3.50 27.27 38.94
CA ASN C 3 -3.43 27.53 40.37
C ASN C 3 -4.41 26.66 41.17
N TYR C 4 -5.35 25.99 40.52
CA TYR C 4 -6.29 25.15 41.25
C TYR C 4 -5.66 23.85 41.71
N PHE C 5 -4.62 23.38 41.03
CA PHE C 5 -3.95 22.14 41.43
C PHE C 5 -3.37 22.25 42.83
N ILE C 6 -3.01 23.46 43.26
CA ILE C 6 -2.45 23.63 44.60
C ILE C 6 -3.49 23.28 45.66
N ASP C 7 -4.73 23.70 45.45
CA ASP C 7 -5.81 23.46 46.40
C ASP C 7 -6.60 22.19 46.08
N ARG C 8 -6.17 21.41 45.10
CA ARG C 8 -6.79 20.13 44.76
C ARG C 8 -5.71 19.06 44.73
N PRO C 9 -5.16 18.69 45.89
CA PRO C 9 -4.03 17.76 45.88
C PRO C 9 -4.46 16.31 45.81
N VAL C 10 -5.45 15.99 44.98
CA VAL C 10 -5.74 14.61 44.63
C VAL C 10 -5.82 14.50 43.12
N PHE C 11 -6.18 15.61 42.47
CA PHE C 11 -6.22 15.62 41.01
C PHE C 11 -4.81 15.53 40.42
N ALA C 12 -3.85 16.22 41.04
CA ALA C 12 -2.47 16.12 40.60
C ALA C 12 -1.95 14.69 40.76
N TRP C 13 -2.27 14.05 41.90
CA TRP C 13 -1.84 12.67 42.10
C TRP C 13 -2.50 11.74 41.09
N VAL C 14 -3.77 11.99 40.77
CA VAL C 14 -4.46 11.16 39.79
C VAL C 14 -3.78 11.28 38.43
N LEU C 15 -3.47 12.51 38.01
CA LEU C 15 -2.79 12.69 36.73
C LEU C 15 -1.42 12.02 36.73
N ALA C 16 -0.67 12.16 37.83
CA ALA C 16 0.64 11.53 37.92
C ALA C 16 0.54 10.01 37.81
N ILE C 17 -0.42 9.42 38.52
CA ILE C 17 -0.56 7.96 38.48
C ILE C 17 -1.04 7.51 37.10
N ILE C 18 -1.88 8.31 36.45
CA ILE C 18 -2.31 7.98 35.09
C ILE C 18 -1.11 7.94 34.15
N MET C 19 -0.25 8.95 34.24
CA MET C 19 0.93 8.98 33.38
C MET C 19 1.88 7.83 33.70
N MET C 20 2.05 7.52 34.98
CA MET C 20 2.92 6.41 35.37
C MET C 20 2.38 5.09 34.85
N LEU C 21 1.07 4.88 34.93
CA LEU C 21 0.47 3.64 34.45
C LEU C 21 0.58 3.53 32.94
N ALA C 22 0.34 4.63 32.23
CA ALA C 22 0.51 4.62 30.78
C ALA C 22 1.95 4.29 30.42
N GLY C 23 2.91 4.84 31.18
CA GLY C 23 4.30 4.52 30.92
C GLY C 23 4.64 3.07 31.19
N GLY C 24 4.05 2.49 32.24
CA GLY C 24 4.27 1.08 32.50
C GLY C 24 3.75 0.22 31.37
N LEU C 25 2.55 0.52 30.87
CA LEU C 25 2.02 -0.22 29.72
C LEU C 25 2.89 -0.03 28.49
N ALA C 26 3.38 1.19 28.26
CA ALA C 26 4.23 1.45 27.10
C ALA C 26 5.52 0.68 27.18
N ILE C 27 6.15 0.65 28.36
CA ILE C 27 7.40 -0.10 28.53
C ILE C 27 7.15 -1.58 28.33
N MET C 28 6.05 -2.09 28.87
CA MET C 28 5.77 -3.52 28.73
C MET C 28 5.51 -3.92 27.28
N ASN C 29 5.03 -3.00 26.45
CA ASN C 29 4.57 -3.31 25.10
C ASN C 29 5.25 -2.42 24.07
N LEU C 30 6.58 -2.30 24.14
CA LEU C 30 7.30 -1.53 23.15
C LEU C 30 8.42 -2.37 22.56
N PRO C 31 8.65 -2.26 21.25
CA PRO C 31 9.72 -3.06 20.62
C PRO C 31 11.08 -2.55 21.06
N VAL C 32 11.93 -3.47 21.50
CA VAL C 32 13.30 -3.15 21.88
C VAL C 32 14.20 -3.35 20.68
N ALA C 33 14.89 -2.28 20.28
CA ALA C 33 15.80 -2.32 19.15
C ALA C 33 17.12 -1.71 19.58
N GLN C 34 18.19 -2.07 18.87
CA GLN C 34 19.49 -1.52 19.16
C GLN C 34 19.77 -0.27 18.34
N TYR C 35 19.12 -0.14 17.20
CA TYR C 35 19.08 1.08 16.40
C TYR C 35 17.74 1.11 15.67
N PRO C 36 17.29 2.29 15.26
CA PRO C 36 16.10 2.35 14.40
C PRO C 36 16.38 1.87 12.99
N GLN C 37 15.43 2.04 12.08
CA GLN C 37 15.60 1.63 10.69
C GLN C 37 16.28 2.77 9.93
N ILE C 38 17.61 2.76 9.95
CA ILE C 38 18.36 3.80 9.26
C ILE C 38 18.72 3.42 7.83
N ALA C 39 19.10 2.17 7.59
CA ALA C 39 19.53 1.76 6.26
C ALA C 39 18.36 1.81 5.28
N PRO C 40 18.61 2.14 4.02
CA PRO C 40 17.55 2.18 3.02
C PRO C 40 17.17 0.78 2.57
N PRO C 41 15.90 0.52 2.30
CA PRO C 41 15.48 -0.81 1.84
C PRO C 41 16.18 -1.19 0.55
N THR C 42 16.56 -2.46 0.44
CA THR C 42 17.15 -3.00 -0.76
C THR C 42 16.42 -4.27 -1.16
N ILE C 43 16.35 -4.53 -2.46
CA ILE C 43 15.74 -5.74 -3.01
C ILE C 43 16.79 -6.49 -3.80
N THR C 44 16.90 -7.79 -3.56
CA THR C 44 17.94 -8.62 -4.16
C THR C 44 17.31 -9.63 -5.10
N VAL C 45 17.73 -9.62 -6.36
CA VAL C 45 17.29 -10.60 -7.35
C VAL C 45 18.45 -11.55 -7.60
N SER C 46 18.24 -12.83 -7.34
CA SER C 46 19.27 -13.85 -7.45
C SER C 46 18.83 -14.91 -8.45
N ALA C 47 19.68 -15.16 -9.45
CA ALA C 47 19.46 -16.20 -10.43
C ALA C 47 20.68 -17.09 -10.51
N THR C 48 20.47 -18.36 -10.88
CA THR C 48 21.54 -19.34 -10.88
C THR C 48 21.58 -20.06 -12.22
N TYR C 49 22.74 -20.06 -12.87
CA TYR C 49 22.97 -20.80 -14.10
C TYR C 49 23.98 -21.91 -13.80
N PRO C 50 23.54 -23.15 -13.61
CA PRO C 50 24.47 -24.19 -13.17
C PRO C 50 25.51 -24.56 -14.20
N GLY C 51 26.77 -24.24 -13.91
CA GLY C 51 27.87 -24.57 -14.78
C GLY C 51 28.22 -23.52 -15.81
N ALA C 52 27.74 -22.30 -15.67
CA ALA C 52 27.98 -21.24 -16.63
C ALA C 52 29.10 -20.32 -16.17
N ASP C 53 29.86 -19.80 -17.13
CA ASP C 53 30.99 -18.94 -16.84
C ASP C 53 30.52 -17.58 -16.35
N ALA C 54 31.48 -16.74 -15.96
CA ALA C 54 31.12 -15.40 -15.51
C ALA C 54 30.61 -14.55 -16.66
N GLN C 55 31.30 -14.57 -17.80
CA GLN C 55 30.85 -13.81 -18.95
C GLN C 55 29.51 -14.33 -19.46
N THR C 56 29.34 -15.65 -19.48
CA THR C 56 28.08 -16.22 -19.93
C THR C 56 26.92 -15.77 -19.05
N VAL C 57 27.11 -15.79 -17.73
CA VAL C 57 26.05 -15.33 -16.84
C VAL C 57 25.79 -13.85 -17.05
N GLU C 58 26.84 -13.03 -17.01
CA GLU C 58 26.65 -11.59 -17.15
C GLU C 58 26.04 -11.21 -18.49
N ASP C 59 26.17 -12.07 -19.49
CA ASP C 59 25.63 -11.79 -20.81
C ASP C 59 24.20 -12.27 -20.97
N SER C 60 23.86 -13.46 -20.46
CA SER C 60 22.58 -14.06 -20.76
C SER C 60 21.58 -14.06 -19.60
N VAL C 61 21.99 -13.71 -18.38
CA VAL C 61 21.06 -13.76 -17.26
C VAL C 61 20.95 -12.40 -16.60
N THR C 62 22.03 -11.62 -16.63
CA THR C 62 22.08 -10.35 -15.93
C THR C 62 21.69 -9.17 -16.80
N GLN C 63 22.17 -9.13 -18.04
CA GLN C 63 21.88 -7.99 -18.90
C GLN C 63 20.39 -7.89 -19.20
N VAL C 64 19.72 -9.02 -19.40
CA VAL C 64 18.29 -9.00 -19.68
C VAL C 64 17.53 -8.41 -18.50
N ILE C 65 17.82 -8.92 -17.30
CA ILE C 65 17.14 -8.42 -16.10
C ILE C 65 17.42 -6.94 -15.90
N GLU C 66 18.69 -6.52 -16.08
CA GLU C 66 19.03 -5.13 -15.90
C GLU C 66 18.37 -4.24 -16.94
N GLN C 67 18.15 -4.76 -18.16
CA GLN C 67 17.48 -3.96 -19.18
C GLN C 67 15.99 -3.83 -18.90
N ASN C 68 15.39 -4.81 -18.23
CA ASN C 68 13.97 -4.74 -17.95
C ASN C 68 13.65 -4.17 -16.57
N MET C 69 14.62 -3.54 -15.90
CA MET C 69 14.36 -2.86 -14.63
C MET C 69 14.30 -1.36 -14.90
N ASN C 70 13.09 -0.84 -15.06
CA ASN C 70 12.90 0.58 -15.26
C ASN C 70 11.54 0.98 -14.69
N GLY C 71 11.38 2.26 -14.39
CA GLY C 71 10.14 2.75 -13.85
C GLY C 71 9.82 2.23 -12.46
N LEU C 72 10.81 2.17 -11.58
CA LEU C 72 10.60 1.81 -10.19
C LEU C 72 10.70 3.06 -9.33
N ASP C 73 9.68 3.28 -8.49
CA ASP C 73 9.63 4.49 -7.68
C ASP C 73 10.66 4.41 -6.55
N GLY C 74 11.45 5.47 -6.40
CA GLY C 74 12.37 5.57 -5.30
C GLY C 74 13.70 4.88 -5.49
N LEU C 75 13.98 4.35 -6.67
CA LEU C 75 15.24 3.67 -6.92
C LEU C 75 16.41 4.65 -6.80
N MET C 76 17.34 4.36 -5.89
CA MET C 76 18.60 5.09 -5.88
C MET C 76 19.54 4.56 -6.95
N TYR C 77 19.95 3.30 -6.83
CA TYR C 77 20.90 2.72 -7.76
C TYR C 77 20.75 1.21 -7.77
N MET C 78 21.15 0.61 -8.89
CA MET C 78 21.10 -0.83 -9.08
C MET C 78 22.51 -1.33 -9.32
N SER C 79 22.93 -2.33 -8.53
CA SER C 79 24.29 -2.86 -8.57
C SER C 79 24.24 -4.36 -8.80
N SER C 80 24.90 -4.84 -9.84
CA SER C 80 24.82 -6.24 -10.24
C SER C 80 26.19 -6.90 -10.24
N THR C 81 26.20 -8.19 -9.89
CA THR C 81 27.41 -9.00 -9.94
C THR C 81 27.10 -10.33 -10.60
N SER C 82 28.11 -10.89 -11.27
CA SER C 82 28.01 -12.20 -11.92
C SER C 82 29.25 -13.00 -11.56
N ASP C 83 29.06 -14.18 -10.98
CA ASP C 83 30.15 -15.00 -10.50
C ASP C 83 30.57 -16.02 -11.56
N ALA C 84 31.62 -16.77 -11.24
CA ALA C 84 32.05 -17.89 -12.06
C ALA C 84 31.41 -19.20 -11.64
N ALA C 85 30.62 -19.18 -10.58
CA ALA C 85 29.83 -20.33 -10.18
C ALA C 85 28.45 -20.34 -10.81
N GLY C 86 28.16 -19.39 -11.69
CA GLY C 86 26.86 -19.30 -12.30
C GLY C 86 25.86 -18.66 -11.37
N ASN C 87 26.13 -17.43 -10.95
CA ASN C 87 25.31 -16.74 -9.96
C ASN C 87 25.21 -15.27 -10.34
N ALA C 88 24.00 -14.79 -10.59
CA ALA C 88 23.75 -13.40 -10.90
C ALA C 88 22.97 -12.77 -9.76
N SER C 89 23.43 -11.63 -9.27
CA SER C 89 22.78 -10.94 -8.15
C SER C 89 22.65 -9.47 -8.49
N ILE C 90 21.42 -8.97 -8.51
CA ILE C 90 21.12 -7.57 -8.74
C ILE C 90 20.51 -7.00 -7.47
N THR C 91 21.16 -6.00 -6.89
CA THR C 91 20.67 -5.36 -5.68
C THR C 91 20.21 -3.95 -6.04
N LEU C 92 18.93 -3.68 -5.84
CA LEU C 92 18.32 -2.38 -6.13
C LEU C 92 18.07 -1.70 -4.80
N THR C 93 18.65 -0.53 -4.59
CA THR C 93 18.49 0.19 -3.34
C THR C 93 17.52 1.33 -3.52
N PHE C 94 16.49 1.36 -2.68
CA PHE C 94 15.44 2.38 -2.76
C PHE C 94 15.61 3.41 -1.66
N GLU C 95 15.12 4.61 -1.92
CA GLU C 95 15.31 5.72 -0.98
C GLU C 95 14.61 5.43 0.34
N THR C 96 15.14 6.00 1.41
CA THR C 96 14.58 5.77 2.73
C THR C 96 13.14 6.26 2.78
N GLY C 97 12.27 5.45 3.36
CA GLY C 97 10.86 5.74 3.42
C GLY C 97 10.02 4.96 2.44
N THR C 98 10.64 4.34 1.44
CA THR C 98 9.91 3.52 0.49
C THR C 98 9.37 2.27 1.18
N SER C 99 8.14 1.90 0.84
CA SER C 99 7.57 0.68 1.39
C SER C 99 8.32 -0.51 0.83
N PRO C 100 8.88 -1.38 1.68
CA PRO C 100 9.72 -2.47 1.17
C PRO C 100 8.94 -3.59 0.50
N ASP C 101 7.61 -3.58 0.51
CA ASP C 101 6.82 -4.58 -0.18
C ASP C 101 6.30 -4.11 -1.53
N ILE C 102 5.92 -2.85 -1.65
CA ILE C 102 5.58 -2.31 -2.95
C ILE C 102 6.79 -2.30 -3.87
N ALA C 103 7.97 -2.01 -3.31
CA ALA C 103 9.20 -2.07 -4.10
C ALA C 103 9.43 -3.47 -4.63
N GLN C 104 9.24 -4.48 -3.78
CA GLN C 104 9.43 -5.86 -4.21
C GLN C 104 8.40 -6.25 -5.26
N VAL C 105 7.17 -5.79 -5.09
CA VAL C 105 6.13 -6.07 -6.08
C VAL C 105 6.49 -5.47 -7.43
N GLN C 106 6.97 -4.23 -7.43
CA GLN C 106 7.39 -3.59 -8.68
C GLN C 106 8.55 -4.35 -9.34
N VAL C 107 9.51 -4.76 -8.52
CA VAL C 107 10.65 -5.50 -9.05
C VAL C 107 10.19 -6.81 -9.69
N GLN C 108 9.29 -7.53 -9.02
CA GLN C 108 8.80 -8.79 -9.57
C GLN C 108 8.00 -8.56 -10.84
N ASN C 109 7.18 -7.52 -10.89
CA ASN C 109 6.43 -7.22 -12.09
C ASN C 109 7.36 -6.94 -13.26
N LYS C 110 8.43 -6.18 -13.04
CA LYS C 110 9.36 -5.91 -14.13
C LYS C 110 10.15 -7.14 -14.52
N LEU C 111 10.44 -8.03 -13.56
CA LEU C 111 11.19 -9.25 -13.85
C LEU C 111 10.35 -10.28 -14.60
N GLN C 112 9.03 -10.24 -14.45
CA GLN C 112 8.18 -11.23 -15.10
C GLN C 112 8.15 -11.08 -16.61
N LEU C 113 8.37 -9.88 -17.14
CA LEU C 113 8.46 -9.69 -18.58
C LEU C 113 9.89 -9.86 -19.08
N ALA C 114 10.84 -10.11 -18.19
CA ALA C 114 12.18 -10.53 -18.57
C ALA C 114 12.37 -12.02 -18.51
N MET C 115 11.56 -12.71 -17.71
CA MET C 115 11.69 -14.16 -17.52
C MET C 115 11.66 -14.95 -18.83
N PRO C 116 10.76 -14.72 -19.78
CA PRO C 116 10.72 -15.57 -20.97
C PRO C 116 11.96 -15.49 -21.84
N SER C 117 12.79 -14.47 -21.69
CA SER C 117 14.01 -14.34 -22.48
C SER C 117 15.23 -14.96 -21.81
N LEU C 118 15.06 -15.53 -20.62
CA LEU C 118 16.16 -16.17 -19.93
C LEU C 118 16.32 -17.62 -20.40
N PRO C 119 17.52 -18.19 -20.30
CA PRO C 119 17.69 -19.59 -20.66
C PRO C 119 16.83 -20.49 -19.81
N GLU C 120 16.36 -21.59 -20.41
CA GLU C 120 15.50 -22.52 -19.68
C GLU C 120 16.25 -23.14 -18.51
N ALA C 121 17.55 -23.38 -18.66
CA ALA C 121 18.37 -23.91 -17.58
C ALA C 121 18.41 -22.97 -16.38
N VAL C 122 18.08 -21.70 -16.57
CA VAL C 122 17.99 -20.76 -15.46
C VAL C 122 16.57 -20.73 -14.90
N GLN C 123 15.56 -20.76 -15.78
CA GLN C 123 14.18 -20.71 -15.32
C GLN C 123 13.84 -21.90 -14.46
N GLN C 124 14.22 -23.11 -14.88
CA GLN C 124 13.86 -24.28 -14.10
C GLN C 124 14.66 -24.36 -12.80
N GLN C 125 15.74 -23.59 -12.68
CA GLN C 125 16.44 -23.51 -11.40
C GLN C 125 15.69 -22.65 -10.40
N GLY C 126 15.13 -21.53 -10.85
CA GLY C 126 14.37 -20.65 -9.99
C GLY C 126 15.06 -19.33 -9.74
N ILE C 127 14.32 -18.22 -9.84
CA ILE C 127 14.84 -16.89 -9.60
C ILE C 127 14.17 -16.34 -8.35
N SER C 128 14.97 -15.85 -7.40
CA SER C 128 14.48 -15.40 -6.11
C SER C 128 14.56 -13.89 -6.03
N VAL C 129 13.51 -13.26 -5.50
CA VAL C 129 13.48 -11.83 -5.23
C VAL C 129 13.23 -11.66 -3.74
N ASP C 130 14.22 -11.12 -3.02
CA ASP C 130 14.18 -11.01 -1.58
C ASP C 130 14.12 -9.55 -1.18
N LYS C 131 13.15 -9.21 -0.33
CA LYS C 131 13.07 -7.88 0.27
C LYS C 131 13.97 -7.74 1.48
N SER C 132 14.64 -8.81 1.89
CA SER C 132 15.37 -8.83 3.14
C SER C 132 16.63 -7.97 3.04
N SER C 133 17.21 -7.70 4.21
CA SER C 133 18.41 -6.90 4.31
C SER C 133 19.64 -7.78 4.09
N SER C 134 20.81 -7.24 4.39
CA SER C 134 22.08 -7.94 4.36
C SER C 134 22.55 -8.08 5.80
N ASN C 135 23.82 -8.47 5.98
CA ASN C 135 24.44 -8.52 7.30
C ASN C 135 23.73 -9.53 8.20
N ILE C 136 24.00 -10.79 7.90
CA ILE C 136 23.46 -11.97 8.60
C ILE C 136 23.37 -11.76 10.09
N LEU C 137 22.27 -12.22 10.69
CA LEU C 137 21.95 -11.93 12.08
C LEU C 137 22.13 -13.13 13.01
N MET C 138 21.69 -14.32 12.61
CA MET C 138 21.57 -15.45 13.53
C MET C 138 22.09 -16.74 12.91
N VAL C 139 23.33 -16.75 12.44
CA VAL C 139 23.93 -18.01 12.00
C VAL C 139 23.75 -19.05 13.09
N ALA C 140 23.21 -20.21 12.72
CA ALA C 140 22.96 -21.29 13.68
C ALA C 140 23.35 -22.61 13.02
N ALA C 141 24.39 -23.25 13.55
CA ALA C 141 24.92 -24.46 12.96
C ALA C 141 24.41 -25.69 13.69
N PHE C 142 24.55 -26.84 13.04
CA PHE C 142 24.14 -28.13 13.59
C PHE C 142 25.31 -29.09 13.48
N ILE C 143 25.70 -29.69 14.59
CA ILE C 143 26.81 -30.62 14.63
C ILE C 143 26.30 -31.97 15.10
N SER C 144 27.20 -32.96 15.07
CA SER C 144 26.91 -34.29 15.55
C SER C 144 27.80 -34.61 16.75
N ASP C 145 27.23 -35.25 17.76
CA ASP C 145 27.98 -35.58 18.96
C ASP C 145 29.07 -36.61 18.71
N ASN C 146 29.05 -37.26 17.55
CA ASN C 146 30.10 -38.19 17.15
C ASN C 146 30.14 -38.22 15.63
N GLY C 147 30.98 -39.09 15.08
CA GLY C 147 31.14 -39.16 13.65
C GLY C 147 30.11 -40.01 12.94
N SER C 148 28.91 -40.09 13.51
CA SER C 148 27.87 -40.92 12.92
C SER C 148 27.31 -40.31 11.63
N LEU C 149 27.13 -38.99 11.62
CA LEU C 149 26.55 -38.30 10.48
C LEU C 149 27.61 -37.47 9.78
N ASN C 150 27.60 -37.51 8.45
CA ASN C 150 28.55 -36.76 7.64
C ASN C 150 28.15 -35.29 7.59
N GLN C 151 28.90 -34.49 6.84
CA GLN C 151 28.45 -33.13 6.57
C GLN C 151 27.35 -33.08 5.52
N TYR C 152 27.01 -34.23 4.91
CA TYR C 152 25.91 -34.32 3.96
C TYR C 152 24.62 -34.82 4.59
N ASP C 153 24.70 -35.85 5.45
CA ASP C 153 23.49 -36.32 6.12
C ASP C 153 22.93 -35.24 7.03
N ILE C 154 23.79 -34.50 7.72
CA ILE C 154 23.32 -33.37 8.53
C ILE C 154 22.72 -32.30 7.64
N ALA C 155 23.36 -32.01 6.51
CA ALA C 155 22.88 -30.97 5.63
C ALA C 155 21.50 -31.28 5.07
N ASP C 156 21.24 -32.55 4.72
CA ASP C 156 19.89 -32.88 4.27
C ASP C 156 18.87 -32.65 5.36
N TYR C 157 19.14 -33.14 6.57
CA TYR C 157 18.14 -32.98 7.61
C TYR C 157 17.85 -31.52 7.85
N VAL C 158 18.90 -30.69 7.89
CA VAL C 158 18.68 -29.26 8.02
C VAL C 158 17.83 -28.75 6.87
N ALA C 159 18.33 -28.88 5.64
CA ALA C 159 17.68 -28.29 4.47
C ALA C 159 16.26 -28.78 4.25
N SER C 160 15.89 -29.94 4.80
CA SER C 160 14.55 -30.47 4.61
C SER C 160 13.61 -30.12 5.75
N ASN C 161 14.03 -30.32 7.00
CA ASN C 161 13.10 -30.19 8.11
C ASN C 161 13.37 -29.01 9.03
N ILE C 162 14.30 -28.12 8.69
CA ILE C 162 14.53 -26.94 9.53
C ILE C 162 14.45 -25.68 8.68
N LYS C 163 14.74 -25.81 7.38
CA LYS C 163 14.92 -24.62 6.56
C LYS C 163 13.59 -23.91 6.29
N ASP C 164 12.54 -24.68 5.99
CA ASP C 164 11.28 -24.06 5.62
C ASP C 164 10.50 -23.55 6.83
N PRO C 165 10.42 -24.32 7.93
CA PRO C 165 9.81 -23.74 9.15
C PRO C 165 10.47 -22.45 9.59
N LEU C 166 11.79 -22.35 9.47
CA LEU C 166 12.46 -21.10 9.80
C LEU C 166 12.23 -20.05 8.71
N SER C 167 12.02 -20.48 7.47
CA SER C 167 11.73 -19.54 6.40
C SER C 167 10.38 -18.88 6.61
N ARG C 168 9.44 -19.58 7.23
CA ARG C 168 8.10 -19.04 7.45
C ARG C 168 7.93 -18.36 8.81
N THR C 169 8.96 -18.35 9.65
CA THR C 169 8.85 -17.70 10.94
C THR C 169 8.77 -16.19 10.78
N ALA C 170 8.08 -15.55 11.72
CA ALA C 170 7.78 -14.13 11.59
C ALA C 170 9.03 -13.30 11.77
N GLY C 171 9.44 -12.60 10.71
CA GLY C 171 10.60 -11.75 10.76
C GLY C 171 11.73 -12.22 9.86
N VAL C 172 11.85 -13.54 9.71
CA VAL C 172 12.91 -14.12 8.90
C VAL C 172 12.63 -13.77 7.44
N GLY C 173 13.39 -12.82 6.91
CA GLY C 173 13.15 -12.38 5.55
C GLY C 173 13.92 -13.17 4.51
N SER C 174 15.01 -13.80 4.93
CA SER C 174 15.75 -14.64 4.01
C SER C 174 16.55 -15.65 4.80
N VAL C 175 16.73 -16.83 4.20
CA VAL C 175 17.45 -17.95 4.81
C VAL C 175 18.48 -18.44 3.81
N GLN C 176 19.73 -18.57 4.24
CA GLN C 176 20.80 -19.15 3.43
C GLN C 176 21.30 -20.41 4.12
N LEU C 177 21.56 -21.45 3.35
CA LEU C 177 21.98 -22.72 3.92
C LEU C 177 23.43 -22.98 3.55
N PHE C 178 24.30 -23.01 4.57
CA PHE C 178 25.68 -23.47 4.41
C PHE C 178 25.65 -24.98 4.49
N GLY C 179 25.56 -25.61 3.33
CA GLY C 179 25.29 -27.03 3.21
C GLY C 179 24.59 -27.30 1.88
N SER C 180 23.83 -28.39 1.85
CA SER C 180 23.13 -28.76 0.63
C SER C 180 22.13 -29.87 0.92
N GLU C 181 20.95 -29.77 0.32
CA GLU C 181 19.97 -30.85 0.36
C GLU C 181 20.48 -32.04 -0.45
N TYR C 182 19.86 -33.20 -0.24
CA TYR C 182 20.27 -34.33 -1.05
C TYR C 182 19.72 -34.19 -2.47
N ALA C 183 20.25 -35.01 -3.36
CA ALA C 183 19.83 -35.06 -4.74
C ALA C 183 20.39 -36.33 -5.35
N MET C 184 19.63 -36.96 -6.23
CA MET C 184 20.09 -38.21 -6.85
C MET C 184 21.11 -37.86 -7.92
N ARG C 185 22.39 -38.02 -7.59
CA ARG C 185 23.47 -37.74 -8.50
C ARG C 185 23.79 -38.99 -9.31
N ILE C 186 23.90 -38.82 -10.63
CA ILE C 186 24.28 -39.87 -11.55
C ILE C 186 25.62 -39.48 -12.12
N TRP C 187 26.69 -40.15 -11.68
CA TRP C 187 28.04 -39.87 -12.15
C TRP C 187 28.33 -40.74 -13.36
N LEU C 188 28.50 -40.13 -14.52
CA LEU C 188 28.70 -40.86 -15.76
C LEU C 188 30.13 -41.35 -15.89
N ASP C 189 30.32 -42.32 -16.78
CA ASP C 189 31.62 -42.91 -17.04
C ASP C 189 31.88 -42.90 -18.54
N PRO C 190 32.81 -42.08 -19.04
CA PRO C 190 33.00 -42.00 -20.49
C PRO C 190 33.37 -43.32 -21.14
N GLN C 191 34.21 -44.13 -20.49
CA GLN C 191 34.64 -45.39 -21.08
C GLN C 191 33.46 -46.35 -21.23
N LYS C 192 32.60 -46.42 -20.21
CA LYS C 192 31.46 -47.33 -20.29
C LYS C 192 30.36 -46.77 -21.19
N LEU C 193 30.25 -45.44 -21.28
CA LEU C 193 29.33 -44.85 -22.24
C LEU C 193 29.77 -45.17 -23.66
N ASN C 194 31.08 -45.15 -23.91
CA ASN C 194 31.59 -45.48 -25.24
C ASN C 194 31.53 -46.98 -25.51
N LYS C 195 31.60 -47.81 -24.48
CA LYS C 195 31.54 -49.25 -24.69
C LYS C 195 30.18 -49.70 -25.20
N TYR C 196 29.12 -49.00 -24.83
CA TYR C 196 27.76 -49.39 -25.22
C TYR C 196 27.17 -48.47 -26.28
N ASN C 197 27.99 -47.62 -26.91
CA ASN C 197 27.53 -46.68 -27.93
C ASN C 197 26.41 -45.78 -27.39
N LEU C 198 26.75 -45.02 -26.35
CA LEU C 198 25.79 -44.15 -25.70
C LEU C 198 26.40 -42.78 -25.47
N VAL C 199 25.55 -41.79 -25.27
CA VAL C 199 25.97 -40.42 -24.98
C VAL C 199 25.11 -39.89 -23.85
N PRO C 200 25.58 -38.87 -23.12
CA PRO C 200 24.81 -38.37 -21.97
C PRO C 200 23.40 -37.91 -22.31
N SER C 201 23.16 -37.46 -23.54
CA SER C 201 21.82 -37.06 -23.92
C SER C 201 20.85 -38.24 -23.86
N ASP C 202 21.32 -39.43 -24.26
CA ASP C 202 20.47 -40.62 -24.17
C ASP C 202 20.11 -40.93 -22.73
N VAL C 203 21.08 -40.83 -21.83
CA VAL C 203 20.81 -41.07 -20.41
C VAL C 203 19.80 -40.07 -19.88
N ILE C 204 19.96 -38.79 -20.25
CA ILE C 204 19.05 -37.76 -19.77
C ILE C 204 17.63 -38.01 -20.29
N SER C 205 17.50 -38.34 -21.57
CA SER C 205 16.17 -38.59 -22.13
C SER C 205 15.51 -39.81 -21.50
N GLN C 206 16.28 -40.87 -21.28
CA GLN C 206 15.72 -42.07 -20.65
C GLN C 206 15.31 -41.80 -19.21
N ILE C 207 16.10 -41.01 -18.48
CA ILE C 207 15.69 -40.62 -17.13
C ILE C 207 14.42 -39.82 -17.16
N LYS C 208 14.29 -38.91 -18.13
CA LYS C 208 13.07 -38.14 -18.26
C LYS C 208 11.85 -39.00 -18.57
N VAL C 209 12.03 -40.08 -19.34
CA VAL C 209 10.94 -40.97 -19.68
C VAL C 209 10.54 -41.87 -18.51
N GLN C 210 11.52 -42.46 -17.81
CA GLN C 210 11.24 -43.46 -16.80
C GLN C 210 11.18 -42.89 -15.38
N ASN C 211 11.14 -41.58 -15.24
CA ASN C 211 11.00 -40.91 -13.95
C ASN C 211 9.93 -39.84 -14.03
N ASN C 212 8.76 -40.20 -14.56
CA ASN C 212 7.67 -39.26 -14.77
C ASN C 212 6.53 -39.56 -13.81
N GLN C 213 5.50 -38.72 -13.88
CA GLN C 213 4.32 -38.83 -13.03
C GLN C 213 3.05 -39.00 -13.86
N ILE C 214 3.11 -39.91 -14.84
CA ILE C 214 2.03 -40.08 -15.81
C ILE C 214 0.69 -40.16 -15.11
N SER C 215 -0.25 -39.32 -15.55
CA SER C 215 -1.58 -39.26 -14.96
C SER C 215 -2.48 -40.28 -15.64
N GLY C 216 -2.76 -41.38 -14.94
CA GLY C 216 -3.51 -42.46 -15.56
C GLY C 216 -4.95 -42.11 -15.86
N GLY C 217 -5.59 -41.37 -14.97
CA GLY C 217 -6.99 -41.04 -15.13
C GLY C 217 -7.88 -41.87 -14.21
N GLN C 218 -9.14 -41.98 -14.61
CA GLN C 218 -10.14 -42.69 -13.83
C GLN C 218 -10.78 -43.79 -14.67
N LEU C 219 -10.94 -44.96 -14.06
CA LEU C 219 -11.59 -46.11 -14.68
C LEU C 219 -13.11 -45.98 -14.54
N GLY C 220 -13.68 -45.09 -15.34
CA GLY C 220 -15.08 -44.80 -15.26
C GLY C 220 -15.34 -43.51 -14.52
N GLY C 221 -15.55 -42.43 -15.28
CA GLY C 221 -15.74 -41.12 -14.70
C GLY C 221 -16.60 -40.29 -15.63
N MET C 222 -16.96 -39.11 -15.15
CA MET C 222 -17.86 -38.26 -15.91
C MET C 222 -17.23 -37.87 -17.24
N PRO C 223 -17.96 -37.95 -18.36
CA PRO C 223 -19.34 -38.39 -18.51
C PRO C 223 -19.43 -39.90 -18.53
N GLN C 224 -20.03 -40.53 -17.53
CA GLN C 224 -20.10 -41.98 -17.47
C GLN C 224 -21.46 -42.46 -17.96
N ALA C 225 -21.47 -43.65 -18.56
CA ALA C 225 -22.71 -44.22 -19.04
C ALA C 225 -23.64 -44.49 -17.87
N ALA C 226 -24.94 -44.40 -18.13
CA ALA C 226 -25.92 -44.74 -17.11
C ALA C 226 -25.76 -46.21 -16.72
N ASP C 227 -26.11 -46.51 -15.46
CA ASP C 227 -25.84 -47.81 -14.85
C ASP C 227 -24.32 -48.06 -14.89
N GLN C 228 -23.63 -47.26 -14.09
CA GLN C 228 -22.20 -47.41 -13.85
C GLN C 228 -21.96 -47.42 -12.35
N GLN C 229 -21.27 -48.45 -11.85
CA GLN C 229 -21.09 -48.64 -10.43
C GLN C 229 -19.63 -48.78 -10.02
N LEU C 230 -18.69 -48.39 -10.87
CA LEU C 230 -17.26 -48.47 -10.58
C LEU C 230 -16.64 -47.09 -10.71
N ASN C 231 -15.79 -46.72 -9.75
CA ASN C 231 -15.09 -45.44 -9.80
C ASN C 231 -13.75 -45.61 -9.09
N ALA C 232 -12.69 -45.78 -9.87
CA ALA C 232 -11.36 -45.99 -9.33
C ALA C 232 -10.38 -45.13 -10.10
N SER C 233 -9.24 -44.86 -9.48
CA SER C 233 -8.15 -44.17 -10.16
C SER C 233 -7.18 -45.17 -10.74
N ILE C 234 -6.46 -44.77 -11.78
CA ILE C 234 -5.47 -45.61 -12.44
C ILE C 234 -4.09 -45.07 -12.13
N ILE C 235 -3.21 -45.96 -11.68
CA ILE C 235 -1.84 -45.61 -11.31
C ILE C 235 -0.93 -46.25 -12.35
N VAL C 236 -0.43 -45.46 -13.28
CA VAL C 236 0.42 -45.98 -14.35
C VAL C 236 1.89 -45.92 -13.97
N GLN C 237 2.36 -44.75 -13.53
CA GLN C 237 3.75 -44.56 -13.20
C GLN C 237 3.88 -43.62 -12.00
N THR C 238 4.99 -43.77 -11.27
CA THR C 238 5.30 -42.93 -10.14
C THR C 238 6.77 -42.56 -10.19
N ARG C 239 7.11 -41.42 -9.59
CA ARG C 239 8.50 -40.98 -9.57
C ARG C 239 9.35 -41.94 -8.77
N LEU C 240 10.56 -42.21 -9.26
CA LEU C 240 11.45 -43.13 -8.58
C LEU C 240 11.91 -42.54 -7.25
N GLN C 241 12.21 -43.43 -6.30
CA GLN C 241 12.46 -43.00 -4.93
C GLN C 241 13.82 -43.41 -4.37
N THR C 242 14.46 -44.42 -4.92
CA THR C 242 15.71 -44.91 -4.34
C THR C 242 16.78 -45.02 -5.42
N PRO C 243 18.05 -44.89 -5.03
CA PRO C 243 19.13 -45.08 -6.03
C PRO C 243 19.12 -46.45 -6.67
N GLU C 244 18.64 -47.47 -5.96
CA GLU C 244 18.52 -48.79 -6.56
C GLU C 244 17.57 -48.77 -7.76
N GLU C 245 16.43 -48.08 -7.62
CA GLU C 245 15.50 -47.96 -8.73
C GLU C 245 16.11 -47.16 -9.88
N PHE C 246 16.85 -46.11 -9.56
CA PHE C 246 17.51 -45.33 -10.61
C PHE C 246 18.55 -46.16 -11.33
N GLY C 247 19.13 -47.15 -10.65
CA GLY C 247 20.12 -47.99 -11.31
C GLY C 247 19.56 -48.93 -12.35
N LYS C 248 18.27 -49.24 -12.27
CA LYS C 248 17.64 -50.18 -13.18
C LYS C 248 16.87 -49.51 -14.32
N ILE C 249 17.10 -48.21 -14.54
CA ILE C 249 16.52 -47.55 -15.70
C ILE C 249 17.09 -48.17 -16.96
N LEU C 250 16.21 -48.56 -17.89
CA LEU C 250 16.62 -49.26 -19.09
C LEU C 250 17.08 -48.26 -20.15
N LEU C 251 18.37 -48.32 -20.52
CA LEU C 251 18.87 -47.43 -21.56
C LEU C 251 18.72 -48.02 -22.95
N LYS C 252 19.06 -49.30 -23.11
CA LYS C 252 18.94 -49.99 -24.38
C LYS C 252 18.93 -51.49 -24.11
N VAL C 253 18.48 -52.26 -25.10
CA VAL C 253 18.39 -53.70 -25.00
C VAL C 253 19.35 -54.40 -25.95
N GLN C 254 20.33 -53.67 -26.48
CA GLN C 254 21.38 -54.24 -27.33
C GLN C 254 20.71 -54.88 -28.55
N GLN C 255 21.33 -55.90 -29.11
CA GLN C 255 20.77 -56.65 -30.23
C GLN C 255 20.60 -58.14 -29.95
N ASP C 256 21.40 -58.71 -29.05
CA ASP C 256 21.24 -60.11 -28.70
C ASP C 256 20.05 -60.32 -27.78
N GLY C 257 19.78 -59.38 -26.89
CA GLY C 257 18.69 -59.51 -25.95
C GLY C 257 19.03 -59.00 -24.56
N SER C 258 20.30 -59.09 -24.18
CA SER C 258 20.73 -58.56 -22.89
C SER C 258 20.55 -57.05 -22.87
N GLN C 259 20.08 -56.53 -21.74
CA GLN C 259 19.69 -55.15 -21.62
C GLN C 259 20.78 -54.33 -20.93
N VAL C 260 20.90 -53.07 -21.33
CA VAL C 260 21.83 -52.14 -20.71
C VAL C 260 21.05 -51.27 -19.73
N LEU C 261 21.51 -51.22 -18.49
CA LEU C 261 20.86 -50.46 -17.44
C LEU C 261 21.72 -49.25 -17.06
N LEU C 262 21.09 -48.31 -16.34
CA LEU C 262 21.81 -47.11 -15.93
C LEU C 262 22.96 -47.43 -14.99
N ARG C 263 22.81 -48.44 -14.15
CA ARG C 263 23.88 -48.83 -13.24
C ARG C 263 25.09 -49.37 -13.97
N ASP C 264 24.97 -49.70 -15.25
CA ASP C 264 26.09 -50.23 -16.02
C ASP C 264 27.03 -49.13 -16.49
N VAL C 265 26.49 -47.99 -16.93
CA VAL C 265 27.30 -46.92 -17.48
C VAL C 265 27.48 -45.75 -16.52
N ALA C 266 26.96 -45.85 -15.30
CA ALA C 266 27.05 -44.73 -14.37
C ALA C 266 27.00 -45.26 -12.95
N ARG C 267 27.38 -44.39 -12.02
CA ARG C 267 27.30 -44.67 -10.59
C ARG C 267 26.22 -43.76 -10.02
N VAL C 268 25.15 -44.34 -9.51
CA VAL C 268 24.02 -43.59 -8.99
C VAL C 268 24.11 -43.55 -7.47
N GLU C 269 23.97 -42.37 -6.90
CA GLU C 269 24.11 -42.24 -5.45
C GLU C 269 23.36 -41.01 -4.98
N LEU C 270 22.96 -41.05 -3.72
CA LEU C 270 22.31 -39.91 -3.08
C LEU C 270 23.38 -38.92 -2.65
N GLY C 271 23.71 -37.97 -3.53
CA GLY C 271 24.72 -36.98 -3.25
C GLY C 271 24.12 -35.64 -2.88
N ALA C 272 24.95 -34.61 -2.97
CA ALA C 272 24.51 -33.26 -2.65
C ALA C 272 24.15 -32.52 -3.93
N GLU C 273 23.17 -31.62 -3.81
CA GLU C 273 22.78 -30.82 -4.95
C GLU C 273 23.84 -29.77 -5.27
N ASP C 274 24.32 -29.07 -4.25
CA ASP C 274 25.33 -28.02 -4.38
C ASP C 274 26.54 -28.47 -3.57
N TYR C 275 27.65 -28.75 -4.25
CA TYR C 275 28.83 -29.27 -3.58
C TYR C 275 29.79 -28.17 -3.13
N SER C 276 29.52 -26.91 -3.44
CA SER C 276 30.45 -25.83 -3.17
C SER C 276 30.71 -25.60 -1.70
N THR C 277 29.70 -25.15 -0.95
CA THR C 277 29.92 -24.69 0.41
C THR C 277 30.27 -25.84 1.33
N VAL C 278 31.33 -25.66 2.12
CA VAL C 278 31.80 -26.67 3.07
C VAL C 278 31.90 -26.02 4.44
N ALA C 279 31.11 -26.49 5.39
CA ALA C 279 31.00 -25.86 6.70
C ALA C 279 31.64 -26.73 7.76
N ARG C 280 32.29 -26.08 8.74
CA ARG C 280 32.98 -26.78 9.81
C ARG C 280 32.91 -25.97 11.08
N TYR C 281 32.40 -26.57 12.16
CA TYR C 281 32.24 -25.92 13.45
C TYR C 281 33.25 -26.51 14.42
N ASN C 282 34.21 -25.68 14.85
CA ASN C 282 35.25 -26.09 15.79
C ASN C 282 36.05 -27.28 15.28
N GLY C 283 36.16 -27.40 13.95
CA GLY C 283 36.86 -28.50 13.34
C GLY C 283 36.00 -29.70 13.02
N LYS C 284 34.80 -29.79 13.59
CA LYS C 284 33.90 -30.89 13.29
C LYS C 284 33.06 -30.55 12.06
N PRO C 285 32.69 -31.53 11.25
CA PRO C 285 31.78 -31.26 10.14
C PRO C 285 30.42 -30.81 10.64
N ALA C 286 29.81 -29.88 9.89
CA ALA C 286 28.55 -29.30 10.32
C ALA C 286 27.86 -28.65 9.12
N ALA C 287 26.60 -28.32 9.31
CA ALA C 287 25.82 -27.56 8.34
C ALA C 287 25.14 -26.42 9.08
N GLY C 288 25.01 -25.27 8.42
CA GLY C 288 24.58 -24.07 9.10
C GLY C 288 23.45 -23.36 8.37
N ILE C 289 22.76 -22.50 9.12
CA ILE C 289 21.70 -21.65 8.60
C ILE C 289 22.02 -20.20 8.93
N ALA C 290 21.95 -19.34 7.94
CA ALA C 290 22.21 -17.91 8.09
C ALA C 290 20.91 -17.16 7.85
N ILE C 291 20.44 -16.46 8.88
CA ILE C 291 19.14 -15.79 8.86
C ILE C 291 19.35 -14.30 8.61
N LYS C 292 18.53 -13.72 7.75
CA LYS C 292 18.56 -12.29 7.47
C LYS C 292 17.17 -11.72 7.65
N LEU C 293 17.07 -10.59 8.35
CA LEU C 293 15.78 -10.01 8.70
C LEU C 293 15.01 -9.54 7.47
N ALA C 294 13.69 -9.66 7.55
CA ALA C 294 12.84 -8.95 6.60
C ALA C 294 12.93 -7.46 6.86
N ALA C 295 12.82 -6.66 5.80
CA ALA C 295 12.88 -5.22 5.95
C ALA C 295 11.74 -4.75 6.85
N GLY C 296 12.06 -3.84 7.77
CA GLY C 296 11.10 -3.38 8.74
C GLY C 296 10.65 -4.41 9.74
N ALA C 297 11.58 -5.18 10.31
CA ALA C 297 11.26 -6.20 11.29
C ALA C 297 12.17 -6.05 12.50
N ASN C 298 11.67 -6.46 13.66
CA ASN C 298 12.45 -6.36 14.88
C ASN C 298 13.56 -7.39 14.90
N ALA C 299 14.77 -6.94 15.22
CA ALA C 299 15.93 -7.83 15.20
C ALA C 299 16.03 -8.69 16.44
N LEU C 300 15.19 -8.46 17.45
CA LEU C 300 15.24 -9.19 18.71
C LEU C 300 14.13 -10.22 18.82
N ASP C 301 12.89 -9.81 18.52
CA ASP C 301 11.78 -10.75 18.51
C ASP C 301 11.97 -11.83 17.45
N THR C 302 12.57 -11.48 16.31
CA THR C 302 12.88 -12.49 15.30
C THR C 302 13.84 -13.53 15.86
N SER C 303 14.86 -13.09 16.59
CA SER C 303 15.79 -14.04 17.20
C SER C 303 15.10 -14.94 18.21
N ARG C 304 14.23 -14.37 19.04
CA ARG C 304 13.49 -15.20 20.00
C ARG C 304 12.62 -16.22 19.30
N ALA C 305 11.93 -15.81 18.23
CA ALA C 305 11.08 -16.73 17.49
C ALA C 305 11.89 -17.84 16.84
N VAL C 306 13.04 -17.51 16.25
CA VAL C 306 13.86 -18.53 15.63
C VAL C 306 14.37 -19.53 16.67
N LYS C 307 14.80 -19.03 17.83
CA LYS C 307 15.27 -19.94 18.88
C LYS C 307 14.16 -20.85 19.37
N GLU C 308 12.96 -20.30 19.57
CA GLU C 308 11.86 -21.16 20.04
C GLU C 308 11.46 -22.17 18.99
N GLU C 309 11.49 -21.79 17.71
CA GLU C 309 11.16 -22.74 16.65
C GLU C 309 12.18 -23.87 16.57
N LEU C 310 13.47 -23.54 16.69
CA LEU C 310 14.49 -24.58 16.71
C LEU C 310 14.33 -25.50 17.90
N ASN C 311 13.99 -24.93 19.07
CA ASN C 311 13.76 -25.76 20.24
C ASN C 311 12.57 -26.69 20.02
N ARG C 312 11.51 -26.20 19.37
CA ARG C 312 10.37 -27.06 19.07
C ARG C 312 10.73 -28.18 18.10
N LEU C 313 11.49 -27.85 17.05
CA LEU C 313 11.87 -28.88 16.08
C LEU C 313 12.92 -29.84 16.61
N SER C 314 13.59 -29.49 17.71
CA SER C 314 14.62 -30.37 18.26
C SER C 314 14.07 -31.68 18.78
N ALA C 315 12.75 -31.82 18.96
CA ALA C 315 12.22 -33.06 19.50
C ALA C 315 12.39 -34.24 18.55
N TYR C 316 12.12 -34.04 17.25
CA TYR C 316 12.18 -35.11 16.27
C TYR C 316 13.53 -35.16 15.56
N PHE C 317 14.59 -34.68 16.18
CA PHE C 317 15.91 -34.74 15.60
C PHE C 317 16.40 -36.19 15.54
N PRO C 318 17.31 -36.50 14.62
CA PRO C 318 17.96 -37.82 14.67
C PRO C 318 18.80 -37.96 15.92
N ALA C 319 19.43 -39.13 16.03
CA ALA C 319 20.12 -39.50 17.28
C ALA C 319 21.20 -38.48 17.65
N SER C 320 22.28 -38.43 16.87
CA SER C 320 23.43 -37.62 17.20
C SER C 320 23.41 -36.30 16.41
N LEU C 321 22.56 -35.39 16.86
CA LEU C 321 22.43 -34.08 16.23
C LEU C 321 22.12 -33.05 17.29
N LYS C 322 22.94 -32.00 17.37
CA LYS C 322 22.73 -30.93 18.33
C LYS C 322 22.91 -29.58 17.64
N THR C 323 22.06 -28.63 18.00
CA THR C 323 22.15 -27.28 17.46
C THR C 323 23.04 -26.41 18.34
N VAL C 324 23.87 -25.60 17.70
CA VAL C 324 24.75 -24.67 18.40
C VAL C 324 24.73 -23.35 17.66
N TYR C 325 24.68 -22.25 18.40
CA TYR C 325 24.62 -20.93 17.77
C TYR C 325 25.99 -20.29 17.82
N PRO C 326 26.72 -20.23 16.70
CA PRO C 326 28.07 -19.64 16.69
C PRO C 326 28.15 -18.18 16.30
N TYR C 327 27.02 -17.49 16.14
CA TYR C 327 27.04 -16.09 15.77
C TYR C 327 25.65 -15.52 16.01
N ASP C 328 25.56 -14.48 16.83
CA ASP C 328 24.30 -13.78 17.02
C ASP C 328 24.58 -12.40 17.59
N THR C 329 23.91 -11.39 17.03
CA THR C 329 24.07 -10.01 17.45
C THR C 329 22.96 -9.57 18.40
N THR C 330 22.19 -10.51 18.94
CA THR C 330 21.07 -10.26 19.84
C THR C 330 21.50 -10.01 21.29
N PRO C 331 22.36 -10.84 21.89
CA PRO C 331 22.75 -10.58 23.28
C PRO C 331 23.37 -9.22 23.47
N PHE C 332 24.06 -8.69 22.46
CA PHE C 332 24.58 -7.34 22.55
C PHE C 332 23.44 -6.34 22.68
N ILE C 333 22.37 -6.50 21.91
CA ILE C 333 21.23 -5.59 22.03
C ILE C 333 20.66 -5.64 23.44
N GLU C 334 20.44 -6.85 23.95
CA GLU C 334 19.86 -6.99 25.29
C GLU C 334 20.76 -6.34 26.34
N ILE C 335 22.07 -6.63 26.29
CA ILE C 335 22.98 -6.12 27.30
C ILE C 335 23.11 -4.61 27.22
N SER C 336 23.18 -4.07 26.00
CA SER C 336 23.28 -2.62 25.85
C SER C 336 22.05 -1.92 26.41
N ILE C 337 20.86 -2.44 26.11
CA ILE C 337 19.65 -1.80 26.64
C ILE C 337 19.63 -1.88 28.16
N GLN C 338 20.01 -3.03 28.72
CA GLN C 338 20.04 -3.16 30.18
C GLN C 338 21.05 -2.19 30.79
N GLU C 339 22.19 -2.00 30.12
CA GLU C 339 23.20 -1.07 30.62
C GLU C 339 22.68 0.35 30.64
N VAL C 340 21.97 0.76 29.58
CA VAL C 340 21.42 2.12 29.58
C VAL C 340 20.33 2.28 30.64
N PHE C 341 19.55 1.22 30.89
CA PHE C 341 18.59 1.28 32.00
C PHE C 341 19.31 1.49 33.33
N LYS C 342 20.39 0.76 33.54
CA LYS C 342 21.18 0.93 34.77
C LYS C 342 21.73 2.35 34.86
N THR C 343 22.17 2.92 33.73
CA THR C 343 22.61 4.29 33.73
C THR C 343 21.49 5.24 34.13
N LEU C 344 20.27 4.96 33.65
CA LEU C 344 19.11 5.78 33.99
C LEU C 344 18.90 5.79 35.51
N VAL C 345 18.90 4.60 36.11
CA VAL C 345 18.67 4.49 37.55
C VAL C 345 19.80 5.16 38.33
N GLU C 346 21.04 4.97 37.89
CA GLU C 346 22.17 5.57 38.59
C GLU C 346 22.10 7.10 38.51
N ALA C 347 21.70 7.64 37.37
CA ALA C 347 21.56 9.09 37.25
C ALA C 347 20.50 9.61 38.20
N ILE C 348 19.37 8.90 38.30
CA ILE C 348 18.33 9.33 39.24
C ILE C 348 18.87 9.33 40.67
N ILE C 349 19.60 8.28 41.05
CA ILE C 349 20.09 8.17 42.42
C ILE C 349 21.10 9.28 42.71
N LEU C 350 22.02 9.53 41.78
CA LEU C 350 23.01 10.59 42.00
C LEU C 350 22.35 11.95 42.08
N VAL C 351 21.31 12.17 41.28
CA VAL C 351 20.56 13.42 41.37
C VAL C 351 19.93 13.57 42.75
N PHE C 352 19.33 12.49 43.27
CA PHE C 352 18.75 12.57 44.61
C PHE C 352 19.80 12.87 45.67
N LEU C 353 20.99 12.28 45.53
CA LEU C 353 22.06 12.59 46.48
C LEU C 353 22.44 14.06 46.40
N VAL C 354 22.52 14.61 45.19
CA VAL C 354 22.78 16.04 45.05
C VAL C 354 21.67 16.86 45.69
N MET C 355 20.43 16.38 45.59
CA MET C 355 19.30 17.06 46.23
C MET C 355 19.53 17.16 47.73
N TYR C 356 19.85 16.03 48.35
CA TYR C 356 20.06 15.99 49.80
C TYR C 356 21.25 16.83 50.21
N LEU C 357 22.27 16.92 49.35
CA LEU C 357 23.45 17.70 49.70
C LEU C 357 23.12 19.17 49.92
N PHE C 358 22.30 19.74 49.04
CA PHE C 358 22.00 21.17 49.15
C PHE C 358 20.80 21.44 50.05
N LEU C 359 19.64 20.85 49.72
CA LEU C 359 18.41 21.25 50.39
C LEU C 359 18.46 20.93 51.89
N GLN C 360 19.02 19.79 52.26
CA GLN C 360 19.15 19.37 53.66
C GLN C 360 17.80 19.32 54.35
N ASN C 361 16.78 18.87 53.61
CA ASN C 361 15.42 18.76 54.14
C ASN C 361 14.75 17.61 53.42
N PHE C 362 14.55 16.49 54.12
CA PHE C 362 14.05 15.29 53.46
C PHE C 362 12.68 15.50 52.84
N ARG C 363 11.88 16.40 53.41
CA ARG C 363 10.59 16.71 52.80
C ARG C 363 10.76 17.30 51.41
N ALA C 364 11.71 18.21 51.25
CA ALA C 364 11.89 18.87 49.96
C ALA C 364 12.52 17.93 48.93
N THR C 365 13.54 17.17 49.34
CA THR C 365 14.30 16.36 48.39
C THR C 365 13.49 15.24 47.77
N ILE C 366 12.32 14.90 48.32
CA ILE C 366 11.52 13.81 47.77
C ILE C 366 10.50 14.28 46.74
N ILE C 367 10.24 15.58 46.64
CA ILE C 367 9.24 16.06 45.68
C ILE C 367 9.69 15.85 44.24
N PRO C 368 10.85 16.37 43.79
CA PRO C 368 11.28 16.05 42.43
C PRO C 368 11.84 14.65 42.30
N THR C 369 12.28 14.03 43.40
CA THR C 369 12.66 12.62 43.35
C THR C 369 11.48 11.76 42.91
N ILE C 370 10.27 12.09 43.35
CA ILE C 370 9.09 11.38 42.87
C ILE C 370 8.44 12.06 41.68
N ALA C 371 8.92 13.24 41.28
CA ALA C 371 8.43 13.86 40.06
C ALA C 371 9.13 13.35 38.80
N VAL C 372 10.42 13.02 38.89
CA VAL C 372 11.16 12.58 37.71
C VAL C 372 10.64 11.26 37.14
N PRO C 373 10.43 10.20 37.93
CA PRO C 373 9.90 8.96 37.35
C PRO C 373 8.57 9.16 36.63
N VAL C 374 7.73 10.07 37.13
CA VAL C 374 6.45 10.34 36.48
C VAL C 374 6.68 10.84 35.06
N VAL C 375 7.60 11.79 34.90
CA VAL C 375 7.85 12.36 33.58
C VAL C 375 8.52 11.33 32.68
N ILE C 376 9.40 10.50 33.23
CA ILE C 376 10.06 9.48 32.41
C ILE C 376 9.04 8.49 31.88
N LEU C 377 8.16 7.99 32.74
CA LEU C 377 7.15 7.04 32.28
C LEU C 377 6.16 7.71 31.31
N GLY C 378 5.81 8.97 31.56
CA GLY C 378 4.97 9.67 30.63
C GLY C 378 5.60 9.81 29.26
N THR C 379 6.92 10.03 29.23
CA THR C 379 7.62 10.11 27.94
C THR C 379 7.63 8.76 27.25
N PHE C 380 7.76 7.68 28.02
CA PHE C 380 7.64 6.35 27.41
C PHE C 380 6.26 6.18 26.77
N ALA C 381 5.22 6.61 27.47
CA ALA C 381 3.87 6.53 26.91
C ALA C 381 3.75 7.37 25.64
N ILE C 382 4.35 8.56 25.64
CA ILE C 382 4.30 9.41 24.44
C ILE C 382 4.99 8.71 23.28
N LEU C 383 6.17 8.12 23.53
CA LEU C 383 6.85 7.35 22.51
C LEU C 383 5.95 6.26 21.95
N SER C 384 5.28 5.53 22.83
CA SER C 384 4.37 4.48 22.37
C SER C 384 3.27 5.06 21.49
N ALA C 385 2.74 6.23 21.87
CA ALA C 385 1.67 6.84 21.11
C ALA C 385 2.14 7.23 19.70
N VAL C 386 3.30 7.88 19.60
CA VAL C 386 3.75 8.36 18.30
C VAL C 386 4.17 7.20 17.40
N GLY C 387 4.86 6.21 17.96
CA GLY C 387 5.25 5.05 17.17
C GLY C 387 6.73 4.74 17.23
N PHE C 388 7.44 5.37 18.15
CA PHE C 388 8.86 5.13 18.32
C PHE C 388 9.09 3.87 19.14
N THR C 389 10.34 3.40 19.14
CA THR C 389 10.72 2.19 19.85
C THR C 389 11.74 2.50 20.94
N ILE C 390 11.96 1.52 21.81
CA ILE C 390 12.94 1.65 22.90
C ILE C 390 14.29 1.25 22.31
N ASN C 391 14.97 2.21 21.73
CA ASN C 391 16.31 1.98 21.18
C ASN C 391 17.34 2.68 22.05
N THR C 392 18.61 2.51 21.67
CA THR C 392 19.69 3.11 22.43
C THR C 392 19.61 4.63 22.41
N LEU C 393 19.28 5.20 21.26
CA LEU C 393 19.22 6.66 21.13
C LEU C 393 18.14 7.26 22.02
N THR C 394 16.96 6.64 22.06
CA THR C 394 15.88 7.21 22.86
C THR C 394 16.18 7.10 24.35
N MET C 395 16.80 6.00 24.77
CA MET C 395 17.22 5.89 26.16
C MET C 395 18.28 6.93 26.51
N PHE C 396 19.19 7.21 25.58
CA PHE C 396 20.14 8.30 25.81
C PHE C 396 19.42 9.63 25.91
N GLY C 397 18.39 9.83 25.10
CA GLY C 397 17.59 11.04 25.23
C GLY C 397 16.95 11.16 26.60
N MET C 398 16.45 10.04 27.13
CA MET C 398 15.88 10.06 28.48
C MET C 398 16.94 10.39 29.53
N VAL C 399 18.12 9.78 29.40
CA VAL C 399 19.20 10.01 30.37
C VAL C 399 19.62 11.47 30.35
N LEU C 400 19.73 12.06 29.15
CA LEU C 400 19.95 13.49 29.05
C LEU C 400 18.81 14.28 29.68
N ALA C 401 17.57 13.82 29.45
CA ALA C 401 16.41 14.57 29.91
C ALA C 401 16.38 14.68 31.42
N ILE C 402 16.81 13.64 32.12
CA ILE C 402 16.78 13.61 33.59
C ILE C 402 17.18 14.94 34.20
N GLY C 403 18.22 15.57 33.65
CA GLY C 403 18.62 16.88 34.17
C GLY C 403 17.53 17.93 34.04
N LEU C 404 16.97 18.08 32.85
CA LEU C 404 15.96 19.11 32.61
C LEU C 404 14.69 18.85 33.41
N LEU C 405 14.24 17.59 33.44
CA LEU C 405 13.12 17.21 34.30
C LEU C 405 13.39 17.57 35.75
N VAL C 406 14.62 17.37 36.21
CA VAL C 406 14.95 17.73 37.58
C VAL C 406 14.84 19.25 37.77
N ASP C 407 15.39 20.03 36.84
CA ASP C 407 15.47 21.47 37.03
C ASP C 407 14.09 22.12 37.05
N ASP C 408 13.18 21.62 36.20
CA ASP C 408 11.85 22.23 36.14
C ASP C 408 11.18 22.23 37.51
N ALA C 409 11.44 21.20 38.32
CA ALA C 409 10.94 21.15 39.68
C ALA C 409 11.89 21.79 40.68
N ILE C 410 13.20 21.80 40.39
CA ILE C 410 14.17 22.40 41.30
C ILE C 410 13.88 23.87 41.50
N VAL C 411 13.61 24.58 40.41
CA VAL C 411 13.34 26.00 40.53
C VAL C 411 12.14 26.25 41.43
N VAL C 412 11.07 25.46 41.25
CA VAL C 412 9.85 25.65 42.03
C VAL C 412 10.11 25.34 43.50
N VAL C 413 10.74 24.21 43.79
CA VAL C 413 10.95 23.81 45.18
C VAL C 413 11.87 24.78 45.89
N GLU C 414 12.94 25.21 45.22
CA GLU C 414 13.85 26.18 45.83
C GLU C 414 13.14 27.49 46.10
N ASN C 415 12.34 27.96 45.14
CA ASN C 415 11.64 29.22 45.36
C ASN C 415 10.67 29.12 46.52
N VAL C 416 9.93 28.01 46.61
CA VAL C 416 8.98 27.84 47.71
C VAL C 416 9.71 27.80 49.04
N GLU C 417 10.81 27.05 49.10
CA GLU C 417 11.57 26.94 50.35
C GLU C 417 12.21 28.28 50.72
N ARG C 418 12.45 29.14 49.73
CA ARG C 418 12.98 30.46 50.04
C ARG C 418 11.88 31.38 50.57
N VAL C 419 10.67 31.29 49.99
CA VAL C 419 9.58 32.10 50.50
C VAL C 419 9.21 31.68 51.92
N ILE C 420 9.29 30.38 52.22
CA ILE C 420 9.01 29.95 53.58
C ILE C 420 9.97 30.59 54.57
N ALA C 421 11.25 30.69 54.22
CA ALA C 421 12.24 31.24 55.13
C ALA C 421 12.18 32.76 55.22
N GLU C 422 12.10 33.44 54.07
CA GLU C 422 12.19 34.90 54.07
C GLU C 422 10.84 35.56 54.39
N ASP C 423 9.84 35.34 53.54
CA ASP C 423 8.52 35.94 53.71
C ASP C 423 7.57 34.86 54.22
N LYS C 424 7.58 34.69 55.55
CA LYS C 424 6.90 33.56 56.17
C LYS C 424 5.43 33.50 55.79
N LEU C 425 4.98 32.31 55.42
CA LEU C 425 3.61 32.07 55.00
C LEU C 425 3.28 30.62 55.29
N PRO C 426 1.99 30.28 55.44
CA PRO C 426 1.61 28.88 55.62
C PRO C 426 1.92 28.08 54.37
N PRO C 427 2.46 26.87 54.52
CA PRO C 427 2.82 26.07 53.35
C PRO C 427 1.64 25.70 52.46
N LYS C 428 0.41 25.80 52.98
CA LYS C 428 -0.76 25.46 52.15
C LYS C 428 -0.88 26.42 50.96
N GLU C 429 -0.63 27.71 51.17
CA GLU C 429 -0.70 28.67 50.08
C GLU C 429 0.53 29.56 50.00
N ALA C 430 1.64 29.19 50.65
CA ALA C 430 2.90 29.84 50.35
C ALA C 430 3.35 29.55 48.93
N THR C 431 2.88 28.44 48.35
CA THR C 431 3.22 28.10 46.98
C THR C 431 2.59 29.04 45.97
N HIS C 432 1.49 29.71 46.32
CA HIS C 432 0.77 30.53 45.35
C HIS C 432 1.64 31.70 44.88
N LYS C 433 2.18 32.48 45.82
CA LYS C 433 2.99 33.63 45.45
C LYS C 433 4.26 33.19 44.73
N SER C 434 4.89 32.12 45.21
CA SER C 434 6.08 31.61 44.57
C SER C 434 5.81 31.23 43.12
N MET C 435 4.74 30.45 42.88
CA MET C 435 4.42 30.04 41.53
C MET C 435 4.00 31.23 40.67
N GLY C 436 3.45 32.28 41.29
CA GLY C 436 3.22 33.51 40.57
C GLY C 436 4.53 34.16 40.13
N GLN C 437 5.57 34.03 40.95
CA GLN C 437 6.86 34.61 40.59
C GLN C 437 7.51 33.89 39.41
N ILE C 438 7.16 32.63 39.17
CA ILE C 438 7.83 31.83 38.17
C ILE C 438 6.85 31.18 37.19
N GLN C 439 5.73 31.84 36.89
CA GLN C 439 4.81 31.29 35.90
C GLN C 439 5.33 31.52 34.48
N ARG C 440 5.46 32.79 34.10
CA ARG C 440 6.03 33.10 32.79
C ARG C 440 7.46 32.60 32.68
N ALA C 441 8.21 32.63 33.78
CA ALA C 441 9.56 32.07 33.77
C ALA C 441 9.53 30.61 33.33
N LEU C 442 8.70 29.79 33.98
CA LEU C 442 8.64 28.38 33.66
C LEU C 442 8.16 28.14 32.24
N VAL C 443 7.15 28.90 31.78
CA VAL C 443 6.67 28.64 30.42
C VAL C 443 7.73 29.00 29.39
N GLY C 444 8.43 30.13 29.59
CA GLY C 444 9.49 30.49 28.67
C GLY C 444 10.65 29.52 28.71
N ILE C 445 10.91 28.92 29.88
CA ILE C 445 11.99 27.95 30.00
C ILE C 445 11.81 26.83 29.01
N ALA C 446 10.62 26.23 28.99
CA ALA C 446 10.31 25.16 28.04
C ALA C 446 10.14 25.66 26.63
N VAL C 447 9.66 26.89 26.44
CA VAL C 447 9.52 27.43 25.09
C VAL C 447 10.89 27.54 24.42
N VAL C 448 11.91 27.92 25.18
CA VAL C 448 13.25 28.07 24.61
C VAL C 448 13.80 26.71 24.16
N LEU C 449 13.71 25.70 25.03
CA LEU C 449 14.27 24.40 24.70
C LEU C 449 13.50 23.71 23.58
N SER C 450 12.17 23.88 23.56
CA SER C 450 11.38 23.29 22.49
C SER C 450 11.78 23.87 21.14
N ALA C 451 12.19 25.14 21.13
CA ALA C 451 12.68 25.76 19.90
C ALA C 451 14.08 25.27 19.55
N VAL C 452 14.96 25.13 20.55
CA VAL C 452 16.34 24.78 20.26
C VAL C 452 16.49 23.32 19.86
N PHE C 453 15.53 22.47 20.20
CA PHE C 453 15.62 21.06 19.85
C PHE C 453 14.98 20.75 18.49
N MET C 454 14.60 21.76 17.72
CA MET C 454 13.96 21.63 16.41
C MET C 454 14.92 21.37 15.26
N PRO C 455 16.10 22.02 15.19
CA PRO C 455 16.93 21.84 13.99
C PRO C 455 17.29 20.40 13.67
N MET C 456 17.51 19.58 14.70
CA MET C 456 17.86 18.19 14.45
C MET C 456 16.66 17.33 14.07
N ALA C 457 15.44 17.84 14.23
CA ALA C 457 14.26 17.07 13.85
C ALA C 457 14.25 16.77 12.36
N PHE C 458 14.19 17.81 11.53
CA PHE C 458 14.23 17.62 10.07
C PHE C 458 15.63 17.92 9.55
N MET C 459 16.51 16.93 9.72
CA MET C 459 17.88 17.05 9.25
C MET C 459 18.10 16.34 7.91
N SER C 460 17.67 15.10 7.79
CA SER C 460 17.89 14.31 6.58
C SER C 460 16.91 13.13 6.60
N GLY C 461 17.16 12.16 5.74
CA GLY C 461 16.33 10.96 5.71
C GLY C 461 16.83 9.86 6.62
N ALA C 462 18.14 9.62 6.62
CA ALA C 462 18.74 8.56 7.42
C ALA C 462 19.14 9.07 8.80
N THR C 463 20.05 10.04 8.86
CA THR C 463 20.38 10.67 10.12
C THR C 463 19.24 11.54 10.63
N GLY C 464 18.27 11.87 9.76
CA GLY C 464 17.14 12.67 10.21
C GLY C 464 16.35 12.00 11.31
N GLU C 465 16.05 10.71 11.13
CA GLU C 465 15.35 9.98 12.18
C GLU C 465 16.28 9.69 13.37
N ILE C 466 17.58 9.52 13.11
CA ILE C 466 18.54 9.35 14.19
C ILE C 466 18.46 10.52 15.16
N TYR C 467 18.45 11.74 14.62
CA TYR C 467 18.28 12.92 15.47
C TYR C 467 16.84 13.10 15.92
N ARG C 468 15.87 12.60 15.15
CA ARG C 468 14.47 12.79 15.51
C ARG C 468 14.08 11.98 16.73
N GLN C 469 14.75 10.86 16.97
CA GLN C 469 14.56 10.14 18.23
C GLN C 469 14.84 11.07 19.41
N PHE C 470 16.01 11.71 19.39
CA PHE C 470 16.38 12.65 20.44
C PHE C 470 15.42 13.82 20.49
N SER C 471 15.00 14.33 19.32
CA SER C 471 14.09 15.46 19.27
C SER C 471 12.78 15.14 19.98
N ILE C 472 12.15 14.03 19.61
CA ILE C 472 10.86 13.67 20.19
C ILE C 472 11.02 13.40 21.68
N THR C 473 12.07 12.65 22.06
CA THR C 473 12.29 12.33 23.46
C THR C 473 12.41 13.60 24.29
N LEU C 474 13.30 14.51 23.89
CA LEU C 474 13.58 15.68 24.71
C LEU C 474 12.42 16.67 24.68
N ILE C 475 11.77 16.86 23.55
CA ILE C 475 10.63 17.77 23.48
C ILE C 475 9.49 17.28 24.36
N SER C 476 9.17 15.98 24.26
CA SER C 476 8.11 15.43 25.09
C SER C 476 8.46 15.51 26.56
N SER C 477 9.72 15.20 26.91
CA SER C 477 10.13 15.29 28.29
C SER C 477 10.03 16.72 28.82
N MET C 478 10.44 17.70 28.01
CA MET C 478 10.36 19.10 28.43
C MET C 478 8.92 19.53 28.66
N LEU C 479 8.04 19.25 27.70
CA LEU C 479 6.65 19.65 27.86
C LEU C 479 6.00 18.97 29.05
N LEU C 480 6.21 17.66 29.20
CA LEU C 480 5.64 16.96 30.34
C LEU C 480 6.22 17.45 31.65
N SER C 481 7.50 17.83 31.66
CA SER C 481 8.11 18.34 32.88
C SER C 481 7.55 19.70 33.27
N VAL C 482 7.30 20.56 32.29
CA VAL C 482 6.70 21.85 32.63
C VAL C 482 5.26 21.63 33.12
N PHE C 483 4.54 20.67 32.53
CA PHE C 483 3.21 20.35 33.04
C PHE C 483 3.28 19.84 34.46
N VAL C 484 4.23 18.94 34.75
CA VAL C 484 4.36 18.39 36.10
C VAL C 484 4.73 19.48 37.09
N ALA C 485 5.68 20.34 36.72
CA ALA C 485 6.05 21.46 37.59
C ALA C 485 4.89 22.41 37.83
N MET C 486 3.98 22.54 36.86
CA MET C 486 2.79 23.34 37.06
C MET C 486 1.73 22.67 37.92
N SER C 487 1.61 21.34 37.84
CA SER C 487 0.48 20.63 38.43
C SER C 487 0.82 19.87 39.70
N LEU C 488 1.76 18.94 39.65
CA LEU C 488 1.96 17.99 40.74
C LEU C 488 2.87 18.55 41.83
N THR C 489 4.04 19.05 41.44
CA THR C 489 4.98 19.55 42.44
C THR C 489 4.44 20.69 43.31
N PRO C 490 3.72 21.70 42.79
CA PRO C 490 3.22 22.75 43.70
C PRO C 490 2.30 22.20 44.78
N ALA C 491 1.35 21.34 44.41
CA ALA C 491 0.51 20.70 45.41
C ALA C 491 1.33 19.81 46.32
N LEU C 492 2.40 19.21 45.79
CA LEU C 492 3.24 18.34 46.61
C LEU C 492 3.94 19.11 47.71
N CYS C 493 4.47 20.30 47.40
CA CYS C 493 5.05 21.12 48.45
C CYS C 493 3.99 21.83 49.28
N ALA C 494 2.77 21.94 48.78
CA ALA C 494 1.67 22.40 49.61
C ALA C 494 1.32 21.37 50.68
N THR C 495 1.44 20.08 50.36
CA THR C 495 1.09 19.02 51.29
C THR C 495 2.32 18.45 52.01
N ILE C 496 3.29 17.91 51.28
CA ILE C 496 4.41 17.23 51.92
C ILE C 496 5.29 18.24 52.66
N LEU C 497 5.64 19.34 52.00
CA LEU C 497 6.56 20.29 52.59
C LEU C 497 5.86 21.01 53.74
N LYS C 498 6.49 20.99 54.91
CA LYS C 498 5.81 21.38 56.14
C LYS C 498 6.86 21.84 57.14
N ALA C 499 6.47 21.87 58.41
CA ALA C 499 7.24 22.22 59.60
C ALA C 499 7.50 23.71 59.73
N ALA C 500 7.28 24.50 58.67
CA ALA C 500 7.40 25.95 58.63
C ALA C 500 8.51 26.48 59.53
N PRO C 501 9.76 26.03 59.36
CA PRO C 501 10.81 26.43 60.30
C PRO C 501 11.24 27.88 60.13
N PHE C 514 29.67 22.62 54.52
CA PHE C 514 29.43 23.04 53.14
C PHE C 514 28.59 24.31 53.11
N ASN C 515 27.68 24.44 54.08
CA ASN C 515 26.82 25.62 54.15
C ASN C 515 27.64 26.89 54.34
N THR C 516 28.64 26.84 55.23
CA THR C 516 29.55 27.97 55.38
C THR C 516 30.32 28.23 54.10
N LEU C 517 30.81 27.16 53.45
CA LEU C 517 31.50 27.31 52.18
C LEU C 517 30.58 27.90 51.13
N PHE C 518 29.31 27.48 51.12
CA PHE C 518 28.37 28.01 50.15
C PHE C 518 28.10 29.49 50.38
N GLU C 519 27.97 29.91 51.64
CA GLU C 519 27.77 31.32 51.93
C GLU C 519 28.99 32.14 51.53
N LYS C 520 30.20 31.63 51.80
CA LYS C 520 31.41 32.30 51.35
C LYS C 520 31.42 32.43 49.84
N SER C 521 31.02 31.36 49.14
CA SER C 521 30.98 31.40 47.69
C SER C 521 29.99 32.43 47.18
N THR C 522 28.82 32.53 47.81
CA THR C 522 27.83 33.51 47.40
C THR C 522 28.35 34.93 47.58
N GLN C 523 28.95 35.22 48.73
CA GLN C 523 29.48 36.55 48.97
C GLN C 523 30.61 36.89 48.00
N HIS C 524 31.51 35.92 47.77
CA HIS C 524 32.59 36.14 46.83
C HIS C 524 32.05 36.37 45.42
N TYR C 525 31.02 35.62 45.03
CA TYR C 525 30.43 35.81 43.71
C TYR C 525 29.81 37.19 43.58
N THR C 526 29.11 37.66 44.62
CA THR C 526 28.52 38.99 44.57
C THR C 526 29.58 40.05 44.41
N ASP C 527 30.66 39.95 45.20
CA ASP C 527 31.74 40.94 45.10
C ASP C 527 32.40 40.90 43.73
N SER C 528 32.67 39.69 43.21
CA SER C 528 33.30 39.57 41.90
C SER C 528 32.39 40.11 40.80
N THR C 529 31.09 39.85 40.90
CA THR C 529 30.16 40.36 39.90
C THR C 529 30.13 41.89 39.92
N ARG C 530 30.12 42.48 41.11
CA ARG C 530 30.17 43.94 41.19
C ARG C 530 31.48 44.47 40.61
N SER C 531 32.59 43.79 40.90
CA SER C 531 33.88 44.24 40.37
C SER C 531 33.90 44.20 38.84
N LEU C 532 33.39 43.12 38.26
CA LEU C 532 33.35 43.03 36.80
C LEU C 532 32.39 44.06 36.21
N LEU C 533 31.26 44.30 36.85
CA LEU C 533 30.30 45.28 36.35
C LEU C 533 30.85 46.70 36.46
N ARG C 534 31.78 46.95 37.38
CA ARG C 534 32.32 48.30 37.56
C ARG C 534 33.02 48.79 36.29
N CYS C 535 33.90 47.96 35.73
CA CYS C 535 34.74 48.41 34.62
C CYS C 535 34.21 47.94 33.27
N THR C 536 34.08 46.64 33.08
CA THR C 536 33.65 46.02 31.82
C THR C 536 34.60 46.52 30.71
N GLY C 537 34.10 46.65 29.49
CA GLY C 537 34.89 47.18 28.39
C GLY C 537 36.02 46.28 27.93
N ARG C 538 36.35 45.28 28.73
CA ARG C 538 37.41 44.33 28.43
C ARG C 538 36.90 42.90 28.37
N TYR C 539 35.92 42.54 29.21
CA TYR C 539 35.35 41.21 29.15
C TYR C 539 34.60 40.98 27.84
N MET C 540 34.34 42.05 27.09
CA MET C 540 33.80 41.89 25.74
C MET C 540 34.81 41.22 24.82
N VAL C 541 36.08 41.59 24.91
CA VAL C 541 37.08 40.94 24.06
C VAL C 541 37.58 39.64 24.69
N VAL C 542 37.62 39.56 26.01
CA VAL C 542 37.90 38.30 26.68
C VAL C 542 36.88 37.24 26.26
N TYR C 543 35.61 37.64 26.16
CA TYR C 543 34.59 36.75 25.61
C TYR C 543 34.83 36.52 24.11
N LEU C 544 35.28 37.55 23.39
CA LEU C 544 35.39 37.45 21.94
C LEU C 544 36.40 36.37 21.53
N LEU C 545 37.54 36.32 22.21
CA LEU C 545 38.48 35.24 21.93
C LEU C 545 37.85 33.89 22.23
N ILE C 546 37.03 33.82 23.27
CA ILE C 546 36.29 32.58 23.56
C ILE C 546 35.38 32.25 22.40
N CYS C 547 34.80 33.27 21.75
CA CYS C 547 34.05 33.04 20.52
C CYS C 547 34.95 32.50 19.42
N ALA C 548 36.16 33.04 19.30
CA ALA C 548 37.05 32.61 18.21
C ALA C 548 37.35 31.13 18.31
N GLY C 549 37.69 30.66 19.50
CA GLY C 549 37.88 29.23 19.70
C GLY C 549 36.66 28.42 19.34
N MET C 550 35.47 28.98 19.58
CA MET C 550 34.23 28.29 19.24
C MET C 550 34.22 27.89 17.76
N ALA C 551 34.85 28.71 16.91
CA ALA C 551 35.01 28.32 15.52
C ALA C 551 36.30 27.55 15.28
N VAL C 552 37.37 27.89 16.00
CA VAL C 552 38.68 27.28 15.73
C VAL C 552 38.62 25.79 16.00
N LEU C 553 38.13 25.40 17.18
CA LEU C 553 37.90 23.99 17.44
C LEU C 553 36.84 23.40 16.51
N PHE C 554 35.91 24.22 16.02
CA PHE C 554 34.96 23.75 15.04
C PHE C 554 35.61 23.42 13.71
N LEU C 555 36.87 23.81 13.51
CA LEU C 555 37.62 23.36 12.34
C LEU C 555 38.35 22.05 12.58
N ARG C 556 38.52 21.64 13.83
CA ARG C 556 39.08 20.33 14.16
C ARG C 556 37.93 19.37 14.48
N THR C 557 37.16 19.05 13.45
CA THR C 557 35.93 18.27 13.58
C THR C 557 35.91 17.11 12.61
N PRO C 558 36.56 15.99 12.95
CA PRO C 558 36.38 14.77 12.16
C PRO C 558 34.93 14.30 12.22
N THR C 559 34.43 13.80 11.10
CA THR C 559 33.02 13.44 10.96
C THR C 559 32.88 11.92 11.01
N SER C 560 32.77 11.39 12.23
CA SER C 560 32.47 9.97 12.45
C SER C 560 30.99 9.81 12.70
N PHE C 561 30.38 8.81 12.06
CA PHE C 561 28.92 8.67 12.13
C PHE C 561 28.50 8.01 13.44
N LEU C 562 28.87 6.75 13.63
CA LEU C 562 28.55 6.01 14.84
C LEU C 562 29.77 5.22 15.29
N PRO C 563 30.07 5.22 16.59
CA PRO C 563 31.24 4.47 17.08
C PRO C 563 31.04 2.97 16.96
N GLU C 564 32.16 2.25 16.90
CA GLU C 564 32.14 0.80 16.84
C GLU C 564 32.35 0.22 18.23
N GLU C 565 31.56 -0.79 18.57
CA GLU C 565 31.50 -1.32 19.93
C GLU C 565 31.88 -2.79 19.95
N ASP C 566 31.89 -3.35 21.16
CA ASP C 566 32.22 -4.76 21.39
C ASP C 566 30.94 -5.57 21.28
N GLN C 567 30.65 -6.07 20.08
CA GLN C 567 29.41 -6.80 19.85
C GLN C 567 29.51 -8.27 20.23
N GLY C 568 30.66 -8.73 20.72
CA GLY C 568 30.81 -10.09 21.20
C GLY C 568 31.18 -11.10 20.14
N VAL C 569 31.20 -10.72 18.87
CA VAL C 569 31.58 -11.59 17.77
C VAL C 569 32.40 -10.78 16.78
N PHE C 570 33.06 -11.49 15.86
CA PHE C 570 33.72 -10.82 14.74
C PHE C 570 33.91 -11.83 13.62
N MET C 571 34.49 -11.38 12.51
CA MET C 571 34.59 -12.25 11.33
C MET C 571 35.94 -12.09 10.67
N THR C 572 36.53 -13.20 10.25
CA THR C 572 37.75 -13.17 9.45
C THR C 572 37.49 -13.69 8.05
N THR C 573 38.09 -13.02 7.07
CA THR C 573 37.92 -13.35 5.66
C THR C 573 39.24 -13.90 5.15
N ALA C 574 39.19 -15.12 4.59
CA ALA C 574 40.36 -15.74 4.00
C ALA C 574 40.21 -15.75 2.49
N GLN C 575 41.22 -15.28 1.78
CA GLN C 575 41.22 -15.25 0.33
C GLN C 575 42.53 -15.82 -0.16
N LEU C 576 42.45 -16.77 -1.08
CA LEU C 576 43.62 -17.41 -1.66
C LEU C 576 43.86 -16.92 -3.08
N PRO C 577 45.04 -17.16 -3.65
CA PRO C 577 45.30 -16.72 -5.02
C PRO C 577 44.32 -17.35 -6.00
N SER C 578 44.05 -16.62 -7.07
CA SER C 578 43.09 -17.08 -8.07
C SER C 578 43.52 -18.42 -8.65
N GLY C 579 42.55 -19.32 -8.78
CA GLY C 579 42.82 -20.65 -9.27
C GLY C 579 43.27 -21.63 -8.20
N ALA C 580 42.91 -21.39 -6.95
CA ALA C 580 43.24 -22.28 -5.85
C ALA C 580 41.98 -23.03 -5.43
N THR C 581 42.09 -24.36 -5.35
CA THR C 581 40.93 -25.19 -5.11
C THR C 581 40.51 -25.15 -3.64
N MET C 582 39.49 -25.94 -3.31
CA MET C 582 38.93 -25.92 -1.97
C MET C 582 39.76 -26.71 -0.97
N VAL C 583 40.69 -27.54 -1.43
CA VAL C 583 41.58 -28.23 -0.50
C VAL C 583 42.45 -27.20 0.23
N ASN C 584 43.05 -26.27 -0.51
CA ASN C 584 43.88 -25.25 0.10
C ASN C 584 43.05 -24.31 0.97
N THR C 585 41.83 -23.97 0.54
CA THR C 585 40.98 -23.13 1.35
C THR C 585 40.61 -23.82 2.66
N THR C 586 40.32 -25.12 2.60
CA THR C 586 40.03 -25.87 3.82
C THR C 586 41.23 -25.89 4.74
N LYS C 587 42.44 -26.07 4.19
CA LYS C 587 43.63 -26.05 5.03
C LYS C 587 43.84 -24.69 5.68
N VAL C 588 43.65 -23.61 4.93
CA VAL C 588 43.83 -22.27 5.50
C VAL C 588 42.80 -22.01 6.58
N LEU C 589 41.55 -22.41 6.34
CA LEU C 589 40.51 -22.21 7.35
C LEU C 589 40.77 -23.05 8.58
N GLN C 590 41.35 -24.24 8.42
CA GLN C 590 41.70 -25.03 9.59
C GLN C 590 42.85 -24.38 10.37
N GLN C 591 43.79 -23.75 9.66
CA GLN C 591 44.83 -23.01 10.36
C GLN C 591 44.23 -21.85 11.16
N VAL C 592 43.27 -21.14 10.59
CA VAL C 592 42.60 -20.06 11.31
C VAL C 592 41.87 -20.61 12.54
N THR C 593 41.19 -21.74 12.38
CA THR C 593 40.50 -22.37 13.49
C THR C 593 41.48 -22.76 14.60
N ASP C 594 42.64 -23.30 14.21
CA ASP C 594 43.64 -23.67 15.20
C ASP C 594 44.16 -22.45 15.95
N TYR C 595 44.44 -21.37 15.23
CA TYR C 595 44.90 -20.14 15.89
C TYR C 595 43.86 -19.57 16.84
N TYR C 596 42.59 -19.69 16.51
CA TYR C 596 41.58 -19.15 17.43
C TYR C 596 41.15 -20.13 18.49
N LEU C 597 41.51 -21.41 18.41
CA LEU C 597 41.02 -22.36 19.40
C LEU C 597 42.09 -22.95 20.28
N THR C 598 43.37 -22.89 19.93
CA THR C 598 44.43 -23.40 20.79
C THR C 598 45.31 -22.31 21.37
N LYS C 599 45.30 -21.10 20.79
CA LYS C 599 46.10 -20.00 21.31
C LYS C 599 45.27 -19.04 22.14
N GLU C 600 44.25 -18.43 21.54
CA GLU C 600 43.44 -17.43 22.21
C GLU C 600 42.20 -18.06 22.84
N LYS C 601 42.38 -19.12 23.61
CA LYS C 601 41.25 -19.92 24.07
C LYS C 601 40.52 -19.31 25.25
N ASP C 602 41.04 -18.25 25.84
CA ASP C 602 40.41 -17.63 27.01
C ASP C 602 39.39 -16.57 26.65
N ASN C 603 39.17 -16.30 25.36
CA ASN C 603 38.25 -15.24 24.98
C ASN C 603 37.20 -15.70 23.97
N VAL C 604 37.56 -16.58 23.04
CA VAL C 604 36.69 -16.98 21.94
C VAL C 604 36.14 -18.37 22.22
N GLN C 605 34.82 -18.51 22.10
CA GLN C 605 34.14 -19.75 22.42
C GLN C 605 33.97 -20.66 21.22
N SER C 606 33.66 -20.11 20.05
CA SER C 606 33.37 -20.95 18.90
C SER C 606 33.87 -20.30 17.63
N VAL C 607 34.31 -21.13 16.69
CA VAL C 607 34.75 -20.71 15.37
C VAL C 607 33.97 -21.52 14.35
N PHE C 608 33.21 -20.86 13.50
CA PHE C 608 32.42 -21.49 12.46
C PHE C 608 33.00 -21.07 11.12
N THR C 609 33.64 -22.01 10.42
CA THR C 609 34.32 -21.74 9.17
C THR C 609 33.46 -22.23 8.02
N VAL C 610 33.33 -21.38 7.00
CA VAL C 610 32.58 -21.71 5.79
C VAL C 610 33.54 -21.52 4.62
N GLY C 611 34.04 -22.62 4.08
CA GLY C 611 34.92 -22.56 2.93
C GLY C 611 34.13 -22.68 1.65
N GLY C 612 34.49 -21.85 0.67
CA GLY C 612 33.79 -21.79 -0.59
C GLY C 612 32.77 -20.69 -0.69
N PHE C 613 32.70 -19.80 0.29
CA PHE C 613 31.71 -18.73 0.28
C PHE C 613 32.29 -17.54 1.03
N GLY C 614 32.37 -16.40 0.35
CA GLY C 614 32.87 -15.19 0.97
C GLY C 614 32.03 -13.99 0.56
N PHE C 615 32.23 -12.89 1.28
CA PHE C 615 31.52 -11.67 0.96
C PHE C 615 31.87 -11.16 -0.44
N SER C 616 33.11 -11.39 -0.88
CA SER C 616 33.53 -11.06 -2.23
C SER C 616 33.16 -12.18 -3.20
N GLY C 617 31.90 -12.57 -3.20
CA GLY C 617 31.41 -13.57 -4.13
C GLY C 617 31.66 -14.99 -3.71
N GLN C 618 30.76 -15.89 -4.08
CA GLN C 618 30.94 -17.31 -3.81
C GLN C 618 31.89 -17.89 -4.85
N GLY C 619 32.95 -18.53 -4.38
CA GLY C 619 33.92 -19.16 -5.24
C GLY C 619 34.47 -20.40 -4.58
N GLN C 620 35.71 -20.72 -4.91
CA GLN C 620 36.40 -21.84 -4.27
C GLN C 620 37.59 -21.41 -3.45
N ASN C 621 38.22 -20.28 -3.77
CA ASN C 621 39.33 -19.80 -2.95
C ASN C 621 38.85 -18.98 -1.76
N ASN C 622 37.67 -18.38 -1.84
CA ASN C 622 37.15 -17.57 -0.77
C ASN C 622 36.81 -18.43 0.44
N GLY C 623 36.78 -17.79 1.60
CA GLY C 623 36.34 -18.46 2.81
C GLY C 623 36.04 -17.45 3.89
N LEU C 624 35.10 -17.79 4.76
CA LEU C 624 34.69 -16.93 5.87
C LEU C 624 34.84 -17.69 7.18
N ALA C 625 34.98 -16.93 8.27
CA ALA C 625 34.98 -17.52 9.60
C ALA C 625 34.25 -16.56 10.54
N PHE C 626 33.15 -17.04 11.11
CA PHE C 626 32.44 -16.33 12.17
C PHE C 626 33.01 -16.78 13.50
N ILE C 627 33.42 -15.83 14.34
CA ILE C 627 34.00 -16.16 15.64
C ILE C 627 33.14 -15.55 16.72
N SER C 628 32.72 -16.40 17.67
CA SER C 628 31.89 -16.00 18.80
C SER C 628 32.69 -16.12 20.08
N LEU C 629 32.72 -15.05 20.85
CA LEU C 629 33.52 -14.92 22.05
C LEU C 629 32.74 -15.31 23.29
N LYS C 630 33.46 -15.52 24.39
CA LYS C 630 32.83 -15.77 25.67
C LYS C 630 32.16 -14.49 26.17
N PRO C 631 31.20 -14.61 27.09
CA PRO C 631 30.44 -13.43 27.52
C PRO C 631 31.34 -12.34 28.08
N TRP C 632 30.84 -11.10 28.01
CA TRP C 632 31.62 -9.95 28.48
C TRP C 632 32.07 -10.13 29.92
N SER C 633 31.30 -10.86 30.72
CA SER C 633 31.65 -11.06 32.13
C SER C 633 33.00 -11.75 32.27
N GLU C 634 33.31 -12.69 31.40
CA GLU C 634 34.57 -13.41 31.47
C GLU C 634 35.67 -12.76 30.64
N ARG C 635 35.41 -11.62 30.03
CA ARG C 635 36.42 -10.86 29.30
C ARG C 635 36.57 -9.50 29.99
N VAL C 636 37.51 -9.42 30.93
CA VAL C 636 37.67 -8.26 31.80
C VAL C 636 38.84 -7.43 31.32
N GLY C 637 38.65 -6.12 31.25
CA GLY C 637 39.71 -5.21 30.87
C GLY C 637 39.61 -4.77 29.43
N GLU C 638 40.74 -4.28 28.92
CA GLU C 638 40.86 -3.93 27.51
C GLU C 638 41.74 -4.87 26.71
N GLU C 639 42.60 -5.65 27.37
CA GLU C 639 43.34 -6.68 26.66
C GLU C 639 42.45 -7.81 26.18
N ASN C 640 41.20 -7.86 26.63
CA ASN C 640 40.21 -8.81 26.14
C ASN C 640 39.12 -8.13 25.31
N SER C 641 39.26 -6.84 25.03
CA SER C 641 38.34 -6.17 24.14
C SER C 641 38.54 -6.68 22.72
N VAL C 642 37.45 -6.67 21.94
CA VAL C 642 37.51 -7.23 20.59
C VAL C 642 38.49 -6.44 19.73
N THR C 643 38.66 -5.15 19.99
CA THR C 643 39.62 -4.38 19.21
C THR C 643 41.04 -4.92 19.40
N ALA C 644 41.46 -5.12 20.65
CA ALA C 644 42.76 -5.73 20.90
C ALA C 644 42.79 -7.18 20.40
N ILE C 645 41.66 -7.86 20.47
CA ILE C 645 41.59 -9.25 20.02
C ILE C 645 41.93 -9.34 18.55
N ILE C 646 41.28 -8.52 17.72
CA ILE C 646 41.52 -8.55 16.30
C ILE C 646 42.86 -7.91 15.95
N GLN C 647 43.39 -7.01 16.78
CA GLN C 647 44.73 -6.49 16.51
C GLN C 647 45.78 -7.59 16.67
N ARG C 648 45.71 -8.33 17.77
CA ARG C 648 46.62 -9.46 17.94
C ARG C 648 46.40 -10.51 16.85
N ALA C 649 45.15 -10.74 16.48
CA ALA C 649 44.86 -11.70 15.40
C ALA C 649 45.46 -11.23 14.08
N MET C 650 45.34 -9.95 13.77
CA MET C 650 45.90 -9.42 12.52
C MET C 650 47.41 -9.57 12.50
N ILE C 651 48.06 -9.29 13.64
CA ILE C 651 49.52 -9.46 13.68
C ILE C 651 49.89 -10.92 13.50
N ALA C 652 49.20 -11.82 14.19
CA ALA C 652 49.60 -13.23 14.23
C ALA C 652 48.99 -14.08 13.14
N LEU C 653 48.23 -13.49 12.22
CA LEU C 653 47.67 -14.22 11.08
C LEU C 653 48.38 -13.90 9.78
N SER C 654 49.52 -13.22 9.84
CA SER C 654 50.37 -13.03 8.67
C SER C 654 51.30 -14.22 8.45
N SER C 655 51.25 -15.21 9.34
CA SER C 655 52.07 -16.42 9.20
C SER C 655 51.49 -17.41 8.20
N ILE C 656 50.29 -17.17 7.69
CA ILE C 656 49.72 -18.05 6.68
C ILE C 656 50.43 -17.83 5.35
N ASN C 657 50.86 -18.92 4.73
CA ASN C 657 51.67 -18.83 3.51
C ASN C 657 50.90 -18.15 2.38
N LYS C 658 49.82 -18.78 1.94
CA LYS C 658 49.06 -18.30 0.78
C LYS C 658 47.64 -17.99 1.24
N ALA C 659 47.43 -16.76 1.71
CA ALA C 659 46.13 -16.30 2.14
C ALA C 659 46.21 -14.80 2.43
N VAL C 660 45.05 -14.16 2.49
CA VAL C 660 44.95 -12.74 2.79
C VAL C 660 44.07 -12.55 4.01
N VAL C 661 44.16 -13.48 4.97
CA VAL C 661 43.30 -13.50 6.15
C VAL C 661 43.22 -12.13 6.81
N PHE C 662 42.00 -11.60 6.94
CA PHE C 662 41.75 -10.22 7.34
C PHE C 662 40.67 -10.18 8.41
N PRO C 663 41.05 -10.32 9.68
CA PRO C 663 40.05 -10.21 10.75
C PRO C 663 39.45 -8.82 10.79
N PHE C 664 38.17 -8.74 11.15
CA PHE C 664 37.55 -7.44 11.35
C PHE C 664 36.32 -7.58 12.24
N ASN C 665 35.88 -6.44 12.74
CA ASN C 665 34.72 -6.29 13.61
C ASN C 665 33.48 -5.98 12.78
N LEU C 666 32.33 -6.24 13.37
CA LEU C 666 31.08 -5.82 12.76
C LEU C 666 30.99 -4.31 12.73
N PRO C 667 30.32 -3.74 11.74
CA PRO C 667 30.25 -2.28 11.66
C PRO C 667 29.40 -1.67 12.77
N ALA C 668 29.20 -0.35 12.71
CA ALA C 668 28.50 0.34 13.79
C ALA C 668 26.99 0.13 13.71
N VAL C 669 26.37 0.57 12.62
CA VAL C 669 24.92 0.52 12.50
C VAL C 669 24.41 -0.90 12.27
N ALA C 670 25.32 -1.87 12.16
CA ALA C 670 25.02 -3.28 12.01
C ALA C 670 24.41 -3.61 10.64
N GLU C 671 24.14 -2.59 9.82
CA GLU C 671 23.86 -2.80 8.40
C GLU C 671 24.72 -1.84 7.59
N LEU C 672 26.01 -2.17 7.47
CA LEU C 672 26.87 -1.64 6.41
C LEU C 672 27.54 -2.79 5.67
N GLY C 673 28.11 -3.72 6.44
CA GLY C 673 28.94 -4.78 5.90
C GLY C 673 30.33 -4.72 6.48
N THR C 674 30.86 -3.50 6.62
CA THR C 674 32.17 -3.25 7.21
C THR C 674 32.33 -1.74 7.33
N ALA C 675 33.40 -1.33 8.01
CA ALA C 675 33.75 0.08 8.05
C ALA C 675 34.40 0.50 6.74
N SER C 676 33.92 1.61 6.16
CA SER C 676 34.33 2.02 4.84
C SER C 676 34.72 3.49 4.84
N GLY C 677 35.72 3.82 4.01
CA GLY C 677 36.14 5.19 3.82
C GLY C 677 35.36 5.88 2.73
N PHE C 678 35.39 5.31 1.52
CA PHE C 678 34.54 5.77 0.43
C PHE C 678 34.43 4.65 -0.60
N ASP C 679 33.19 4.29 -0.95
CA ASP C 679 32.93 3.31 -1.98
C ASP C 679 32.73 4.04 -3.30
N MET C 680 33.49 3.64 -4.32
CA MET C 680 33.49 4.34 -5.59
C MET C 680 33.37 3.34 -6.72
N GLU C 681 32.73 3.76 -7.81
CA GLU C 681 32.51 2.90 -8.96
C GLU C 681 33.09 3.57 -10.20
N LEU C 682 34.11 2.97 -10.77
CA LEU C 682 34.63 3.41 -12.05
C LEU C 682 33.82 2.77 -13.16
N LEU C 683 33.27 3.59 -14.05
CA LEU C 683 32.27 3.17 -15.01
C LEU C 683 32.81 3.25 -16.43
N ASP C 684 32.49 2.25 -17.25
CA ASP C 684 32.88 2.24 -18.65
C ASP C 684 31.73 2.84 -19.46
N ASN C 685 31.78 4.16 -19.65
CA ASN C 685 30.69 4.87 -20.30
C ASN C 685 30.72 4.78 -21.82
N GLY C 686 31.82 4.35 -22.41
CA GLY C 686 31.94 4.34 -23.86
C GLY C 686 32.16 2.97 -24.48
N ASN C 687 31.64 1.93 -23.82
CA ASN C 687 31.72 0.55 -24.31
C ASN C 687 33.16 0.15 -24.59
N LEU C 688 34.06 0.53 -23.68
CA LEU C 688 35.47 0.24 -23.87
C LEU C 688 35.76 -1.26 -23.83
N GLY C 689 35.17 -1.98 -22.89
CA GLY C 689 35.44 -3.38 -22.69
C GLY C 689 36.18 -3.64 -21.39
N HIS C 690 36.21 -4.91 -21.01
CA HIS C 690 36.81 -5.28 -19.73
C HIS C 690 38.31 -5.01 -19.72
N GLU C 691 38.97 -5.23 -20.86
CA GLU C 691 40.42 -4.98 -20.91
C GLU C 691 40.73 -3.50 -20.73
N LYS C 692 40.05 -2.64 -21.49
CA LYS C 692 40.27 -1.20 -21.34
C LYS C 692 39.83 -0.71 -19.97
N LEU C 693 38.72 -1.24 -19.47
CA LEU C 693 38.24 -0.83 -18.15
C LEU C 693 39.23 -1.19 -17.05
N THR C 694 39.78 -2.41 -17.11
CA THR C 694 40.75 -2.80 -16.10
C THR C 694 42.06 -2.05 -16.27
N GLN C 695 42.41 -1.68 -17.52
CA GLN C 695 43.58 -0.83 -17.71
C GLN C 695 43.37 0.54 -17.07
N ALA C 696 42.19 1.11 -17.24
CA ALA C 696 41.88 2.39 -16.61
C ALA C 696 41.89 2.28 -15.09
N ARG C 697 41.35 1.19 -14.55
CA ARG C 697 41.40 0.98 -13.11
C ARG C 697 42.84 0.89 -12.61
N ASN C 698 43.69 0.16 -13.34
CA ASN C 698 45.08 0.02 -12.93
C ASN C 698 45.80 1.36 -12.99
N GLU C 699 45.55 2.15 -14.03
CA GLU C 699 46.16 3.47 -14.14
C GLU C 699 45.69 4.38 -13.01
N LEU C 700 44.41 4.31 -12.66
CA LEU C 700 43.90 5.12 -11.55
C LEU C 700 44.52 4.68 -10.22
N LEU C 701 44.73 3.38 -10.04
CA LEU C 701 45.39 2.90 -8.83
C LEU C 701 46.82 3.41 -8.76
N SER C 702 47.53 3.40 -9.89
CA SER C 702 48.88 3.95 -9.92
C SER C 702 48.87 5.44 -9.60
N LEU C 703 47.90 6.18 -10.14
CA LEU C 703 47.80 7.61 -9.86
C LEU C 703 47.54 7.88 -8.39
N ALA C 704 46.62 7.11 -7.79
CA ALA C 704 46.30 7.30 -6.38
C ALA C 704 47.40 6.79 -5.45
N ALA C 705 48.31 5.97 -5.98
CA ALA C 705 49.45 5.55 -5.17
C ALA C 705 50.44 6.67 -4.93
N GLN C 706 50.29 7.81 -5.60
CA GLN C 706 51.17 8.96 -5.42
C GLN C 706 50.36 10.06 -4.73
N SER C 707 50.29 9.98 -3.40
CA SER C 707 49.50 10.89 -2.58
C SER C 707 49.77 10.56 -1.11
N PRO C 708 49.45 11.46 -0.17
CA PRO C 708 49.78 11.19 1.23
C PRO C 708 48.94 10.08 1.83
N ASN C 709 49.54 8.89 1.94
CA ASN C 709 48.95 7.72 2.59
C ASN C 709 47.46 7.56 2.26
N GLN C 710 47.14 7.63 0.98
CA GLN C 710 45.76 7.47 0.54
C GLN C 710 45.39 5.99 0.53
N ARG C 715 43.54 -0.19 -3.64
CA ARG C 715 42.56 -1.10 -3.07
C ARG C 715 41.34 -1.20 -3.97
N PRO C 716 41.38 -2.10 -4.95
CA PRO C 716 40.16 -2.46 -5.68
C PRO C 716 39.48 -3.68 -5.08
N ASN C 717 38.18 -3.74 -5.27
CA ASN C 717 37.39 -4.90 -4.85
C ASN C 717 37.00 -5.70 -6.08
N GLY C 718 37.18 -7.02 -6.00
CA GLY C 718 36.89 -7.89 -7.12
C GLY C 718 38.02 -8.85 -7.42
N LEU C 719 37.66 -10.09 -7.71
CA LEU C 719 38.65 -11.10 -8.01
C LEU C 719 39.36 -10.80 -9.33
N GLU C 720 40.61 -11.24 -9.43
CA GLU C 720 41.43 -10.90 -10.58
C GLU C 720 41.29 -11.92 -11.69
N ASP C 721 41.79 -11.57 -12.87
CA ASP C 721 41.56 -12.37 -14.08
C ASP C 721 42.26 -13.71 -13.96
N THR C 722 41.48 -14.75 -13.75
CA THR C 722 41.93 -16.13 -13.65
C THR C 722 42.19 -16.73 -15.03
N PRO C 723 43.06 -17.73 -15.12
CA PRO C 723 43.16 -18.50 -16.35
C PRO C 723 41.89 -19.31 -16.59
N MET C 724 41.56 -19.50 -17.86
CA MET C 724 40.36 -20.21 -18.27
C MET C 724 40.71 -21.17 -19.39
N PHE C 725 39.92 -22.23 -19.50
CA PHE C 725 40.13 -23.27 -20.49
C PHE C 725 39.14 -23.08 -21.63
N LYS C 726 39.66 -23.01 -22.85
CA LYS C 726 38.86 -22.77 -24.03
C LYS C 726 38.89 -24.00 -24.92
N VAL C 727 37.73 -24.42 -25.39
CA VAL C 727 37.59 -25.57 -26.28
C VAL C 727 37.01 -25.07 -27.60
N ASN C 728 37.72 -25.30 -28.69
CA ASN C 728 37.29 -24.90 -30.03
C ASN C 728 36.82 -26.14 -30.75
N VAL C 729 35.52 -26.22 -31.03
CA VAL C 729 34.94 -27.36 -31.73
C VAL C 729 34.89 -27.01 -33.21
N ASN C 730 35.61 -27.77 -34.02
CA ASN C 730 35.63 -27.54 -35.46
C ASN C 730 34.30 -27.98 -36.05
N ALA C 731 33.41 -27.02 -36.31
CA ALA C 731 32.09 -27.36 -36.80
C ALA C 731 32.15 -28.03 -38.17
N ALA C 732 33.01 -27.53 -39.05
CA ALA C 732 33.09 -28.10 -40.40
C ALA C 732 33.55 -29.55 -40.36
N LYS C 733 34.62 -29.84 -39.61
CA LYS C 733 35.11 -31.21 -39.51
C LYS C 733 34.06 -32.13 -38.89
N ALA C 734 33.41 -31.67 -37.82
CA ALA C 734 32.40 -32.49 -37.16
C ALA C 734 31.24 -32.80 -38.09
N GLU C 735 30.76 -31.79 -38.82
CA GLU C 735 29.67 -32.05 -39.74
C GLU C 735 30.11 -32.92 -40.90
N ALA C 736 31.37 -32.81 -41.32
CA ALA C 736 31.89 -33.69 -42.37
C ALA C 736 31.91 -35.14 -41.91
N MET C 737 32.25 -35.39 -40.65
CA MET C 737 32.26 -36.75 -40.13
C MET C 737 30.89 -37.22 -39.65
N GLY C 738 29.87 -36.38 -39.76
CA GLY C 738 28.51 -36.77 -39.45
C GLY C 738 28.03 -36.40 -38.07
N VAL C 739 28.94 -36.12 -37.14
CA VAL C 739 28.53 -35.76 -35.77
C VAL C 739 28.09 -34.32 -35.73
N ALA C 740 26.90 -34.08 -35.18
CA ALA C 740 26.33 -32.74 -35.12
C ALA C 740 27.02 -31.91 -34.05
N LEU C 741 27.01 -30.59 -34.27
CA LEU C 741 27.57 -29.67 -33.28
C LEU C 741 26.74 -29.64 -32.00
N SER C 742 25.43 -29.80 -32.13
CA SER C 742 24.57 -29.82 -30.94
C SER C 742 24.94 -30.98 -30.02
N ASP C 743 25.23 -32.14 -30.61
CA ASP C 743 25.62 -33.29 -29.79
C ASP C 743 26.91 -33.02 -29.03
N ILE C 744 27.90 -32.42 -29.71
CA ILE C 744 29.18 -32.15 -29.05
C ILE C 744 29.01 -31.16 -27.92
N ASN C 745 28.30 -30.06 -28.18
CA ASN C 745 28.11 -29.04 -27.15
C ASN C 745 27.34 -29.61 -25.96
N GLN C 746 26.27 -30.37 -26.22
CA GLN C 746 25.51 -30.95 -25.13
C GLN C 746 26.33 -31.97 -24.35
N THR C 747 27.16 -32.76 -25.03
CA THR C 747 27.99 -33.73 -24.33
C THR C 747 28.98 -33.04 -23.41
N ILE C 748 29.67 -32.01 -23.91
CA ILE C 748 30.63 -31.31 -23.06
C ILE C 748 29.93 -30.65 -21.89
N SER C 749 28.79 -30.00 -22.14
CA SER C 749 28.08 -29.30 -21.07
C SER C 749 27.62 -30.28 -19.99
N THR C 750 26.98 -31.38 -20.40
CA THR C 750 26.50 -32.36 -19.43
C THR C 750 27.66 -32.98 -18.66
N ALA C 751 28.75 -33.28 -19.34
CA ALA C 751 29.89 -33.91 -18.67
C ALA C 751 30.49 -32.98 -17.63
N PHE C 752 30.97 -31.83 -18.05
CA PHE C 752 31.77 -30.99 -17.17
C PHE C 752 30.98 -29.97 -16.37
N GLY C 753 29.68 -29.85 -16.58
CA GLY C 753 28.93 -28.81 -15.90
C GLY C 753 27.59 -29.26 -15.35
N SER C 754 27.35 -30.57 -15.33
CA SER C 754 26.12 -31.15 -14.82
C SER C 754 24.90 -30.76 -15.63
N SER C 755 23.76 -31.38 -15.36
CA SER C 755 22.54 -31.11 -16.10
C SER C 755 21.37 -31.53 -15.22
N TYR C 756 20.62 -30.56 -14.72
CA TYR C 756 19.40 -30.83 -13.99
C TYR C 756 18.40 -31.51 -14.90
N VAL C 757 17.92 -32.69 -14.51
CA VAL C 757 17.06 -33.47 -15.39
C VAL C 757 15.59 -33.32 -14.99
N ASN C 758 15.24 -33.77 -13.80
CA ASN C 758 13.86 -33.66 -13.31
C ASN C 758 13.89 -33.85 -11.81
N ASP C 759 12.72 -34.06 -11.20
CA ASP C 759 12.59 -34.20 -9.77
C ASP C 759 12.22 -35.63 -9.41
N PHE C 760 12.61 -36.04 -8.20
CA PHE C 760 12.26 -37.34 -7.65
C PHE C 760 11.84 -37.16 -6.20
N LEU C 761 11.46 -38.26 -5.55
CA LEU C 761 10.95 -38.24 -4.20
C LEU C 761 11.92 -38.96 -3.27
N ASN C 762 12.28 -38.30 -2.18
CA ASN C 762 13.14 -38.90 -1.16
C ASN C 762 12.51 -38.64 0.20
N GLN C 763 12.12 -39.72 0.89
CA GLN C 763 11.55 -39.63 2.22
C GLN C 763 10.38 -38.65 2.27
N GLY C 764 9.63 -38.59 1.17
CA GLY C 764 8.45 -37.76 1.11
C GLY C 764 8.68 -36.32 0.68
N ARG C 765 9.90 -35.95 0.29
CA ARG C 765 10.17 -34.60 -0.17
C ARG C 765 10.69 -34.63 -1.61
N VAL C 766 10.35 -33.60 -2.36
CA VAL C 766 10.74 -33.49 -3.76
C VAL C 766 12.15 -32.94 -3.85
N LYS C 767 13.04 -33.67 -4.52
CA LYS C 767 14.43 -33.28 -4.67
C LYS C 767 14.79 -33.37 -6.15
N LYS C 768 16.00 -32.91 -6.48
CA LYS C 768 16.43 -32.82 -7.87
C LYS C 768 17.24 -34.05 -8.28
N VAL C 769 17.35 -34.26 -9.59
CA VAL C 769 18.21 -35.28 -10.16
C VAL C 769 19.21 -34.60 -11.10
N TYR C 770 20.49 -34.87 -10.90
CA TYR C 770 21.56 -34.23 -11.65
C TYR C 770 22.41 -35.27 -12.35
N VAL C 771 22.81 -34.99 -13.59
CA VAL C 771 23.68 -35.86 -14.35
C VAL C 771 24.97 -35.13 -14.63
N GLN C 772 26.08 -35.65 -14.09
CA GLN C 772 27.39 -35.05 -14.27
C GLN C 772 28.41 -36.15 -14.50
N ALA C 773 29.52 -35.79 -15.12
CA ALA C 773 30.58 -36.75 -15.34
C ALA C 773 31.21 -37.17 -14.01
N GLY C 774 31.75 -38.39 -14.00
CA GLY C 774 32.28 -38.92 -12.76
C GLY C 774 33.41 -38.07 -12.22
N THR C 775 33.62 -38.17 -10.92
CA THR C 775 34.61 -37.33 -10.26
C THR C 775 36.01 -37.41 -10.87
N PRO C 776 36.57 -38.60 -11.16
CA PRO C 776 37.93 -38.63 -11.73
C PRO C 776 38.00 -38.31 -13.22
N PHE C 777 36.88 -38.08 -13.89
CA PHE C 777 36.88 -37.91 -15.34
C PHE C 777 36.75 -36.47 -15.78
N ARG C 778 36.85 -35.50 -14.87
CA ARG C 778 36.69 -34.11 -15.27
C ARG C 778 37.65 -33.17 -14.55
N MET C 779 38.87 -33.62 -14.26
CA MET C 779 39.75 -32.85 -13.39
C MET C 779 41.01 -32.34 -14.07
N LEU C 780 41.29 -32.73 -15.30
CA LEU C 780 42.51 -32.32 -15.96
C LEU C 780 42.18 -31.89 -17.39
N PRO C 781 43.04 -31.07 -18.01
CA PRO C 781 42.84 -30.76 -19.43
C PRO C 781 42.96 -31.97 -20.33
N ASP C 782 43.53 -33.06 -19.83
CA ASP C 782 43.67 -34.29 -20.58
C ASP C 782 42.48 -35.22 -20.42
N ASN C 783 41.42 -34.76 -19.75
CA ASN C 783 40.19 -35.54 -19.62
C ASN C 783 39.15 -35.18 -20.67
N ILE C 784 39.42 -34.17 -21.51
CA ILE C 784 38.50 -33.85 -22.59
C ILE C 784 38.48 -34.94 -23.65
N ASN C 785 39.61 -35.59 -23.90
CA ASN C 785 39.73 -36.51 -25.02
C ASN C 785 39.32 -37.94 -24.68
N GLN C 786 38.92 -38.22 -23.45
CA GLN C 786 38.33 -39.52 -23.14
C GLN C 786 36.88 -39.64 -23.56
N TRP C 787 36.23 -38.53 -23.89
CA TRP C 787 34.81 -38.52 -24.19
C TRP C 787 34.56 -38.79 -25.67
N TYR C 788 33.56 -39.62 -25.95
CA TYR C 788 33.21 -40.01 -27.30
C TYR C 788 31.80 -39.56 -27.62
N VAL C 789 31.60 -39.10 -28.86
CA VAL C 789 30.31 -38.60 -29.31
C VAL C 789 29.83 -39.47 -30.46
N ARG C 790 28.57 -39.86 -30.42
CA ARG C 790 27.99 -40.66 -31.49
C ARG C 790 27.77 -39.81 -32.73
N ASN C 791 28.04 -40.39 -33.90
CA ASN C 791 27.86 -39.70 -35.16
C ASN C 791 26.44 -39.91 -35.67
N ALA C 792 26.18 -39.51 -36.92
CA ALA C 792 24.85 -39.63 -37.49
C ALA C 792 24.53 -41.05 -37.94
N SER C 793 25.50 -41.95 -37.99
CA SER C 793 25.26 -43.34 -38.36
C SER C 793 25.17 -44.27 -37.16
N GLY C 794 25.96 -44.05 -36.12
CA GLY C 794 25.95 -44.90 -34.95
C GLY C 794 27.33 -45.31 -34.50
N THR C 795 28.36 -44.70 -35.08
CA THR C 795 29.75 -44.98 -34.72
C THR C 795 30.28 -43.86 -33.85
N MET C 796 30.87 -44.24 -32.71
CA MET C 796 31.35 -43.26 -31.75
C MET C 796 32.71 -42.74 -32.19
N ALA C 797 32.85 -41.41 -32.26
CA ALA C 797 34.12 -40.79 -32.58
C ALA C 797 34.65 -40.04 -31.36
N PRO C 798 35.96 -40.04 -31.14
CA PRO C 798 36.51 -39.35 -29.97
C PRO C 798 36.32 -37.84 -30.09
N LEU C 799 36.19 -37.19 -28.94
CA LEU C 799 36.00 -35.74 -28.91
C LEU C 799 37.24 -34.98 -29.35
N SER C 800 38.41 -35.60 -29.29
CA SER C 800 39.65 -34.91 -29.64
C SER C 800 39.88 -34.80 -31.13
N ALA C 801 39.13 -35.55 -31.95
CA ALA C 801 39.37 -35.51 -33.40
C ALA C 801 39.05 -34.15 -33.98
N TYR C 802 37.94 -33.53 -33.54
CA TYR C 802 37.47 -32.28 -34.12
C TYR C 802 37.52 -31.12 -33.14
N SER C 803 38.29 -31.25 -32.06
CA SER C 803 38.33 -30.23 -31.02
C SER C 803 39.77 -29.86 -30.71
N SER C 804 39.97 -28.59 -30.35
CA SER C 804 41.29 -28.08 -30.00
C SER C 804 41.20 -27.32 -28.69
N THR C 805 42.11 -27.61 -27.78
CA THR C 805 42.09 -27.01 -26.45
C THR C 805 43.10 -25.87 -26.36
N GLU C 806 42.84 -24.94 -25.46
CA GLU C 806 43.69 -23.75 -25.36
C GLU C 806 43.49 -23.13 -23.99
N TRP C 807 44.48 -22.36 -23.55
CA TRP C 807 44.41 -21.62 -22.29
C TRP C 807 44.34 -20.14 -22.58
N THR C 808 43.40 -19.45 -21.93
CA THR C 808 43.29 -18.01 -22.09
C THR C 808 43.02 -17.35 -20.73
N TYR C 809 42.65 -16.08 -20.73
CA TYR C 809 42.43 -15.34 -19.49
C TYR C 809 41.02 -14.78 -19.45
N GLY C 810 40.42 -14.74 -18.26
CA GLY C 810 39.09 -14.20 -18.12
C GLY C 810 38.77 -13.91 -16.68
N SER C 811 37.69 -13.16 -16.47
CA SER C 811 37.39 -12.76 -15.09
C SER C 811 36.42 -13.74 -14.45
N PRO C 812 36.56 -14.00 -13.16
CA PRO C 812 35.60 -14.85 -12.46
C PRO C 812 34.47 -14.11 -11.78
N ARG C 813 34.52 -12.77 -11.74
CA ARG C 813 33.50 -11.96 -11.10
C ARG C 813 33.40 -10.65 -11.86
N LEU C 814 32.28 -10.43 -12.53
CA LEU C 814 32.04 -9.24 -13.31
C LEU C 814 30.97 -8.40 -12.64
N GLU C 815 31.24 -7.12 -12.44
CA GLU C 815 30.33 -6.23 -11.76
C GLU C 815 29.82 -5.17 -12.72
N ARG C 816 28.64 -4.64 -12.42
CA ARG C 816 28.03 -3.56 -13.18
C ARG C 816 27.29 -2.63 -12.22
N TYR C 817 27.29 -1.35 -12.55
CA TYR C 817 26.63 -0.34 -11.73
C TYR C 817 25.68 0.45 -12.62
N ASN C 818 24.40 0.47 -12.25
CA ASN C 818 23.37 1.16 -13.02
C ASN C 818 23.33 0.68 -14.47
N GLY C 819 23.50 -0.62 -14.65
CA GLY C 819 23.45 -1.21 -15.98
C GLY C 819 24.54 -0.77 -16.91
N ILE C 820 25.77 -0.65 -16.42
CA ILE C 820 26.91 -0.29 -17.25
C ILE C 820 28.14 -0.88 -16.59
N PRO C 821 29.12 -1.38 -17.34
CA PRO C 821 30.27 -2.06 -16.71
C PRO C 821 30.99 -1.16 -15.72
N SER C 822 31.43 -1.76 -14.62
CA SER C 822 31.97 -0.98 -13.53
C SER C 822 32.97 -1.80 -12.73
N MET C 823 33.79 -1.10 -11.97
CA MET C 823 34.74 -1.70 -11.04
C MET C 823 34.70 -0.93 -9.73
N GLU C 824 34.79 -1.64 -8.61
CA GLU C 824 34.76 -1.00 -7.30
C GLU C 824 36.15 -0.56 -6.91
N ILE C 825 36.25 0.67 -6.39
CA ILE C 825 37.53 1.27 -6.01
C ILE C 825 37.50 1.64 -4.54
N LEU C 826 36.83 0.81 -3.73
CA LEU C 826 36.70 1.04 -2.29
C LEU C 826 38.00 1.52 -1.67
N GLY C 827 37.93 2.55 -0.85
CA GLY C 827 39.13 3.12 -0.28
C GLY C 827 38.88 3.81 1.05
N GLU C 828 39.91 4.50 1.53
CA GLU C 828 39.86 5.23 2.79
C GLU C 828 40.37 6.66 2.57
N ALA C 829 39.86 7.58 3.37
CA ALA C 829 40.29 8.97 3.30
C ALA C 829 41.74 9.10 3.76
N ALA C 830 42.39 10.17 3.31
CA ALA C 830 43.80 10.38 3.62
C ALA C 830 44.01 10.47 5.12
N ALA C 831 45.14 9.96 5.59
CA ALA C 831 45.44 9.96 7.02
C ALA C 831 45.51 11.39 7.52
N GLY C 832 44.52 11.78 8.32
CA GLY C 832 44.42 13.14 8.80
C GLY C 832 43.92 14.10 7.73
N LYS C 833 42.72 13.85 7.21
CA LYS C 833 42.10 14.72 6.21
C LYS C 833 40.59 14.50 6.26
N SER C 834 39.90 15.02 5.26
CA SER C 834 38.45 14.92 5.19
C SER C 834 38.04 14.07 3.99
N THR C 835 36.96 13.30 4.18
CA THR C 835 36.43 12.49 3.09
C THR C 835 35.95 13.36 1.94
N GLY C 836 35.31 14.48 2.27
CA GLY C 836 34.76 15.37 1.26
C GLY C 836 35.80 15.98 0.35
N ASP C 837 37.07 15.91 0.72
CA ASP C 837 38.16 16.30 -0.17
C ASP C 837 38.75 15.11 -0.91
N ALA C 838 38.73 13.93 -0.29
CA ALA C 838 39.14 12.72 -0.99
C ALA C 838 38.26 12.46 -2.20
N MET C 839 36.96 12.73 -2.07
CA MET C 839 36.07 12.55 -3.22
C MET C 839 36.43 13.49 -4.36
N LYS C 840 36.73 14.76 -4.06
CA LYS C 840 37.11 15.69 -5.12
C LYS C 840 38.44 15.29 -5.75
N PHE C 841 39.39 14.83 -4.94
CA PHE C 841 40.65 14.36 -5.51
C PHE C 841 40.44 13.17 -6.44
N MET C 842 39.59 12.21 -6.03
CA MET C 842 39.31 11.07 -6.89
C MET C 842 38.62 11.50 -8.18
N ALA C 843 37.69 12.45 -8.09
CA ALA C 843 37.04 12.95 -9.29
C ALA C 843 38.04 13.61 -10.23
N ASP C 844 38.99 14.38 -9.69
CA ASP C 844 40.02 14.99 -10.53
C ASP C 844 40.89 13.93 -11.19
N LEU C 845 41.27 12.90 -10.44
CA LEU C 845 42.09 11.83 -11.01
C LEU C 845 41.33 11.12 -12.14
N VAL C 846 40.03 10.91 -11.96
CA VAL C 846 39.22 10.31 -13.02
C VAL C 846 39.14 11.24 -14.22
N ALA C 847 39.09 12.54 -13.98
CA ALA C 847 39.18 13.49 -15.09
C ALA C 847 40.49 13.34 -15.83
N LYS C 848 41.54 12.94 -15.12
CA LYS C 848 42.81 12.62 -15.78
C LYS C 848 42.82 11.28 -16.49
N LEU C 849 41.82 10.43 -16.24
CA LEU C 849 41.75 9.12 -16.86
C LEU C 849 41.35 9.22 -18.32
N PRO C 850 41.61 8.18 -19.12
CA PRO C 850 41.28 8.23 -20.55
C PRO C 850 39.80 8.48 -20.80
N ALA C 851 39.49 8.78 -22.06
CA ALA C 851 38.13 9.09 -22.45
C ALA C 851 37.22 7.88 -22.32
N GLY C 852 35.96 8.14 -22.01
CA GLY C 852 34.96 7.10 -21.87
C GLY C 852 34.90 6.45 -20.50
N VAL C 853 35.72 6.89 -19.55
CA VAL C 853 35.78 6.30 -18.23
C VAL C 853 35.21 7.31 -17.25
N GLY C 854 33.99 7.07 -16.77
CA GLY C 854 33.34 7.92 -15.81
C GLY C 854 33.49 7.40 -14.39
N TYR C 855 32.92 8.15 -13.46
CA TYR C 855 33.01 7.82 -12.04
C TYR C 855 31.64 7.98 -11.39
N SER C 856 31.45 7.31 -10.27
CA SER C 856 30.25 7.50 -9.48
C SER C 856 30.51 7.07 -8.04
N TRP C 857 29.63 7.50 -7.15
CA TRP C 857 29.71 7.13 -5.74
C TRP C 857 28.53 6.25 -5.38
N THR C 858 28.78 5.27 -4.51
CA THR C 858 27.73 4.41 -4.01
C THR C 858 27.89 4.29 -2.51
N GLY C 859 26.92 3.66 -1.88
CA GLY C 859 26.99 3.49 -0.44
C GLY C 859 27.05 4.82 0.26
N LEU C 860 27.93 4.90 1.27
CA LEU C 860 28.00 6.10 2.09
C LEU C 860 28.44 7.31 1.28
N SER C 861 29.41 7.13 0.37
CA SER C 861 29.83 8.23 -0.48
C SER C 861 28.69 8.73 -1.36
N TYR C 862 27.67 7.92 -1.61
CA TYR C 862 26.46 8.42 -2.26
C TYR C 862 25.66 9.31 -1.33
N GLN C 863 25.46 8.86 -0.08
CA GLN C 863 24.63 9.60 0.86
C GLN C 863 25.23 10.96 1.22
N GLU C 864 26.55 11.09 1.16
CA GLU C 864 27.26 12.29 1.57
C GLU C 864 27.93 12.96 0.38
N ALA C 865 27.22 13.04 -0.74
CA ALA C 865 27.71 13.73 -1.92
C ALA C 865 26.88 14.99 -2.18
N SER C 868 24.76 18.00 7.11
CA SER C 868 25.80 18.38 6.17
C SER C 868 25.47 19.71 5.49
N ASN C 869 24.65 19.65 4.44
CA ASN C 869 24.26 20.86 3.73
C ASN C 869 23.23 21.68 4.48
N GLN C 870 22.44 21.04 5.34
CA GLN C 870 21.33 21.71 6.02
C GLN C 870 21.69 22.28 7.38
N ALA C 871 22.73 21.74 8.03
CA ALA C 871 22.98 22.04 9.44
C ALA C 871 23.16 23.53 9.74
N PRO C 872 23.98 24.30 9.02
CA PRO C 872 24.13 25.72 9.39
C PRO C 872 22.84 26.51 9.23
N ALA C 873 22.10 26.28 8.15
CA ALA C 873 20.84 26.99 7.96
C ALA C 873 19.83 26.63 9.05
N LEU C 874 19.74 25.36 9.41
CA LEU C 874 18.83 24.94 10.46
C LEU C 874 19.22 25.55 11.80
N TYR C 875 20.51 25.61 12.10
CA TYR C 875 20.93 26.23 13.35
C TYR C 875 20.66 27.72 13.37
N ALA C 876 20.82 28.39 12.21
CA ALA C 876 20.46 29.80 12.14
C ALA C 876 18.97 30.02 12.38
N ILE C 877 18.14 29.15 11.79
CA ILE C 877 16.70 29.24 12.01
C ILE C 877 16.38 29.02 13.48
N SER C 878 17.02 28.04 14.11
CA SER C 878 16.80 27.78 15.52
C SER C 878 17.18 28.97 16.38
N LEU C 879 18.31 29.60 16.07
CA LEU C 879 18.73 30.76 16.84
C LEU C 879 17.74 31.92 16.67
N VAL C 880 17.27 32.15 15.44
CA VAL C 880 16.34 33.26 15.23
C VAL C 880 15.01 32.99 15.92
N VAL C 881 14.55 31.73 15.93
CA VAL C 881 13.29 31.43 16.60
C VAL C 881 13.46 31.51 18.11
N VAL C 882 14.63 31.16 18.63
CA VAL C 882 14.88 31.32 20.05
C VAL C 882 14.88 32.81 20.43
N PHE C 883 15.47 33.64 19.58
CA PHE C 883 15.43 35.08 19.83
C PHE C 883 14.00 35.59 19.84
N LEU C 884 13.18 35.13 18.88
CA LEU C 884 11.78 35.58 18.83
C LEU C 884 11.02 35.12 20.08
N ALA C 885 11.23 33.88 20.50
CA ALA C 885 10.54 33.39 21.70
C ALA C 885 10.94 34.17 22.93
N LEU C 886 12.24 34.46 23.08
CA LEU C 886 12.69 35.24 24.22
C LEU C 886 12.11 36.64 24.19
N ALA C 887 12.04 37.25 23.00
CA ALA C 887 11.45 38.58 22.87
C ALA C 887 9.97 38.55 23.24
N ALA C 888 9.27 37.48 22.86
CA ALA C 888 7.88 37.33 23.26
C ALA C 888 7.76 37.23 24.78
N LEU C 889 8.68 36.50 25.41
CA LEU C 889 8.66 36.40 26.86
C LEU C 889 8.84 37.76 27.53
N TYR C 890 9.98 38.40 27.31
CA TYR C 890 10.24 39.68 27.97
C TYR C 890 9.44 40.82 27.38
N GLU C 891 8.80 40.64 26.23
CA GLU C 891 8.11 41.71 25.52
C GLU C 891 9.05 42.90 25.28
N SER C 892 10.18 42.60 24.66
CA SER C 892 11.16 43.61 24.33
C SER C 892 12.14 43.08 23.29
N TRP C 893 12.71 44.02 22.52
CA TRP C 893 13.69 43.68 21.51
C TRP C 893 15.13 43.89 21.97
N SER C 894 15.33 44.52 23.13
CA SER C 894 16.66 44.81 23.63
C SER C 894 17.12 43.79 24.68
N ILE C 895 16.26 43.43 25.62
CA ILE C 895 16.66 42.49 26.68
C ILE C 895 17.09 41.12 26.15
N PRO C 896 16.38 40.47 25.25
CA PRO C 896 16.68 39.06 24.97
C PRO C 896 17.91 38.82 24.10
N PHE C 897 18.75 39.83 23.91
CA PHE C 897 20.07 39.60 23.34
C PHE C 897 21.02 39.04 24.39
N SER C 898 20.87 39.46 25.65
CA SER C 898 21.74 38.98 26.72
C SER C 898 21.59 37.48 26.91
N VAL C 899 20.35 36.98 26.85
CA VAL C 899 20.11 35.56 27.04
C VAL C 899 20.75 34.73 25.93
N MET C 900 20.71 35.24 24.70
CA MET C 900 21.21 34.50 23.55
C MET C 900 22.68 34.75 23.28
N LEU C 901 23.31 35.69 23.99
CA LEU C 901 24.74 35.90 23.87
C LEU C 901 25.56 34.99 24.79
N VAL C 902 24.98 33.88 25.25
CA VAL C 902 25.67 32.96 26.14
C VAL C 902 25.86 31.58 25.50
N VAL C 903 25.44 31.42 24.25
CA VAL C 903 25.53 30.15 23.53
C VAL C 903 26.99 29.71 23.37
N PRO C 904 27.92 30.58 22.93
CA PRO C 904 29.31 30.13 22.85
C PRO C 904 29.88 29.70 24.19
N LEU C 905 29.39 30.29 25.29
CA LEU C 905 29.89 29.96 26.61
C LEU C 905 29.58 28.53 27.01
N GLY C 906 28.68 27.86 26.30
CA GLY C 906 28.43 26.45 26.52
C GLY C 906 28.92 25.62 25.35
N VAL C 907 29.10 26.26 24.20
CA VAL C 907 29.63 25.56 23.03
C VAL C 907 31.11 25.23 23.22
N VAL C 908 31.88 26.15 23.80
CA VAL C 908 33.33 25.93 23.92
C VAL C 908 33.62 24.76 24.84
N GLY C 909 32.82 24.58 25.89
CA GLY C 909 33.02 23.44 26.76
C GLY C 909 32.81 22.12 26.06
N ALA C 910 31.75 22.04 25.24
CA ALA C 910 31.53 20.82 24.45
C ALA C 910 32.69 20.57 23.51
N LEU C 911 33.16 21.61 22.81
CA LEU C 911 34.27 21.42 21.88
C LEU C 911 35.53 20.96 22.62
N LEU C 912 35.81 21.54 23.79
CA LEU C 912 36.98 21.14 24.54
C LEU C 912 36.86 19.71 25.08
N ALA C 913 35.63 19.25 25.32
CA ALA C 913 35.45 17.89 25.82
C ALA C 913 36.00 16.85 24.85
N THR C 914 35.75 17.03 23.56
CA THR C 914 36.26 16.09 22.56
C THR C 914 37.78 16.05 22.56
N ASP C 915 38.42 17.22 22.52
CA ASP C 915 39.87 17.27 22.49
C ASP C 915 40.47 16.67 23.75
N LEU C 916 39.86 16.93 24.91
CA LEU C 916 40.36 16.33 26.14
C LEU C 916 40.22 14.81 26.11
N ARG C 917 39.08 14.31 25.63
CA ARG C 917 38.82 12.88 25.61
C ARG C 917 39.18 12.22 24.29
N GLY C 918 39.64 12.98 23.30
CA GLY C 918 40.00 12.39 22.02
C GLY C 918 38.83 11.78 21.28
N LEU C 919 37.70 12.49 21.24
CA LEU C 919 36.51 12.03 20.56
C LEU C 919 36.29 12.82 19.28
N SER C 920 35.69 12.17 18.28
CA SER C 920 35.34 12.81 17.04
C SER C 920 33.96 13.47 17.16
N ASN C 921 33.53 14.13 16.08
CA ASN C 921 32.20 14.72 16.04
C ASN C 921 31.19 13.64 15.68
N ASP C 922 30.96 12.75 16.64
CA ASP C 922 29.95 11.72 16.48
C ASP C 922 28.56 12.36 16.37
N VAL C 923 27.58 11.54 16.00
CA VAL C 923 26.20 12.00 16.03
C VAL C 923 25.79 12.30 17.45
N TYR C 924 26.30 11.54 18.42
CA TYR C 924 25.90 11.74 19.81
C TYR C 924 26.51 13.00 20.39
N PHE C 925 27.78 13.29 20.07
CA PHE C 925 28.35 14.56 20.47
C PHE C 925 27.61 15.73 19.83
N GLN C 926 27.26 15.59 18.55
CA GLN C 926 26.59 16.68 17.86
C GLN C 926 25.17 16.90 18.40
N VAL C 927 24.51 15.86 18.91
CA VAL C 927 23.20 16.07 19.53
C VAL C 927 23.33 16.56 20.97
N GLY C 928 24.42 16.20 21.67
CA GLY C 928 24.66 16.77 22.98
C GLY C 928 25.07 18.23 22.95
N LEU C 929 25.61 18.67 21.83
CA LEU C 929 25.82 20.10 21.62
C LEU C 929 24.52 20.87 21.81
N LEU C 930 23.42 20.35 21.27
CA LEU C 930 22.14 21.05 21.39
C LEU C 930 21.63 21.03 22.82
N THR C 931 21.87 19.96 23.57
CA THR C 931 21.52 19.97 24.98
C THR C 931 22.33 21.03 25.73
N THR C 932 23.61 21.18 25.38
CA THR C 932 24.44 22.17 26.05
C THR C 932 23.94 23.59 25.79
N ILE C 933 23.65 23.91 24.52
CA ILE C 933 23.13 25.24 24.22
C ILE C 933 21.79 25.45 24.90
N GLY C 934 20.95 24.41 24.94
CA GLY C 934 19.66 24.53 25.61
C GLY C 934 19.79 24.81 27.09
N LEU C 935 20.74 24.16 27.77
CA LEU C 935 20.86 24.38 29.20
C LEU C 935 21.56 25.70 29.52
N SER C 936 22.46 26.16 28.64
CA SER C 936 23.00 27.50 28.82
C SER C 936 21.89 28.54 28.69
N ALA C 937 21.00 28.38 27.71
CA ALA C 937 19.86 29.27 27.60
C ALA C 937 18.94 29.16 28.81
N LYS C 938 18.72 27.93 29.29
CA LYS C 938 18.07 27.70 30.59
C LYS C 938 18.58 28.65 31.65
N ASN C 939 19.89 28.58 31.92
CA ASN C 939 20.47 29.38 33.00
C ASN C 939 20.31 30.88 32.73
N ALA C 940 20.58 31.30 31.50
CA ALA C 940 20.55 32.73 31.21
C ALA C 940 19.14 33.29 31.33
N ILE C 941 18.15 32.63 30.73
CA ILE C 941 16.76 33.09 30.82
C ILE C 941 16.27 33.03 32.25
N LEU C 942 16.76 32.07 33.03
CA LEU C 942 16.37 32.04 34.44
C LEU C 942 16.91 33.26 35.17
N ILE C 943 18.15 33.65 34.89
CA ILE C 943 18.73 34.79 35.59
C ILE C 943 18.04 36.09 35.18
N VAL C 944 17.82 36.29 33.88
CA VAL C 944 17.39 37.61 33.40
C VAL C 944 15.93 37.92 33.76
N GLU C 945 15.09 36.90 33.92
CA GLU C 945 13.67 37.15 34.17
C GLU C 945 13.46 37.90 35.47
N PHE C 946 14.09 37.45 36.55
CA PHE C 946 13.92 38.13 37.82
C PHE C 946 14.54 39.52 37.78
N ALA C 947 15.63 39.68 37.03
CA ALA C 947 16.23 41.00 36.88
C ALA C 947 15.24 41.98 36.25
N VAL C 948 14.62 41.59 35.15
CA VAL C 948 13.72 42.51 34.47
C VAL C 948 12.46 42.74 35.29
N GLU C 949 11.98 41.71 35.99
CA GLU C 949 10.82 41.89 36.86
C GLU C 949 11.12 42.88 37.98
N MET C 950 12.31 42.77 38.58
CA MET C 950 12.70 43.72 39.61
C MET C 950 12.90 45.12 39.05
N MET C 951 13.40 45.22 37.82
CA MET C 951 13.54 46.53 37.18
C MET C 951 12.19 47.19 36.97
N GLN C 952 11.21 46.42 36.51
CA GLN C 952 9.93 47.01 36.12
C GLN C 952 9.04 47.27 37.34
N LYS C 953 8.74 46.23 38.12
CA LYS C 953 7.78 46.37 39.21
C LYS C 953 8.25 47.39 40.23
N GLU C 954 9.37 47.11 40.89
CA GLU C 954 9.99 48.02 41.84
C GLU C 954 11.12 48.77 41.17
N GLY C 955 11.62 49.80 41.85
CA GLY C 955 12.62 50.65 41.23
C GLY C 955 14.06 50.34 41.56
N LYS C 956 14.72 49.56 40.71
CA LYS C 956 16.16 49.31 40.82
C LYS C 956 16.83 49.62 39.48
N THR C 957 18.10 50.01 39.58
CA THR C 957 18.93 50.25 38.41
C THR C 957 19.29 48.92 37.74
N PRO C 958 19.63 48.94 36.44
CA PRO C 958 20.01 47.69 35.76
C PRO C 958 21.26 47.02 36.33
N ILE C 959 21.86 47.62 37.35
CA ILE C 959 23.03 47.03 38.01
C ILE C 959 22.58 46.28 39.25
N GLU C 960 21.92 46.99 40.17
CA GLU C 960 21.48 46.36 41.40
C GLU C 960 20.46 45.26 41.14
N ALA C 961 19.63 45.42 40.11
CA ALA C 961 18.64 44.40 39.79
C ALA C 961 19.31 43.08 39.42
N ILE C 962 20.28 43.12 38.51
CA ILE C 962 20.94 41.89 38.09
C ILE C 962 21.79 41.33 39.23
N ILE C 963 22.42 42.21 40.03
CA ILE C 963 23.23 41.72 41.14
C ILE C 963 22.34 40.98 42.14
N GLU C 964 21.19 41.56 42.47
CA GLU C 964 20.30 40.93 43.43
C GLU C 964 19.69 39.65 42.87
N ALA C 965 19.37 39.63 41.58
CA ALA C 965 18.85 38.40 40.98
C ALA C 965 19.86 37.28 41.09
N ALA C 966 21.12 37.56 40.71
CA ALA C 966 22.15 36.54 40.79
C ALA C 966 22.38 36.09 42.23
N ARG C 967 22.47 37.04 43.17
CA ARG C 967 22.71 36.67 44.55
C ARG C 967 21.57 35.83 45.11
N MET C 968 20.33 36.21 44.79
CA MET C 968 19.16 35.57 45.36
C MET C 968 18.88 34.20 44.76
N ARG C 969 19.28 33.97 43.52
CA ARG C 969 19.02 32.66 42.92
C ARG C 969 20.28 32.03 42.34
N LEU C 970 21.41 32.22 43.00
CA LEU C 970 22.57 31.36 42.73
C LEU C 970 22.32 29.93 43.17
N ARG C 971 21.45 29.71 44.16
CA ARG C 971 21.19 28.34 44.62
C ARG C 971 20.61 27.45 43.54
N PRO C 972 19.51 27.79 42.86
CA PRO C 972 18.98 26.88 41.84
C PRO C 972 19.94 26.62 40.70
N ILE C 973 20.74 27.62 40.32
CA ILE C 973 21.69 27.42 39.21
C ILE C 973 22.70 26.34 39.56
N LEU C 974 23.31 26.44 40.74
CA LEU C 974 24.29 25.44 41.14
C LEU C 974 23.65 24.09 41.40
N MET C 975 22.45 24.06 41.97
CA MET C 975 21.76 22.80 42.19
C MET C 975 21.50 22.10 40.86
N THR C 976 20.95 22.84 39.90
CA THR C 976 20.78 22.37 38.54
C THR C 976 22.09 21.83 37.96
N SER C 977 23.15 22.61 38.05
CA SER C 977 24.40 22.25 37.39
C SER C 977 25.00 20.99 37.99
N LEU C 978 25.06 20.91 39.33
CA LEU C 978 25.62 19.72 39.95
C LEU C 978 24.76 18.49 39.70
N ALA C 979 23.44 18.65 39.76
CA ALA C 979 22.56 17.51 39.48
C ALA C 979 22.74 17.03 38.05
N PHE C 980 22.85 17.95 37.09
CA PHE C 980 23.02 17.56 35.70
C PHE C 980 24.37 16.89 35.47
N ILE C 981 25.43 17.44 36.06
CA ILE C 981 26.77 16.89 35.87
C ILE C 981 26.83 15.48 36.45
N LEU C 982 26.27 15.27 37.63
CA LEU C 982 26.25 13.93 38.21
C LEU C 982 25.18 13.03 37.60
N GLY C 983 24.27 13.58 36.80
CA GLY C 983 23.27 12.79 36.11
C GLY C 983 23.71 12.42 34.71
N VAL C 984 24.79 13.04 34.26
CA VAL C 984 25.41 12.71 32.97
C VAL C 984 26.77 12.06 33.13
N LEU C 985 27.42 12.21 34.28
CA LEU C 985 28.68 11.51 34.52
C LEU C 985 28.60 10.00 34.34
N PRO C 986 27.53 9.30 34.78
CA PRO C 986 27.45 7.86 34.48
C PRO C 986 27.63 7.54 33.01
N LEU C 987 27.13 8.40 32.12
CA LEU C 987 27.36 8.21 30.69
C LEU C 987 28.85 8.30 30.36
N VAL C 988 29.55 9.27 30.96
CA VAL C 988 30.94 9.52 30.61
C VAL C 988 31.81 8.34 30.98
N ILE C 989 31.70 7.87 32.22
CA ILE C 989 32.49 6.72 32.68
C ILE C 989 31.66 5.48 32.34
N SER C 990 31.80 5.03 31.09
CA SER C 990 31.08 3.87 30.59
C SER C 990 32.08 2.96 29.88
N HIS C 991 32.17 1.72 30.34
CA HIS C 991 33.06 0.73 29.77
C HIS C 991 32.33 -0.60 29.60
N GLY C 992 31.03 -0.52 29.34
CA GLY C 992 30.18 -1.68 29.14
C GLY C 992 30.01 -2.03 27.68
N ALA C 993 28.95 -2.78 27.38
CA ALA C 993 28.68 -3.16 26.01
C ALA C 993 28.45 -1.94 25.14
N GLY C 994 27.64 -1.00 25.62
CA GLY C 994 27.54 0.29 24.97
C GLY C 994 28.47 1.29 25.63
N SER C 995 29.65 1.48 25.04
CA SER C 995 30.65 2.35 25.63
C SER C 995 30.99 3.54 24.76
N GLY C 996 31.37 3.30 23.50
CA GLY C 996 31.77 4.40 22.63
C GLY C 996 30.67 5.39 22.34
N ALA C 997 29.43 5.02 22.62
CA ALA C 997 28.28 5.91 22.48
C ALA C 997 27.99 6.67 23.77
N GLN C 998 27.87 5.93 24.88
CA GLN C 998 27.58 6.55 26.16
C GLN C 998 28.66 7.56 26.55
N ASN C 999 29.93 7.14 26.50
CA ASN C 999 30.99 8.05 26.92
C ASN C 999 31.06 9.27 26.01
N ALA C 1000 30.88 9.07 24.71
CA ALA C 1000 30.92 10.19 23.77
C ALA C 1000 29.86 11.23 24.10
N VAL C 1001 28.60 10.80 24.17
CA VAL C 1001 27.53 11.77 24.40
C VAL C 1001 27.66 12.40 25.78
N GLY C 1002 27.98 11.59 26.79
CA GLY C 1002 28.08 12.12 28.14
C GLY C 1002 29.17 13.16 28.27
N THR C 1003 30.36 12.86 27.73
CA THR C 1003 31.46 13.82 27.80
C THR C 1003 31.11 15.09 27.05
N GLY C 1004 30.52 14.95 25.86
CA GLY C 1004 30.17 16.13 25.08
C GLY C 1004 29.22 17.05 25.82
N VAL C 1005 28.24 16.47 26.52
CA VAL C 1005 27.28 17.32 27.24
C VAL C 1005 27.88 17.86 28.54
N MET C 1006 28.62 17.02 29.26
CA MET C 1006 29.18 17.43 30.55
C MET C 1006 30.15 18.59 30.39
N GLY C 1007 31.05 18.52 29.42
CA GLY C 1007 31.98 19.61 29.23
C GLY C 1007 31.28 20.93 28.97
N GLY C 1008 30.30 20.90 28.06
CA GLY C 1008 29.56 22.10 27.74
C GLY C 1008 28.83 22.67 28.93
N MET C 1009 28.16 21.82 29.70
CA MET C 1009 27.39 22.32 30.84
C MET C 1009 28.31 22.86 31.94
N PHE C 1010 29.42 22.16 32.22
CA PHE C 1010 30.32 22.62 33.27
C PHE C 1010 30.94 23.95 32.90
N ALA C 1011 31.35 24.13 31.64
CA ALA C 1011 31.85 25.43 31.22
C ALA C 1011 30.75 26.48 31.28
N ALA C 1012 29.55 26.11 30.80
CA ALA C 1012 28.46 27.08 30.68
C ALA C 1012 28.05 27.62 32.03
N THR C 1013 27.98 26.76 33.04
CA THR C 1013 27.56 27.21 34.37
C THR C 1013 28.45 28.35 34.87
N VAL C 1014 29.74 28.07 35.05
CA VAL C 1014 30.63 29.06 35.63
C VAL C 1014 30.73 30.29 34.73
N LEU C 1015 30.93 30.07 33.43
CA LEU C 1015 31.14 31.21 32.54
C LEU C 1015 29.88 32.07 32.44
N ALA C 1016 28.69 31.46 32.45
CA ALA C 1016 27.47 32.24 32.37
C ALA C 1016 27.21 33.02 33.64
N ILE C 1017 27.33 32.38 34.81
CA ILE C 1017 27.11 33.14 36.03
C ILE C 1017 28.16 34.24 36.18
N TYR C 1018 29.31 34.09 35.54
CA TYR C 1018 30.30 35.15 35.63
C TYR C 1018 30.20 36.19 34.53
N PHE C 1019 29.45 35.92 33.45
CA PHE C 1019 29.41 36.82 32.31
C PHE C 1019 28.06 37.49 32.11
N VAL C 1020 26.97 36.82 32.45
CA VAL C 1020 25.61 37.25 32.10
C VAL C 1020 25.29 38.65 32.65
N PRO C 1021 25.64 38.98 33.90
CA PRO C 1021 25.45 40.38 34.34
C PRO C 1021 26.14 41.37 33.43
N VAL C 1022 27.35 41.05 32.95
CA VAL C 1022 28.06 41.94 32.05
C VAL C 1022 27.27 42.11 30.75
N PHE C 1023 26.75 41.01 30.21
CA PHE C 1023 25.95 41.11 29.00
C PHE C 1023 24.72 41.98 29.22
N PHE C 1024 24.05 41.79 30.35
CA PHE C 1024 22.83 42.55 30.62
C PHE C 1024 23.13 44.04 30.71
N VAL C 1025 24.18 44.42 31.46
CA VAL C 1025 24.48 45.83 31.64
C VAL C 1025 24.97 46.43 30.33
N VAL C 1026 25.75 45.69 29.53
CA VAL C 1026 26.21 46.22 28.26
C VAL C 1026 25.05 46.42 27.31
N VAL C 1027 24.13 45.46 27.25
CA VAL C 1027 23.00 45.56 26.34
C VAL C 1027 22.06 46.69 26.75
N GLU C 1028 21.92 46.92 28.06
CA GLU C 1028 20.93 47.90 28.50
C GLU C 1028 21.21 49.32 28.00
N HIS C 1029 22.47 49.67 27.73
CA HIS C 1029 22.77 50.95 27.09
C HIS C 1029 22.69 50.86 25.56
N LEU C 1030 21.55 50.39 25.06
CA LEU C 1030 21.27 50.43 23.63
C LEU C 1030 19.94 51.13 23.37
C1 PTY D . -19.66 15.63 9.86
C2 PTY D . -18.31 10.83 4.36
C3 PTY D . -19.53 11.05 5.22
O4 PTY D . -19.73 16.60 10.91
C5 PTY D . -19.70 13.13 9.80
C6 PTY D . -19.05 14.35 10.41
O7 PTY D . -19.27 14.39 11.83
C8 PTY D . -18.24 14.48 12.66
O10 PTY D . -17.10 14.35 12.32
C11 PTY D . -18.69 14.77 14.06
C12 PTY D . -17.64 15.43 14.93
C13 PTY D . -16.95 14.46 15.88
C14 PTY D . -15.52 14.86 16.19
C15 PTY D . -14.52 13.74 15.95
C16 PTY D . -14.81 12.95 14.68
C17 PTY D . -13.75 11.91 14.33
C18 PTY D . -13.38 11.02 15.52
C19 PTY D . -11.89 10.94 15.79
C30 PTY D . -19.37 17.85 10.62
C31 PTY D . -19.96 18.84 11.57
O30 PTY D . -18.65 18.11 9.68
C32 PTY D . -19.19 20.15 11.63
C33 PTY D . -19.78 21.13 12.63
C34 PTY D . -18.73 21.95 13.36
C35 PTY D . -19.31 23.05 14.24
C36 PTY D . -18.27 23.86 15.00
C37 PTY D . -17.72 23.15 16.24
C38 PTY D . -18.39 23.60 17.53
C39 PTY D . -18.07 22.70 18.72
C40 PTY D . -18.77 23.11 20.01
C41 PTY D . -18.14 24.32 20.68
C42 PTY D . -17.96 24.14 22.18
C43 PTY D . -17.24 25.30 22.85
C44 PTY D . -17.11 25.14 24.36
P1 PTY D . -20.33 12.18 7.43
O11 PTY D . -19.15 11.59 6.47
O12 PTY D . -21.15 13.18 6.67
O13 PTY D . -21.01 11.08 8.16
O14 PTY D . -19.29 12.97 8.45
N1 PTY D . -18.04 9.40 4.17
C1 PTY E . -17.45 32.90 27.15
C2 PTY E . -18.30 39.10 29.27
C3 PTY E . -17.26 38.05 29.64
O4 PTY E . -16.17 32.34 26.86
C5 PTY E . -17.40 33.77 29.50
C6 PTY E . -17.76 32.61 28.60
O7 PTY E . -17.01 31.44 28.93
C8 PTY E . -17.61 30.25 28.90
O10 PTY E . -18.55 29.97 29.59
C11 PTY E . -16.95 29.33 27.89
C12 PTY E . -16.02 28.31 28.54
C13 PTY E . -15.38 28.83 29.81
C14 PTY E . -14.44 27.82 30.45
C15 PTY E . -15.10 26.48 30.79
C16 PTY E . -14.23 25.31 30.40
C17 PTY E . -13.84 25.29 28.93
C18 PTY E . -14.96 24.78 28.04
C19 PTY E . -15.06 23.26 27.99
C30 PTY E . -15.11 33.14 26.94
C31 PTY E . -13.85 32.45 26.48
O30 PTY E . -15.18 34.29 27.31
C32 PTY E . -13.97 30.94 26.39
C33 PTY E . -12.64 30.26 26.71
C34 PTY E . -12.64 28.78 26.35
C35 PTY E . -12.45 28.53 24.86
C36 PTY E . -13.70 27.94 24.20
C37 PTY E . -13.53 27.68 22.71
C38 PTY E . -13.17 26.23 22.38
C39 PTY E . -13.22 25.94 20.89
C40 PTY E . -12.65 24.58 20.53
C41 PTY E . -13.55 23.41 20.89
C42 PTY E . -13.42 22.23 19.94
C43 PTY E . -14.15 22.42 18.62
C44 PTY E . -14.37 21.12 17.87
P1 PTY E . -18.67 35.99 28.90
O11 PTY E . -17.92 36.87 30.06
O12 PTY E . -20.12 36.40 28.82
O13 PTY E . -17.85 35.95 27.66
O14 PTY E . -18.54 34.58 29.75
N1 PTY E . -18.39 40.13 30.29
C1 PTY F . -11.66 11.83 10.29
C2 PTY F . -9.84 5.39 9.85
C3 PTY F . -10.49 6.51 10.64
O4 PTY F . -12.60 12.90 10.38
C5 PTY F . -11.07 10.48 12.31
C6 PTY F . -10.89 11.79 11.59
O7 PTY F . -11.34 12.89 12.39
C8 PTY F . -10.47 13.79 12.82
O10 PTY F . -9.71 13.59 13.72
C11 PTY F . -10.57 15.07 12.04
C12 PTY F . -11.76 15.93 12.42
C13 PTY F . -11.57 16.61 13.77
C14 PTY F . -12.60 17.70 14.00
C15 PTY F . -14.03 17.27 13.67
C16 PTY F . -14.97 18.44 13.47
C17 PTY F . -16.21 18.09 12.67
C18 PTY F . -15.87 17.36 11.38
C30 PTY F . -12.89 13.56 9.27
C31 PTY F . -14.25 14.20 9.34
O30 PTY F . -12.13 13.64 8.33
C32 PTY F . -15.23 13.56 8.38
C33 PTY F . -16.24 14.57 7.85
C34 PTY F . -15.56 15.89 7.45
P1 PTY F . -9.86 8.18 12.56
O11 PTY F . -9.47 7.30 11.24
O12 PTY F . -11.06 7.61 13.26
O13 PTY F . -8.65 8.51 13.37
O14 PTY F . -10.33 9.47 11.65
N1 PTY F . -9.61 4.22 10.68
C1 PTY G . -7.40 10.65 10.14
C2 PTY G . -3.70 10.01 9.65
C3 PTY G . -3.89 8.52 9.50
O4 PTY G . -7.85 11.98 10.42
C5 PTY G . -7.55 8.86 8.38
C6 PTY G . -8.19 10.11 8.96
O7 PTY G . -8.34 11.15 7.97
C8 PTY G . -7.30 11.84 7.51
O10 PTY G . -6.26 11.36 7.14
C11 PTY G . -7.60 13.31 7.50
C12 PTY G . -8.61 13.74 6.45
C13 PTY G . -8.97 15.21 6.59
C14 PTY G . -9.46 15.55 7.98
C15 PTY G . -9.94 16.98 8.15
C16 PTY G . -8.79 17.95 8.44
C30 PTY G . -7.09 12.71 11.24
C31 PTY G . -7.22 14.18 10.94
O30 PTY G . -6.41 12.22 12.09
C32 PTY G . -6.99 15.09 12.14
C33 PTY G . -6.97 16.56 11.75
C34 PTY G . -7.32 17.47 12.92
C35 PTY G . -7.10 18.95 12.62
C36 PTY G . -8.17 19.55 11.73
C37 PTY G . -9.51 19.74 12.44
C38 PTY G . -10.64 20.11 11.47
P1 PTY G . -6.16 7.34 10.03
O11 PTY G . -5.22 8.27 9.06
O12 PTY G . -5.90 5.89 9.77
O13 PTY G . -6.12 7.85 11.44
O14 PTY G . -7.57 7.82 9.32
N1 PTY G . -4.49 10.76 8.69
C1 D12 H . -17.29 29.64 32.87
C2 D12 H . -16.95 28.56 33.89
C3 D12 H . -17.77 27.30 33.69
C4 D12 H . -17.66 26.32 34.86
C5 D12 H . -16.24 25.82 35.07
C6 D12 H . -15.74 24.89 33.97
C7 D12 H . -16.35 23.49 34.04
C8 D12 H . -15.67 22.51 33.09
C9 D12 H . -16.29 21.11 33.12
C10 D12 H . -15.56 20.11 32.24
C11 D12 H . -15.37 20.58 30.80
C12 D12 H . -16.69 20.79 30.07
C6 D12 I . -12.33 20.19 28.64
C7 D12 I . -12.33 19.24 27.46
C8 D12 I . -11.37 18.06 27.64
C9 D12 I . -11.38 17.07 26.49
C10 D12 I . -10.17 16.16 26.48
C11 D12 I . -10.21 15.06 25.44
C12 D12 I . -8.94 14.23 25.41
C1 PTY J . -9.38 3.55 19.09
C2 PTY J . -7.33 -1.37 13.74
C3 PTY J . -8.57 -0.51 13.70
O4 PTY J . -10.15 3.45 20.30
C5 PTY J . -10.01 1.95 17.30
C6 PTY J . -10.30 3.29 17.92
O7 PTY J . -10.06 4.35 16.98
C8 PTY J . -11.01 4.72 16.12
O10 PTY J . -11.53 3.98 15.33
C11 PTY J . -11.35 6.17 16.28
C12 PTY J . -12.23 6.46 17.49
C13 PTY J . -12.86 7.83 17.42
C14 PTY J . -14.00 7.99 18.41
C15 PTY J . -13.55 8.33 19.82
C16 PTY J . -14.44 9.38 20.46
C17 PTY J . -14.39 10.74 19.78
C18 PTY J . -15.70 11.12 19.11
C19 PTY J . -16.90 11.05 20.05
C20 PTY J . -17.04 12.29 20.91
C21 PTY J . -17.83 13.42 20.25
C22 PTY J . -18.10 14.58 21.20
C23 PTY J . -17.00 14.80 22.24
C24 PTY J . -17.42 15.73 23.36
C25 PTY J . -16.89 15.32 24.73
C26 PTY J . -17.45 16.18 25.85
C27 PTY J . -17.23 15.58 27.24
C28 PTY J . -15.78 15.69 27.71
C29 PTY J . -15.31 17.13 27.84
C30 PTY J . -10.49 4.57 20.93
C31 PTY J . -9.32 5.51 21.10
O30 PTY J . -11.61 4.79 21.31
C32 PTY J . -8.36 5.12 22.21
C33 PTY J . -7.53 6.31 22.69
C34 PTY J . -6.64 5.98 23.87
C35 PTY J . -7.41 5.75 25.17
C36 PTY J . -6.58 5.01 26.21
C37 PTY J . -5.89 3.77 25.67
C38 PTY J . -5.23 2.93 26.76
C39 PTY J . -4.18 3.69 27.56
C40 PTY J . -4.26 3.43 29.07
C41 PTY J . -3.71 4.57 29.92
C42 PTY J . -4.63 5.78 30.00
C43 PTY J . -4.30 6.90 29.02
C44 PTY J . -4.71 8.27 29.51
P1 PTY J . -9.60 1.68 14.73
O11 PTY J . -8.38 0.59 14.57
O12 PTY J . -9.43 2.81 13.77
O13 PTY J . -10.93 0.99 14.81
O14 PTY J . -9.11 2.12 16.23
N1 PTY J . -6.98 -1.74 15.11
C1 PTY K . -6.87 5.81 18.09
C2 PTY K . -5.92 2.28 16.07
C3 PTY K . -5.46 3.42 15.19
O4 PTY K . -6.00 6.44 19.04
C5 PTY K . -7.56 6.89 15.97
C6 PTY K . -7.75 6.87 17.47
O7 PTY K . -7.41 8.12 18.08
C8 PTY K . -8.14 8.58 19.09
O10 PTY K . -7.92 8.33 20.25
C11 PTY K . -9.26 9.46 18.61
C12 PTY K . -9.77 10.40 19.69
C13 PTY K . -10.65 11.51 19.14
C14 PTY K . -11.03 12.54 20.19
C30 PTY K . -5.08 5.67 19.60
C31 PTY K . -4.38 6.38 20.72
O30 PTY K . -4.85 4.55 19.23
C32 PTY K . -3.13 5.65 21.22
C33 PTY K . -3.37 4.91 22.53
C34 PTY K . -4.18 3.64 22.35
C35 PTY K . -3.48 2.60 21.48
P1 PTY K . -6.82 5.32 13.99
O11 PTY K . -6.50 3.74 14.27
O12 PTY K . -5.55 6.07 13.73
O13 PTY K . -8.00 5.48 13.07
O14 PTY K . -7.29 5.57 15.55
N1 PTY K . -4.79 1.52 16.57
C1 PTY L . -19.89 16.21 1.81
C2 PTY L . -24.44 14.90 -4.52
C3 PTY L . -23.76 14.16 -3.39
O4 PTY L . -19.51 14.85 1.57
C5 PTY L . -21.29 16.81 -0.16
C6 PTY L . -21.29 16.42 1.30
O7 PTY L . -21.90 17.41 2.14
C8 PTY L . -21.39 18.64 2.30
O10 PTY L . -21.26 19.44 1.41
C11 PTY L . -21.05 18.90 3.74
C12 PTY L . -20.90 20.37 4.08
C13 PTY L . -19.77 20.62 5.07
C14 PTY L . -20.05 21.77 6.03
C15 PTY L . -19.09 21.83 7.22
C16 PTY L . -19.59 22.73 8.35
C17 PTY L . -19.43 24.21 8.08
C18 PTY L . -19.47 25.05 9.36
C19 PTY L . -20.75 24.93 10.16
C20 PTY L . -21.32 26.30 10.53
C21 PTY L . -21.91 26.37 11.93
C22 PTY L . -20.90 26.01 13.01
C23 PTY L . -21.00 26.90 14.25
C24 PTY L . -20.94 28.38 13.92
C25 PTY L . -20.01 29.18 14.82
C26 PTY L . -19.01 30.00 14.02
C27 PTY L . -18.16 29.16 13.07
C28 PTY L . -18.43 29.42 11.60
C29 PTY L . -17.45 28.70 10.68
C30 PTY L . -19.84 13.89 2.45
C31 PTY L . -19.87 14.37 3.87
O30 PTY L . -20.08 12.76 2.11
C32 PTY L . -18.50 14.53 4.52
C33 PTY L . -18.44 15.83 5.30
C34 PTY L . -19.59 15.95 6.29
C35 PTY L . -19.87 17.37 6.76
C36 PTY L . -21.31 17.56 7.22
C37 PTY L . -21.63 18.96 7.71
C38 PTY L . -23.03 19.42 7.34
C39 PTY L . -23.35 20.83 7.78
C40 PTY L . -24.50 21.46 7.02
P1 PTY L . -22.37 14.69 -1.23
O11 PTY L . -22.88 15.06 -2.74
O12 PTY L . -23.40 13.91 -0.50
O13 PTY L . -20.94 14.23 -1.23
O14 PTY L . -22.43 16.27 -0.78
N1 PTY L . -23.48 15.75 -5.22
C1 PTY M . -10.46 32.94 28.18
C2 PTY M . -15.42 36.06 32.00
C3 PTY M . -13.99 36.46 32.24
O4 PTY M . -9.35 32.08 27.94
C5 PTY M . -11.26 33.57 30.47
C6 PTY M . -11.15 32.47 29.44
O7 PTY M . -10.39 31.36 29.92
C8 PTY M . -11.03 30.30 30.40
O10 PTY M . -11.95 29.77 29.84
C11 PTY M . -10.45 29.87 31.73
C12 PTY M . -9.18 29.06 31.58
C13 PTY M . -9.47 27.63 31.12
C14 PTY M . -8.59 27.20 29.96
C15 PTY M . -8.99 27.81 28.63
C16 PTY M . -8.69 26.89 27.45
C17 PTY M . -7.20 26.70 27.18
C18 PTY M . -6.92 25.56 26.21
C19 PTY M . -7.17 24.17 26.79
C30 PTY M . -8.13 32.56 28.20
C31 PTY M . -7.06 31.61 27.73
O30 PTY M . -7.94 33.62 28.74
C32 PTY M . -7.46 30.81 26.50
C33 PTY M . -6.28 30.06 25.91
C34 PTY M . -5.40 30.95 25.05
C35 PTY M . -3.93 30.53 25.03
C36 PTY M . -3.75 29.03 24.90
C37 PTY M . -3.04 28.62 23.61
C38 PTY M . -3.94 28.66 22.38
C39 PTY M . -3.26 28.20 21.11
C40 PTY M . -2.47 26.91 21.29
C41 PTY M . -2.03 26.27 19.99
P1 PTY M . -13.34 35.08 30.10
O11 PTY M . -13.11 35.49 31.67
O12 PTY M . -14.13 33.81 29.99
O13 PTY M . -13.73 36.27 29.28
O14 PTY M . -11.75 34.74 29.88
N1 PTY M . -15.77 34.84 32.70
C1 PTY N . 11.78 22.15 7.07
C2 PTY N . 15.05 17.66 5.80
C3 PTY N . 14.91 18.66 4.68
O4 PTY N . 10.58 22.38 6.35
C5 PTY N . 14.06 23.07 6.58
C6 PTY N . 12.63 23.40 6.94
O7 PTY N . 12.54 24.15 8.17
C8 PTY N . 12.64 23.57 9.36
O10 PTY N . 13.63 23.02 9.76
C11 PTY N . 11.36 23.72 10.14
C12 PTY N . 11.49 24.63 11.34
C13 PTY N . 10.16 25.24 11.79
C14 PTY N . 9.62 26.23 10.76
C15 PTY N . 8.46 27.06 11.26
C16 PTY N . 8.76 27.67 12.62
C17 PTY N . 9.16 29.13 12.58
C18 PTY N . 10.61 29.33 12.16
C19 PTY N . 11.18 30.72 12.41
C30 PTY N . 9.95 21.33 5.84
C31 PTY N . 8.50 21.62 5.61
O30 PTY N . 10.50 20.28 5.62
C32 PTY N . 7.72 21.79 6.91
C33 PTY N . 6.58 22.79 6.77
C34 PTY N . 7.07 24.23 6.70
C35 PTY N . 7.65 24.75 8.00
C36 PTY N . 6.77 24.47 9.20
C37 PTY N . 5.46 25.23 9.19
C38 PTY N . 4.27 24.38 9.61
C39 PTY N . 3.40 25.02 10.69
C40 PTY N . 2.86 26.39 10.28
C41 PTY N . 3.41 27.54 11.11
C42 PTY N . 2.77 28.88 10.76
C43 PTY N . 1.25 28.83 10.76
C44 PTY N . 0.62 30.17 10.44
P1 PTY N . 14.36 21.21 4.76
O11 PTY N . 15.31 19.93 5.15
O12 PTY N . 13.05 20.74 4.20
O13 PTY N . 15.14 22.26 4.02
O14 PTY N . 14.17 21.68 6.34
N1 PTY N . 13.77 17.02 6.11
C1 D12 O . -4.75 26.96 16.78
C2 D12 O . -4.49 25.85 15.78
C3 D12 O . -5.44 25.91 14.59
C4 D12 O . -6.90 25.95 14.99
C5 D12 O . -7.84 26.26 13.83
C6 D12 O . -9.20 26.79 14.30
C7 D12 O . -10.14 27.14 13.16
C8 D12 O . -11.55 27.49 13.62
C1 PTY P . 1.42 16.12 5.60
C2 PTY P . 2.25 9.03 4.61
C3 PTY P . 1.71 10.26 3.90
O4 PTY P . 0.13 16.04 6.19
C5 PTY P . 1.70 14.14 7.11
C6 PTY P . 2.37 15.34 6.47
O7 PTY P . 2.86 16.25 7.46
C8 PTY P . 4.07 16.05 7.99
O10 PTY P . 4.80 15.14 7.69
C11 PTY P . 4.41 17.11 9.00
C12 PTY P . 4.46 18.51 8.42
C13 PTY P . 4.18 19.59 9.45
C14 PTY P . 2.98 19.26 10.32
C15 PTY P . 2.56 20.38 11.26
C16 PTY P . 3.75 21.11 11.87
C17 PTY P . 3.42 21.89 13.12
C30 PTY P . -0.88 15.62 5.42
C31 PTY P . -2.04 15.18 6.26
O30 PTY P . -0.84 15.62 4.22
C32 PTY P . -3.21 14.64 5.45
C33 PTY P . -4.53 14.85 6.16
C34 PTY P . -5.02 16.29 6.07
C35 PTY P . -5.51 16.84 7.40
C36 PTY P . -4.43 16.91 8.45
C37 PTY P . -4.12 18.32 8.91
C38 PTY P . -2.69 18.48 9.41
C39 PTY P . -1.65 18.12 8.36
P1 PTY P . 2.40 12.26 5.45
O11 PTY P . 1.29 11.21 4.87
O12 PTY P . 3.21 11.61 6.54
O13 PTY P . 3.10 12.95 4.34
O14 PTY P . 1.27 13.25 6.11
N1 PTY P . 1.35 7.90 4.45
C1 PTY Q . -2.17 14.07 10.20
C2 PTY Q . -2.59 9.03 5.94
C3 PTY Q . -1.21 8.76 6.49
O4 PTY Q . -2.55 13.37 11.38
C5 PTY Q . -0.61 12.13 9.91
C6 PTY Q . -0.76 13.64 9.87
O7 PTY Q . 0.07 14.24 10.86
C8 PTY Q . 1.20 14.86 10.50
O10 PTY Q . 2.27 14.31 10.44
C11 PTY Q . 0.94 16.30 10.15
C30 PTY Q . -3.13 14.05 12.36
C31 PTY Q . -2.32 15.25 12.78
O30 PTY Q . -4.19 13.73 12.85
C32 PTY Q . -1.74 15.12 14.18
C33 PTY Q . -0.27 15.50 14.23
C34 PTY Q . 0.02 16.86 13.60
C35 PTY Q . -0.62 18.03 14.32
C36 PTY Q . -0.15 19.37 13.77
C37 PTY Q . -0.85 20.57 14.39
C38 PTY Q . -0.29 21.90 13.90
C39 PTY Q . -0.89 23.10 14.61
C40 PTY Q . -0.73 23.06 16.12
C41 PTY Q . -1.00 24.39 16.81
P1 PTY Q . 0.01 10.12 8.37
O11 PTY Q . -0.64 10.01 6.88
O12 PTY Q . -0.65 9.15 9.31
O13 PTY Q . 1.51 10.19 8.31
O14 PTY Q . -0.61 11.62 8.60
N1 PTY Q . -2.64 10.31 5.25
C1 PTY R . -7.92 16.02 2.77
C2 PTY R . -5.44 12.67 3.31
C3 PTY R . -6.04 12.55 1.93
O4 PTY R . -7.83 17.39 3.19
C5 PTY R . -9.65 14.25 2.35
C6 PTY R . -9.36 15.61 2.96
O7 PTY R . -10.15 16.64 2.36
C8 PTY R . -11.27 17.01 2.97
O10 PTY R . -12.14 16.25 3.29
C11 PTY R . -11.30 18.50 3.19
C12 PTY R . -11.50 18.88 4.65
C13 PTY R . -12.17 20.23 4.82
C14 PTY R . -11.25 21.40 4.49
C15 PTY R . -11.83 22.77 4.85
C16 PTY R . -11.17 23.42 6.05
C17 PTY R . -10.97 22.48 7.25
C18 PTY R . -11.07 23.19 8.59
C19 PTY R . -10.24 24.46 8.71
C20 PTY R . -10.31 25.08 10.10
C21 PTY R . -9.99 24.09 11.22
C30 PTY R . -6.86 18.13 2.67
C31 PTY R . -7.09 19.58 2.97
O30 PTY R . -5.93 17.68 2.04
C32 PTY R . -7.97 19.79 4.18
C33 PTY R . -7.21 19.70 5.49
C34 PTY R . -6.97 21.08 6.11
C35 PTY R . -7.01 21.08 7.63
C36 PTY R . -5.71 21.57 8.27
C37 PTY R . -5.79 21.69 9.78
C38 PTY R . -4.45 21.95 10.44
P1 PTY R . -8.25 12.95 0.59
O11 PTY R . -7.38 13.00 1.96
O12 PTY R . -7.40 13.30 -0.59
O13 PTY R . -9.10 11.70 0.54
O14 PTY R . -9.19 14.22 1.02
N1 PTY R . -6.06 11.74 4.24
C1 PTY S . -17.56 36.40 23.98
C2 PTY S . -19.54 40.40 20.39
C3 PTY S . -20.24 41.15 21.48
O4 PTY S . -16.55 35.46 23.64
C5 PTY S . -18.45 38.63 23.31
C6 PTY S . -17.42 37.56 23.01
O7 PTY S . -17.58 37.02 21.70
C8 PTY S . -16.60 37.18 20.81
O10 PTY S . -16.27 38.25 20.37
C11 PTY S . -15.96 35.86 20.44
C12 PTY S . -16.37 35.34 19.08
C13 PTY S . -17.33 34.16 19.16
C14 PTY S . -18.65 34.51 19.85
C15 PTY S . -19.37 35.70 19.23
C16 PTY S . -20.74 35.93 19.86
C17 PTY S . -20.73 35.97 21.38
C18 PTY S . -22.13 36.13 21.96
C30 PTY S . -16.94 34.21 23.41
C31 PTY S . -15.78 33.26 23.36
O30 PTY S . -18.11 33.91 23.26
C32 PTY S . -16.18 31.82 23.64
C33 PTY S . -15.37 30.83 22.81
C34 PTY S . -15.80 30.82 21.35
C35 PTY S . -16.96 29.89 21.07
C36 PTY S . -16.51 28.48 20.72
C37 PTY S . -15.99 28.34 19.29
C38 PTY S . -16.86 29.07 18.28
C39 PTY S . -16.83 28.45 16.89
C40 PTY S . -17.45 27.06 16.83
P1 PTY S . -18.60 41.25 23.51
O11 PTY S . -19.86 40.57 22.73
O12 PTY S . -17.85 42.16 22.59
O13 PTY S . -19.01 41.73 24.87
O14 PTY S . -17.78 39.82 23.66
N1 PTY S . -20.26 39.20 20.02
C1 D12 T . -7.89 33.85 23.18
C2 D12 T . -9.23 33.31 22.67
C3 D12 T . -9.81 32.23 23.57
C4 D12 T . -11.03 31.55 22.97
C5 D12 T . -12.10 32.55 22.49
C6 D12 T . -12.38 32.44 21.00
C7 D12 T . -12.25 31.03 20.46
C8 D12 T . -12.57 30.94 18.97
C9 D12 T . -12.36 29.53 18.40
C1 PTY U . -13.70 37.00 25.30
C2 PTY U . -12.14 40.49 31.63
C3 PTY U . -11.51 40.50 30.26
O4 PTY U . -12.96 35.81 25.01
C5 PTY U . -12.66 39.13 26.17
C6 PTY U . -12.78 38.18 25.00
O7 PTY U . -13.31 38.81 23.83
C8 PTY U . -12.60 38.76 22.70
O10 PTY U . -11.68 39.50 22.46
C11 PTY U . -13.10 37.68 21.78
C12 PTY U . -11.98 36.89 21.12
C13 PTY U . -12.32 36.43 19.71
C14 PTY U . -11.16 35.70 19.05
C15 PTY U . -11.35 35.42 17.57
C16 PTY U . -10.20 34.62 16.98
C17 PTY U . -10.39 34.22 15.52
C18 PTY U . -9.23 33.37 14.97
C19 PTY U . -9.08 32.03 15.66
C20 PTY U . -8.77 30.89 14.69
C21 PTY U . -7.47 31.05 13.93
C22 PTY U . -7.18 29.89 12.99
C23 PTY U . -5.91 30.05 12.16
C24 PTY U . -5.47 28.76 11.48
C25 PTY U . -6.29 28.40 10.25
C26 PTY U . -5.99 26.99 9.73
C27 PTY U . -6.62 26.70 8.37
C28 PTY U . -6.59 25.22 8.01
C29 PTY U . -7.16 24.94 6.63
C30 PTY U . -12.05 35.46 25.90
C31 PTY U . -10.70 35.26 25.28
O30 PTY U . -12.31 35.30 27.06
C32 PTY U . -9.69 36.36 25.64
C33 PTY U . -9.03 36.10 26.98
C34 PTY U . -7.82 37.00 27.22
C35 PTY U . -6.50 36.26 27.21
C36 PTY U . -6.25 35.56 25.88
C37 PTY U . -4.77 35.33 25.56
C38 PTY U . -4.51 35.25 24.07
C39 PTY U . -3.31 34.39 23.70
C40 PTY U . -3.11 34.28 22.20
C41 PTY U . -2.11 33.19 21.80
C42 PTY U . -1.48 33.42 20.44
C43 PTY U . -0.77 32.20 19.89
C44 PTY U . -1.74 31.10 19.47
P1 PTY U . -11.35 38.68 28.40
O11 PTY U . -12.23 39.63 29.40
O12 PTY U . -10.31 39.48 27.70
O13 PTY U . -10.97 37.42 29.12
O14 PTY U . -12.62 38.40 27.38
N1 PTY U . -11.50 39.53 32.51
C1 PTY V . -3.87 36.80 29.76
C2 PTY V . 2.08 38.99 31.07
C3 PTY V . 1.59 37.77 31.81
O4 PTY V . -4.51 37.52 30.82
C5 PTY V . -2.18 35.08 30.45
C6 PTY V . -3.66 35.37 30.24
O7 PTY V . -4.22 34.52 29.23
C8 PTY V . -3.96 33.21 29.24
O10 PTY V . -4.08 32.51 30.21
C11 PTY V . -3.51 32.75 27.89
C12 PTY V . -2.23 31.93 27.92
C13 PTY V . -1.03 32.71 27.42
C14 PTY V . 0.15 31.80 27.11
C15 PTY V . -0.07 30.88 25.91
C16 PTY V . 0.27 31.55 24.59
C17 PTY V . 0.50 30.59 23.43
C18 PTY V . 1.97 30.30 23.18
C19 PTY V . 2.61 29.32 24.16
C30 PTY V . -5.74 37.96 30.59
C31 PTY V . -6.75 37.25 31.47
O30 PTY V . -6.00 38.82 29.78
C32 PTY V . -7.58 36.24 30.72
C33 PTY V . -8.19 35.18 31.63
C34 PTY V . -7.22 34.04 31.93
C35 PTY V . -7.91 32.72 32.23
P1 PTY V . -0.58 36.32 32.10
O11 PTY V . 0.19 37.66 31.58
O12 PTY V . 0.33 35.14 32.09
O13 PTY V . -1.40 36.62 33.31
O14 PTY V . -1.53 36.29 30.76
N1 PTY V . 1.72 40.22 31.76
C1 PTY W . -4.08 29.73 32.29
C2 PTY W . -2.87 34.66 37.48
C3 PTY W . -3.08 33.44 36.61
O4 PTY W . -5.24 28.89 32.36
C5 PTY W . -3.81 30.33 34.70
C6 PTY W . -3.28 29.50 33.54
O7 PTY W . -1.93 29.84 33.24
C8 PTY W . -0.94 29.06 33.71
O10 PTY W . -0.24 29.37 34.64
C11 PTY W . -0.83 27.79 32.93
C12 PTY W . -0.69 28.01 31.43
C13 PTY W . -0.98 26.76 30.62
C14 PTY W . -1.34 27.07 29.18
C15 PTY W . -0.32 26.59 28.16
C16 PTY W . -0.83 26.68 26.73
C17 PTY W . 0.16 26.16 25.69
C18 PTY W . -0.38 26.26 24.26
C19 PTY W . 0.71 26.27 23.20
C30 PTY W . -5.24 27.78 31.63
C31 PTY W . -5.38 26.56 32.49
O30 PTY W . -5.13 27.80 30.43
C32 PTY W . -5.94 25.33 31.76
C33 PTY W . -4.95 24.70 30.80
C34 PTY W . -3.77 24.03 31.51
C35 PTY W . -3.61 22.57 31.16
C36 PTY W . -3.58 22.30 29.66
C37 PTY W . -2.25 22.66 29.02
C38 PTY W . -2.15 22.23 27.56
C39 PTY W . -2.50 20.76 27.34
C40 PTY W . -2.33 20.31 25.90
C41 PTY W . -3.11 19.04 25.56
C42 PTY W . -2.52 18.27 24.39
P1 PTY W . -3.62 32.86 34.11
O11 PTY W . -2.94 33.82 35.25
O12 PTY W . -5.11 32.91 34.22
O13 PTY W . -2.97 33.05 32.77
O14 PTY W . -3.05 31.51 34.83
N1 PTY W . -4.11 35.38 37.68
C1 PTY X . -12.91 27.62 33.97
C2 PTY X . -12.12 34.05 35.23
C3 PTY X . -11.93 33.01 34.15
O4 PTY X . -13.00 26.40 34.70
C5 PTY X . -13.65 29.84 34.81
C6 PTY X . -12.66 28.72 34.96
O7 PTY X . -11.33 29.19 34.74
C8 PTY X . -10.48 29.28 35.76
O10 PTY X . -10.53 30.15 36.58
C11 PTY X . -9.47 28.16 35.73
C12 PTY X . -8.06 28.58 36.09
C13 PTY X . -7.41 29.42 34.99
C14 PTY X . -7.36 30.90 35.35
C15 PTY X . -6.73 31.17 36.71
C16 PTY X . -6.70 32.65 37.05
C17 PTY X . -7.07 32.95 38.50
C18 PTY X . -6.39 32.01 39.48
C19 PTY X . -4.91 32.26 39.67
C30 PTY X . -11.87 25.75 34.92
C31 PTY X . -11.26 25.23 33.65
O30 PTY X . -11.39 25.61 36.02
C32 PTY X . -11.82 23.88 33.22
C33 PTY X . -11.37 23.49 31.81
C34 PTY X . -9.97 23.99 31.48
C35 PTY X . -9.45 23.49 30.14
C36 PTY X . -8.63 22.23 30.28
C37 PTY X . -8.54 21.41 29.00
C38 PTY X . -7.70 20.15 29.15
C39 PTY X . -7.89 19.14 28.03
C40 PTY X . -7.60 19.70 26.65
C41 PTY X . -7.50 18.64 25.57
P1 PTY X . -14.21 31.94 33.38
O11 PTY X . -13.03 33.07 33.26
O12 PTY X . -15.16 32.29 34.47
O13 PTY X . -14.74 31.59 32.02
O14 PTY X . -13.16 30.78 33.89
N1 PTY X . -13.00 33.58 36.29
C1 D12 Y . -7.67 20.47 34.80
C2 D12 Y . -6.96 20.87 33.51
C3 D12 Y . -5.55 20.34 33.44
C4 D12 Y . -5.35 19.29 32.35
C5 D12 Y . -6.02 17.95 32.64
C6 D12 Y . -5.52 16.84 31.73
C7 D12 Y . -5.69 17.17 30.25
C8 D12 Y . -4.67 16.50 29.35
C9 D12 Y . -4.86 14.99 29.24
C10 D12 Y . -4.15 14.38 28.03
C11 D12 Y . -4.56 14.99 26.70
C1 D12 Z . 4.94 33.44 26.18
C2 D12 Z . 5.94 33.36 25.03
C3 D12 Z . 5.69 32.17 24.12
C4 D12 Z . 6.42 32.25 22.79
C5 D12 Z . 5.50 32.44 21.59
C6 D12 Z . 6.18 32.17 20.26
C7 D12 Z . 6.27 30.70 19.90
C8 D12 Z . 7.64 30.28 19.39
C9 D12 Z . 7.61 28.98 18.60
C10 D12 Z . 8.24 27.80 19.35
C11 D12 Z . 8.11 26.48 18.60
C12 D12 Z . 8.78 26.50 17.22
C1 PTY AA . -2.38 7.95 25.03
C2 PTY AA . -0.54 0.73 24.58
C3 PTY AA . -0.59 1.91 23.65
O4 PTY AA . -2.57 7.92 23.61
C5 PTY AA . -0.69 6.15 24.65
C6 PTY AA . -0.97 7.48 25.30
O7 PTY AA . -0.81 7.43 26.72
C8 PTY AA . -0.97 8.52 27.46
O10 PTY AA . -1.97 8.76 28.08
C11 PTY AA . 0.24 9.43 27.40
C12 PTY AA . 0.63 9.99 28.75
C13 PTY AA . -0.30 11.11 29.23
C14 PTY AA . 0.33 12.49 29.10
C15 PTY AA . -0.67 13.59 28.78
C16 PTY AA . 0.02 14.82 28.21
C17 PTY AA . -0.81 15.57 27.18
C30 PTY AA . -2.60 9.08 22.99
C31 PTY AA . -4.02 9.56 22.76
O30 PTY AA . -1.61 9.67 22.65
C32 PTY AA . -4.12 10.61 21.66
C33 PTY AA . -5.55 10.78 21.16
C34 PTY AA . -6.27 11.94 21.85
P1 PTY AA . -0.66 3.70 25.55
O11 PTY AA . -1.32 2.97 24.25
O12 PTY AA . -1.14 3.05 26.80
O13 PTY AA . 0.82 3.89 25.35
O14 PTY AA . -1.44 5.13 25.29
N1 PTY AA . -1.39 -0.36 24.12
C1 D12 BA . -3.42 14.17 20.96
C2 D12 BA . -4.02 15.28 20.12
C3 D12 BA . -4.70 14.76 18.85
C4 D12 BA . -3.75 13.99 17.94
C5 D12 BA . -4.49 13.18 16.87
C6 D12 BA . -5.68 12.41 17.42
C7 D12 BA . -5.94 11.10 16.70
C8 D12 BA . -6.24 11.28 15.22
C9 D12 BA . -6.07 10.00 14.41
C10 D12 BA . -4.76 9.27 14.70
C11 D12 BA . -3.63 9.58 13.72
C12 D12 BA . -2.92 10.88 14.03
C1 PTY CA . -13.15 20.29 34.85
C2 PTY CA . -16.84 23.37 39.27
C3 PTY CA . -16.21 23.46 37.89
O4 PTY CA . -12.36 19.39 34.09
C5 PTY CA . -13.61 20.30 37.30
C6 PTY CA . -13.73 19.53 36.00
O7 PTY CA . -13.00 18.29 36.05
C8 PTY CA . -12.98 17.54 37.15
O10 PTY CA . -12.09 17.56 37.94
C11 PTY CA . -14.22 16.69 37.25
C12 PTY CA . -13.92 15.23 37.52
C13 PTY CA . -13.29 14.55 36.29
C14 PTY CA . -12.03 13.78 36.65
C15 PTY CA . -11.14 13.49 35.45
C16 PTY CA . -9.87 12.76 35.84
C17 PTY CA . -8.99 12.37 34.66
C18 PTY CA . -8.34 11.00 34.83
C19 PTY CA . -8.52 10.08 33.63
C20 PTY CA . -8.25 10.77 32.31
C21 PTY CA . -8.52 9.91 31.08
C22 PTY CA . -7.87 8.53 31.18
C23 PTY CA . -8.23 7.58 30.05
C24 PTY CA . -9.62 6.97 30.21
C25 PTY CA . -9.83 5.72 29.36
C26 PTY CA . -9.04 4.53 29.87
C27 PTY CA . -8.91 3.40 28.86
C28 PTY CA . -8.26 2.15 29.43
C29 PTY CA . -9.04 1.56 30.60
C30 PTY CA . -11.14 19.80 33.73
C31 PTY CA . -10.38 18.73 33.00
O30 PTY CA . -10.74 20.90 33.98
C32 PTY CA . -10.84 18.53 31.56
C33 PTY CA . -11.67 17.28 31.40
C34 PTY CA . -10.97 16.03 31.89
C35 PTY CA . -10.40 15.15 30.79
C36 PTY CA . -9.03 15.61 30.31
C37 PTY CA . -8.42 14.72 29.23
C38 PTY CA . -8.38 13.25 29.62
P1 PTY CA . -13.69 22.83 37.97
O11 PTY CA . -15.25 22.43 37.76
O12 PTY CA . -13.39 24.14 37.32
O13 PTY CA . -13.27 22.60 39.39
O14 PTY CA . -13.14 21.60 37.02
N1 PTY CA . -15.86 23.59 40.33
C1 PTY DA . 5.58 13.80 12.53
C2 PTY DA . 4.84 10.65 10.48
C3 PTY DA . 4.79 10.33 11.96
O4 PTY DA . 5.24 15.17 12.28
C5 PTY DA . 7.71 12.48 12.68
C6 PTY DA . 7.01 13.77 13.02
O7 PTY DA . 7.00 14.06 14.45
C8 PTY DA . 6.51 13.22 15.36
O10 PTY DA . 7.04 12.19 15.67
C11 PTY DA . 5.24 13.75 15.98
C12 PTY DA . 5.32 13.89 17.49
C13 PTY DA . 6.31 14.97 17.93
C14 PTY DA . 6.63 14.88 19.42
C15 PTY DA . 5.40 14.85 20.32
C16 PTY DA . 4.78 16.22 20.52
C17 PTY DA . 3.40 16.20 21.16
C18 PTY DA . 3.43 15.73 22.61
C19 PTY DA . 4.37 16.54 23.50
C20 PTY DA . 3.93 16.58 24.95
C21 PTY DA . 2.72 17.47 25.20
C22 PTY DA . 2.48 17.73 26.69
C23 PTY DA . 1.29 18.63 26.97
C24 PTY DA . 1.21 19.10 28.41
C25 PTY DA . 2.18 20.23 28.73
C26 PTY DA . 1.96 21.48 27.89
C27 PTY DA . 1.37 22.65 28.68
C28 PTY DA . 2.13 22.96 29.95
C29 PTY DA . 1.59 24.17 30.69
C30 PTY DA . 4.23 15.70 12.95
C31 PTY DA . 4.35 17.19 13.05
O30 PTY DA . 3.35 15.04 13.43
C32 PTY DA . 5.46 17.67 13.97
C33 PTY DA . 6.80 17.78 13.27
C34 PTY DA . 7.93 17.12 14.05
C35 PTY DA . 8.63 18.03 15.05
C36 PTY DA . 8.20 17.77 16.49
C37 PTY DA . 7.32 18.86 17.06
C38 PTY DA . 6.85 18.57 18.48
C39 PTY DA . 6.00 19.69 19.09
C40 PTY DA . 6.76 21.00 19.23
C41 PTY DA . 6.07 22.01 20.15
C42 PTY DA . 6.74 23.38 20.17
C43 PTY DA . 5.83 24.49 20.68
C44 PTY DA . 5.89 24.65 22.20
P1 PTY DA . 7.32 9.89 12.52
O11 PTY DA . 5.78 9.37 12.27
O12 PTY DA . 7.92 9.19 13.69
O13 PTY DA . 8.08 9.95 11.23
O14 PTY DA . 6.83 11.40 12.93
N1 PTY DA . 3.53 10.54 9.87
C1 PTY EA . -0.77 10.73 18.06
C2 PTY EA . 0.17 8.09 12.73
C3 PTY EA . 0.01 9.57 12.45
O4 PTY EA . -2.08 10.20 17.89
C5 PTY EA . 0.72 10.89 16.06
C6 PTY EA . -0.43 11.53 16.81
O7 PTY EA . -0.12 12.87 17.23
C8 PTY EA . 0.69 13.12 18.26
O10 PTY EA . 1.82 12.71 18.34
C11 PTY EA . 0.01 13.98 19.28
C12 PTY EA . 0.51 13.75 20.70
C13 PTY EA . 0.24 12.33 21.17
C14 PTY EA . 0.61 12.13 22.64
C15 PTY EA . 0.01 13.18 23.56
C16 PTY EA . -0.17 12.67 24.98
C17 PTY EA . -1.35 11.74 25.16
C30 PTY EA . -2.23 8.89 18.04
C31 PTY EA . -1.96 8.14 16.76
O30 PTY EA . -2.54 8.39 19.09
C32 PTY EA . -2.06 6.64 16.90
P1 PTY EA . 1.42 11.45 13.62
O11 PTY EA . 1.28 10.20 12.57
O12 PTY EA . 2.80 11.49 14.19
O13 PTY EA . 0.83 12.70 13.05
O14 PTY EA . 0.38 10.77 14.69
N1 PTY EA . 0.34 7.83 14.15
#